data_7KDE
#
_entry.id   7KDE
#
_cell.length_a   1.00
_cell.length_b   1.00
_cell.length_c   1.00
_cell.angle_alpha   90.00
_cell.angle_beta   90.00
_cell.angle_gamma   90.00
#
_symmetry.space_group_name_H-M   'P 1'
#
loop_
_entity.id
_entity.type
_entity.pdbx_description
1 polymer 'HIV-1 Envelope Glycoprotein BG505 SOSIP.664 gp41'
2 polymer 'Envelope glycoprotein gp120'
3 polymer 'Ab 1485 Heavy Chain'
4 polymer '8ANC195 Fab Heavy Chain'
5 polymer '8ANC195 Fab Light Chain'
6 polymer 'Ab 1485 Light Chain'
7 branched beta-D-mannopyranose-(1-4)-2-acetamido-2-deoxy-beta-D-glucopyranose-(1-4)-[alpha-L-fucopyranose-(1-6)]2-acetamido-2-deoxy-beta-D-glucopyranose
8 branched 2-acetamido-2-deoxy-beta-D-glucopyranose-(1-4)-[alpha-L-fucopyranose-(1-6)]2-acetamido-2-deoxy-beta-D-glucopyranose
9 branched beta-D-mannopyranose-(1-4)-2-acetamido-2-deoxy-beta-D-glucopyranose-(1-4)-2-acetamido-2-deoxy-beta-D-glucopyranose
10 branched alpha-D-mannopyranose-(1-3)-beta-D-mannopyranose-(1-4)-2-acetamido-2-deoxy-beta-D-glucopyranose-(1-4)-2-acetamido-2-deoxy-beta-D-glucopyranose
11 branched alpha-D-mannopyranose-(1-2)-alpha-D-mannopyranose-(1-2)-alpha-D-mannopyranose-(1-3)-[alpha-D-mannopyranose-(1-3)-[alpha-D-mannopyranose-(1-6)]alpha-D-mannopyranose-(1-6)]beta-D-mannopyranose-(1-4)-2-acetamido-2-deoxy-beta-D-glucopyranose-(1-4)-2-acetamido-2-deoxy-beta-D-glucopyranose
12 branched alpha-D-mannopyranose-(1-2)-alpha-D-mannopyranose-(1-2)-alpha-D-mannopyranose-(1-3)-[alpha-D-mannopyranose-(1-6)]beta-D-mannopyranose-(1-4)-2-acetamido-2-deoxy-beta-D-glucopyranose-(1-4)-2-acetamido-2-deoxy-beta-D-glucopyranose
13 branched 2-acetamido-2-deoxy-beta-D-glucopyranose-(1-4)-2-acetamido-2-deoxy-beta-D-glucopyranose
14 branched alpha-D-mannopyranose-(1-2)-alpha-D-mannopyranose-(1-3)-[alpha-D-mannopyranose-(1-3)-[alpha-D-mannopyranose-(1-6)]alpha-D-mannopyranose-(1-6)]beta-D-mannopyranose-(1-4)-2-acetamido-2-deoxy-beta-D-glucopyranose-(1-4)-2-acetamido-2-deoxy-beta-D-glucopyranose
15 branched alpha-D-mannopyranose-(1-3)-[alpha-D-mannopyranose-(1-6)]beta-D-mannopyranose-(1-4)-2-acetamido-2-deoxy-beta-D-glucopyranose-(1-4)-2-acetamido-2-deoxy-beta-D-glucopyranose
16 branched alpha-D-mannopyranose-(1-2)-alpha-D-mannopyranose-(1-3)-[alpha-D-mannopyranose-(1-6)]beta-D-mannopyranose-(1-4)-2-acetamido-2-deoxy-beta-D-glucopyranose-(1-4)-2-acetamido-2-deoxy-beta-D-glucopyranose
17 non-polymer 2-acetamido-2-deoxy-beta-D-glucopyranose
#
loop_
_entity_poly.entity_id
_entity_poly.type
_entity_poly.pdbx_seq_one_letter_code
_entity_poly.pdbx_strand_id
1 'polypeptide(L)'
;AVGIGAVFLGFLGAAGSTMGAASMTLTVQARNLLSGIVQQQSNLLRAPEAQQHLLKLTVWGIKQLQARVLAVERYLRDQQ
LLGIWGCSGKLICCTNVPWNSSWSNRNLSEIWDNMTWLQWDKEISNYTQIIYGLLEESQNQQEKNEQDLLALD
;
A,B,C
2 'polypeptide(L)'
;NLWVTVYYGVPVWKDAETTLFCASDAKAYETEKHNVWATHACVPTDPNPQEIHLENVTEEFNMWKNNMVEQMHTDIISLW
DQSLKPCVKLTPLCVTLQCTNVTNNITDDMRGELKNCSFNMTTELRDKKQKVYSLFYRLDVVQINENQGNRSNNSNKEYR
LINCNTSAITQACPKVSFEPIPIHYCAPAGFAILKCKDKKFNGTGPCPSVSTVQCTHGIKPVVSTQLLLNGSLAEEEVMI
RSENITNNAKNILVQFNTPVQINCTRPNNNTRKSIRIGPGQAFYATGDIIGDIRQAHCNVSKATWNETLGKVVKQLRKHF
GNNTIIRFANSSGGDLEVTTHSFNCGGEFFYCNTSGLFNSTWISNTSVQGSNSTGSNDSITLPCRIKQIINMWQRIGQAM
YAPPIQGVIRCVSNITGLILTRDGGSTNSTTETFRPGGGDMRDNWRSELYKYKVVKIEPLGVAPTRCKRRVVGRRRRRR
;
E,F,G
3 'polypeptide(L)'
;EVQLVESGPGLVKASETLSLTCTVSGYNIRSNNWWSWVRQPPGKGLEWIGGVYANSEITNYNSSLKSRVSISQDAWRNKF
SLKLKSVTDADTAVYYCVRGPNHWEYFDSGNNEYFEFWGQGALVTVSSASTKGPSVFPLAPSSKSTSGGTAALGCLVKDY
FPEPVTVSWNSGALTSGVHTFPAVLQSSGLYSLSSVVTVPSSSLGTQTYICNVNHKPSNTKVDKRVEPKSCDK
;
H,J,M
4 'polypeptide(L)'
;QIHLVQSGTEVKKPGSSVTVSCKAYGVNTFGLYAVNWVRQAPGQSLEYIGQIWRWKSSASHHFRGRVLISAVDLTGSSPP
ISSLEIKNLTSDDTAVYFCTTTSTYDRWSGLHHDGVMAFSSWGQGTLISVSAASTKGPSVFPLAPSSKSTSGGTAALGCL
VKDYFPEPVTVSWNSGALTSGVHTFPAVLQSSGLYSLSSVVTVPSSSLGTQTYICNVNHKPSNTKVDKRVEPKSCDKTHH
HHHH
;
O,Q,S
5 'polypeptide(L)'
;DIQMTQSPSTLSASTGDTVRISCRASQSITGNWVAWYQQRPGKAPRLLIYRGAALLGGVPSRFRGSAAGTDFTLTIGNLQ
AEDFGTFYCQQYDTYPGTFGQGTKVEVKRTVAAPSVFIFPPSDEQLKSGTASVVCLLNNFYPREAKVQWKVDNALQSGNS
QESVTEQDSKDSTYSLSSTLTLSKADYEKHKVYACEVTHQGLSSPVTKSFNRGEC
;
P,R,T
6 'polypeptide(L)'
;QSALTQPPSVSGAPGQRVTISCTGTSSNIENYHAFWYQQFSGMAPKLLIRDNDKRPSGVSDRFSGSKSGASASLTITGLQ
TDDEADYYCQSYDSGLRSYIFASGTRLTVLGQPKASPTVTLFPPSSEELQANKATLVCLISDFYPGAVTVAWKADSSPVK
AGVETTTPSKQSNNKYAASSYLSLTPEQWKSHRSYSCQVTHEGSTVEKTVAPTECS
;
I,L,N
#
loop_
_chem_comp.id
_chem_comp.type
_chem_comp.name
_chem_comp.formula
BMA D-saccharide, beta linking beta-D-mannopyranose 'C6 H12 O6'
FUC L-saccharide, alpha linking alpha-L-fucopyranose 'C6 H12 O5'
MAN D-saccharide, alpha linking alpha-D-mannopyranose 'C6 H12 O6'
NAG D-saccharide, beta linking 2-acetamido-2-deoxy-beta-D-glucopyranose 'C8 H15 N O6'
#
# COMPACT_ATOMS: atom_id res chain seq x y z
N PHE A 8 26.38 -36.29 16.10
CA PHE A 8 25.70 -35.09 15.64
C PHE A 8 26.66 -34.07 15.08
N LEU A 9 26.28 -33.47 13.95
CA LEU A 9 27.06 -32.41 13.33
C LEU A 9 26.24 -31.18 13.00
N GLY A 10 24.99 -31.32 12.61
CA GLY A 10 24.11 -30.20 12.39
C GLY A 10 23.81 -29.96 10.92
N PHE A 11 23.12 -28.85 10.67
CA PHE A 11 22.79 -28.45 9.31
C PHE A 11 24.07 -28.21 8.51
N LEU A 12 24.17 -28.89 7.37
CA LEU A 12 25.37 -28.85 6.52
C LEU A 12 26.63 -29.24 7.28
N GLY A 13 26.50 -30.14 8.24
CA GLY A 13 27.66 -30.53 9.01
C GLY A 13 28.68 -31.29 8.18
N ALA A 14 28.20 -32.15 7.29
CA ALA A 14 29.06 -33.05 6.53
C ALA A 14 29.32 -32.54 5.13
N ALA A 15 29.46 -31.23 4.95
CA ALA A 15 29.68 -30.69 3.61
C ALA A 15 31.04 -31.08 3.07
N GLY A 16 32.04 -31.21 3.93
CA GLY A 16 33.38 -31.54 3.50
C GLY A 16 33.72 -33.01 3.65
N SER A 17 32.84 -33.78 4.28
CA SER A 17 33.07 -35.20 4.42
C SER A 17 32.84 -35.90 3.09
N THR A 18 33.35 -37.13 3.00
CA THR A 18 33.26 -37.90 1.77
C THR A 18 31.80 -38.15 1.41
N MET A 19 31.58 -38.69 0.20
CA MET A 19 30.22 -39.00 -0.21
C MET A 19 29.64 -40.13 0.63
N GLY A 20 30.46 -41.08 1.03
CA GLY A 20 29.95 -42.22 1.78
C GLY A 20 29.44 -41.84 3.16
N ALA A 21 30.17 -40.99 3.87
CA ALA A 21 29.83 -40.63 5.23
C ALA A 21 28.94 -39.41 5.32
N ALA A 22 28.46 -38.90 4.20
CA ALA A 22 27.52 -37.78 4.21
C ALA A 22 26.16 -38.17 3.66
N SER A 23 25.96 -39.43 3.30
CA SER A 23 24.64 -39.93 2.94
C SER A 23 23.91 -40.55 4.12
N MET A 24 24.52 -40.55 5.29
CA MET A 24 23.88 -41.04 6.51
C MET A 24 23.17 -39.93 7.27
N THR A 25 23.16 -38.71 6.74
CA THR A 25 22.59 -37.55 7.40
C THR A 25 21.72 -36.76 6.45
N LEU A 26 20.82 -37.43 5.75
CA LEU A 26 19.97 -36.74 4.79
C LEU A 26 18.72 -36.16 5.41
N THR A 27 18.38 -36.52 6.65
CA THR A 27 17.25 -35.85 7.28
C THR A 27 17.62 -34.44 7.70
N VAL A 28 18.89 -34.23 8.08
CA VAL A 28 19.30 -32.99 8.72
C VAL A 28 19.06 -31.81 7.79
N GLN A 29 19.46 -31.95 6.51
CA GLN A 29 19.23 -30.89 5.55
C GLN A 29 17.85 -30.95 4.91
N ALA A 30 17.03 -31.92 5.28
CA ALA A 30 15.69 -32.03 4.71
C ALA A 30 14.61 -31.47 5.63
N ARG A 31 14.90 -31.31 6.92
CA ARG A 31 13.99 -30.65 7.84
C ARG A 31 14.29 -29.17 8.02
N ASN A 32 15.08 -28.57 7.12
CA ASN A 32 15.41 -27.16 7.18
C ASN A 32 15.22 -26.47 5.84
N LEU A 33 14.49 -27.08 4.92
CA LEU A 33 14.27 -26.48 3.60
C LEU A 33 12.85 -25.99 3.41
N LEU A 34 12.05 -25.97 4.47
CA LEU A 34 10.71 -25.41 4.43
C LEU A 34 10.47 -24.37 5.51
N SER A 35 11.02 -24.56 6.69
CA SER A 35 11.00 -23.55 7.74
C SER A 35 11.98 -23.91 8.84
N THR A 58 4.37 -1.25 3.92
CA THR A 58 5.24 -1.37 5.07
C THR A 58 6.59 -1.96 4.63
N VAL A 59 7.70 -1.45 5.17
CA VAL A 59 9.01 -1.88 4.70
C VAL A 59 9.27 -3.33 5.06
N TRP A 60 9.04 -3.69 6.31
CA TRP A 60 9.11 -5.09 6.68
C TRP A 60 7.83 -5.84 6.35
N GLY A 61 6.78 -5.13 5.94
CA GLY A 61 5.50 -5.77 5.75
C GLY A 61 5.46 -6.73 4.57
N ILE A 62 6.16 -6.39 3.49
CA ILE A 62 6.13 -7.21 2.29
C ILE A 62 7.46 -7.91 2.02
N LYS A 63 8.55 -7.50 2.65
CA LYS A 63 9.73 -8.36 2.66
C LYS A 63 9.42 -9.67 3.33
N GLN A 64 8.63 -9.61 4.40
CA GLN A 64 8.16 -10.81 5.08
C GLN A 64 7.37 -11.70 4.13
N LEU A 65 6.36 -11.14 3.47
CA LEU A 65 5.38 -11.95 2.74
C LEU A 65 5.93 -12.46 1.42
N GLN A 66 6.80 -11.71 0.75
CA GLN A 66 7.35 -12.22 -0.50
C GLN A 66 8.46 -13.25 -0.28
N ALA A 67 8.99 -13.35 0.94
CA ALA A 67 9.94 -14.41 1.22
C ALA A 67 9.24 -15.73 1.53
N ARG A 68 8.05 -15.68 2.12
CA ARG A 68 7.35 -16.88 2.51
C ARG A 68 6.52 -17.49 1.40
N VAL A 69 6.42 -16.82 0.25
CA VAL A 69 5.76 -17.45 -0.90
C VAL A 69 6.79 -17.95 -1.90
N LEU A 70 8.07 -17.75 -1.62
CA LEU A 70 9.10 -18.35 -2.44
C LEU A 70 9.67 -19.61 -1.82
N ALA A 71 9.80 -19.65 -0.49
CA ALA A 71 10.26 -20.86 0.17
C ALA A 71 9.28 -22.00 0.00
N VAL A 72 8.03 -21.69 -0.33
CA VAL A 72 7.02 -22.73 -0.52
C VAL A 72 6.95 -23.16 -1.97
N GLU A 73 6.97 -22.21 -2.90
CA GLU A 73 6.90 -22.58 -4.31
C GLU A 73 8.18 -23.23 -4.78
N ARG A 74 9.30 -22.95 -4.11
CA ARG A 74 10.56 -23.62 -4.43
C ARG A 74 10.61 -25.02 -3.88
N TYR A 75 9.93 -25.27 -2.76
CA TYR A 75 9.95 -26.59 -2.16
C TYR A 75 8.96 -27.53 -2.85
N LEU A 76 7.77 -27.03 -3.18
CA LEU A 76 6.79 -27.85 -3.88
C LEU A 76 7.25 -28.26 -5.26
N ARG A 77 8.26 -27.60 -5.82
CA ARG A 77 8.74 -27.96 -7.15
C ARG A 77 9.75 -29.09 -7.11
N ASP A 78 10.26 -29.44 -5.94
CA ASP A 78 11.16 -30.57 -5.79
C ASP A 78 10.47 -31.81 -5.27
N GLN A 79 9.31 -31.66 -4.63
CA GLN A 79 8.51 -32.83 -4.30
C GLN A 79 7.65 -33.30 -5.44
N GLN A 80 7.47 -32.49 -6.48
CA GLN A 80 6.77 -32.95 -7.67
C GLN A 80 7.69 -33.75 -8.56
N LEU A 81 8.98 -33.38 -8.62
CA LEU A 81 9.94 -34.17 -9.37
C LEU A 81 9.99 -35.60 -8.84
N LEU A 82 10.12 -35.76 -7.52
CA LEU A 82 10.14 -37.11 -6.97
C LEU A 82 8.85 -37.85 -7.26
N GLY A 83 7.73 -37.13 -7.40
CA GLY A 83 6.49 -37.80 -7.71
C GLY A 83 6.49 -38.41 -9.10
N ILE A 84 7.06 -37.71 -10.08
CA ILE A 84 7.14 -38.24 -11.43
C ILE A 84 7.95 -39.52 -11.46
N TRP A 85 9.04 -39.57 -10.71
CA TRP A 85 9.93 -40.72 -10.68
C TRP A 85 9.50 -41.76 -9.67
N GLY A 86 8.41 -41.56 -8.96
CA GLY A 86 7.90 -42.56 -8.06
C GLY A 86 8.62 -42.69 -6.74
N CYS A 87 9.54 -41.77 -6.44
CA CYS A 87 10.31 -41.83 -5.20
C CYS A 87 9.69 -41.05 -4.06
N SER A 88 8.48 -40.51 -4.26
CA SER A 88 7.93 -39.56 -3.30
C SER A 88 7.85 -40.15 -1.91
N GLY A 89 8.18 -39.33 -0.92
CA GLY A 89 8.17 -39.75 0.46
C GLY A 89 9.42 -40.48 0.91
N LYS A 90 10.45 -40.54 0.07
CA LYS A 90 11.66 -41.27 0.39
C LYS A 90 12.88 -40.42 0.07
N LEU A 91 13.91 -40.56 0.89
CA LEU A 91 15.15 -39.82 0.71
C LEU A 91 16.12 -40.57 -0.21
N ILE A 92 16.33 -41.85 0.05
CA ILE A 92 17.17 -42.69 -0.79
C ILE A 92 16.26 -43.62 -1.57
N CYS A 93 16.32 -43.55 -2.90
CA CYS A 93 15.35 -44.23 -3.75
C CYS A 93 16.06 -44.91 -4.91
N CYS A 94 16.00 -46.24 -4.94
CA CYS A 94 16.54 -46.97 -6.08
C CYS A 94 15.65 -46.79 -7.30
N THR A 95 16.23 -46.96 -8.49
CA THR A 95 15.48 -46.86 -9.74
C THR A 95 15.86 -47.98 -10.68
N ASN A 96 15.47 -47.86 -11.96
CA ASN A 96 15.73 -48.90 -12.95
C ASN A 96 16.68 -48.50 -14.06
N VAL A 97 16.89 -47.22 -14.30
CA VAL A 97 17.74 -46.83 -15.44
C VAL A 97 19.17 -47.29 -15.18
N PRO A 98 19.88 -47.81 -16.18
CA PRO A 98 21.25 -48.28 -15.94
C PRO A 98 22.25 -47.15 -16.14
N TRP A 99 23.25 -47.12 -15.28
CA TRP A 99 24.26 -46.06 -15.35
C TRP A 99 25.07 -46.21 -16.62
N ASN A 100 24.79 -45.37 -17.59
CA ASN A 100 25.55 -45.40 -18.84
C ASN A 100 26.98 -45.00 -18.56
N SER A 101 27.93 -45.75 -19.12
CA SER A 101 29.34 -45.49 -18.85
C SER A 101 29.82 -44.19 -19.46
N SER A 102 29.06 -43.58 -20.35
CA SER A 102 29.47 -42.34 -20.99
C SER A 102 29.25 -41.13 -20.09
N TRP A 103 28.68 -41.32 -18.91
CA TRP A 103 28.40 -40.22 -17.99
C TRP A 103 29.52 -39.99 -17.00
N SER A 104 29.97 -41.03 -16.30
CA SER A 104 31.20 -40.96 -15.52
C SER A 104 31.68 -42.36 -15.18
N ASN A 105 32.87 -42.72 -15.66
CA ASN A 105 33.36 -44.10 -15.61
C ASN A 105 34.36 -44.31 -14.48
N ARG A 106 34.13 -43.71 -13.33
CA ARG A 106 34.94 -44.02 -12.17
C ARG A 106 34.39 -45.28 -11.49
N ASN A 107 35.29 -46.05 -10.89
CA ASN A 107 34.92 -47.40 -10.45
C ASN A 107 34.38 -47.50 -9.02
N LEU A 108 33.48 -46.59 -8.65
CA LEU A 108 32.55 -46.79 -7.54
C LEU A 108 33.26 -46.96 -6.20
N SER A 109 34.59 -46.96 -6.20
CA SER A 109 35.31 -46.90 -4.94
C SER A 109 35.97 -45.54 -4.85
N GLU A 110 36.24 -44.96 -6.02
CA GLU A 110 36.75 -43.60 -6.13
C GLU A 110 35.62 -42.59 -6.26
N ILE A 111 34.37 -43.04 -6.18
CA ILE A 111 33.21 -42.16 -6.12
C ILE A 111 32.72 -41.99 -4.69
N TRP A 112 32.66 -43.08 -3.93
CA TRP A 112 32.08 -43.03 -2.60
C TRP A 112 33.12 -42.95 -1.48
N ASP A 113 34.40 -42.96 -1.81
CA ASP A 113 35.45 -42.88 -0.80
C ASP A 113 36.49 -41.81 -1.09
N ASN A 114 36.35 -41.05 -2.16
CA ASN A 114 37.32 -40.03 -2.51
C ASN A 114 36.72 -38.71 -2.94
N MET A 115 35.40 -38.59 -3.01
CA MET A 115 34.76 -37.37 -3.49
C MET A 115 33.87 -36.78 -2.42
N THR A 116 33.50 -35.53 -2.62
CA THR A 116 32.47 -34.86 -1.86
C THR A 116 31.36 -34.47 -2.81
N TRP A 117 30.17 -34.21 -2.27
CA TRP A 117 29.04 -33.93 -3.14
C TRP A 117 29.30 -32.70 -3.99
N LEU A 118 30.06 -31.73 -3.47
CA LEU A 118 30.38 -30.55 -4.25
C LEU A 118 31.25 -30.90 -5.45
N GLN A 119 32.22 -31.78 -5.27
CA GLN A 119 33.08 -32.16 -6.39
C GLN A 119 32.34 -33.03 -7.38
N TRP A 120 31.53 -33.96 -6.89
CA TRP A 120 30.79 -34.87 -7.75
C TRP A 120 29.72 -34.17 -8.57
N ASP A 121 29.40 -32.92 -8.25
CA ASP A 121 28.30 -32.28 -8.95
C ASP A 121 28.76 -31.43 -10.11
N LYS A 122 30.02 -30.99 -10.15
CA LYS A 122 30.55 -30.43 -11.38
C LYS A 122 30.62 -31.47 -12.48
N GLU A 123 31.04 -32.69 -12.14
CA GLU A 123 31.47 -33.63 -13.15
C GLU A 123 30.32 -34.07 -14.05
N ILE A 124 29.19 -34.47 -13.45
CA ILE A 124 28.07 -34.92 -14.26
C ILE A 124 27.19 -33.76 -14.64
N SER A 125 27.67 -32.54 -14.42
CA SER A 125 26.81 -31.36 -14.59
C SER A 125 26.31 -31.20 -16.01
N ASN A 126 26.98 -31.76 -17.00
CA ASN A 126 26.51 -31.67 -18.37
C ASN A 126 25.43 -32.69 -18.68
N TYR A 127 25.25 -33.71 -17.83
CA TYR A 127 24.37 -34.83 -18.10
C TYR A 127 23.27 -34.92 -17.06
N THR A 128 22.91 -33.82 -16.42
CA THR A 128 21.87 -33.87 -15.42
C THR A 128 20.50 -33.55 -15.98
N GLN A 129 20.41 -33.01 -17.18
CA GLN A 129 19.12 -32.87 -17.83
C GLN A 129 18.80 -34.06 -18.72
N ILE A 130 19.70 -35.03 -18.82
CA ILE A 130 19.45 -36.24 -19.58
C ILE A 130 19.07 -37.35 -18.61
N ILE A 131 19.69 -37.33 -17.44
CA ILE A 131 19.30 -38.29 -16.41
C ILE A 131 17.91 -38.00 -15.90
N TYR A 132 17.56 -36.71 -15.79
CA TYR A 132 16.21 -36.35 -15.38
C TYR A 132 15.18 -36.74 -16.43
N GLY A 133 15.59 -36.89 -17.67
CA GLY A 133 14.68 -37.37 -18.68
C GLY A 133 14.45 -38.86 -18.57
N LEU A 134 15.53 -39.65 -18.61
CA LEU A 134 15.39 -41.10 -18.62
C LEU A 134 14.73 -41.61 -17.35
N LEU A 135 14.85 -40.87 -16.24
CA LEU A 135 14.19 -41.29 -15.01
C LEU A 135 12.69 -41.08 -15.07
N GLU A 136 12.20 -40.27 -16.00
CA GLU A 136 10.76 -40.00 -16.03
C GLU A 136 10.00 -41.11 -16.72
N GLU A 137 10.29 -41.36 -18.00
CA GLU A 137 9.52 -42.38 -18.70
C GLU A 137 9.89 -43.80 -18.30
N SER A 138 11.01 -44.01 -17.62
CA SER A 138 11.23 -45.32 -17.02
C SER A 138 10.25 -45.57 -15.89
N GLN A 139 9.63 -44.51 -15.37
CA GLN A 139 8.49 -44.68 -14.48
C GLN A 139 7.20 -44.86 -15.25
N ASN A 140 7.03 -44.15 -16.36
CA ASN A 140 5.77 -44.24 -17.10
C ASN A 140 5.59 -45.60 -17.73
N GLN A 141 6.63 -46.42 -17.77
CA GLN A 141 6.46 -47.78 -18.24
C GLN A 141 6.13 -48.74 -17.10
N GLN A 142 6.18 -48.26 -15.87
CA GLN A 142 5.69 -49.08 -14.77
C GLN A 142 4.21 -48.85 -14.52
N GLU A 143 3.71 -47.66 -14.86
CA GLU A 143 2.28 -47.39 -14.78
C GLU A 143 1.51 -48.19 -15.83
N LYS A 144 2.11 -48.36 -17.00
CA LYS A 144 1.50 -49.05 -18.13
C LYS A 144 1.81 -50.54 -18.15
N ASN A 145 2.55 -51.05 -17.16
CA ASN A 145 2.83 -52.47 -17.06
C ASN A 145 2.21 -53.11 -15.83
N GLU A 146 2.03 -52.34 -14.76
CA GLU A 146 1.36 -52.88 -13.59
C GLU A 146 -0.16 -52.80 -13.71
N GLN A 147 -0.67 -52.02 -14.66
CA GLN A 147 -2.10 -52.04 -14.93
C GLN A 147 -2.51 -53.27 -15.72
N ASP A 148 -1.68 -53.68 -16.68
CA ASP A 148 -1.99 -54.89 -17.45
C ASP A 148 -1.95 -56.13 -16.56
N LEU A 149 -0.94 -56.23 -15.71
CA LEU A 149 -0.83 -57.35 -14.79
C LEU A 149 -2.05 -57.45 -13.88
N LEU A 150 -2.47 -56.33 -13.31
CA LEU A 150 -3.61 -56.33 -12.39
C LEU A 150 -4.91 -56.76 -13.05
N ALA A 151 -4.99 -56.67 -14.37
CA ALA A 151 -6.24 -57.01 -15.06
C ALA A 151 -6.59 -58.48 -14.90
N LEU A 152 -5.59 -59.35 -14.82
CA LEU A 152 -5.80 -60.79 -14.78
C LEU A 152 -6.07 -61.27 -13.36
N PHE B 8 -23.19 -40.30 10.33
CA PHE B 8 -22.22 -39.23 10.22
C PHE B 8 -22.34 -38.28 11.41
N LEU B 9 -21.22 -37.69 11.81
CA LEU B 9 -21.21 -36.77 12.94
C LEU B 9 -20.69 -35.38 12.59
N GLY B 10 -19.81 -35.25 11.62
CA GLY B 10 -19.35 -33.95 11.17
C GLY B 10 -17.99 -33.58 11.70
N PHE B 11 -17.60 -32.34 11.42
CA PHE B 11 -16.31 -31.82 11.84
C PHE B 11 -16.25 -31.76 13.36
N LEU B 12 -15.21 -32.35 13.93
CA LEU B 12 -14.96 -32.39 15.37
C LEU B 12 -16.11 -33.01 16.15
N GLY B 13 -17.02 -33.71 15.48
CA GLY B 13 -18.17 -34.26 16.16
C GLY B 13 -17.82 -35.28 17.22
N ALA B 14 -16.73 -36.01 17.03
CA ALA B 14 -16.32 -37.05 17.96
C ALA B 14 -15.31 -36.54 18.98
N ALA B 15 -15.40 -35.26 19.34
CA ALA B 15 -14.43 -34.69 20.26
C ALA B 15 -14.54 -35.28 21.65
N GLY B 16 -15.73 -35.68 22.07
CA GLY B 16 -15.92 -36.21 23.40
C GLY B 16 -16.02 -37.71 23.47
N SER B 17 -16.05 -38.37 22.32
CA SER B 17 -16.14 -39.82 22.29
C SER B 17 -14.80 -40.44 22.67
N THR B 18 -14.84 -41.74 22.93
CA THR B 18 -13.65 -42.46 23.36
C THR B 18 -12.63 -42.55 22.23
N MET B 19 -11.39 -42.81 22.60
CA MET B 19 -10.31 -42.86 21.62
C MET B 19 -10.56 -43.92 20.55
N GLY B 20 -11.39 -44.91 20.84
CA GLY B 20 -11.60 -46.02 19.92
C GLY B 20 -12.65 -45.75 18.86
N ALA B 21 -13.74 -45.09 19.24
CA ALA B 21 -14.77 -44.73 18.28
C ALA B 21 -14.55 -43.37 17.65
N ALA B 22 -13.54 -42.63 18.10
CA ALA B 22 -13.16 -41.38 17.47
C ALA B 22 -12.00 -41.55 16.51
N SER B 23 -11.50 -42.77 16.34
CA SER B 23 -10.54 -43.09 15.30
C SER B 23 -11.22 -43.61 14.04
N MET B 24 -12.55 -43.66 14.03
CA MET B 24 -13.31 -44.00 12.85
C MET B 24 -13.62 -42.79 11.99
N THR B 25 -13.30 -41.59 12.48
CA THR B 25 -13.62 -40.36 11.77
C THR B 25 -12.38 -39.52 11.56
N LEU B 26 -11.32 -40.14 11.07
CA LEU B 26 -10.11 -39.38 10.79
C LEU B 26 -10.23 -38.57 9.51
N THR B 27 -10.89 -39.11 8.49
CA THR B 27 -11.01 -38.38 7.24
C THR B 27 -11.83 -37.10 7.41
N VAL B 28 -12.66 -37.01 8.44
CA VAL B 28 -13.53 -35.86 8.59
C VAL B 28 -12.72 -34.60 8.87
N GLN B 29 -11.78 -34.68 9.81
CA GLN B 29 -10.89 -33.57 10.08
C GLN B 29 -9.75 -33.47 9.07
N ALA B 30 -9.50 -34.53 8.32
CA ALA B 30 -8.34 -34.53 7.43
C ALA B 30 -8.59 -33.71 6.16
N ARG B 31 -9.85 -33.47 5.82
CA ARG B 31 -10.17 -32.70 4.62
C ARG B 31 -10.60 -31.27 4.93
N ASN B 32 -10.53 -30.84 6.19
CA ASN B 32 -10.91 -29.49 6.58
C ASN B 32 -9.74 -28.72 7.18
N LEU B 33 -8.52 -29.03 6.76
CA LEU B 33 -7.32 -28.40 7.28
C LEU B 33 -6.59 -27.59 6.23
N LEU B 34 -7.15 -27.46 5.05
CA LEU B 34 -6.51 -26.71 3.97
C LEU B 34 -7.39 -25.62 3.39
N SER B 35 -8.69 -25.85 3.30
CA SER B 35 -9.62 -24.82 2.87
C SER B 35 -11.06 -25.21 3.21
N THR B 58 -6.14 -1.56 1.12
CA THR B 58 -7.48 -2.06 1.38
C THR B 58 -7.48 -2.94 2.63
N VAL B 59 -8.43 -2.71 3.54
CA VAL B 59 -8.38 -3.37 4.84
C VAL B 59 -8.55 -4.87 4.70
N TRP B 60 -9.49 -5.30 3.86
CA TRP B 60 -9.70 -6.72 3.63
C TRP B 60 -8.76 -7.27 2.58
N GLY B 61 -7.90 -6.44 2.00
CA GLY B 61 -7.09 -6.90 0.88
C GLY B 61 -5.82 -7.62 1.30
N ILE B 62 -5.31 -7.31 2.49
CA ILE B 62 -4.13 -7.98 3.00
C ILE B 62 -4.36 -8.65 4.34
N LYS B 63 -5.55 -8.49 4.93
CA LYS B 63 -5.99 -9.46 5.93
C LYS B 63 -6.30 -10.79 5.26
N GLN B 64 -6.85 -10.74 4.05
CA GLN B 64 -7.13 -11.95 3.31
C GLN B 64 -5.85 -12.66 2.91
N LEU B 65 -4.90 -11.93 2.32
CA LEU B 65 -3.76 -12.56 1.68
C LEU B 65 -2.83 -13.20 2.68
N GLN B 66 -2.65 -12.59 3.84
CA GLN B 66 -1.77 -13.18 4.84
C GLN B 66 -2.44 -14.29 5.63
N ALA B 67 -3.75 -14.48 5.46
CA ALA B 67 -4.44 -15.57 6.12
C ALA B 67 -4.33 -16.88 5.35
N ARG B 68 -4.12 -16.81 4.04
CA ARG B 68 -4.00 -18.02 3.24
C ARG B 68 -2.57 -18.53 3.21
N VAL B 69 -1.59 -17.65 3.10
CA VAL B 69 -0.19 -18.05 3.14
C VAL B 69 0.20 -18.60 4.50
N LEU B 70 -0.71 -18.60 5.46
CA LEU B 70 -0.44 -19.26 6.73
C LEU B 70 -1.11 -20.64 6.80
N ALA B 71 -2.30 -20.77 6.23
CA ALA B 71 -2.96 -22.07 6.24
C ALA B 71 -2.19 -23.09 5.41
N VAL B 72 -1.40 -22.63 4.44
CA VAL B 72 -0.64 -23.53 3.60
C VAL B 72 0.69 -23.88 4.23
N GLU B 73 1.43 -22.87 4.69
CA GLU B 73 2.73 -23.13 5.29
C GLU B 73 2.61 -23.92 6.57
N ARG B 74 1.52 -23.74 7.32
CA ARG B 74 1.29 -24.53 8.53
C ARG B 74 0.99 -25.98 8.19
N TYR B 75 0.31 -26.21 7.08
CA TYR B 75 -0.11 -27.55 6.71
C TYR B 75 1.07 -28.35 6.15
N LEU B 76 1.94 -27.70 5.37
CA LEU B 76 3.07 -28.41 4.78
C LEU B 76 4.11 -28.80 5.79
N ARG B 77 4.07 -28.25 7.01
CA ARG B 77 5.01 -28.66 8.04
C ARG B 77 4.53 -29.87 8.80
N ASP B 78 3.37 -30.42 8.44
CA ASP B 78 2.86 -31.66 9.00
C ASP B 78 2.85 -32.80 7.99
N GLN B 79 2.71 -32.50 6.70
CA GLN B 79 2.87 -33.54 5.69
C GLN B 79 4.33 -33.86 5.43
N GLN B 80 5.26 -33.01 5.87
CA GLN B 80 6.66 -33.36 5.80
C GLN B 80 7.04 -34.29 6.94
N LEU B 81 6.44 -34.11 8.11
CA LEU B 81 6.76 -34.97 9.25
C LEU B 81 6.37 -36.41 8.97
N LEU B 82 5.21 -36.63 8.35
CA LEU B 82 4.83 -37.99 7.98
C LEU B 82 5.82 -38.58 6.99
N GLY B 83 6.28 -37.78 6.03
CA GLY B 83 7.22 -38.29 5.06
C GLY B 83 8.54 -38.71 5.69
N ILE B 84 9.00 -37.97 6.69
CA ILE B 84 10.23 -38.33 7.37
C ILE B 84 10.11 -39.69 8.02
N TRP B 85 8.99 -39.95 8.69
CA TRP B 85 8.75 -41.23 9.34
C TRP B 85 8.26 -42.30 8.39
N GLY B 86 7.84 -41.93 7.19
CA GLY B 86 7.45 -42.93 6.20
C GLY B 86 5.98 -43.23 6.12
N CYS B 87 5.13 -42.45 6.76
CA CYS B 87 3.69 -42.69 6.79
C CYS B 87 2.94 -41.90 5.73
N SER B 88 3.62 -41.38 4.73
CA SER B 88 3.03 -40.37 3.86
C SER B 88 1.78 -40.90 3.17
N GLY B 89 0.75 -40.06 3.11
CA GLY B 89 -0.50 -40.43 2.49
C GLY B 89 -1.36 -41.38 3.28
N LYS B 90 -1.06 -41.60 4.56
CA LYS B 90 -1.82 -42.52 5.39
C LYS B 90 -2.28 -41.84 6.67
N LEU B 91 -3.49 -42.18 7.09
CA LEU B 91 -4.05 -41.66 8.32
C LEU B 91 -3.66 -42.51 9.53
N ILE B 92 -3.74 -43.83 9.40
CA ILE B 92 -3.26 -44.76 10.42
C ILE B 92 -2.04 -45.47 9.85
N CYS B 93 -0.95 -45.45 10.60
CA CYS B 93 0.33 -45.95 10.10
C CYS B 93 1.05 -46.67 11.22
N CYS B 94 1.28 -47.97 11.06
CA CYS B 94 2.06 -48.72 12.02
C CYS B 94 3.53 -48.36 11.91
N THR B 95 4.24 -48.49 13.03
CA THR B 95 5.68 -48.22 13.03
C THR B 95 6.46 -49.33 13.70
N ASN B 96 7.75 -49.10 13.97
CA ASN B 96 8.61 -50.10 14.55
C ASN B 96 9.08 -49.76 15.96
N VAL B 97 8.96 -48.51 16.38
CA VAL B 97 9.41 -48.12 17.72
C VAL B 97 8.65 -48.95 18.75
N PRO B 98 9.33 -49.51 19.76
CA PRO B 98 8.61 -50.22 20.81
C PRO B 98 8.16 -49.26 21.90
N TRP B 99 6.93 -49.42 22.35
CA TRP B 99 6.37 -48.52 23.35
C TRP B 99 7.10 -48.72 24.66
N ASN B 100 7.98 -47.78 25.00
CA ASN B 100 8.69 -47.82 26.26
C ASN B 100 7.69 -47.75 27.41
N SER B 101 7.84 -48.61 28.39
CA SER B 101 6.87 -48.72 29.47
C SER B 101 7.00 -47.56 30.45
N SER B 102 7.92 -46.65 30.19
CA SER B 102 8.10 -45.47 31.03
C SER B 102 7.47 -44.23 30.46
N TRP B 103 6.68 -44.35 29.39
CA TRP B 103 5.94 -43.22 28.85
C TRP B 103 4.50 -43.24 29.34
N SER B 104 3.83 -44.39 29.28
CA SER B 104 2.52 -44.56 29.90
C SER B 104 2.28 -46.03 30.07
N ASN B 105 2.09 -46.48 31.31
CA ASN B 105 2.04 -47.90 31.63
C ASN B 105 0.64 -48.38 31.96
N ARG B 106 -0.37 -47.79 31.34
CA ARG B 106 -1.71 -48.35 31.39
C ARG B 106 -1.84 -49.44 30.34
N ASN B 107 -2.76 -50.37 30.58
CA ASN B 107 -2.98 -51.44 29.62
C ASN B 107 -3.99 -51.00 28.57
N LEU B 108 -4.01 -51.71 27.44
CA LEU B 108 -4.80 -51.33 26.27
C LEU B 108 -6.27 -51.14 26.57
N SER B 109 -6.83 -51.84 27.54
CA SER B 109 -8.25 -51.72 27.78
C SER B 109 -8.65 -50.40 28.42
N GLU B 110 -7.71 -49.70 29.06
CA GLU B 110 -8.01 -48.42 29.67
C GLU B 110 -7.30 -47.26 28.97
N ILE B 111 -6.94 -47.44 27.71
CA ILE B 111 -6.51 -46.35 26.85
C ILE B 111 -7.51 -46.11 25.73
N TRP B 112 -7.88 -47.17 25.01
CA TRP B 112 -8.80 -47.00 23.90
C TRP B 112 -10.25 -47.07 24.33
N ASP B 113 -10.54 -47.13 25.62
CA ASP B 113 -11.92 -47.28 26.08
C ASP B 113 -12.30 -46.38 27.24
N ASN B 114 -11.37 -45.71 27.90
CA ASN B 114 -11.70 -44.74 28.93
C ASN B 114 -11.27 -43.33 28.62
N MET B 115 -10.43 -43.12 27.62
CA MET B 115 -9.83 -41.82 27.40
C MET B 115 -10.40 -41.15 26.17
N THR B 116 -10.23 -39.84 26.12
CA THR B 116 -10.50 -39.01 24.96
C THR B 116 -9.20 -38.34 24.53
N TRP B 117 -9.08 -38.05 23.24
CA TRP B 117 -7.80 -37.55 22.75
C TRP B 117 -7.36 -36.32 23.52
N LEU B 118 -8.30 -35.53 24.03
CA LEU B 118 -7.93 -34.37 24.83
C LEU B 118 -7.34 -34.77 26.17
N GLN B 119 -7.70 -35.93 26.69
CA GLN B 119 -7.12 -36.39 27.95
C GLN B 119 -5.80 -37.10 27.71
N TRP B 120 -5.72 -37.90 26.65
CA TRP B 120 -4.50 -38.67 26.39
C TRP B 120 -3.37 -37.77 25.94
N ASP B 121 -3.67 -36.58 25.46
CA ASP B 121 -2.65 -35.70 24.92
C ASP B 121 -2.04 -34.79 25.96
N LYS B 122 -2.47 -34.88 27.22
CA LYS B 122 -1.66 -34.33 28.30
C LYS B 122 -0.68 -35.35 28.84
N GLU B 123 -1.12 -36.59 29.01
CA GLU B 123 -0.33 -37.56 29.77
C GLU B 123 1.02 -37.83 29.12
N ILE B 124 1.11 -37.66 27.80
CA ILE B 124 2.39 -37.79 27.12
C ILE B 124 2.94 -36.44 26.66
N SER B 125 2.52 -35.36 27.30
CA SER B 125 2.99 -34.05 26.85
C SER B 125 4.48 -33.89 27.08
N ASN B 126 5.02 -34.60 28.07
CA ASN B 126 6.44 -34.56 28.36
C ASN B 126 7.27 -35.45 27.45
N TYR B 127 6.68 -36.52 26.92
CA TYR B 127 7.41 -37.51 26.14
C TYR B 127 7.03 -37.49 24.67
N THR B 128 6.54 -36.37 24.15
CA THR B 128 6.24 -36.30 22.73
C THR B 128 7.43 -35.80 21.94
N GLN B 129 8.35 -35.10 22.58
CA GLN B 129 9.51 -34.60 21.84
C GLN B 129 10.63 -35.63 21.74
N ILE B 130 10.49 -36.79 22.35
CA ILE B 130 11.46 -37.85 22.14
C ILE B 130 10.86 -39.06 21.44
N ILE B 131 9.54 -39.20 21.40
CA ILE B 131 8.96 -40.16 20.47
C ILE B 131 9.18 -39.67 19.05
N TYR B 132 9.10 -38.36 18.82
CA TYR B 132 9.36 -37.82 17.50
C TYR B 132 10.81 -37.97 17.11
N GLY B 133 11.70 -38.23 18.07
CA GLY B 133 13.10 -38.43 17.75
C GLY B 133 13.48 -39.87 17.51
N LEU B 134 12.69 -40.81 18.01
CA LEU B 134 12.93 -42.22 17.71
C LEU B 134 12.22 -42.65 16.45
N LEU B 135 11.08 -42.05 16.14
CA LEU B 135 10.41 -42.36 14.89
C LEU B 135 11.20 -41.84 13.70
N GLU B 136 11.95 -40.76 13.88
CA GLU B 136 12.63 -40.14 12.75
C GLU B 136 13.82 -40.97 12.30
N GLU B 137 14.61 -41.46 13.24
CA GLU B 137 15.79 -42.23 12.87
C GLU B 137 15.58 -43.73 12.94
N SER B 138 14.38 -44.20 13.28
CA SER B 138 14.05 -45.59 13.03
C SER B 138 13.78 -45.83 11.57
N GLN B 139 13.38 -44.79 10.85
CA GLN B 139 13.18 -44.89 9.40
C GLN B 139 14.49 -44.75 8.65
N ASN B 140 15.42 -43.96 9.19
CA ASN B 140 16.69 -43.78 8.51
C ASN B 140 17.52 -45.06 8.54
N GLN B 141 17.31 -45.90 9.54
CA GLN B 141 17.96 -47.21 9.56
C GLN B 141 17.28 -48.17 8.60
N GLN B 142 15.98 -48.01 8.38
CA GLN B 142 15.25 -48.87 7.46
C GLN B 142 15.44 -48.43 6.01
N GLU B 143 15.91 -47.22 5.77
CA GLU B 143 16.26 -46.83 4.40
C GLU B 143 17.53 -47.52 3.93
N LYS B 144 18.54 -47.56 4.79
CA LYS B 144 19.83 -48.15 4.44
C LYS B 144 19.92 -49.63 4.77
N ASN B 145 18.83 -50.25 5.23
CA ASN B 145 18.75 -51.70 5.30
C ASN B 145 18.06 -52.30 4.09
N GLU B 146 17.04 -51.61 3.57
CA GLU B 146 16.41 -52.04 2.33
C GLU B 146 17.25 -51.68 1.11
N GLN B 147 18.13 -50.71 1.23
CA GLN B 147 19.00 -50.36 0.11
C GLN B 147 20.09 -51.39 -0.06
N ASP B 148 20.68 -51.85 1.03
CA ASP B 148 21.69 -52.90 0.95
C ASP B 148 21.08 -54.20 0.44
N LEU B 149 19.89 -54.54 0.93
CA LEU B 149 19.30 -55.83 0.60
C LEU B 149 19.05 -55.98 -0.90
N LEU B 150 18.81 -54.88 -1.59
CA LEU B 150 18.58 -54.96 -3.03
C LEU B 150 19.85 -55.25 -3.81
N ALA B 151 21.03 -55.07 -3.19
CA ALA B 151 22.29 -55.27 -3.88
C ALA B 151 22.62 -56.73 -4.14
N LEU B 152 21.92 -57.65 -3.49
CA LEU B 152 22.24 -59.07 -3.57
C LEU B 152 21.37 -59.79 -4.58
N PHE C 8 5.82 -36.74 -29.71
CA PHE C 8 5.59 -35.71 -28.69
C PHE C 8 4.68 -34.63 -29.25
N LEU C 9 3.67 -34.25 -28.46
CA LEU C 9 2.69 -33.27 -28.88
C LEU C 9 2.64 -32.03 -28.00
N GLY C 10 2.98 -32.14 -26.73
CA GLY C 10 3.11 -31.00 -25.86
C GLY C 10 1.96 -30.88 -24.87
N PHE C 11 1.83 -29.69 -24.30
CA PHE C 11 0.78 -29.40 -23.34
C PHE C 11 -0.58 -29.37 -24.03
N LEU C 12 -1.52 -30.15 -23.52
CA LEU C 12 -2.86 -30.27 -24.11
C LEU C 12 -2.81 -30.63 -25.59
N GLY C 13 -1.79 -31.38 -25.98
CA GLY C 13 -1.69 -31.76 -27.38
C GLY C 13 -2.65 -32.86 -27.77
N ALA C 14 -3.11 -33.65 -26.80
CA ALA C 14 -3.94 -34.82 -27.05
C ALA C 14 -5.41 -34.58 -26.75
N ALA C 15 -5.83 -33.32 -26.62
CA ALA C 15 -7.18 -33.02 -26.18
C ALA C 15 -8.24 -33.56 -27.11
N GLY C 16 -7.91 -33.86 -28.35
CA GLY C 16 -8.91 -34.34 -29.30
C GLY C 16 -8.82 -35.83 -29.58
N SER C 17 -7.81 -36.49 -29.02
CA SER C 17 -7.62 -37.91 -29.27
C SER C 17 -8.44 -38.74 -28.30
N THR C 18 -8.78 -39.94 -28.73
CA THR C 18 -9.62 -40.84 -27.96
C THR C 18 -9.01 -41.09 -26.58
N MET C 19 -9.88 -41.43 -25.62
CA MET C 19 -9.41 -41.59 -24.24
C MET C 19 -8.34 -42.66 -24.10
N GLY C 20 -8.30 -43.64 -25.01
CA GLY C 20 -7.32 -44.68 -24.90
C GLY C 20 -5.91 -44.21 -25.25
N ALA C 21 -5.80 -43.38 -26.27
CA ALA C 21 -4.50 -42.92 -26.75
C ALA C 21 -4.06 -41.61 -26.12
N ALA C 22 -4.92 -40.95 -25.35
CA ALA C 22 -4.56 -39.74 -24.65
C ALA C 22 -4.25 -39.99 -23.18
N SER C 23 -4.29 -41.25 -22.75
CA SER C 23 -3.98 -41.62 -21.38
C SER C 23 -2.51 -41.99 -21.20
N MET C 24 -1.74 -42.05 -22.27
CA MET C 24 -0.31 -42.33 -22.21
C MET C 24 0.51 -41.08 -21.99
N THR C 25 -0.12 -39.91 -22.01
CA THR C 25 0.57 -38.62 -21.97
C THR C 25 0.06 -37.80 -20.79
N LEU C 26 0.02 -38.39 -19.61
CA LEU C 26 -0.41 -37.67 -18.43
C LEU C 26 0.72 -36.90 -17.75
N THR C 27 1.97 -37.32 -17.95
CA THR C 27 3.08 -36.60 -17.33
C THR C 27 3.32 -35.24 -17.97
N VAL C 28 2.67 -34.94 -19.09
CA VAL C 28 2.83 -33.63 -19.70
C VAL C 28 2.00 -32.58 -18.96
N GLN C 29 0.72 -32.89 -18.73
CA GLN C 29 -0.12 -31.96 -17.99
C GLN C 29 0.17 -31.94 -16.50
N ALA C 30 0.77 -33.01 -15.96
CA ALA C 30 0.95 -33.07 -14.52
C ALA C 30 2.06 -32.15 -14.05
N ARG C 31 3.05 -31.89 -14.90
CA ARG C 31 4.20 -31.09 -14.53
C ARG C 31 4.11 -29.66 -15.05
N ASN C 32 2.97 -29.24 -15.58
CA ASN C 32 2.74 -27.88 -16.03
C ASN C 32 1.61 -27.20 -15.29
N LEU C 33 1.24 -27.70 -14.11
CA LEU C 33 0.15 -27.14 -13.32
C LEU C 33 0.62 -26.48 -12.04
N LEU C 34 1.89 -26.21 -11.92
CA LEU C 34 2.40 -25.49 -10.76
C LEU C 34 3.23 -24.28 -11.14
N SER C 35 4.06 -24.38 -12.17
CA SER C 35 4.89 -23.27 -12.60
C SER C 35 5.47 -23.53 -13.98
N THR C 58 2.71 -1.80 -6.00
CA THR C 58 2.84 -1.62 -7.45
C THR C 58 1.77 -2.45 -8.18
N VAL C 59 1.32 -1.96 -9.33
CA VAL C 59 0.22 -2.61 -10.03
C VAL C 59 0.64 -3.98 -10.53
N TRP C 60 1.89 -4.12 -10.95
CA TRP C 60 2.41 -5.43 -11.31
C TRP C 60 2.99 -6.17 -10.13
N GLY C 61 3.00 -5.57 -8.94
CA GLY C 61 3.63 -6.17 -7.79
C GLY C 61 2.69 -6.94 -6.89
N ILE C 62 1.39 -6.76 -7.08
CA ILE C 62 0.40 -7.55 -6.38
C ILE C 62 -0.56 -8.27 -7.33
N LYS C 63 -0.52 -7.94 -8.62
CA LYS C 63 -1.12 -8.83 -9.60
C LYS C 63 -0.30 -10.12 -9.71
N GLN C 64 1.00 -10.02 -9.48
CA GLN C 64 1.84 -11.21 -9.47
C GLN C 64 1.66 -12.01 -8.19
N LEU C 65 1.57 -11.32 -7.05
CA LEU C 65 1.61 -12.03 -5.77
C LEU C 65 0.34 -12.84 -5.54
N GLN C 66 -0.80 -12.38 -6.03
CA GLN C 66 -2.01 -13.15 -5.82
C GLN C 66 -2.29 -14.11 -6.97
N ALA C 67 -1.46 -14.09 -8.01
CA ALA C 67 -1.47 -15.14 -9.01
C ALA C 67 -0.53 -16.28 -8.67
N ARG C 68 0.25 -16.15 -7.60
CA ARG C 68 1.16 -17.20 -7.17
C ARG C 68 0.70 -17.91 -5.91
N VAL C 69 -0.23 -17.31 -5.16
CA VAL C 69 -0.80 -18.00 -4.00
C VAL C 69 -2.11 -18.67 -4.37
N LEU C 70 -2.57 -18.49 -5.61
CA LEU C 70 -3.74 -19.22 -6.08
C LEU C 70 -3.35 -20.47 -6.84
N ALA C 71 -2.19 -20.47 -7.49
CA ALA C 71 -1.72 -21.69 -8.14
C ALA C 71 -1.29 -22.73 -7.12
N VAL C 72 -0.72 -22.28 -6.00
CA VAL C 72 -0.28 -23.21 -4.96
C VAL C 72 -1.48 -23.84 -4.27
N GLU C 73 -2.48 -23.03 -3.93
CA GLU C 73 -3.60 -23.55 -3.13
C GLU C 73 -4.52 -24.42 -3.96
N ARG C 74 -4.65 -24.16 -5.26
CA ARG C 74 -5.42 -25.05 -6.12
C ARG C 74 -4.74 -26.40 -6.30
N TYR C 75 -3.42 -26.39 -6.42
CA TYR C 75 -2.67 -27.64 -6.54
C TYR C 75 -2.78 -28.47 -5.27
N LEU C 76 -2.59 -27.85 -4.12
CA LEU C 76 -2.60 -28.59 -2.86
C LEU C 76 -3.95 -29.18 -2.50
N ARG C 77 -5.05 -28.74 -3.12
CA ARG C 77 -6.32 -29.40 -2.87
C ARG C 77 -6.58 -30.54 -3.83
N ASP C 78 -5.69 -30.76 -4.79
CA ASP C 78 -5.79 -31.93 -5.65
C ASP C 78 -4.95 -33.07 -5.11
N GLN C 79 -3.75 -32.77 -4.63
CA GLN C 79 -2.91 -33.80 -4.04
C GLN C 79 -3.48 -34.33 -2.74
N GLN C 80 -4.32 -33.56 -2.05
CA GLN C 80 -4.94 -34.09 -0.84
C GLN C 80 -6.00 -35.13 -1.19
N LEU C 81 -6.72 -34.95 -2.29
CA LEU C 81 -7.70 -35.93 -2.69
C LEU C 81 -7.05 -37.27 -2.98
N LEU C 82 -5.96 -37.26 -3.75
CA LEU C 82 -5.31 -38.52 -4.08
C LEU C 82 -4.76 -39.20 -2.83
N GLY C 83 -4.48 -38.43 -1.78
CA GLY C 83 -4.03 -39.05 -0.55
C GLY C 83 -5.15 -39.77 0.19
N ILE C 84 -6.33 -39.15 0.23
CA ILE C 84 -7.47 -39.77 0.90
C ILE C 84 -7.85 -41.08 0.22
N TRP C 85 -7.80 -41.10 -1.11
CA TRP C 85 -8.18 -42.28 -1.89
C TRP C 85 -7.06 -43.30 -2.00
N GLY C 86 -5.90 -43.04 -1.42
CA GLY C 86 -4.81 -43.99 -1.45
C GLY C 86 -3.99 -44.02 -2.72
N CYS C 87 -4.23 -43.09 -3.64
CA CYS C 87 -3.49 -43.02 -4.90
C CYS C 87 -2.39 -41.96 -4.85
N SER C 88 -1.73 -41.81 -3.71
CA SER C 88 -0.74 -40.75 -3.57
C SER C 88 0.44 -40.97 -4.50
N GLY C 89 0.91 -39.89 -5.09
CA GLY C 89 2.11 -39.94 -5.91
C GLY C 89 2.01 -40.81 -7.15
N LYS C 90 0.80 -41.09 -7.61
CA LYS C 90 0.62 -41.93 -8.79
C LYS C 90 -0.41 -41.27 -9.70
N LEU C 91 -0.25 -41.48 -11.01
CA LEU C 91 -1.14 -40.87 -11.98
C LEU C 91 -2.25 -41.81 -12.41
N ILE C 92 -1.91 -43.04 -12.80
CA ILE C 92 -2.89 -44.05 -13.15
C ILE C 92 -2.98 -45.02 -11.99
N CYS C 93 -4.05 -44.93 -11.22
CA CYS C 93 -4.18 -45.68 -9.98
C CYS C 93 -5.48 -46.45 -9.98
N CYS C 94 -5.42 -47.71 -9.55
CA CYS C 94 -6.60 -48.58 -9.52
C CYS C 94 -7.19 -48.62 -8.11
N THR C 95 -8.49 -48.86 -8.04
CA THR C 95 -9.17 -48.88 -6.75
C THR C 95 -10.00 -50.15 -6.58
N ASN C 96 -10.85 -50.18 -5.55
CA ASN C 96 -11.69 -51.33 -5.27
C ASN C 96 -13.16 -51.11 -5.58
N VAL C 97 -13.61 -49.87 -5.61
CA VAL C 97 -15.03 -49.55 -5.76
C VAL C 97 -15.54 -50.15 -7.07
N PRO C 98 -16.58 -50.98 -7.04
CA PRO C 98 -17.08 -51.55 -8.28
C PRO C 98 -17.88 -50.52 -9.08
N TRP C 99 -17.80 -50.65 -10.40
CA TRP C 99 -18.51 -49.72 -11.28
C TRP C 99 -20.00 -50.06 -11.27
N ASN C 100 -20.79 -49.24 -10.59
CA ASN C 100 -22.23 -49.38 -10.64
C ASN C 100 -22.71 -49.10 -12.05
N SER C 101 -23.70 -49.88 -12.50
CA SER C 101 -24.18 -49.73 -13.86
C SER C 101 -25.20 -48.63 -14.00
N SER C 102 -25.57 -47.96 -12.92
CA SER C 102 -26.48 -46.83 -13.00
C SER C 102 -25.76 -45.52 -13.27
N TRP C 103 -24.46 -45.56 -13.58
CA TRP C 103 -23.68 -44.37 -13.87
C TRP C 103 -23.39 -44.23 -15.35
N SER C 104 -22.86 -45.28 -15.98
CA SER C 104 -22.69 -45.29 -17.42
C SER C 104 -22.55 -46.73 -17.88
N ASN C 105 -23.53 -47.22 -18.63
CA ASN C 105 -23.61 -48.63 -18.99
C ASN C 105 -23.15 -48.89 -20.43
N ARG C 106 -22.23 -48.07 -20.94
CA ARG C 106 -21.56 -48.39 -22.17
C ARG C 106 -20.54 -49.50 -21.93
N ASN C 107 -20.20 -50.23 -22.98
CA ASN C 107 -19.12 -51.19 -22.86
C ASN C 107 -17.79 -50.50 -23.17
N LEU C 108 -16.70 -51.10 -22.69
CA LEU C 108 -15.38 -50.48 -22.80
C LEU C 108 -14.97 -50.17 -24.24
N SER C 109 -15.45 -50.94 -25.21
CA SER C 109 -15.04 -50.70 -26.59
C SER C 109 -15.55 -49.38 -27.12
N GLU C 110 -16.53 -48.76 -26.47
CA GLU C 110 -17.02 -47.45 -26.89
C GLU C 110 -16.95 -46.43 -25.76
N ILE C 111 -16.12 -46.67 -24.76
CA ILE C 111 -15.66 -45.60 -23.89
C ILE C 111 -14.27 -45.20 -24.36
N TRP C 112 -13.33 -46.14 -24.33
CA TRP C 112 -11.95 -45.80 -24.59
C TRP C 112 -11.62 -45.71 -26.08
N ASP C 113 -12.62 -45.78 -26.97
CA ASP C 113 -12.36 -45.72 -28.40
C ASP C 113 -13.26 -44.79 -29.18
N ASN C 114 -14.37 -44.32 -28.62
CA ASN C 114 -15.20 -43.35 -29.31
C ASN C 114 -15.43 -42.06 -28.55
N MET C 115 -14.69 -41.81 -27.47
CA MET C 115 -14.89 -40.61 -26.69
C MET C 115 -13.57 -39.87 -26.50
N THR C 116 -13.70 -38.57 -26.30
CA THR C 116 -12.62 -37.72 -25.81
C THR C 116 -12.98 -37.30 -24.41
N TRP C 117 -11.97 -37.05 -23.58
CA TRP C 117 -12.24 -36.77 -22.18
C TRP C 117 -13.22 -35.63 -22.01
N LEU C 118 -13.23 -34.67 -22.93
CA LEU C 118 -14.18 -33.57 -22.87
C LEU C 118 -15.60 -34.04 -23.09
N GLN C 119 -15.79 -35.18 -23.76
CA GLN C 119 -17.14 -35.72 -23.93
C GLN C 119 -17.53 -36.59 -22.76
N TRP C 120 -16.57 -37.30 -22.19
CA TRP C 120 -16.86 -38.21 -21.09
C TRP C 120 -17.02 -37.48 -19.77
N ASP C 121 -16.72 -36.20 -19.71
CA ASP C 121 -16.88 -35.49 -18.45
C ASP C 121 -18.27 -34.90 -18.28
N LYS C 122 -18.99 -34.60 -19.36
CA LYS C 122 -20.39 -34.24 -19.20
C LYS C 122 -21.19 -35.38 -18.61
N GLU C 123 -21.02 -36.58 -19.15
CA GLU C 123 -22.02 -37.62 -18.93
C GLU C 123 -22.12 -38.01 -17.47
N ILE C 124 -21.00 -38.15 -16.78
CA ILE C 124 -21.03 -38.57 -15.39
C ILE C 124 -21.06 -37.36 -14.48
N SER C 125 -21.33 -36.18 -15.04
CA SER C 125 -21.22 -34.97 -14.24
C SER C 125 -22.24 -34.89 -13.11
N ASN C 126 -23.29 -35.70 -13.15
CA ASN C 126 -24.25 -35.76 -12.06
C ASN C 126 -23.85 -36.74 -10.98
N TYR C 127 -23.02 -37.73 -11.31
CA TYR C 127 -22.63 -38.80 -10.40
C TYR C 127 -21.15 -38.71 -10.07
N THR C 128 -20.63 -37.50 -9.86
CA THR C 128 -19.24 -37.35 -9.51
C THR C 128 -19.03 -37.03 -8.03
N GLN C 129 -20.00 -36.43 -7.37
CA GLN C 129 -19.87 -36.28 -5.94
C GLN C 129 -20.29 -37.54 -5.19
N ILE C 130 -20.80 -38.54 -5.91
CA ILE C 130 -21.09 -39.84 -5.31
C ILE C 130 -19.86 -40.74 -5.38
N ILE C 131 -19.16 -40.74 -6.52
CA ILE C 131 -17.95 -41.54 -6.63
C ILE C 131 -16.88 -40.99 -5.69
N TYR C 132 -16.82 -39.68 -5.50
CA TYR C 132 -15.84 -39.13 -4.59
C TYR C 132 -16.14 -39.46 -3.14
N GLY C 133 -17.31 -40.03 -2.87
CA GLY C 133 -17.67 -40.40 -1.51
C GLY C 133 -17.57 -41.89 -1.28
N LEU C 134 -17.61 -42.68 -2.34
CA LEU C 134 -17.40 -44.11 -2.22
C LEU C 134 -15.93 -44.48 -2.33
N LEU C 135 -15.12 -43.60 -2.90
CA LEU C 135 -13.68 -43.81 -2.91
C LEU C 135 -13.05 -43.32 -1.62
N GLU C 136 -13.64 -42.33 -0.98
CA GLU C 136 -13.04 -41.74 0.22
C GLU C 136 -13.22 -42.66 1.43
N GLU C 137 -14.29 -43.44 1.45
CA GLU C 137 -14.53 -44.33 2.59
C GLU C 137 -14.17 -45.78 2.30
N SER C 138 -14.02 -46.15 1.04
CA SER C 138 -13.49 -47.47 0.74
C SER C 138 -12.02 -47.57 1.10
N GLN C 139 -11.38 -46.45 1.40
CA GLN C 139 -10.00 -46.47 1.85
C GLN C 139 -9.91 -46.53 3.37
N ASN C 140 -10.83 -45.87 4.06
CA ASN C 140 -10.84 -45.92 5.53
C ASN C 140 -11.22 -47.31 6.04
N GLN C 141 -11.97 -48.08 5.25
CA GLN C 141 -12.23 -49.46 5.64
C GLN C 141 -11.06 -50.37 5.29
N GLN C 142 -10.10 -49.87 4.53
CA GLN C 142 -8.94 -50.67 4.19
C GLN C 142 -7.75 -50.32 5.07
N GLU C 143 -7.74 -49.14 5.68
CA GLU C 143 -6.72 -48.85 6.68
C GLU C 143 -6.87 -49.78 7.88
N LYS C 144 -8.09 -50.01 8.33
CA LYS C 144 -8.34 -50.80 9.53
C LYS C 144 -8.38 -52.30 9.27
N ASN C 145 -8.72 -52.72 8.05
CA ASN C 145 -8.53 -54.13 7.73
C ASN C 145 -7.05 -54.48 7.75
N GLU C 146 -6.21 -53.57 7.28
CA GLU C 146 -4.77 -53.84 7.24
C GLU C 146 -4.13 -53.76 8.61
N GLN C 147 -4.66 -52.95 9.52
CA GLN C 147 -4.09 -52.88 10.85
C GLN C 147 -4.39 -54.14 11.65
N ASP C 148 -5.58 -54.71 11.47
CA ASP C 148 -5.92 -55.96 12.15
C ASP C 148 -5.02 -57.10 11.69
N LEU C 149 -4.77 -57.18 10.38
CA LEU C 149 -3.96 -58.26 9.83
C LEU C 149 -2.58 -58.29 10.44
N LEU C 150 -2.07 -57.13 10.86
CA LEU C 150 -0.76 -57.06 11.47
C LEU C 150 -0.79 -57.55 12.93
N ALA C 151 -1.95 -57.53 13.57
CA ALA C 151 -2.03 -57.91 14.97
C ALA C 151 -1.66 -59.37 15.20
N LEU C 152 -2.09 -60.26 14.32
CA LEU C 152 -1.87 -61.70 14.48
C LEU C 152 -0.40 -62.05 14.60
N LEU D 2 25.42 -51.22 -12.85
CA LEU D 2 25.29 -49.96 -12.13
C LEU D 2 23.99 -49.25 -12.47
N TRP D 3 23.21 -48.90 -11.46
CA TRP D 3 21.92 -48.26 -11.62
C TRP D 3 21.89 -46.93 -10.89
N VAL D 4 21.16 -45.97 -11.44
CA VAL D 4 21.04 -44.65 -10.83
C VAL D 4 20.33 -44.76 -9.50
N THR D 5 20.64 -43.85 -8.58
CA THR D 5 19.94 -43.75 -7.31
C THR D 5 19.83 -42.30 -6.89
N VAL D 6 18.62 -41.86 -6.55
CA VAL D 6 18.31 -40.45 -6.30
C VAL D 6 18.40 -40.18 -4.81
N TYR D 7 19.19 -39.18 -4.44
CA TYR D 7 19.36 -38.77 -3.06
C TYR D 7 18.81 -37.37 -2.88
N TYR D 8 17.96 -37.19 -1.87
CA TYR D 8 17.33 -35.90 -1.60
C TYR D 8 17.85 -35.37 -0.28
N GLY D 9 18.32 -34.13 -0.28
CA GLY D 9 18.84 -33.52 0.92
C GLY D 9 20.34 -33.60 1.10
N VAL D 10 21.12 -33.23 0.09
CA VAL D 10 22.56 -33.40 0.11
C VAL D 10 23.25 -32.05 0.24
N PRO D 11 24.43 -31.98 0.86
CA PRO D 11 25.06 -30.67 1.09
C PRO D 11 25.77 -30.07 -0.12
N VAL D 12 25.02 -29.38 -0.99
CA VAL D 12 25.58 -28.63 -2.10
C VAL D 12 25.03 -27.22 -2.02
N TRP D 13 25.78 -26.24 -2.50
CA TRP D 13 25.29 -24.86 -2.44
C TRP D 13 25.84 -24.04 -3.60
N LYS D 14 25.13 -22.96 -3.92
CA LYS D 14 25.49 -22.03 -4.96
C LYS D 14 25.21 -20.62 -4.49
N ASP D 15 25.99 -19.66 -4.95
CA ASP D 15 25.81 -18.27 -4.52
C ASP D 15 24.47 -17.74 -5.01
N ALA D 16 23.91 -16.79 -4.25
CA ALA D 16 22.59 -16.28 -4.59
C ALA D 16 22.42 -14.88 -4.02
N GLU D 17 21.33 -14.23 -4.43
CA GLU D 17 20.98 -12.90 -3.96
C GLU D 17 19.50 -12.90 -3.60
N THR D 18 19.19 -12.71 -2.31
CA THR D 18 17.82 -12.81 -1.85
C THR D 18 17.52 -11.67 -0.89
N THR D 19 16.31 -11.67 -0.35
CA THR D 19 15.77 -10.55 0.42
C THR D 19 15.70 -10.93 1.89
N LEU D 20 16.74 -10.59 2.64
CA LEU D 20 16.81 -10.88 4.06
C LEU D 20 15.75 -10.07 4.80
N PHE D 21 15.52 -10.38 6.07
CA PHE D 21 14.60 -9.60 6.89
C PHE D 21 15.14 -9.45 8.31
N CYS D 22 14.46 -8.63 9.12
CA CYS D 22 14.91 -8.37 10.48
C CYS D 22 14.87 -9.61 11.34
N ALA D 23 15.37 -9.42 12.56
CA ALA D 23 14.94 -10.18 13.73
C ALA D 23 15.45 -9.41 14.94
N SER D 24 14.54 -8.84 15.71
CA SER D 24 14.94 -7.98 16.81
C SER D 24 14.17 -8.37 18.06
N ASP D 25 14.84 -8.33 19.21
CA ASP D 25 14.22 -8.74 20.47
C ASP D 25 13.51 -7.58 21.17
N LYS D 33 7.75 3.11 23.16
CA LYS D 33 8.06 4.29 22.35
C LYS D 33 8.48 3.88 20.96
N HIS D 34 7.88 4.51 19.96
CA HIS D 34 8.12 4.12 18.58
C HIS D 34 9.54 4.47 18.15
N ASN D 35 10.15 3.58 17.38
CA ASN D 35 11.45 3.80 16.78
C ASN D 35 11.31 4.13 15.31
N VAL D 36 12.42 4.61 14.73
CA VAL D 36 12.48 4.76 13.29
C VAL D 36 12.70 3.40 12.63
N TRP D 37 13.83 2.76 12.94
CA TRP D 37 14.09 1.42 12.45
C TRP D 37 13.18 0.48 13.22
N ALA D 38 11.98 0.26 12.69
CA ALA D 38 10.81 -0.05 13.52
C ALA D 38 10.98 -1.45 14.11
N THR D 39 11.71 -1.49 15.21
CA THR D 39 11.85 -2.74 15.94
C THR D 39 10.52 -3.26 16.48
N HIS D 40 9.42 -2.53 16.28
CA HIS D 40 8.10 -3.01 16.64
C HIS D 40 7.42 -3.79 15.53
N ALA D 41 8.05 -3.92 14.36
CA ALA D 41 7.49 -4.65 13.23
C ALA D 41 8.35 -5.81 12.78
N CYS D 42 9.61 -5.87 13.22
CA CYS D 42 10.51 -6.96 12.85
C CYS D 42 10.23 -8.19 13.69
N VAL D 43 10.48 -9.36 13.10
CA VAL D 43 10.23 -10.64 13.76
C VAL D 43 11.00 -10.71 15.07
N PRO D 44 10.43 -11.21 16.15
CA PRO D 44 11.23 -11.40 17.37
C PRO D 44 12.28 -12.47 17.16
N THR D 45 13.44 -12.29 17.79
CA THR D 45 14.56 -13.19 17.56
C THR D 45 14.56 -14.32 18.57
N ASP D 46 15.41 -15.30 18.31
CA ASP D 46 15.45 -16.53 19.08
C ASP D 46 16.34 -16.41 20.32
N GLN D 50 23.55 -21.92 17.83
CA GLN D 50 22.85 -21.97 16.55
C GLN D 50 23.86 -21.92 15.41
N GLU D 51 25.10 -22.24 15.72
CA GLU D 51 26.21 -22.10 14.78
C GLU D 51 26.92 -23.43 14.60
N ILE D 52 27.15 -23.82 13.36
CA ILE D 52 27.70 -25.12 13.00
C ILE D 52 29.06 -24.92 12.36
N HIS D 53 30.06 -25.61 12.87
CA HIS D 53 31.39 -25.56 12.29
C HIS D 53 31.47 -26.50 11.10
N LEU D 54 31.91 -25.99 9.95
CA LEU D 54 32.11 -26.80 8.77
C LEU D 54 33.60 -27.10 8.61
N GLU D 55 33.94 -28.38 8.52
CA GLU D 55 35.33 -28.80 8.43
C GLU D 55 35.67 -29.20 7.01
N ASN D 56 36.94 -29.05 6.66
CA ASN D 56 37.48 -29.41 5.34
C ASN D 56 36.82 -28.58 4.23
N VAL D 57 36.32 -27.41 4.60
CA VAL D 57 35.60 -26.57 3.65
C VAL D 57 36.34 -25.24 3.51
N THR D 58 36.65 -24.86 2.28
CA THR D 58 37.29 -23.59 1.99
C THR D 58 36.41 -22.80 1.04
N GLU D 59 36.26 -21.51 1.30
CA GLU D 59 35.35 -20.66 0.56
C GLU D 59 36.03 -19.36 0.20
N GLU D 60 35.72 -18.83 -0.97
CA GLU D 60 36.31 -17.60 -1.48
C GLU D 60 35.40 -16.42 -1.18
N PHE D 61 35.80 -15.58 -0.24
CA PHE D 61 35.01 -14.42 0.13
C PHE D 61 35.45 -13.20 -0.67
N ASN D 62 34.61 -12.17 -0.65
CA ASN D 62 34.96 -10.88 -1.25
C ASN D 62 33.99 -9.85 -0.68
N MET D 63 34.52 -8.87 0.07
CA MET D 63 33.67 -7.93 0.77
C MET D 63 33.35 -6.68 -0.03
N TRP D 64 33.88 -6.56 -1.25
CA TRP D 64 33.58 -5.40 -2.09
C TRP D 64 32.63 -5.75 -3.22
N LYS D 65 32.24 -7.01 -3.36
CA LYS D 65 31.12 -7.40 -4.20
C LYS D 65 30.11 -8.15 -3.37
N ASN D 66 29.98 -7.75 -2.12
CA ASN D 66 28.97 -8.26 -1.21
C ASN D 66 27.66 -7.58 -1.53
N ASN D 67 26.58 -8.35 -1.59
CA ASN D 67 25.27 -7.78 -1.87
C ASN D 67 24.47 -7.51 -0.61
N MET D 68 24.92 -8.02 0.54
CA MET D 68 24.20 -7.73 1.77
C MET D 68 24.34 -6.27 2.18
N VAL D 69 25.20 -5.51 1.52
CA VAL D 69 25.39 -4.09 1.81
C VAL D 69 24.45 -3.23 0.99
N GLU D 70 24.33 -3.47 -0.31
CA GLU D 70 23.42 -2.67 -1.11
C GLU D 70 21.96 -2.89 -0.75
N GLN D 71 21.65 -3.89 0.07
CA GLN D 71 20.31 -4.00 0.63
C GLN D 71 20.18 -3.18 1.90
N MET D 72 21.11 -3.34 2.83
CA MET D 72 21.03 -2.61 4.09
C MET D 72 21.07 -1.11 3.86
N HIS D 73 21.60 -0.65 2.74
CA HIS D 73 21.61 0.78 2.47
C HIS D 73 20.24 1.27 2.04
N THR D 74 19.45 0.42 1.39
CA THR D 74 18.14 0.85 0.95
C THR D 74 17.09 0.71 2.05
N ASP D 75 17.27 -0.23 2.97
CA ASP D 75 16.32 -0.34 4.06
C ASP D 75 16.50 0.78 5.08
N ILE D 76 17.72 1.27 5.25
CA ILE D 76 17.94 2.38 6.17
C ILE D 76 17.33 3.66 5.60
N ILE D 77 17.50 3.87 4.30
CA ILE D 77 16.94 5.07 3.68
C ILE D 77 15.42 5.00 3.63
N SER D 78 14.87 3.82 3.36
CA SER D 78 13.42 3.72 3.21
C SER D 78 12.69 3.62 4.53
N LEU D 79 13.35 3.19 5.60
CA LEU D 79 12.76 3.30 6.92
C LEU D 79 12.80 4.70 7.45
N TRP D 80 13.67 5.54 6.90
CA TRP D 80 13.79 6.91 7.37
C TRP D 80 12.56 7.73 6.98
N ASP D 81 12.30 7.85 5.69
CA ASP D 81 11.18 8.67 5.27
C ASP D 81 9.87 7.93 5.22
N GLN D 82 9.80 6.70 5.71
CA GLN D 82 8.50 6.14 6.05
C GLN D 82 8.00 6.71 7.37
N SER D 83 8.91 6.98 8.29
CA SER D 83 8.57 7.53 9.60
C SER D 83 8.59 9.04 9.61
N LEU D 84 8.68 9.67 8.45
CA LEU D 84 8.66 11.12 8.33
C LEU D 84 7.45 11.62 7.57
N LYS D 85 6.77 10.75 6.83
CA LYS D 85 5.57 11.14 6.09
C LYS D 85 4.42 11.60 6.97
N PRO D 86 4.02 10.88 8.03
CA PRO D 86 2.73 11.18 8.67
C PRO D 86 2.62 12.55 9.30
N CYS D 87 3.71 13.23 9.62
CA CYS D 87 3.63 14.38 10.51
C CYS D 87 4.23 15.63 9.88
N VAL D 88 4.22 16.73 10.65
CA VAL D 88 4.01 18.11 10.21
C VAL D 88 4.87 18.54 9.03
N LYS D 89 4.38 19.49 8.24
CA LYS D 89 5.12 20.07 7.12
C LYS D 89 5.23 21.58 7.30
N LEU D 90 6.45 22.06 7.49
CA LEU D 90 6.70 23.47 7.81
C LEU D 90 7.03 24.27 6.55
N THR D 91 6.09 24.31 5.63
CA THR D 91 6.27 25.21 4.50
C THR D 91 5.99 26.67 4.90
N PRO D 92 5.03 26.94 5.78
CA PRO D 92 4.80 28.34 6.18
C PRO D 92 6.02 29.09 6.69
N LEU D 93 7.09 28.42 7.10
CA LEU D 93 8.20 29.15 7.71
C LEU D 93 9.18 29.77 6.71
N CYS D 94 9.08 29.47 5.43
CA CYS D 94 9.84 30.33 4.52
C CYS D 94 9.21 31.71 4.39
N VAL D 95 9.57 32.58 5.32
CA VAL D 95 9.24 34.00 5.26
C VAL D 95 10.53 34.77 5.47
N THR D 96 10.41 36.08 5.60
CA THR D 96 11.55 36.96 5.78
C THR D 96 11.68 37.34 7.25
N LEU D 97 12.91 37.31 7.75
CA LEU D 97 13.18 37.43 9.18
C LEU D 97 13.91 38.74 9.45
N GLN D 98 13.73 39.28 10.67
CA GLN D 98 14.62 40.32 11.18
C GLN D 98 15.31 39.75 12.40
N CYS D 99 16.62 39.59 12.32
CA CYS D 99 17.37 38.83 13.29
C CYS D 99 18.41 39.71 13.95
N THR D 100 18.50 39.61 15.28
CA THR D 100 19.50 40.31 16.06
C THR D 100 20.26 39.29 16.91
N ASN D 101 21.54 39.59 17.16
CA ASN D 101 22.40 38.71 17.93
C ASN D 101 21.89 38.60 19.35
N VAL D 102 22.02 37.43 19.96
CA VAL D 102 21.66 37.27 21.36
C VAL D 102 22.67 38.00 22.24
N THR D 103 23.95 37.93 21.88
CA THR D 103 25.00 38.63 22.61
C THR D 103 25.38 39.94 21.93
N GLY D 112 28.02 35.72 17.86
CA GLY D 112 27.21 35.69 16.66
C GLY D 112 26.75 34.29 16.32
N GLU D 113 26.45 33.52 17.36
CA GLU D 113 26.09 32.12 17.21
C GLU D 113 24.58 31.87 17.29
N LEU D 114 23.86 32.58 18.15
CA LEU D 114 22.43 32.47 18.25
C LEU D 114 21.80 33.74 17.70
N LYS D 115 20.77 33.59 16.89
CA LYS D 115 20.02 34.71 16.35
C LYS D 115 18.64 34.71 16.98
N ASN D 116 18.07 35.89 17.17
CA ASN D 116 16.75 36.02 17.78
C ASN D 116 15.79 36.59 16.75
N CYS D 117 15.21 35.72 15.93
CA CYS D 117 14.52 36.12 14.71
C CYS D 117 13.01 36.16 14.94
N SER D 118 12.35 37.17 14.38
CA SER D 118 10.91 37.34 14.50
C SER D 118 10.28 37.60 13.14
N PHE D 119 9.05 37.11 12.95
CA PHE D 119 8.42 37.12 11.63
C PHE D 119 6.90 37.18 11.77
N ASN D 120 6.21 37.51 10.67
CA ASN D 120 4.77 37.31 10.57
C ASN D 120 4.53 35.82 10.47
N MET D 121 3.32 35.37 10.80
CA MET D 121 2.90 34.00 10.50
C MET D 121 1.41 33.85 10.75
N THR D 122 0.80 32.96 9.98
CA THR D 122 -0.63 32.70 10.04
C THR D 122 -1.03 32.27 11.45
N THR D 123 -2.33 32.34 11.71
CA THR D 123 -2.88 31.94 12.98
C THR D 123 -3.64 30.63 12.75
N GLU D 124 -4.29 30.11 13.79
CA GLU D 124 -5.23 29.03 13.58
C GLU D 124 -6.43 29.47 12.76
N LEU D 125 -6.60 30.77 12.58
CA LEU D 125 -7.75 31.37 11.93
C LEU D 125 -7.24 32.09 10.69
N ARG D 126 -7.75 31.72 9.53
CA ARG D 126 -7.01 31.87 8.27
C ARG D 126 -6.83 33.31 7.81
N ASP D 127 -7.47 34.30 8.44
CA ASP D 127 -7.37 35.66 7.94
C ASP D 127 -6.54 36.60 8.80
N LYS D 128 -6.36 36.30 10.08
CA LYS D 128 -5.54 37.11 10.97
C LYS D 128 -4.05 36.88 10.70
N LYS D 129 -3.21 37.56 11.47
CA LYS D 129 -1.77 37.32 11.47
C LYS D 129 -1.27 37.25 12.90
N GLN D 130 0.01 36.94 13.04
CA GLN D 130 0.61 36.61 14.32
C GLN D 130 2.09 36.91 14.24
N LYS D 131 2.56 37.86 15.04
CA LYS D 131 3.99 38.16 15.08
C LYS D 131 4.61 37.33 16.20
N VAL D 132 5.53 36.44 15.84
CA VAL D 132 6.12 35.50 16.75
C VAL D 132 7.64 35.59 16.61
N TYR D 133 8.35 34.77 17.38
CA TYR D 133 9.80 34.76 17.33
C TYR D 133 10.33 33.41 17.78
N SER D 134 11.63 33.21 17.58
CA SER D 134 12.30 31.97 17.94
C SER D 134 13.80 32.20 17.89
N LEU D 135 14.55 31.33 18.55
CA LEU D 135 16.01 31.45 18.62
C LEU D 135 16.66 30.47 17.66
N PHE D 136 17.23 30.98 16.58
CA PHE D 136 17.88 30.15 15.59
C PHE D 136 19.38 30.20 15.78
N TYR D 137 20.05 29.18 15.26
CA TYR D 137 21.50 29.22 15.22
C TYR D 137 21.95 30.03 14.02
N ARG D 138 23.26 30.14 13.84
CA ARG D 138 23.77 30.83 12.67
C ARG D 138 23.85 29.92 11.46
N LEU D 139 23.81 28.61 11.67
CA LEU D 139 24.01 27.67 10.58
C LEU D 139 22.72 27.36 9.83
N ASP D 140 21.60 27.97 10.20
CA ASP D 140 20.34 27.72 9.53
C ASP D 140 19.85 28.88 8.69
N VAL D 141 20.44 30.06 8.85
CA VAL D 141 19.96 31.25 8.17
C VAL D 141 21.07 31.78 7.26
N VAL D 142 20.74 31.98 5.99
CA VAL D 142 21.60 32.65 5.03
C VAL D 142 20.92 33.95 4.64
N GLN D 143 21.66 35.04 4.65
CA GLN D 143 20.97 36.32 4.60
C GLN D 143 20.59 36.69 3.17
N ILE D 144 19.52 37.47 3.06
CA ILE D 144 19.06 38.04 1.80
C ILE D 144 19.58 39.47 1.73
N ASN D 145 20.29 39.79 0.66
CA ASN D 145 20.85 41.12 0.54
C ASN D 145 19.89 42.08 -0.13
N ASN D 156 19.36 45.34 12.27
CA ASN D 156 18.84 44.00 12.08
C ASN D 156 18.53 43.73 10.61
N LYS D 157 19.33 42.86 10.00
CA LYS D 157 19.19 42.60 8.57
C LYS D 157 18.08 41.58 8.32
N GLU D 158 18.02 41.06 7.11
CA GLU D 158 16.97 40.14 6.70
C GLU D 158 17.57 38.81 6.28
N TYR D 159 17.13 37.74 6.92
CA TYR D 159 17.66 36.40 6.69
C TYR D 159 16.55 35.53 6.12
N ARG D 160 16.83 34.24 5.98
CA ARG D 160 15.83 33.25 5.61
C ARG D 160 16.43 31.87 5.86
N LEU D 161 15.57 30.87 6.03
CA LEU D 161 16.04 29.54 6.36
C LEU D 161 16.91 29.00 5.24
N ILE D 162 17.85 28.13 5.59
CA ILE D 162 18.88 27.75 4.64
C ILE D 162 18.31 26.87 3.53
N ASN D 163 17.57 25.82 3.90
CA ASN D 163 16.91 24.98 2.91
C ASN D 163 15.53 25.55 2.62
N CYS D 164 15.52 26.53 1.74
CA CYS D 164 14.28 27.18 1.33
C CYS D 164 14.19 27.44 -0.16
N ASN D 165 15.25 27.26 -0.93
CA ASN D 165 15.14 27.29 -2.38
C ASN D 165 15.36 25.92 -3.01
N THR D 166 15.80 24.94 -2.24
CA THR D 166 16.00 23.61 -2.79
C THR D 166 15.39 22.50 -1.95
N SER D 167 14.59 22.79 -0.95
CA SER D 167 14.14 21.76 -0.02
C SER D 167 12.78 22.12 0.55
N ALA D 168 12.00 21.09 0.85
CA ALA D 168 10.72 21.24 1.54
C ALA D 168 10.85 20.65 2.93
N ILE D 169 10.99 21.50 3.92
CA ILE D 169 11.31 21.10 5.28
C ILE D 169 10.06 20.54 5.96
N THR D 170 10.21 19.41 6.62
CA THR D 170 9.14 18.78 7.40
C THR D 170 9.62 18.60 8.82
N GLN D 171 8.82 19.04 9.79
CA GLN D 171 9.26 18.98 11.17
C GLN D 171 9.52 17.54 11.58
N ALA D 172 10.51 17.34 12.42
CA ALA D 172 10.71 16.03 13.01
C ALA D 172 9.48 15.67 13.83
N CYS D 173 9.48 14.47 14.37
CA CYS D 173 8.14 14.04 14.62
C CYS D 173 8.04 13.75 16.11
N PRO D 174 6.96 14.15 16.79
CA PRO D 174 7.06 14.40 18.23
C PRO D 174 7.48 13.22 19.08
N LYS D 175 7.02 12.00 18.78
CA LYS D 175 7.14 10.88 19.70
C LYS D 175 7.93 9.72 19.09
N VAL D 176 9.00 10.02 18.36
CA VAL D 176 9.75 9.00 17.62
C VAL D 176 11.22 9.19 17.95
N SER D 177 11.90 8.09 18.29
CA SER D 177 13.29 8.13 18.71
C SER D 177 14.24 7.90 17.55
N PHE D 178 15.50 8.27 17.76
CA PHE D 178 16.55 8.05 16.78
C PHE D 178 17.63 7.11 17.27
N GLU D 179 17.59 6.68 18.53
CA GLU D 179 18.66 5.85 19.05
C GLU D 179 18.72 4.52 18.31
N PRO D 180 19.91 3.97 18.08
CA PRO D 180 20.02 2.72 17.33
C PRO D 180 19.74 1.51 18.20
N ILE D 181 19.19 0.49 17.57
CA ILE D 181 18.82 -0.76 18.22
C ILE D 181 19.46 -1.89 17.43
N PRO D 182 20.01 -2.92 18.06
CA PRO D 182 20.60 -4.02 17.29
C PRO D 182 19.55 -4.77 16.48
N ILE D 183 19.82 -4.94 15.18
CA ILE D 183 18.95 -5.69 14.30
C ILE D 183 19.75 -6.80 13.63
N HIS D 184 19.17 -7.99 13.56
CA HIS D 184 19.79 -9.14 12.95
C HIS D 184 19.19 -9.33 11.57
N TYR D 185 20.00 -9.71 10.59
CA TYR D 185 19.55 -9.90 9.22
C TYR D 185 19.44 -11.39 8.94
N CYS D 186 18.21 -11.90 8.91
CA CYS D 186 17.97 -13.34 8.86
C CYS D 186 17.56 -13.73 7.46
N ALA D 187 18.05 -14.91 7.00
CA ALA D 187 17.87 -15.42 5.64
C ALA D 187 16.66 -16.34 5.54
N PRO D 188 15.94 -16.28 4.43
CA PRO D 188 14.73 -17.10 4.30
C PRO D 188 15.04 -18.59 4.33
N ALA D 189 14.02 -19.43 4.32
CA ALA D 189 14.25 -20.87 4.45
C ALA D 189 14.60 -21.46 3.09
N GLY D 190 15.69 -22.20 3.04
CA GLY D 190 16.25 -22.68 1.80
C GLY D 190 17.52 -21.97 1.38
N PHE D 191 17.92 -20.93 2.10
CA PHE D 191 19.20 -20.26 1.93
C PHE D 191 19.97 -20.44 3.23
N ALA D 192 21.19 -19.93 3.26
CA ALA D 192 22.00 -20.00 4.46
C ALA D 192 23.06 -18.93 4.39
N ILE D 193 23.68 -18.66 5.52
CA ILE D 193 24.66 -17.59 5.65
C ILE D 193 25.96 -18.22 6.10
N LEU D 194 27.05 -17.92 5.40
CA LEU D 194 28.37 -18.47 5.71
C LEU D 194 29.24 -17.39 6.31
N LYS D 195 29.95 -17.74 7.37
CA LYS D 195 30.68 -16.78 8.17
C LYS D 195 32.11 -17.27 8.38
N CYS D 196 33.08 -16.38 8.25
CA CYS D 196 34.48 -16.76 8.36
C CYS D 196 34.98 -16.51 9.78
N LYS D 197 35.32 -17.58 10.48
CA LYS D 197 35.78 -17.50 11.85
C LYS D 197 37.28 -17.32 11.96
N ASP D 198 37.91 -16.73 10.95
CA ASP D 198 39.30 -16.34 11.07
C ASP D 198 39.42 -15.08 11.93
N LYS D 199 40.63 -14.77 12.35
CA LYS D 199 40.87 -13.60 13.19
C LYS D 199 41.70 -12.52 12.51
N LYS D 200 42.22 -12.79 11.32
CA LYS D 200 43.01 -11.82 10.57
C LYS D 200 42.49 -11.68 9.16
N PHE D 201 41.17 -11.58 9.01
CA PHE D 201 40.58 -11.56 7.69
C PHE D 201 40.60 -10.15 7.12
N ASN D 202 41.21 -9.98 5.95
CA ASN D 202 41.22 -8.70 5.26
C ASN D 202 40.23 -8.62 4.12
N GLY D 203 39.18 -9.44 4.15
CA GLY D 203 38.03 -9.28 3.28
C GLY D 203 38.16 -9.81 1.88
N THR D 204 39.17 -10.61 1.59
CA THR D 204 39.35 -11.18 0.25
C THR D 204 40.21 -12.43 0.33
N GLY D 205 39.90 -13.41 -0.49
CA GLY D 205 40.69 -14.61 -0.56
C GLY D 205 40.15 -15.70 0.33
N PRO D 206 40.65 -16.92 0.16
CA PRO D 206 40.05 -18.07 0.84
C PRO D 206 40.13 -17.94 2.35
N CYS D 207 39.09 -18.43 3.01
CA CYS D 207 39.04 -18.50 4.47
C CYS D 207 38.95 -19.96 4.90
N PRO D 208 40.01 -20.54 5.46
CA PRO D 208 40.02 -21.99 5.72
C PRO D 208 39.11 -22.44 6.85
N SER D 209 38.26 -21.59 7.40
CA SER D 209 37.35 -22.03 8.46
C SER D 209 36.05 -21.22 8.36
N VAL D 210 35.09 -21.75 7.64
CA VAL D 210 33.79 -21.12 7.55
C VAL D 210 32.83 -21.82 8.50
N SER D 211 31.83 -21.09 8.95
CA SER D 211 30.75 -21.65 9.74
C SER D 211 29.47 -21.52 8.95
N THR D 212 28.34 -21.83 9.57
CA THR D 212 27.05 -21.54 8.97
C THR D 212 26.12 -21.07 10.08
N VAL D 213 25.53 -19.90 9.87
CA VAL D 213 24.78 -19.22 10.91
C VAL D 213 23.38 -18.99 10.37
N GLN D 214 22.39 -19.15 11.24
CA GLN D 214 21.02 -18.90 10.79
C GLN D 214 20.81 -17.44 10.43
N CYS D 215 21.41 -16.52 11.19
CA CYS D 215 21.48 -15.12 10.81
C CYS D 215 22.43 -14.34 11.73
N THR D 216 22.81 -13.14 11.27
CA THR D 216 24.01 -12.43 11.69
C THR D 216 24.01 -12.04 13.16
N HIS D 217 25.06 -11.37 13.62
CA HIS D 217 25.07 -10.82 14.95
C HIS D 217 24.38 -9.47 14.95
N GLY D 218 24.34 -8.82 16.10
CA GLY D 218 23.64 -7.55 16.23
C GLY D 218 24.37 -6.39 15.61
N ILE D 219 23.80 -5.80 14.56
CA ILE D 219 24.43 -4.72 13.83
C ILE D 219 23.72 -3.42 14.20
N LYS D 220 24.41 -2.51 14.88
CA LYS D 220 23.82 -1.22 15.21
C LYS D 220 23.88 -0.29 14.00
N PRO D 221 22.77 0.25 13.56
CA PRO D 221 22.80 1.24 12.47
C PRO D 221 23.14 2.64 12.95
N VAL D 222 24.41 2.84 13.30
CA VAL D 222 24.93 4.14 13.70
C VAL D 222 25.33 4.91 12.46
N VAL D 223 25.00 6.20 12.43
CA VAL D 223 25.37 7.09 11.33
C VAL D 223 26.44 8.04 11.83
N SER D 224 27.53 8.16 11.07
CA SER D 224 28.65 8.97 11.48
C SER D 224 29.62 9.09 10.31
N THR D 225 30.52 10.07 10.39
CA THR D 225 31.57 10.23 9.40
C THR D 225 32.90 10.45 10.10
N GLN D 226 33.96 9.97 9.44
CA GLN D 226 35.34 10.17 9.85
C GLN D 226 35.73 9.40 11.10
N LEU D 227 34.76 8.77 11.77
CA LEU D 227 35.06 8.01 12.98
C LEU D 227 33.89 7.06 13.22
N LEU D 228 34.15 5.75 13.19
CA LEU D 228 33.11 4.77 13.41
C LEU D 228 32.89 4.66 14.91
N LEU D 229 31.64 4.69 15.36
CA LEU D 229 31.32 4.69 16.77
C LEU D 229 30.55 3.44 17.15
N ASN D 230 30.74 3.01 18.40
CA ASN D 230 30.04 1.85 18.96
C ASN D 230 30.21 0.62 18.08
N GLY D 231 31.35 0.55 17.40
CA GLY D 231 31.61 -0.47 16.42
C GLY D 231 31.93 -1.82 17.04
N SER D 232 32.48 -2.70 16.20
CA SER D 232 32.87 -4.05 16.61
C SER D 232 34.38 -4.16 16.53
N LEU D 233 34.99 -4.69 17.58
CA LEU D 233 36.43 -4.65 17.75
C LEU D 233 37.10 -5.87 17.15
N ALA D 234 38.24 -5.65 16.52
CA ALA D 234 39.08 -6.74 16.03
C ALA D 234 39.54 -7.60 17.21
N GLU D 235 39.90 -8.84 16.91
CA GLU D 235 40.20 -9.77 17.99
C GLU D 235 41.66 -9.80 18.36
N GLU D 236 42.57 -9.60 17.40
CA GLU D 236 44.00 -9.64 17.67
C GLU D 236 44.69 -8.31 17.42
N GLU D 237 44.59 -7.76 16.21
CA GLU D 237 45.38 -6.61 15.83
C GLU D 237 44.57 -5.65 14.97
N VAL D 238 45.06 -4.42 14.85
CA VAL D 238 44.43 -3.44 13.98
C VAL D 238 44.54 -3.92 12.54
N MET D 239 43.44 -3.83 11.79
CA MET D 239 43.36 -4.36 10.45
C MET D 239 43.08 -3.25 9.45
N ILE D 240 43.81 -3.26 8.34
CA ILE D 240 43.66 -2.28 7.27
C ILE D 240 43.01 -2.96 6.08
N ARG D 241 41.97 -2.34 5.54
CA ARG D 241 41.20 -2.89 4.44
C ARG D 241 40.92 -1.83 3.41
N SER D 242 41.03 -2.16 2.14
CA SER D 242 40.73 -1.19 1.10
C SER D 242 40.39 -1.90 -0.19
N GLU D 243 39.64 -1.18 -1.04
CA GLU D 243 39.28 -1.68 -2.35
C GLU D 243 40.52 -1.95 -3.21
N ASN D 244 41.38 -0.94 -3.33
CA ASN D 244 42.51 -0.98 -4.25
C ASN D 244 43.59 -0.09 -3.66
N ILE D 245 44.54 -0.67 -2.93
CA ILE D 245 45.54 0.11 -2.23
C ILE D 245 46.35 1.01 -3.15
N THR D 246 46.62 0.59 -4.38
CA THR D 246 47.42 1.38 -5.29
C THR D 246 46.65 2.54 -5.90
N ASN D 247 45.40 2.76 -5.50
CA ASN D 247 44.57 3.83 -6.02
C ASN D 247 44.25 4.78 -4.88
N ASN D 248 44.56 6.06 -5.07
CA ASN D 248 44.39 7.04 -4.00
C ASN D 248 42.99 7.63 -3.94
N ALA D 249 42.05 7.15 -4.77
CA ALA D 249 40.67 7.61 -4.75
C ALA D 249 39.72 6.62 -4.09
N LYS D 250 40.23 5.70 -3.28
CA LYS D 250 39.42 4.73 -2.54
C LYS D 250 39.76 4.82 -1.06
N ASN D 251 38.73 4.71 -0.23
CA ASN D 251 38.91 4.88 1.21
C ASN D 251 39.68 3.70 1.80
N ILE D 252 40.23 3.90 2.99
CA ILE D 252 41.08 2.93 3.66
C ILE D 252 40.53 2.72 5.06
N LEU D 253 39.60 1.78 5.21
CA LEU D 253 38.95 1.52 6.48
C LEU D 253 39.99 1.02 7.47
N VAL D 254 39.86 1.41 8.72
CA VAL D 254 40.78 1.00 9.78
C VAL D 254 39.95 0.55 10.97
N GLN D 255 40.29 -0.61 11.53
CA GLN D 255 39.55 -1.17 12.65
C GLN D 255 40.49 -1.37 13.83
N PHE D 256 40.18 -0.75 14.95
CA PHE D 256 41.02 -0.89 16.13
C PHE D 256 40.79 -2.25 16.78
N ASN D 257 41.49 -2.48 17.90
CA ASN D 257 41.27 -3.66 18.71
C ASN D 257 41.07 -3.34 20.19
N THR D 258 40.92 -2.06 20.53
CA THR D 258 40.64 -1.58 21.87
C THR D 258 39.83 -0.29 21.74
N PRO D 259 38.82 -0.11 22.57
CA PRO D 259 38.01 1.11 22.47
C PRO D 259 38.81 2.34 22.86
N VAL D 260 38.41 3.48 22.32
CA VAL D 260 38.94 4.79 22.67
C VAL D 260 37.74 5.68 22.89
N GLN D 261 37.38 5.91 24.15
CA GLN D 261 36.09 6.51 24.41
C GLN D 261 36.15 8.03 24.37
N ILE D 262 35.01 8.63 23.98
CA ILE D 262 34.87 10.04 23.68
C ILE D 262 33.58 10.50 24.34
N ASN D 263 33.50 11.78 24.74
CA ASN D 263 32.43 12.18 25.66
C ASN D 263 31.40 13.15 25.09
N CYS D 264 31.83 14.31 24.60
CA CYS D 264 30.91 15.17 23.84
C CYS D 264 29.67 15.66 24.58
N THR D 265 29.83 16.55 25.56
CA THR D 265 28.71 17.14 26.29
C THR D 265 28.15 18.34 25.54
N ARG D 266 27.09 18.94 26.10
CA ARG D 266 26.46 20.17 25.65
C ARG D 266 25.97 20.93 26.87
N PRO D 267 26.47 22.14 27.15
CA PRO D 267 26.30 22.72 28.48
C PRO D 267 24.95 23.35 28.76
N ASN D 268 24.28 23.96 27.78
CA ASN D 268 23.16 24.83 28.07
C ASN D 268 21.90 24.05 28.40
N ASN D 269 20.82 24.79 28.67
CA ASN D 269 19.59 24.23 29.20
C ASN D 269 18.35 24.86 28.56
N ASN D 270 18.31 24.98 27.23
CA ASN D 270 17.27 25.78 26.59
C ASN D 270 15.88 25.19 26.78
N THR D 271 14.86 26.03 26.57
CA THR D 271 13.48 25.65 26.81
C THR D 271 12.65 25.66 25.51
N ARG D 272 11.48 25.05 25.58
CA ARG D 272 10.64 24.82 24.43
C ARG D 272 9.40 25.72 24.46
N LYS D 273 8.94 26.08 23.26
CA LYS D 273 7.78 26.91 23.07
C LYS D 273 6.94 26.25 22.00
N SER D 274 5.68 26.66 21.86
CA SER D 274 4.79 26.05 20.88
C SER D 274 4.04 27.12 20.11
N ILE D 275 4.56 27.49 18.94
CA ILE D 275 3.83 28.29 17.97
C ILE D 275 2.67 27.45 17.46
N ARG D 276 1.62 28.08 16.95
CA ARG D 276 0.55 27.39 16.24
C ARG D 276 0.42 27.98 14.86
N ILE D 277 0.46 27.14 13.83
CA ILE D 277 0.52 27.60 12.46
C ILE D 277 -0.65 27.08 11.62
N GLY D 278 -1.72 26.64 12.26
CA GLY D 278 -2.88 26.18 11.54
C GLY D 278 -3.78 25.32 12.39
N PRO D 279 -4.80 24.74 11.79
CA PRO D 279 -5.67 23.84 12.54
C PRO D 279 -4.99 22.53 12.87
N GLY D 280 -4.60 22.35 14.12
CA GLY D 280 -4.03 21.10 14.56
C GLY D 280 -2.55 20.91 14.33
N GLN D 281 -1.83 21.95 13.89
CA GLN D 281 -0.41 21.88 13.65
C GLN D 281 0.31 22.71 14.71
N ALA D 282 1.48 22.26 15.14
CA ALA D 282 2.22 22.94 16.19
C ALA D 282 3.70 22.94 15.88
N PHE D 283 4.34 24.10 15.98
CA PHE D 283 5.75 24.27 15.67
C PHE D 283 6.50 24.47 16.99
N TYR D 284 7.46 23.59 17.26
CA TYR D 284 8.18 23.59 18.55
C TYR D 284 9.46 24.39 18.42
N ALA D 285 9.35 25.70 18.55
CA ALA D 285 10.48 26.60 18.45
C ALA D 285 11.19 26.74 19.78
N THR D 286 12.44 27.18 19.72
CA THR D 286 13.24 27.38 20.92
C THR D 286 12.85 28.68 21.61
N GLY D 287 12.82 28.65 22.94
CA GLY D 287 12.31 29.73 23.74
C GLY D 287 13.45 30.59 24.23
N ASP D 288 13.93 30.34 25.45
CA ASP D 288 14.98 31.14 26.06
C ASP D 288 16.16 30.21 26.36
N ILE D 289 17.34 30.80 26.51
CA ILE D 289 18.54 30.10 26.93
C ILE D 289 18.82 30.44 28.39
N ILE D 290 18.99 29.43 29.22
CA ILE D 290 19.10 29.62 30.66
C ILE D 290 20.57 29.53 31.04
N GLY D 291 21.21 30.68 31.23
CA GLY D 291 22.60 30.70 31.64
C GLY D 291 23.51 31.44 30.69
N ASP D 292 24.76 31.01 30.59
CA ASP D 292 25.70 31.54 29.62
C ASP D 292 25.88 30.59 28.45
N ILE D 293 26.19 31.16 27.28
CA ILE D 293 26.42 30.40 26.07
C ILE D 293 27.85 29.91 26.13
N ARG D 294 28.05 28.65 26.52
CA ARG D 294 29.36 28.02 26.47
C ARG D 294 29.38 26.93 25.41
N GLN D 295 30.51 26.85 24.72
CA GLN D 295 30.60 26.00 23.54
C GLN D 295 30.54 24.53 23.91
N ALA D 296 30.06 23.73 22.97
CA ALA D 296 30.07 22.27 23.13
C ALA D 296 31.46 21.73 22.80
N HIS D 297 31.77 20.56 23.34
CA HIS D 297 33.12 20.02 23.17
C HIS D 297 33.08 18.52 23.27
N CYS D 298 34.25 17.90 23.06
CA CYS D 298 34.41 16.45 23.13
C CYS D 298 35.82 16.16 23.63
N ASN D 299 35.95 15.21 24.54
CA ASN D 299 37.25 14.88 25.10
C ASN D 299 37.68 13.47 24.75
N VAL D 300 38.90 13.34 24.24
CA VAL D 300 39.50 12.04 24.01
C VAL D 300 40.88 12.04 24.64
N SER D 301 41.19 11.02 25.41
CA SER D 301 42.39 11.04 26.24
C SER D 301 43.64 11.14 25.37
N LYS D 302 44.64 11.85 25.89
CA LYS D 302 45.84 12.12 25.12
C LYS D 302 46.79 10.94 25.05
N ALA D 303 46.85 10.14 26.12
CA ALA D 303 47.67 8.93 26.08
C ALA D 303 47.01 7.84 25.25
N THR D 304 45.70 7.64 25.42
CA THR D 304 45.00 6.61 24.68
C THR D 304 45.06 6.85 23.19
N TRP D 305 44.88 8.10 22.76
CA TRP D 305 44.92 8.40 21.35
C TRP D 305 46.33 8.42 20.78
N ASN D 306 47.36 8.56 21.62
CA ASN D 306 48.74 8.53 21.15
C ASN D 306 49.28 7.11 21.06
N GLU D 307 48.60 6.18 21.69
CA GLU D 307 48.99 4.78 21.64
C GLU D 307 48.16 4.00 20.64
N THR D 308 46.91 4.37 20.39
CA THR D 308 46.07 3.77 19.37
C THR D 308 46.35 4.30 17.98
N LEU D 309 47.02 5.44 17.87
CA LEU D 309 47.47 5.93 16.58
C LEU D 309 48.87 5.45 16.25
N GLY D 310 49.54 4.78 17.18
CA GLY D 310 50.81 4.18 16.89
C GLY D 310 50.66 2.81 16.27
N LYS D 311 49.72 2.02 16.79
CA LYS D 311 49.43 0.71 16.22
C LYS D 311 48.91 0.84 14.80
N VAL D 312 48.28 1.96 14.46
CA VAL D 312 47.84 2.18 13.09
C VAL D 312 49.04 2.23 12.16
N VAL D 313 50.10 2.91 12.60
CA VAL D 313 51.25 3.12 11.72
C VAL D 313 52.00 1.82 11.47
N LYS D 314 52.19 1.02 12.52
CA LYS D 314 52.81 -0.30 12.35
C LYS D 314 52.10 -1.09 11.27
N GLN D 315 50.77 -1.18 11.36
CA GLN D 315 49.97 -1.92 10.40
C GLN D 315 49.89 -1.23 9.05
N LEU D 316 50.32 0.02 8.96
CA LEU D 316 50.20 0.78 7.73
C LEU D 316 51.55 0.98 7.05
N ARG D 317 52.62 0.42 7.61
CA ARG D 317 53.90 0.36 6.91
C ARG D 317 54.04 -0.90 6.07
N LYS D 318 53.33 -1.98 6.42
CA LYS D 318 53.40 -3.20 5.65
C LYS D 318 52.97 -3.00 4.20
N HIS D 319 52.05 -2.08 3.95
CA HIS D 319 51.54 -1.86 2.61
C HIS D 319 52.22 -0.71 1.89
N PHE D 320 53.20 -0.06 2.52
CA PHE D 320 53.83 1.11 1.91
C PHE D 320 55.35 1.15 2.01
N GLY D 321 55.97 0.32 2.84
CA GLY D 321 57.42 0.31 2.93
C GLY D 321 57.95 0.47 4.34
N ASN D 322 59.11 -0.12 4.62
CA ASN D 322 59.68 -0.11 5.95
C ASN D 322 60.37 1.21 6.31
N ASN D 323 60.58 2.10 5.34
CA ASN D 323 61.30 3.34 5.60
C ASN D 323 60.52 4.57 5.14
N THR D 324 59.20 4.50 5.09
CA THR D 324 58.38 5.60 4.63
C THR D 324 57.91 6.43 5.82
N ILE D 325 57.54 7.68 5.54
CA ILE D 325 57.15 8.64 6.56
C ILE D 325 55.63 8.81 6.50
N ILE D 326 54.94 8.34 7.52
CA ILE D 326 53.48 8.38 7.57
C ILE D 326 53.06 9.70 8.21
N ARG D 327 52.36 10.53 7.46
CA ARG D 327 51.98 11.86 7.89
C ARG D 327 50.45 11.98 7.91
N PHE D 328 49.93 12.62 8.94
CA PHE D 328 48.50 12.85 9.08
C PHE D 328 48.21 14.34 9.01
N ALA D 329 47.08 14.71 8.45
CA ALA D 329 46.73 16.12 8.22
C ALA D 329 45.27 16.33 8.63
N ASN D 330 44.68 17.51 8.39
CA ASN D 330 43.29 17.83 8.72
C ASN D 330 42.57 17.94 7.37
N SER D 331 41.25 17.73 7.39
CA SER D 331 40.60 16.98 6.30
C SER D 331 40.78 17.65 4.94
N SER D 332 39.91 18.56 4.52
CA SER D 332 40.18 19.27 3.29
C SER D 332 39.62 20.68 3.28
N GLY D 333 38.41 20.83 3.78
CA GLY D 333 37.56 21.95 3.43
C GLY D 333 36.53 21.52 2.42
N GLY D 334 35.39 22.21 2.44
CA GLY D 334 34.31 21.89 1.53
C GLY D 334 32.93 21.81 2.19
N ASP D 335 32.12 20.84 1.77
CA ASP D 335 30.79 20.68 2.31
C ASP D 335 30.86 20.21 3.77
N LEU D 336 30.00 20.81 4.61
CA LEU D 336 30.19 20.70 6.04
C LEU D 336 29.82 19.32 6.59
N GLU D 337 29.22 18.44 5.79
CA GLU D 337 29.00 17.08 6.25
C GLU D 337 30.21 16.18 6.12
N VAL D 338 31.21 16.58 5.32
CA VAL D 338 32.34 15.69 5.04
C VAL D 338 33.64 16.18 5.65
N THR D 339 33.72 17.43 6.10
CA THR D 339 34.91 17.94 6.76
C THR D 339 34.81 17.91 8.27
N THR D 340 33.84 17.20 8.83
CA THR D 340 33.55 17.25 10.25
C THR D 340 33.04 15.91 10.74
N HIS D 341 33.23 15.65 12.02
CA HIS D 341 32.76 14.43 12.70
C HIS D 341 31.30 14.59 13.10
N SER D 342 30.42 14.53 12.12
CA SER D 342 29.00 14.65 12.41
C SER D 342 28.51 13.39 13.09
N PHE D 343 27.78 13.55 14.19
CA PHE D 343 27.12 12.42 14.83
C PHE D 343 25.88 12.93 15.53
N ASN D 344 25.15 11.99 16.14
CA ASN D 344 23.77 12.23 16.58
C ASN D 344 23.49 11.52 17.89
N CYS D 345 23.83 12.14 19.01
CA CYS D 345 23.60 11.44 20.26
C CYS D 345 22.90 12.35 21.25
N GLY D 346 22.03 11.76 22.07
CA GLY D 346 21.16 12.50 22.94
C GLY D 346 19.93 13.05 22.26
N GLY D 347 20.02 13.39 20.97
CA GLY D 347 18.94 14.01 20.23
C GLY D 347 19.35 15.14 19.32
N GLU D 348 20.49 15.78 19.55
CA GLU D 348 20.94 16.89 18.73
C GLU D 348 22.09 16.46 17.84
N PHE D 349 22.26 17.14 16.71
CA PHE D 349 23.20 16.74 15.66
C PHE D 349 24.48 17.56 15.78
N PHE D 350 25.45 17.06 16.51
CA PHE D 350 26.71 17.78 16.63
C PHE D 350 27.52 17.67 15.34
N TYR D 351 28.40 18.66 15.12
CA TYR D 351 29.32 18.65 13.98
C TYR D 351 30.69 19.08 14.49
N CYS D 352 31.47 18.14 15.02
CA CYS D 352 32.74 18.51 15.65
C CYS D 352 33.78 18.87 14.61
N ASN D 353 35.02 19.06 15.05
CA ASN D 353 36.06 19.58 14.16
C ASN D 353 37.06 18.50 13.78
N THR D 354 37.62 17.79 14.77
CA THR D 354 38.67 16.80 14.53
C THR D 354 39.80 17.38 13.68
N SER D 355 40.47 18.39 14.22
CA SER D 355 41.72 18.86 13.66
C SER D 355 42.88 18.74 14.64
N GLY D 356 42.59 18.50 15.90
CA GLY D 356 43.59 18.18 16.90
C GLY D 356 43.83 16.72 17.11
N LEU D 357 43.13 15.86 16.36
CA LEU D 357 43.38 14.42 16.43
C LEU D 357 44.36 13.98 15.37
N PHE D 358 44.18 14.44 14.14
CA PHE D 358 45.04 14.04 13.04
C PHE D 358 46.15 15.06 12.86
N ASN D 359 47.35 14.71 13.33
CA ASN D 359 48.46 15.65 13.43
C ASN D 359 49.81 14.97 13.23
N SER D 360 50.86 15.57 13.82
CA SER D 360 52.27 15.46 13.44
C SER D 360 52.75 14.12 12.91
N THR D 361 53.62 14.19 11.91
CA THR D 361 54.09 13.04 11.15
C THR D 361 54.96 12.10 12.00
N TRP D 362 55.17 10.90 11.47
CA TRP D 362 55.85 9.81 12.14
C TRP D 362 57.03 9.35 11.31
N ILE D 363 58.16 9.06 11.97
CA ILE D 363 59.34 8.50 11.33
C ILE D 363 59.80 7.30 12.14
N SER D 364 60.60 6.44 11.50
CA SER D 364 61.05 5.19 12.10
C SER D 364 61.84 5.39 13.38
N ASN D 377 44.90 11.82 32.52
CA ASN D 377 44.82 13.08 33.26
C ASN D 377 44.89 14.27 32.32
N ASP D 378 45.28 14.03 31.07
CA ASP D 378 45.38 15.08 30.07
C ASP D 378 44.51 14.73 28.89
N SER D 379 43.87 15.74 28.30
CA SER D 379 42.79 15.52 27.36
C SER D 379 42.97 16.36 26.11
N ILE D 380 42.19 16.01 25.08
CA ILE D 380 42.10 16.77 23.84
C ILE D 380 40.66 17.25 23.70
N THR D 381 40.47 18.54 23.51
CA THR D 381 39.14 19.11 23.44
C THR D 381 38.86 19.64 22.05
N LEU D 382 37.74 19.19 21.48
CA LEU D 382 37.30 19.49 20.12
C LEU D 382 36.07 20.37 20.15
N PRO D 383 36.06 21.49 19.43
CA PRO D 383 34.88 22.36 19.43
C PRO D 383 33.86 21.87 18.40
N CYS D 384 32.61 21.72 18.83
CA CYS D 384 31.53 21.22 18.00
C CYS D 384 30.40 22.24 17.88
N ARG D 385 29.75 22.25 16.72
CA ARG D 385 28.63 23.15 16.45
C ARG D 385 27.38 22.34 16.17
N ILE D 386 26.27 22.75 16.78
CA ILE D 386 24.99 22.08 16.62
C ILE D 386 24.26 22.67 15.42
N LYS D 387 23.43 21.87 14.77
CA LYS D 387 22.48 22.33 13.78
C LYS D 387 21.08 21.89 14.17
N GLN D 388 20.09 22.31 13.37
CA GLN D 388 18.73 21.85 13.54
C GLN D 388 18.00 21.57 12.25
N ILE D 389 18.62 21.77 11.09
CA ILE D 389 18.04 21.40 9.80
C ILE D 389 19.00 20.43 9.14
N ILE D 390 18.49 19.25 8.77
CA ILE D 390 19.33 18.09 8.51
C ILE D 390 19.06 17.57 7.11
N ASN D 391 20.13 17.28 6.37
CA ASN D 391 20.07 16.65 5.04
C ASN D 391 20.98 15.42 5.10
N MET D 392 20.42 14.26 5.46
CA MET D 392 21.27 13.17 5.91
C MET D 392 21.95 12.43 4.77
N TRP D 393 21.18 11.82 3.89
CA TRP D 393 21.72 10.80 3.01
C TRP D 393 22.33 11.37 1.74
N GLN D 394 22.87 12.58 1.83
CA GLN D 394 23.43 13.31 0.69
C GLN D 394 22.39 13.52 -0.39
N ARG D 395 21.12 13.54 -0.02
CA ARG D 395 20.04 13.82 -0.93
C ARG D 395 19.98 15.31 -1.26
N ILE D 396 19.10 15.64 -2.20
CA ILE D 396 18.70 17.00 -2.49
C ILE D 396 17.18 17.04 -2.52
N GLY D 397 16.60 18.02 -1.85
CA GLY D 397 15.17 18.23 -1.95
C GLY D 397 14.34 17.72 -0.80
N GLN D 398 14.95 17.16 0.24
CA GLN D 398 14.19 16.78 1.42
C GLN D 398 15.00 17.11 2.66
N ALA D 399 14.43 17.92 3.53
CA ALA D 399 15.10 18.36 4.74
C ALA D 399 14.30 17.88 5.94
N MET D 400 14.67 18.37 7.11
CA MET D 400 14.07 17.92 8.36
C MET D 400 14.45 18.91 9.44
N TYR D 401 13.59 19.06 10.45
CA TYR D 401 13.80 20.03 11.51
C TYR D 401 13.65 19.32 12.84
N ALA D 402 14.76 19.14 13.56
CA ALA D 402 14.72 18.45 14.84
C ALA D 402 14.34 19.43 15.95
N PRO D 403 13.26 19.20 16.68
CA PRO D 403 12.86 20.11 17.74
C PRO D 403 13.87 20.08 18.87
N PRO D 404 13.95 21.13 19.68
CA PRO D 404 15.01 21.21 20.68
C PRO D 404 14.92 20.08 21.69
N ILE D 405 15.97 19.96 22.49
CA ILE D 405 16.00 19.03 23.60
C ILE D 405 16.09 19.83 24.88
N GLN D 406 15.03 19.80 25.67
CA GLN D 406 15.10 20.37 27.00
C GLN D 406 16.09 19.57 27.84
N GLY D 407 16.81 20.26 28.71
CA GLY D 407 17.76 19.63 29.59
C GLY D 407 19.14 19.60 28.98
N VAL D 408 20.10 19.15 29.79
CA VAL D 408 21.49 19.07 29.38
C VAL D 408 21.69 17.74 28.67
N ILE D 409 22.69 17.69 27.79
CA ILE D 409 22.97 16.51 26.98
C ILE D 409 24.39 16.05 27.30
N ARG D 410 24.51 14.80 27.73
CA ARG D 410 25.80 14.17 27.96
C ARG D 410 25.84 12.86 27.20
N CYS D 411 27.05 12.41 26.89
CA CYS D 411 27.20 11.32 25.93
C CYS D 411 28.47 10.56 26.23
N VAL D 412 28.51 9.28 25.88
CA VAL D 412 29.72 8.46 25.94
C VAL D 412 29.66 7.48 24.79
N SER D 413 30.78 7.23 24.14
CA SER D 413 30.82 6.33 23.00
C SER D 413 32.18 5.66 22.92
N ASN D 414 32.37 4.88 21.86
CA ASN D 414 33.62 4.22 21.56
C ASN D 414 34.05 4.66 20.17
N ILE D 415 35.27 5.13 20.03
CA ILE D 415 35.88 5.30 18.72
C ILE D 415 36.57 3.99 18.38
N THR D 416 36.02 3.25 17.42
CA THR D 416 36.58 1.96 17.06
C THR D 416 36.75 1.84 15.56
N GLY D 417 37.16 2.91 14.91
CA GLY D 417 37.42 2.87 13.49
C GLY D 417 37.83 4.22 12.98
N LEU D 418 38.24 4.23 11.72
CA LEU D 418 38.53 5.45 10.99
C LEU D 418 38.18 5.20 9.53
N ILE D 419 38.17 6.27 8.75
CA ILE D 419 38.09 6.17 7.29
C ILE D 419 39.06 7.21 6.73
N LEU D 420 40.25 6.77 6.34
CA LEU D 420 41.26 7.67 5.85
C LEU D 420 41.24 7.74 4.33
N THR D 421 42.05 8.64 3.79
CA THR D 421 42.30 8.69 2.36
C THR D 421 43.66 9.33 2.16
N ARG D 422 44.26 9.06 1.01
CA ARG D 422 45.65 9.41 0.74
C ARG D 422 45.71 10.51 -0.31
N ASP D 423 46.70 11.37 -0.22
CA ASP D 423 46.80 12.50 -1.13
C ASP D 423 47.50 12.09 -2.41
N GLY D 424 47.14 12.75 -3.51
CA GLY D 424 47.84 12.51 -4.75
C GLY D 424 49.24 13.06 -4.69
N GLY D 425 50.22 12.15 -4.54
CA GLY D 425 51.60 12.54 -4.41
C GLY D 425 52.39 12.31 -5.70
N SER D 426 53.68 12.64 -5.63
CA SER D 426 54.56 12.55 -6.78
C SER D 426 55.03 11.13 -7.06
N THR D 427 54.52 10.15 -6.30
CA THR D 427 54.81 8.72 -6.42
C THR D 427 56.32 8.45 -6.47
N ASN D 428 57.10 9.41 -6.00
CA ASN D 428 58.56 9.30 -5.98
C ASN D 428 59.15 9.50 -4.60
N SER D 429 58.50 10.27 -3.74
CA SER D 429 59.04 10.64 -2.44
C SER D 429 58.63 9.62 -1.40
N THR D 430 59.16 9.80 -0.19
CA THR D 430 58.89 8.90 0.94
C THR D 430 57.96 9.53 1.97
N THR D 431 56.97 10.29 1.53
CA THR D 431 55.99 10.91 2.40
C THR D 431 54.59 10.51 1.95
N GLU D 432 53.79 10.01 2.88
CA GLU D 432 52.39 9.71 2.61
C GLU D 432 51.53 10.43 3.63
N THR D 433 50.56 11.20 3.15
CA THR D 433 49.74 12.04 4.00
C THR D 433 48.29 11.57 3.98
N PHE D 434 47.76 11.21 5.14
CA PHE D 434 46.45 10.60 5.24
C PHE D 434 45.48 11.57 5.89
N ARG D 435 44.56 12.07 5.12
CA ARG D 435 43.54 12.97 5.61
C ARG D 435 42.24 12.21 5.79
N PRO D 436 41.55 12.38 6.91
CA PRO D 436 40.25 11.73 7.07
C PRO D 436 39.29 12.16 5.97
N GLY D 437 38.51 11.20 5.47
CA GLY D 437 37.57 11.47 4.41
C GLY D 437 36.15 11.25 4.88
N GLY D 438 35.54 10.14 4.43
CA GLY D 438 34.24 9.74 4.94
C GLY D 438 33.13 10.13 3.98
N GLY D 439 32.01 10.52 4.56
CA GLY D 439 30.85 10.97 3.79
C GLY D 439 29.95 9.88 3.27
N ASP D 440 30.45 9.04 2.37
CA ASP D 440 29.65 7.97 1.78
C ASP D 440 29.29 6.95 2.84
N MET D 441 28.06 6.47 2.81
CA MET D 441 27.53 5.69 3.91
C MET D 441 27.62 4.18 3.71
N ARG D 442 27.89 3.71 2.49
CA ARG D 442 28.11 2.29 2.36
C ARG D 442 29.36 1.81 3.07
N ASP D 443 30.24 2.70 3.50
CA ASP D 443 31.48 2.30 4.14
C ASP D 443 31.38 2.25 5.66
N ASN D 444 30.22 2.49 6.23
CA ASN D 444 30.04 2.23 7.65
C ASN D 444 29.59 0.80 7.89
N TRP D 445 28.56 0.37 7.18
CA TRP D 445 28.02 -0.98 7.33
C TRP D 445 28.95 -2.03 6.74
N ARG D 446 29.64 -1.71 5.65
CA ARG D 446 30.60 -2.63 5.08
C ARG D 446 31.76 -2.90 6.03
N SER D 447 31.82 -2.22 7.17
CA SER D 447 32.77 -2.60 8.21
C SER D 447 32.21 -3.65 9.15
N GLU D 448 30.89 -3.90 9.11
CA GLU D 448 30.24 -4.92 9.91
C GLU D 448 29.95 -6.18 9.11
N LEU D 449 29.61 -6.01 7.84
CA LEU D 449 29.16 -7.09 6.95
C LEU D 449 30.27 -7.56 6.05
N TYR D 450 31.50 -7.63 6.53
CA TYR D 450 32.60 -8.04 5.69
C TYR D 450 32.89 -9.53 5.77
N LYS D 451 32.27 -10.24 6.71
CA LYS D 451 32.57 -11.66 6.88
C LYS D 451 31.43 -12.56 6.47
N TYR D 452 30.29 -12.02 6.06
CA TYR D 452 29.13 -12.83 5.75
C TYR D 452 29.01 -13.05 4.25
N LYS D 453 28.12 -13.97 3.90
CA LYS D 453 27.89 -14.42 2.54
C LYS D 453 26.65 -15.28 2.55
N VAL D 454 25.79 -15.13 1.55
CA VAL D 454 24.52 -15.84 1.51
C VAL D 454 24.57 -16.85 0.37
N VAL D 455 24.19 -18.09 0.65
CA VAL D 455 24.27 -19.18 -0.32
C VAL D 455 22.89 -19.82 -0.47
N LYS D 456 22.77 -20.71 -1.45
CA LYS D 456 21.51 -21.35 -1.81
C LYS D 456 21.66 -22.85 -1.83
N ILE D 457 20.90 -23.55 -0.98
CA ILE D 457 21.02 -25.00 -0.87
C ILE D 457 20.37 -25.65 -2.07
N GLU D 458 21.08 -26.60 -2.70
CA GLU D 458 20.53 -27.44 -3.76
C GLU D 458 20.49 -28.88 -3.29
N PRO D 459 19.32 -29.45 -2.98
CA PRO D 459 19.27 -30.72 -2.24
C PRO D 459 19.07 -31.98 -3.07
N LEU D 460 19.06 -31.92 -4.39
CA LEU D 460 18.80 -33.09 -5.22
C LEU D 460 20.11 -33.60 -5.82
N GLY D 461 20.30 -34.90 -5.83
CA GLY D 461 21.52 -35.48 -6.37
C GLY D 461 21.30 -36.90 -6.84
N VAL D 462 22.00 -37.27 -7.90
CA VAL D 462 21.92 -38.59 -8.52
C VAL D 462 23.30 -39.21 -8.50
N ALA D 463 23.36 -40.52 -8.28
CA ALA D 463 24.64 -41.20 -8.14
C ALA D 463 24.45 -42.67 -8.45
N PRO D 464 25.50 -43.37 -8.89
CA PRO D 464 25.37 -44.78 -9.23
C PRO D 464 25.50 -45.66 -8.01
N THR D 465 24.87 -46.83 -8.07
CA THR D 465 24.97 -47.76 -6.97
C THR D 465 24.76 -49.15 -7.56
N ARG D 466 24.64 -50.16 -6.69
CA ARG D 466 24.45 -51.54 -7.10
C ARG D 466 23.06 -52.07 -6.80
N CYS D 467 22.08 -51.20 -6.56
CA CYS D 467 20.72 -51.62 -6.27
C CYS D 467 19.84 -51.48 -7.50
N LYS D 468 18.62 -52.03 -7.40
CA LYS D 468 17.65 -52.01 -8.48
C LYS D 468 16.26 -52.09 -7.87
N ARG D 469 15.30 -51.46 -8.53
CA ARG D 469 13.93 -51.46 -8.01
C ARG D 469 13.20 -52.68 -8.51
N ARG D 470 12.83 -53.57 -7.59
CA ARG D 470 12.16 -54.81 -7.95
C ARG D 470 10.75 -54.55 -8.48
N LEU E 2 -15.85 -54.52 -13.68
CA LEU E 2 -15.48 -53.12 -13.84
C LEU E 2 -15.30 -52.41 -12.51
N TRP E 3 -14.10 -51.86 -12.30
CA TRP E 3 -13.72 -51.18 -11.07
C TRP E 3 -13.28 -49.76 -11.38
N VAL E 4 -13.76 -48.80 -10.58
CA VAL E 4 -13.44 -47.39 -10.83
C VAL E 4 -11.94 -47.20 -10.80
N THR E 5 -11.43 -46.41 -11.75
CA THR E 5 -10.00 -46.16 -11.85
C THR E 5 -9.74 -44.68 -12.06
N VAL E 6 -8.91 -44.09 -11.22
CA VAL E 6 -8.61 -42.66 -11.23
C VAL E 6 -7.58 -42.37 -12.30
N TYR E 7 -7.62 -41.17 -12.87
CA TYR E 7 -6.61 -40.71 -13.80
C TYR E 7 -6.30 -39.25 -13.51
N TYR E 8 -5.03 -38.90 -13.49
CA TYR E 8 -4.59 -37.56 -13.13
C TYR E 8 -3.80 -36.97 -14.28
N GLY E 9 -4.05 -35.70 -14.58
CA GLY E 9 -3.38 -35.06 -15.71
C GLY E 9 -4.20 -35.11 -16.97
N VAL E 10 -5.50 -35.31 -16.84
CA VAL E 10 -6.40 -35.43 -17.97
C VAL E 10 -6.60 -34.08 -18.65
N PRO E 11 -6.72 -34.03 -19.98
CA PRO E 11 -6.98 -32.78 -20.73
C PRO E 11 -8.43 -32.29 -20.85
N VAL E 12 -8.90 -31.57 -19.83
CA VAL E 12 -10.24 -30.99 -19.82
C VAL E 12 -10.13 -29.56 -19.31
N TRP E 13 -10.92 -28.65 -19.88
CA TRP E 13 -10.88 -27.25 -19.46
C TRP E 13 -12.28 -26.66 -19.38
N LYS E 14 -12.44 -25.67 -18.52
CA LYS E 14 -13.67 -24.91 -18.37
C LYS E 14 -13.35 -23.45 -18.42
N ASP E 15 -14.25 -22.65 -19.00
CA ASP E 15 -14.00 -21.23 -19.13
C ASP E 15 -13.91 -20.57 -17.76
N ALA E 16 -13.07 -19.54 -17.65
CA ALA E 16 -12.82 -18.93 -16.36
C ALA E 16 -12.42 -17.47 -16.53
N GLU E 17 -12.47 -16.74 -15.43
CA GLU E 17 -12.04 -15.35 -15.38
C GLU E 17 -11.05 -15.19 -14.24
N THR E 18 -9.90 -14.59 -14.53
CA THR E 18 -8.83 -14.48 -13.55
C THR E 18 -7.90 -13.35 -13.94
N THR E 19 -6.82 -13.20 -13.19
CA THR E 19 -5.90 -12.07 -13.34
C THR E 19 -4.72 -12.51 -14.19
N LEU E 20 -4.38 -11.69 -15.18
CA LEU E 20 -3.25 -11.93 -16.07
C LEU E 20 -2.18 -10.88 -15.83
N PHE E 21 -0.92 -11.29 -15.83
CA PHE E 21 0.18 -10.38 -15.55
C PHE E 21 1.01 -10.07 -16.81
N CYS E 22 2.02 -9.21 -16.66
CA CYS E 22 2.88 -8.79 -17.75
C CYS E 22 3.86 -9.86 -18.19
N ALA E 23 4.60 -9.53 -19.24
CA ALA E 23 5.92 -10.06 -19.52
C ALA E 23 6.49 -9.21 -20.65
N SER E 24 7.66 -8.63 -20.43
CA SER E 24 8.22 -7.72 -21.40
C SER E 24 9.73 -7.81 -21.39
N ASP E 25 10.33 -7.84 -22.57
CA ASP E 25 11.78 -7.99 -22.70
C ASP E 25 12.54 -6.72 -22.37
N LYS E 33 15.64 6.58 -18.02
CA LYS E 33 14.36 7.20 -18.35
C LYS E 33 13.22 6.20 -18.21
N HIS E 34 12.43 6.37 -17.16
CA HIS E 34 11.38 5.42 -16.83
C HIS E 34 10.30 5.43 -17.90
N ASN E 35 9.40 4.45 -17.80
CA ASN E 35 8.19 4.40 -18.59
C ASN E 35 6.98 4.68 -17.73
N VAL E 36 5.91 5.13 -18.39
CA VAL E 36 4.62 5.23 -17.72
C VAL E 36 4.13 3.83 -17.37
N TRP E 37 4.31 2.88 -18.28
CA TRP E 37 3.88 1.50 -18.07
C TRP E 37 5.07 0.69 -17.60
N ALA E 38 5.06 0.30 -16.33
CA ALA E 38 6.28 0.04 -15.56
C ALA E 38 6.95 -1.23 -16.07
N THR E 39 7.67 -1.09 -17.18
CA THR E 39 8.42 -2.21 -17.72
C THR E 39 9.52 -2.69 -16.78
N HIS E 40 9.88 -1.90 -15.78
CA HIS E 40 10.89 -2.33 -14.81
C HIS E 40 10.35 -3.32 -13.79
N ALA E 41 9.03 -3.57 -13.79
CA ALA E 41 8.42 -4.54 -12.89
C ALA E 41 7.74 -5.70 -13.59
N CYS E 42 7.33 -5.53 -14.85
CA CYS E 42 6.78 -6.64 -15.61
C CYS E 42 7.86 -7.69 -15.84
N VAL E 43 7.51 -8.95 -15.61
CA VAL E 43 8.49 -10.04 -15.53
C VAL E 43 9.24 -10.15 -16.85
N PRO E 44 10.55 -10.38 -16.84
CA PRO E 44 11.26 -10.60 -18.11
C PRO E 44 10.68 -11.79 -18.85
N THR E 45 10.55 -11.63 -20.16
CA THR E 45 9.89 -12.62 -21.01
C THR E 45 10.82 -13.81 -21.24
N ASP E 46 10.43 -14.67 -22.18
CA ASP E 46 11.27 -15.79 -22.58
C ASP E 46 11.37 -15.86 -24.10
N GLN E 50 6.74 -22.49 -28.18
CA GLN E 50 5.77 -22.24 -27.13
C GLN E 50 4.37 -22.62 -27.58
N GLU E 51 4.06 -22.36 -28.84
CA GLU E 51 2.73 -22.62 -29.39
C GLU E 51 2.54 -24.09 -29.70
N ILE E 52 1.37 -24.61 -29.35
CA ILE E 52 1.02 -26.01 -29.56
C ILE E 52 -0.23 -26.05 -30.42
N HIS E 53 -0.20 -26.84 -31.48
CA HIS E 53 -1.38 -27.03 -32.30
C HIS E 53 -2.27 -28.09 -31.67
N LEU E 54 -3.57 -27.81 -31.63
CA LEU E 54 -4.56 -28.68 -31.04
C LEU E 54 -5.37 -29.31 -32.16
N GLU E 55 -5.43 -30.63 -32.20
CA GLU E 55 -6.10 -31.33 -33.30
C GLU E 55 -7.52 -31.74 -32.91
N ASN E 56 -8.44 -31.67 -33.87
CA ASN E 56 -9.82 -32.09 -33.71
C ASN E 56 -10.53 -31.32 -32.58
N VAL E 57 -10.18 -30.04 -32.45
CA VAL E 57 -10.73 -29.19 -31.39
C VAL E 57 -11.62 -28.15 -32.06
N THR E 58 -12.79 -27.90 -31.49
CA THR E 58 -13.69 -26.87 -31.99
C THR E 58 -14.21 -26.06 -30.81
N GLU E 59 -13.79 -24.80 -30.74
CA GLU E 59 -14.04 -23.93 -29.60
C GLU E 59 -14.81 -22.71 -30.07
N GLU E 60 -15.82 -22.32 -29.31
CA GLU E 60 -16.68 -21.20 -29.67
C GLU E 60 -16.15 -19.91 -29.05
N PHE E 61 -15.91 -18.90 -29.89
CA PHE E 61 -15.32 -17.66 -29.45
C PHE E 61 -16.38 -16.56 -29.43
N ASN E 62 -16.09 -15.48 -28.70
CA ASN E 62 -16.95 -14.30 -28.72
C ASN E 62 -16.13 -13.12 -28.21
N MET E 63 -15.80 -12.19 -29.10
CA MET E 63 -14.89 -11.11 -28.75
C MET E 63 -15.55 -9.96 -28.04
N TRP E 64 -16.87 -9.87 -28.05
CA TRP E 64 -17.58 -8.77 -27.44
C TRP E 64 -17.96 -9.04 -25.98
N LYS E 65 -17.87 -10.28 -25.55
CA LYS E 65 -18.04 -10.65 -24.15
C LYS E 65 -16.73 -11.19 -23.59
N ASN E 66 -15.62 -10.59 -24.01
CA ASN E 66 -14.31 -10.92 -23.50
C ASN E 66 -14.10 -10.20 -22.19
N ASN E 67 -13.38 -10.84 -21.27
CA ASN E 67 -12.98 -10.18 -20.04
C ASN E 67 -11.49 -9.89 -20.00
N MET E 68 -10.74 -10.25 -21.03
CA MET E 68 -9.37 -9.80 -21.11
C MET E 68 -9.29 -8.32 -21.48
N VAL E 69 -10.37 -7.75 -21.99
CA VAL E 69 -10.38 -6.33 -22.34
C VAL E 69 -10.64 -5.48 -21.11
N GLU E 70 -11.68 -5.80 -20.34
CA GLU E 70 -11.94 -5.03 -19.12
C GLU E 70 -10.88 -5.23 -18.06
N GLN E 71 -9.79 -5.92 -18.35
CA GLN E 71 -8.63 -5.87 -17.48
C GLN E 71 -7.47 -5.10 -18.08
N MET E 72 -7.35 -5.07 -19.40
CA MET E 72 -6.38 -4.17 -19.98
C MET E 72 -6.80 -2.72 -19.80
N HIS E 73 -8.10 -2.45 -19.86
CA HIS E 73 -8.56 -1.07 -19.73
C HIS E 73 -8.44 -0.56 -18.31
N THR E 74 -8.42 -1.44 -17.32
CA THR E 74 -8.23 -1.00 -15.94
C THR E 74 -6.76 -0.98 -15.56
N ASP E 75 -5.96 -1.87 -16.15
CA ASP E 75 -4.52 -1.78 -15.93
C ASP E 75 -3.96 -0.49 -16.50
N ILE E 76 -4.35 -0.14 -17.73
CA ILE E 76 -3.78 1.03 -18.38
C ILE E 76 -4.12 2.30 -17.62
N ILE E 77 -5.35 2.42 -17.12
CA ILE E 77 -5.73 3.62 -16.39
C ILE E 77 -4.93 3.72 -15.10
N SER E 78 -4.80 2.64 -14.36
CA SER E 78 -4.15 2.73 -13.07
C SER E 78 -2.63 2.65 -13.14
N LEU E 79 -2.05 2.37 -14.31
CA LEU E 79 -0.64 2.64 -14.52
C LEU E 79 -0.41 4.07 -14.94
N TRP E 80 -1.43 4.74 -15.46
CA TRP E 80 -1.29 6.11 -15.91
C TRP E 80 -1.17 7.06 -14.73
N ASP E 81 -2.15 7.05 -13.85
CA ASP E 81 -2.14 7.94 -12.69
C ASP E 81 -1.48 7.32 -11.48
N GLN E 82 -0.81 6.18 -11.63
CA GLN E 82 0.13 5.75 -10.62
C GLN E 82 1.43 6.53 -10.72
N SER E 83 1.84 6.85 -11.93
CA SER E 83 3.05 7.60 -12.19
C SER E 83 2.86 9.10 -12.05
N LEU E 84 1.62 9.58 -12.01
CA LEU E 84 1.33 11.00 -11.92
C LEU E 84 1.20 11.49 -10.50
N LYS E 85 0.99 10.61 -9.52
CA LYS E 85 0.96 11.06 -8.14
C LYS E 85 2.26 11.74 -7.72
N PRO E 86 3.44 11.19 -7.98
CA PRO E 86 4.66 11.80 -7.43
C PRO E 86 5.36 12.79 -8.35
N CYS E 87 4.70 13.83 -8.87
CA CYS E 87 5.47 14.94 -9.40
C CYS E 87 4.56 16.17 -9.46
N VAL E 88 5.16 17.33 -9.74
CA VAL E 88 4.72 18.67 -9.34
C VAL E 88 3.22 18.91 -9.51
N LYS E 89 2.62 19.66 -8.59
CA LYS E 89 1.21 20.00 -8.62
C LYS E 89 1.05 21.49 -8.84
N LEU E 90 0.45 21.87 -9.96
CA LEU E 90 0.39 23.27 -10.39
C LEU E 90 -0.90 23.95 -9.97
N THR E 91 -1.27 23.90 -8.70
CA THR E 91 -2.46 24.67 -8.35
C THR E 91 -2.24 26.19 -8.28
N PRO E 92 -1.04 26.70 -8.00
CA PRO E 92 -0.92 28.17 -7.88
C PRO E 92 -1.13 28.92 -9.16
N LEU E 93 -1.20 28.26 -10.32
CA LEU E 93 -1.33 29.00 -11.58
C LEU E 93 -2.76 29.35 -11.96
N CYS E 94 -3.77 28.86 -11.27
CA CYS E 94 -5.07 29.43 -11.55
C CYS E 94 -5.14 30.84 -11.00
N VAL E 95 -4.64 31.79 -11.78
CA VAL E 95 -4.75 33.21 -11.52
C VAL E 95 -5.32 33.85 -12.77
N THR E 96 -5.38 35.18 -12.77
CA THR E 96 -5.90 35.94 -13.89
C THR E 96 -4.77 36.34 -14.82
N LEU E 97 -4.91 36.00 -16.09
CA LEU E 97 -3.86 36.20 -17.09
C LEU E 97 -4.15 37.47 -17.87
N GLN E 98 -3.11 38.15 -18.32
CA GLN E 98 -3.25 39.28 -19.23
C GLN E 98 -2.46 38.97 -20.49
N CYS E 99 -3.17 38.72 -21.59
CA CYS E 99 -2.58 38.13 -22.78
C CYS E 99 -2.74 39.04 -23.98
N THR E 100 -1.70 39.10 -24.80
CA THR E 100 -1.74 39.81 -26.09
C THR E 100 -1.23 38.89 -27.17
N ASN E 101 -1.79 39.03 -28.38
CA ASN E 101 -1.37 38.20 -29.50
C ASN E 101 0.12 38.33 -29.72
N VAL E 102 0.72 37.31 -30.33
CA VAL E 102 2.16 37.35 -30.54
C VAL E 102 2.49 37.95 -31.90
N THR E 103 1.51 38.02 -32.80
CA THR E 103 1.73 38.59 -34.12
C THR E 103 1.04 39.94 -34.29
N GLY E 112 -3.87 34.66 -34.16
CA GLY E 112 -4.52 34.48 -32.87
C GLY E 112 -4.33 33.09 -32.31
N GLU E 113 -3.25 32.44 -32.73
CA GLU E 113 -2.96 31.06 -32.36
C GLU E 113 -1.99 30.94 -31.22
N LEU E 114 -1.21 31.96 -30.94
CA LEU E 114 -0.32 31.99 -29.78
C LEU E 114 -0.60 33.22 -28.96
N LYS E 115 -0.31 33.16 -27.66
CA LYS E 115 -0.53 34.27 -26.76
C LYS E 115 0.72 34.49 -25.92
N ASN E 116 0.79 35.63 -25.25
CA ASN E 116 1.98 35.95 -24.47
C ASN E 116 1.74 35.85 -22.96
N CYS E 117 0.62 36.38 -22.46
CA CYS E 117 0.09 35.92 -21.19
C CYS E 117 1.01 36.05 -19.98
N SER E 118 1.29 37.26 -19.51
CA SER E 118 2.01 37.44 -18.25
C SER E 118 1.06 37.51 -17.06
N PHE E 119 1.57 37.17 -15.88
CA PHE E 119 0.74 37.12 -14.67
C PHE E 119 1.61 37.34 -13.44
N ASN E 120 0.96 37.47 -12.29
CA ASN E 120 1.63 37.55 -11.00
C ASN E 120 1.73 36.14 -10.43
N MET E 121 2.81 35.85 -9.72
CA MET E 121 3.09 34.48 -9.34
C MET E 121 3.87 34.49 -8.03
N THR E 122 3.66 33.46 -7.21
CA THR E 122 4.32 33.42 -5.91
C THR E 122 5.82 33.23 -6.07
N THR E 123 6.52 33.18 -4.95
CA THR E 123 7.95 32.98 -4.94
C THR E 123 8.26 31.96 -3.84
N GLU E 124 9.52 31.51 -3.75
CA GLU E 124 9.87 30.61 -2.67
C GLU E 124 9.84 31.32 -1.33
N LEU E 125 9.80 32.65 -1.35
CA LEU E 125 9.66 33.46 -0.15
C LEU E 125 8.19 33.84 -0.05
N ARG E 126 7.49 33.28 0.92
CA ARG E 126 6.04 33.19 0.87
C ARG E 126 5.33 34.54 0.92
N ASP E 127 6.02 35.63 1.25
CA ASP E 127 5.36 36.92 1.38
C ASP E 127 5.72 37.90 0.28
N LYS E 128 6.30 37.44 -0.82
CA LYS E 128 6.62 38.30 -1.95
C LYS E 128 5.75 37.96 -3.14
N LYS E 129 6.01 38.63 -4.25
CA LYS E 129 5.36 38.32 -5.51
C LYS E 129 6.36 38.47 -6.65
N GLN E 130 6.06 37.81 -7.76
CA GLN E 130 7.01 37.62 -8.84
C GLN E 130 6.27 37.73 -10.16
N LYS E 131 6.57 38.75 -10.94
CA LYS E 131 5.88 38.96 -12.21
C LYS E 131 6.61 38.19 -13.31
N VAL E 132 5.96 37.15 -13.83
CA VAL E 132 6.57 36.31 -14.85
C VAL E 132 5.70 36.31 -16.10
N TYR E 133 6.12 35.55 -17.12
CA TYR E 133 5.37 35.46 -18.36
C TYR E 133 5.67 34.13 -19.03
N SER E 134 4.78 33.72 -19.93
CA SER E 134 4.94 32.43 -20.58
C SER E 134 3.94 32.32 -21.73
N LEU E 135 4.38 31.74 -22.83
CA LEU E 135 3.58 31.66 -24.05
C LEU E 135 2.64 30.46 -24.00
N PHE E 136 1.35 30.72 -24.20
CA PHE E 136 0.34 29.67 -24.21
C PHE E 136 -0.30 29.60 -25.58
N TYR E 137 -0.93 28.47 -25.87
CA TYR E 137 -1.66 28.32 -27.11
C TYR E 137 -3.05 28.93 -26.95
N ARG E 138 -3.87 28.78 -27.99
CA ARG E 138 -5.21 29.32 -27.93
C ARG E 138 -6.20 28.34 -27.36
N LEU E 139 -5.88 27.06 -27.35
CA LEU E 139 -6.81 26.05 -26.87
C LEU E 139 -6.79 25.88 -25.36
N ASP E 140 -5.92 26.61 -24.66
CA ASP E 140 -5.76 26.44 -23.23
C ASP E 140 -6.35 27.58 -22.42
N VAL E 141 -6.67 28.69 -23.06
CA VAL E 141 -7.16 29.86 -22.34
C VAL E 141 -8.54 30.20 -22.86
N VAL E 142 -9.47 30.43 -21.94
CA VAL E 142 -10.79 30.92 -22.26
C VAL E 142 -11.02 32.18 -21.43
N GLN E 143 -11.52 33.23 -22.08
CA GLN E 143 -11.42 34.53 -21.45
C GLN E 143 -12.53 34.76 -20.43
N ILE E 144 -12.45 35.90 -19.75
CA ILE E 144 -13.28 36.22 -18.60
C ILE E 144 -14.05 37.49 -18.88
N ASN E 145 -15.37 37.43 -18.76
CA ASN E 145 -16.19 38.61 -18.87
C ASN E 145 -16.99 38.84 -17.59
N ASN E 156 -5.17 44.43 -24.14
CA ASN E 156 -5.00 43.17 -23.41
C ASN E 156 -6.24 42.82 -22.61
N LYS E 157 -6.73 41.60 -22.78
CA LYS E 157 -7.90 41.15 -22.04
C LYS E 157 -7.47 40.24 -20.89
N GLU E 158 -8.44 39.60 -20.26
CA GLU E 158 -8.19 38.72 -19.13
C GLU E 158 -8.63 37.30 -19.48
N TYR E 159 -7.73 36.34 -19.32
CA TYR E 159 -8.01 34.95 -19.63
C TYR E 159 -7.76 34.11 -18.38
N ARG E 160 -7.98 32.80 -18.51
CA ARG E 160 -7.58 31.84 -17.50
C ARG E 160 -7.47 30.47 -18.14
N LEU E 161 -6.74 29.57 -17.48
CA LEU E 161 -6.52 28.25 -18.03
C LEU E 161 -7.85 27.50 -18.12
N ILE E 162 -7.90 26.49 -18.98
CA ILE E 162 -9.19 25.90 -19.30
C ILE E 162 -9.67 25.00 -18.17
N ASN E 163 -8.81 24.11 -17.66
CA ASN E 163 -9.18 23.25 -16.55
C ASN E 163 -8.82 23.97 -15.26
N CYS E 164 -9.65 24.91 -14.92
CA CYS E 164 -9.52 25.67 -13.69
C CYS E 164 -10.78 25.63 -12.85
N ASN E 165 -11.95 25.58 -13.48
CA ASN E 165 -13.22 25.46 -12.77
C ASN E 165 -13.75 24.03 -12.76
N THR E 166 -12.97 23.07 -13.25
CA THR E 166 -13.41 21.68 -13.22
C THR E 166 -12.37 20.72 -12.68
N SER E 167 -11.09 21.02 -12.87
CA SER E 167 -10.03 20.07 -12.59
C SER E 167 -8.87 20.73 -11.88
N ALA E 168 -8.08 19.91 -11.19
CA ALA E 168 -6.84 20.35 -10.58
C ALA E 168 -5.69 19.77 -11.37
N ILE E 169 -4.74 20.62 -11.72
CA ILE E 169 -3.75 20.30 -12.75
C ILE E 169 -2.45 19.86 -12.10
N THR E 170 -1.87 18.79 -12.62
CA THR E 170 -0.58 18.26 -12.19
C THR E 170 0.36 18.25 -13.37
N GLN E 171 1.54 18.83 -13.21
CA GLN E 171 2.51 18.79 -14.29
C GLN E 171 3.02 17.38 -14.47
N ALA E 172 3.20 16.96 -15.72
CA ALA E 172 3.91 15.73 -15.98
C ALA E 172 5.32 15.85 -15.45
N CYS E 173 6.09 14.79 -15.57
CA CYS E 173 7.34 14.91 -14.86
C CYS E 173 8.46 14.56 -15.81
N PRO E 174 9.39 15.48 -16.09
CA PRO E 174 10.15 15.41 -17.35
C PRO E 174 11.00 14.16 -17.53
N LYS E 175 11.21 13.34 -16.50
CA LYS E 175 12.08 12.19 -16.61
C LYS E 175 11.29 10.87 -16.67
N VAL E 176 10.10 10.91 -17.26
CA VAL E 176 9.34 9.72 -17.61
C VAL E 176 8.82 9.90 -19.03
N SER E 177 8.79 8.82 -19.79
CA SER E 177 8.41 8.88 -21.20
C SER E 177 7.10 8.14 -21.44
N PHE E 178 6.43 8.51 -22.53
CA PHE E 178 5.12 7.97 -22.86
C PHE E 178 5.15 6.93 -23.96
N GLU E 179 6.31 6.69 -24.59
CA GLU E 179 6.33 5.87 -25.79
C GLU E 179 5.85 4.45 -25.47
N PRO E 180 5.04 3.87 -26.36
CA PRO E 180 4.57 2.50 -26.12
C PRO E 180 5.71 1.49 -26.13
N ILE E 181 5.59 0.49 -25.27
CA ILE E 181 6.52 -0.64 -25.19
C ILE E 181 5.69 -1.90 -25.19
N PRO E 182 5.93 -2.86 -26.07
CA PRO E 182 5.07 -4.05 -26.14
C PRO E 182 5.02 -4.77 -24.81
N ILE E 183 3.83 -5.25 -24.45
CA ILE E 183 3.65 -6.05 -23.24
C ILE E 183 2.82 -7.28 -23.58
N HIS E 184 3.21 -8.41 -23.00
CA HIS E 184 2.50 -9.66 -23.17
C HIS E 184 1.66 -9.93 -21.93
N TYR E 185 0.53 -10.57 -22.10
CA TYR E 185 -0.34 -10.93 -20.98
C TYR E 185 -0.28 -12.44 -20.76
N CYS E 186 0.48 -12.87 -19.75
CA CYS E 186 0.66 -14.29 -19.46
C CYS E 186 -0.16 -14.71 -18.27
N ALA E 187 -1.00 -15.74 -18.47
CA ALA E 187 -1.92 -16.26 -17.47
C ALA E 187 -1.16 -17.08 -16.43
N PRO E 188 -1.72 -17.21 -15.23
CA PRO E 188 -1.01 -17.94 -14.17
C PRO E 188 -0.87 -19.42 -14.47
N ALA E 189 -0.32 -20.19 -13.54
CA ALA E 189 -0.14 -21.61 -13.76
C ALA E 189 -1.39 -22.37 -13.36
N GLY E 190 -1.81 -23.29 -14.22
CA GLY E 190 -3.08 -23.95 -14.08
C GLY E 190 -4.14 -23.44 -15.02
N PHE E 191 -3.91 -22.30 -15.65
CA PHE E 191 -4.75 -21.76 -16.69
C PHE E 191 -3.98 -21.81 -18.00
N ALA E 192 -4.69 -21.56 -19.11
CA ALA E 192 -4.06 -21.55 -20.41
C ALA E 192 -4.82 -20.58 -21.29
N ILE E 193 -4.18 -20.18 -22.39
CA ILE E 193 -4.76 -19.24 -23.33
C ILE E 193 -4.97 -19.96 -24.65
N LEU E 194 -6.16 -19.85 -25.21
CA LEU E 194 -6.48 -20.48 -26.49
C LEU E 194 -6.54 -19.42 -27.57
N LYS E 195 -5.72 -19.55 -28.59
CA LYS E 195 -5.55 -18.53 -29.62
C LYS E 195 -6.03 -19.10 -30.95
N CYS E 196 -7.00 -18.44 -31.57
CA CYS E 196 -7.53 -18.92 -32.84
C CYS E 196 -6.57 -18.56 -33.96
N LYS E 197 -6.24 -19.52 -34.81
CA LYS E 197 -5.26 -19.34 -35.88
C LYS E 197 -5.89 -19.03 -37.22
N ASP E 198 -7.20 -18.93 -37.30
CA ASP E 198 -7.86 -18.73 -38.59
C ASP E 198 -7.48 -17.37 -39.17
N LYS E 199 -7.47 -17.30 -40.51
CA LYS E 199 -7.04 -16.11 -41.22
C LYS E 199 -8.17 -15.13 -41.53
N LYS E 200 -9.42 -15.54 -41.38
CA LYS E 200 -10.56 -14.69 -41.70
C LYS E 200 -11.54 -14.69 -40.55
N PHE E 201 -11.04 -14.53 -39.32
CA PHE E 201 -11.89 -14.64 -38.14
C PHE E 201 -12.52 -13.29 -37.83
N ASN E 202 -13.85 -13.24 -37.87
CA ASN E 202 -14.57 -12.01 -37.52
C ASN E 202 -15.03 -11.96 -36.08
N GLY E 203 -14.35 -12.69 -35.19
CA GLY E 203 -14.52 -12.52 -33.75
C GLY E 203 -15.72 -13.19 -33.14
N THR E 204 -16.42 -14.06 -33.86
CA THR E 204 -17.61 -14.71 -33.34
C THR E 204 -17.86 -16.00 -34.10
N GLY E 205 -18.10 -17.09 -33.38
CA GLY E 205 -18.39 -18.37 -33.98
C GLY E 205 -17.25 -19.35 -33.82
N PRO E 206 -17.49 -20.61 -34.16
CA PRO E 206 -16.47 -21.64 -33.94
C PRO E 206 -15.21 -21.36 -34.74
N CYS E 207 -14.08 -21.74 -34.16
CA CYS E 207 -12.77 -21.63 -34.82
C CYS E 207 -12.15 -23.02 -34.91
N PRO E 208 -12.20 -23.67 -36.08
CA PRO E 208 -11.78 -25.08 -36.15
C PRO E 208 -10.29 -25.31 -36.01
N SER E 209 -9.48 -24.28 -35.83
CA SER E 209 -8.02 -24.41 -35.76
C SER E 209 -7.51 -23.60 -34.58
N VAL E 210 -7.49 -24.19 -33.40
CA VAL E 210 -7.11 -23.50 -32.18
C VAL E 210 -5.71 -23.94 -31.76
N SER E 211 -4.96 -23.01 -31.20
CA SER E 211 -3.65 -23.29 -30.62
C SER E 211 -3.75 -23.21 -29.12
N THR E 212 -2.61 -23.32 -28.44
CA THR E 212 -2.54 -22.93 -27.04
C THR E 212 -1.23 -22.21 -26.85
N VAL E 213 -1.27 -21.13 -26.08
CA VAL E 213 -0.14 -20.23 -25.98
C VAL E 213 0.12 -19.96 -24.52
N GLN E 214 1.41 -19.85 -24.17
CA GLN E 214 1.73 -19.41 -22.81
C GLN E 214 1.26 -17.99 -22.59
N CYS E 215 1.48 -17.10 -23.56
CA CYS E 215 0.90 -15.76 -23.51
C CYS E 215 1.02 -15.01 -24.85
N THR E 216 0.22 -13.96 -24.95
CA THR E 216 -0.14 -13.33 -26.21
C THR E 216 1.07 -12.68 -26.87
N HIS E 217 0.88 -12.27 -28.12
CA HIS E 217 1.90 -11.52 -28.83
C HIS E 217 2.03 -10.14 -28.19
N GLY E 218 2.92 -9.32 -28.75
CA GLY E 218 3.16 -8.01 -28.19
C GLY E 218 2.11 -6.99 -28.54
N ILE E 219 1.35 -6.52 -27.55
CA ILE E 219 0.27 -5.58 -27.78
C ILE E 219 0.77 -4.20 -27.40
N LYS E 220 0.86 -3.30 -28.38
CA LYS E 220 1.33 -1.94 -28.13
C LYS E 220 0.19 -1.09 -27.57
N PRO E 221 0.33 -0.49 -26.40
CA PRO E 221 -0.72 0.38 -25.85
C PRO E 221 -0.70 1.79 -26.43
N VAL E 222 -0.98 1.89 -27.73
CA VAL E 222 -1.09 3.17 -28.41
C VAL E 222 -2.48 3.74 -28.16
N VAL E 223 -2.53 4.99 -27.73
CA VAL E 223 -3.79 5.69 -27.47
C VAL E 223 -4.01 6.71 -28.58
N SER E 224 -5.17 6.64 -29.21
CA SER E 224 -5.43 7.37 -30.45
C SER E 224 -6.92 7.57 -30.58
N THR E 225 -7.35 7.98 -31.78
CA THR E 225 -8.77 8.19 -32.04
C THR E 225 -9.00 8.31 -33.53
N GLN E 226 -10.02 7.62 -34.03
CA GLN E 226 -10.47 7.67 -35.42
C GLN E 226 -9.50 7.00 -36.37
N LEU E 227 -8.32 6.61 -35.90
CA LEU E 227 -7.29 6.05 -36.76
C LEU E 227 -6.37 5.19 -35.92
N LEU E 228 -6.47 3.88 -36.05
CA LEU E 228 -5.72 2.95 -35.21
C LEU E 228 -4.29 2.88 -35.73
N LEU E 229 -3.36 3.50 -35.01
CA LEU E 229 -1.98 3.58 -35.48
C LEU E 229 -1.14 2.43 -34.98
N ASN E 230 -0.24 1.98 -35.85
CA ASN E 230 0.83 1.01 -35.57
C ASN E 230 0.29 -0.40 -35.36
N GLY E 231 -1.01 -0.52 -35.13
CA GLY E 231 -1.80 -1.63 -35.62
C GLY E 231 -1.27 -3.05 -35.45
N SER E 232 -1.90 -3.95 -36.21
CA SER E 232 -1.47 -5.31 -36.50
C SER E 232 -2.40 -5.79 -37.61
N LEU E 233 -1.84 -6.35 -38.68
CA LEU E 233 -2.56 -6.43 -39.94
C LEU E 233 -3.25 -7.76 -40.16
N ALA E 234 -4.49 -7.68 -40.63
CA ALA E 234 -5.21 -8.85 -41.12
C ALA E 234 -4.46 -9.46 -42.30
N GLU E 235 -4.30 -10.78 -42.26
CA GLU E 235 -3.34 -11.43 -43.14
C GLU E 235 -3.80 -11.50 -44.58
N GLU E 236 -5.06 -11.85 -44.82
CA GLU E 236 -5.54 -12.07 -46.19
C GLU E 236 -6.31 -10.87 -46.75
N GLU E 237 -7.38 -10.45 -46.09
CA GLU E 237 -8.27 -9.44 -46.65
C GLU E 237 -8.79 -8.54 -45.54
N VAL E 238 -9.28 -7.37 -45.94
CA VAL E 238 -9.81 -6.40 -44.98
C VAL E 238 -11.06 -6.96 -44.32
N MET E 239 -11.14 -6.83 -43.00
CA MET E 239 -12.19 -7.45 -42.20
C MET E 239 -13.04 -6.39 -41.52
N ILE E 240 -14.35 -6.66 -41.38
CA ILE E 240 -15.31 -5.74 -40.80
C ILE E 240 -16.00 -6.40 -39.62
N ARG E 241 -16.10 -5.69 -38.50
CA ARG E 241 -16.52 -6.27 -37.23
C ARG E 241 -17.42 -5.32 -36.46
N SER E 242 -18.48 -5.83 -35.84
CA SER E 242 -19.33 -4.99 -35.00
C SER E 242 -20.30 -5.81 -34.17
N GLU E 243 -20.79 -5.17 -33.10
CA GLU E 243 -21.69 -5.80 -32.12
C GLU E 243 -23.02 -6.20 -32.74
N ASN E 244 -23.85 -5.21 -33.03
CA ASN E 244 -24.98 -5.15 -33.94
C ASN E 244 -24.39 -4.88 -35.32
N ILE E 245 -25.16 -5.13 -36.37
CA ILE E 245 -24.83 -4.57 -37.67
C ILE E 245 -26.04 -3.75 -38.08
N THR E 246 -27.17 -4.05 -37.47
CA THR E 246 -28.41 -3.36 -37.78
C THR E 246 -28.72 -2.26 -36.78
N ASN E 247 -27.83 -1.97 -35.84
CA ASN E 247 -27.95 -0.82 -34.96
C ASN E 247 -26.92 0.23 -35.35
N ASN E 248 -27.36 1.47 -35.46
CA ASN E 248 -26.48 2.55 -35.86
C ASN E 248 -25.71 3.16 -34.69
N ALA E 249 -25.95 2.70 -33.46
CA ALA E 249 -25.28 3.23 -32.30
C ALA E 249 -24.05 2.41 -31.89
N LYS E 250 -23.65 1.44 -32.70
CA LYS E 250 -22.48 0.61 -32.42
C LYS E 250 -21.41 0.87 -33.48
N ASN E 251 -20.18 1.06 -33.01
CA ASN E 251 -19.09 1.38 -33.92
C ASN E 251 -18.74 0.19 -34.79
N ILE E 252 -18.15 0.49 -35.95
CA ILE E 252 -17.65 -0.50 -36.87
C ILE E 252 -16.14 -0.39 -36.89
N LEU E 253 -15.44 -1.49 -36.70
CA LEU E 253 -13.99 -1.50 -36.74
C LEU E 253 -13.54 -2.02 -38.09
N VAL E 254 -12.44 -1.47 -38.60
CA VAL E 254 -11.88 -1.88 -39.88
C VAL E 254 -10.40 -2.17 -39.69
N GLN E 255 -9.92 -3.24 -40.31
CA GLN E 255 -8.51 -3.61 -40.27
C GLN E 255 -8.01 -3.80 -41.68
N PHE E 256 -6.93 -3.12 -42.04
CA PHE E 256 -6.35 -3.21 -43.37
C PHE E 256 -5.35 -4.36 -43.42
N ASN E 257 -5.10 -4.86 -44.62
CA ASN E 257 -4.08 -5.87 -44.83
C ASN E 257 -2.73 -5.31 -45.23
N THR E 258 -2.65 -4.01 -45.52
CA THR E 258 -1.42 -3.34 -45.91
C THR E 258 -1.38 -1.97 -45.26
N PRO E 259 -0.22 -1.56 -44.74
CA PRO E 259 -0.13 -0.28 -44.06
C PRO E 259 -0.24 0.90 -45.01
N VAL E 260 -0.62 2.05 -44.43
CA VAL E 260 -0.69 3.32 -45.13
C VAL E 260 0.05 4.32 -44.25
N GLN E 261 1.35 4.50 -44.49
CA GLN E 261 2.12 5.26 -43.53
C GLN E 261 1.81 6.75 -43.64
N ILE E 262 1.96 7.44 -42.50
CA ILE E 262 1.60 8.85 -42.36
C ILE E 262 2.83 9.57 -41.81
N ASN E 263 2.92 10.87 -42.08
CA ASN E 263 4.11 11.65 -41.78
C ASN E 263 3.74 12.95 -41.10
N CYS E 264 4.06 13.07 -39.81
CA CYS E 264 3.74 14.25 -39.02
C CYS E 264 5.00 15.06 -38.74
N THR E 265 4.82 16.37 -38.62
CA THR E 265 5.92 17.29 -38.34
C THR E 265 5.40 18.51 -37.60
N ARG E 266 6.29 19.13 -36.84
CA ARG E 266 6.01 20.38 -36.13
C ARG E 266 7.20 21.28 -36.37
N PRO E 267 7.12 22.23 -37.30
CA PRO E 267 8.34 22.85 -37.82
C PRO E 267 9.09 23.68 -36.81
N ASN E 268 8.39 24.39 -35.94
CA ASN E 268 9.01 25.39 -35.07
C ASN E 268 9.97 24.76 -34.08
N ASN E 269 10.59 25.62 -33.29
CA ASN E 269 11.74 25.28 -32.46
C ASN E 269 11.69 26.19 -31.24
N ASN E 270 11.03 25.74 -30.18
CA ASN E 270 10.77 26.57 -29.02
C ASN E 270 11.87 26.42 -27.97
N THR E 271 11.61 26.95 -26.78
CA THR E 271 12.62 27.03 -25.74
C THR E 271 11.94 26.86 -24.37
N ARG E 272 12.65 26.20 -23.46
CA ARG E 272 12.16 25.96 -22.12
C ARG E 272 12.66 27.04 -21.18
N LYS E 273 11.77 27.48 -20.29
CA LYS E 273 12.11 28.41 -19.23
C LYS E 273 11.56 27.86 -17.94
N SER E 274 12.35 27.92 -16.88
CA SER E 274 12.02 27.26 -15.63
C SER E 274 11.59 28.28 -14.57
N ILE E 275 10.30 28.58 -14.55
CA ILE E 275 9.71 29.36 -13.46
C ILE E 275 9.93 28.59 -12.16
N ARG E 276 9.99 29.29 -11.03
CA ARG E 276 10.01 28.66 -9.72
C ARG E 276 8.81 29.16 -8.93
N ILE E 277 8.02 28.22 -8.40
CA ILE E 277 6.75 28.54 -7.77
C ILE E 277 6.65 28.03 -6.33
N GLY E 278 7.79 27.86 -5.65
CA GLY E 278 7.78 27.39 -4.29
C GLY E 278 9.08 26.70 -3.94
N PRO E 279 9.21 26.26 -2.71
CA PRO E 279 10.41 25.52 -2.34
C PRO E 279 10.47 24.16 -3.01
N GLY E 280 11.33 24.04 -4.01
CA GLY E 280 11.56 22.77 -4.67
C GLY E 280 10.60 22.43 -5.79
N GLN E 281 9.90 23.41 -6.38
CA GLN E 281 8.95 23.15 -7.44
C GLN E 281 9.24 24.08 -8.61
N ALA E 282 9.58 23.52 -9.77
CA ALA E 282 9.90 24.30 -10.95
C ALA E 282 8.84 24.08 -12.01
N PHE E 283 8.30 25.16 -12.55
CA PHE E 283 7.27 25.11 -13.58
C PHE E 283 7.91 25.39 -14.92
N TYR E 284 7.86 24.41 -15.83
CA TYR E 284 8.63 24.46 -17.07
C TYR E 284 7.81 25.12 -18.16
N ALA E 285 7.88 26.44 -18.23
CA ALA E 285 7.09 27.25 -19.14
C ALA E 285 7.84 27.51 -20.43
N THR E 286 7.09 27.87 -21.47
CA THR E 286 7.67 28.14 -22.77
C THR E 286 8.33 29.51 -22.78
N GLY E 287 9.42 29.64 -23.52
CA GLY E 287 10.19 30.86 -23.59
C GLY E 287 9.88 31.61 -24.86
N ASP E 288 10.71 31.44 -25.88
CA ASP E 288 10.55 32.09 -27.16
C ASP E 288 10.35 31.05 -28.25
N ILE E 289 9.71 31.47 -29.32
CA ILE E 289 9.64 30.70 -30.56
C ILE E 289 10.72 31.22 -31.50
N ILE E 290 11.58 30.32 -31.97
CA ILE E 290 12.74 30.69 -32.76
C ILE E 290 12.39 30.43 -34.22
N GLY E 291 12.08 31.49 -34.95
CA GLY E 291 11.73 31.34 -36.34
C GLY E 291 10.39 31.95 -36.67
N ASP E 292 9.71 31.42 -37.66
CA ASP E 292 8.40 31.90 -38.05
C ASP E 292 7.34 30.81 -37.90
N ILE E 293 6.10 31.24 -37.71
CA ILE E 293 5.02 30.36 -37.27
C ILE E 293 4.45 29.68 -38.51
N ARG E 294 5.02 28.55 -38.88
CA ARG E 294 4.35 27.72 -39.87
C ARG E 294 3.40 26.75 -39.17
N GLN E 295 2.53 26.13 -39.94
CA GLN E 295 1.50 25.28 -39.37
C GLN E 295 2.07 23.90 -39.07
N ALA E 296 1.29 23.10 -38.35
CA ALA E 296 1.66 21.74 -38.00
C ALA E 296 0.76 20.76 -38.73
N HIS E 297 1.37 19.81 -39.43
CA HIS E 297 0.61 19.02 -40.39
C HIS E 297 1.14 17.59 -40.46
N CYS E 298 0.33 16.72 -41.06
CA CYS E 298 0.65 15.31 -41.25
C CYS E 298 0.12 14.92 -42.62
N ASN E 299 1.00 14.50 -43.54
CA ASN E 299 0.51 14.57 -44.91
C ASN E 299 -0.56 13.56 -45.31
N VAL E 300 -0.20 12.51 -46.06
CA VAL E 300 -0.71 11.15 -46.14
C VAL E 300 -0.22 10.82 -47.56
N SER E 301 -0.10 9.57 -47.96
CA SER E 301 -0.03 9.35 -49.41
C SER E 301 -1.36 9.75 -50.06
N LYS E 302 -1.45 9.61 -51.38
CA LYS E 302 -2.75 9.85 -52.00
C LYS E 302 -3.21 8.74 -52.93
N ALA E 303 -2.30 8.11 -53.66
CA ALA E 303 -2.68 6.91 -54.38
C ALA E 303 -2.91 5.75 -53.44
N THR E 304 -2.21 5.74 -52.31
CA THR E 304 -2.41 4.69 -51.31
C THR E 304 -3.75 4.85 -50.62
N TRP E 305 -4.07 6.05 -50.15
CA TRP E 305 -5.35 6.26 -49.48
C TRP E 305 -6.52 6.05 -50.42
N ASN E 306 -6.35 6.24 -51.71
CA ASN E 306 -7.44 6.00 -52.63
C ASN E 306 -7.64 4.50 -52.86
N GLU E 307 -6.55 3.75 -52.99
CA GLU E 307 -6.67 2.29 -53.11
C GLU E 307 -7.26 1.70 -51.84
N THR E 308 -6.68 2.04 -50.69
CA THR E 308 -7.10 1.45 -49.41
C THR E 308 -8.55 1.76 -49.11
N LEU E 309 -9.00 2.97 -49.42
CA LEU E 309 -10.41 3.26 -49.25
C LEU E 309 -11.25 2.50 -50.27
N GLY E 310 -10.64 2.05 -51.36
CA GLY E 310 -11.36 1.23 -52.33
C GLY E 310 -11.43 -0.23 -51.97
N LYS E 311 -10.55 -0.70 -51.09
CA LYS E 311 -10.67 -2.05 -50.57
C LYS E 311 -11.68 -2.13 -49.43
N VAL E 312 -11.90 -1.03 -48.74
CA VAL E 312 -12.88 -1.03 -47.66
C VAL E 312 -14.29 -1.16 -48.22
N VAL E 313 -14.57 -0.49 -49.33
CA VAL E 313 -15.93 -0.52 -49.87
C VAL E 313 -16.27 -1.90 -50.41
N LYS E 314 -15.31 -2.59 -51.02
CA LYS E 314 -15.59 -3.91 -51.58
C LYS E 314 -15.95 -4.90 -50.49
N GLN E 315 -15.25 -4.86 -49.35
CA GLN E 315 -15.58 -5.75 -48.23
C GLN E 315 -16.86 -5.33 -47.53
N LEU E 316 -17.07 -4.03 -47.38
CA LEU E 316 -18.22 -3.56 -46.62
C LEU E 316 -19.52 -3.63 -47.41
N ARG E 317 -19.46 -3.83 -48.73
CA ARG E 317 -20.67 -4.10 -49.48
C ARG E 317 -21.28 -5.46 -49.14
N LYS E 318 -20.48 -6.40 -48.63
CA LYS E 318 -20.99 -7.72 -48.29
C LYS E 318 -22.03 -7.67 -47.18
N HIS E 319 -22.12 -6.56 -46.44
CA HIS E 319 -23.11 -6.45 -45.39
C HIS E 319 -24.20 -5.44 -45.70
N PHE E 320 -24.08 -4.67 -46.78
CA PHE E 320 -25.05 -3.62 -47.05
C PHE E 320 -25.66 -3.67 -48.45
N GLY E 321 -25.37 -4.69 -49.24
CA GLY E 321 -26.02 -4.87 -50.52
C GLY E 321 -25.15 -4.45 -51.68
N ASN E 322 -25.44 -5.05 -52.83
CA ASN E 322 -24.66 -4.83 -54.04
C ASN E 322 -25.12 -3.62 -54.85
N ASN E 323 -26.22 -2.99 -54.47
CA ASN E 323 -26.74 -1.83 -55.20
C ASN E 323 -26.89 -0.63 -54.28
N THR E 324 -25.92 -0.41 -53.40
CA THR E 324 -25.98 0.66 -52.43
C THR E 324 -24.84 1.65 -52.67
N ILE E 325 -25.12 2.93 -52.42
CA ILE E 325 -24.16 4.01 -52.62
C ILE E 325 -23.47 4.28 -51.30
N ILE E 326 -22.19 3.93 -51.21
CA ILE E 326 -21.40 4.06 -50.00
C ILE E 326 -20.86 5.48 -49.95
N ARG E 327 -21.15 6.19 -48.87
CA ARG E 327 -20.78 7.59 -48.72
C ARG E 327 -19.97 7.80 -47.46
N PHE E 328 -18.97 8.68 -47.52
CA PHE E 328 -18.15 9.04 -46.39
C PHE E 328 -18.25 10.54 -46.17
N ALA E 329 -18.59 10.94 -44.95
CA ALA E 329 -18.77 12.35 -44.61
C ALA E 329 -17.67 12.78 -43.64
N ASN E 330 -17.68 14.00 -43.11
CA ASN E 330 -16.70 14.47 -42.11
C ASN E 330 -17.44 14.50 -40.78
N SER E 331 -16.68 14.64 -39.69
CA SER E 331 -17.02 13.86 -38.52
C SER E 331 -18.36 14.13 -37.87
N SER E 332 -18.46 15.09 -36.95
CA SER E 332 -19.79 15.46 -36.48
C SER E 332 -19.94 16.91 -36.05
N GLY E 333 -18.94 17.39 -35.34
CA GLY E 333 -19.13 18.42 -34.34
C GLY E 333 -19.36 17.77 -32.98
N GLY E 334 -18.86 18.46 -31.95
CA GLY E 334 -18.92 17.91 -30.60
C GLY E 334 -17.67 18.19 -29.79
N ASP E 335 -17.26 17.25 -28.96
CA ASP E 335 -16.01 17.41 -28.22
C ASP E 335 -14.83 17.37 -29.17
N LEU E 336 -13.69 17.87 -28.69
CA LEU E 336 -12.53 17.98 -29.56
C LEU E 336 -11.62 16.76 -29.48
N GLU E 337 -12.00 15.73 -28.72
CA GLU E 337 -11.34 14.43 -28.79
C GLU E 337 -12.08 13.44 -29.68
N VAL E 338 -13.35 13.72 -30.01
CA VAL E 338 -14.14 12.80 -30.80
C VAL E 338 -14.24 13.22 -32.27
N THR E 339 -14.14 14.51 -32.57
CA THR E 339 -14.21 14.99 -33.94
C THR E 339 -12.84 15.21 -34.56
N THR E 340 -11.76 14.87 -33.86
CA THR E 340 -10.41 15.14 -34.33
C THR E 340 -9.54 13.91 -34.11
N HIS E 341 -8.55 13.76 -34.98
CA HIS E 341 -7.68 12.58 -34.96
C HIS E 341 -6.59 12.77 -33.91
N SER E 342 -7.02 12.86 -32.66
CA SER E 342 -6.08 13.06 -31.57
C SER E 342 -5.07 11.93 -31.52
N PHE E 343 -3.81 12.27 -31.26
CA PHE E 343 -2.79 11.25 -31.08
C PHE E 343 -1.58 11.88 -30.41
N ASN E 344 -0.58 11.06 -30.14
CA ASN E 344 0.63 11.48 -29.44
C ASN E 344 1.86 10.96 -30.17
N CYS E 345 2.83 11.83 -30.39
CA CYS E 345 4.11 11.39 -30.94
C CYS E 345 5.17 12.41 -30.62
N GLY E 346 6.30 11.94 -30.12
CA GLY E 346 7.41 12.79 -29.76
C GLY E 346 7.31 13.41 -28.38
N GLY E 347 6.12 13.42 -27.79
CA GLY E 347 5.88 14.09 -26.53
C GLY E 347 4.94 15.27 -26.60
N GLU E 348 4.38 15.55 -27.77
CA GLU E 348 3.48 16.67 -27.98
C GLU E 348 2.19 16.15 -28.59
N PHE E 349 1.05 16.59 -28.06
CA PHE E 349 -0.24 16.02 -28.43
C PHE E 349 -0.85 16.82 -29.57
N PHE E 350 -0.98 16.20 -30.73
CA PHE E 350 -1.59 16.84 -31.89
C PHE E 350 -3.07 16.51 -31.97
N TYR E 351 -3.86 17.44 -32.51
CA TYR E 351 -5.30 17.25 -32.70
C TYR E 351 -5.64 17.60 -34.13
N CYS E 352 -5.46 16.67 -35.05
CA CYS E 352 -5.58 17.01 -36.47
C CYS E 352 -7.04 17.11 -36.89
N ASN E 353 -7.25 17.42 -38.17
CA ASN E 353 -8.58 17.75 -38.64
C ASN E 353 -9.25 16.57 -39.33
N THR E 354 -8.50 15.83 -40.15
CA THR E 354 -8.97 14.64 -40.87
C THR E 354 -10.34 14.85 -41.53
N SER E 355 -10.48 15.99 -42.22
CA SER E 355 -11.69 16.23 -43.00
C SER E 355 -11.48 16.01 -44.49
N GLY E 356 -10.25 16.04 -44.96
CA GLY E 356 -9.97 15.75 -46.35
C GLY E 356 -9.84 14.28 -46.65
N LEU E 357 -9.96 13.44 -45.63
CA LEU E 357 -9.82 11.99 -45.80
C LEU E 357 -11.19 11.37 -46.08
N PHE E 358 -12.14 11.60 -45.19
CA PHE E 358 -13.45 10.98 -45.33
C PHE E 358 -14.38 11.89 -46.11
N ASN E 359 -14.52 11.60 -47.40
CA ASN E 359 -15.24 12.42 -48.36
C ASN E 359 -15.62 11.47 -49.49
N SER E 360 -15.93 12.02 -50.66
CA SER E 360 -15.91 11.20 -51.86
C SER E 360 -16.90 10.03 -51.92
N THR E 361 -18.19 10.33 -52.11
CA THR E 361 -19.21 9.33 -52.40
C THR E 361 -18.75 8.30 -53.43
N TRP E 362 -19.20 7.04 -53.25
CA TRP E 362 -18.92 5.93 -54.14
C TRP E 362 -20.21 5.33 -54.68
N ILE E 363 -20.16 4.76 -55.88
CA ILE E 363 -21.25 4.00 -56.48
C ILE E 363 -20.71 2.69 -57.02
N SER E 364 -21.61 1.89 -57.59
CA SER E 364 -21.23 0.60 -58.17
C SER E 364 -20.31 0.79 -59.38
N ASN E 377 3.58 10.89 -55.34
CA ASN E 377 3.94 12.20 -55.86
C ASN E 377 2.97 13.27 -55.36
N ASP E 378 1.69 13.04 -55.58
CA ASP E 378 0.66 13.99 -55.16
C ASP E 378 0.17 13.58 -53.77
N SER E 379 -0.03 14.57 -52.89
CA SER E 379 -0.25 14.28 -51.48
C SER E 379 -1.42 15.08 -50.93
N ILE E 380 -1.86 14.68 -49.73
CA ILE E 380 -2.88 15.37 -48.95
C ILE E 380 -2.21 15.99 -47.75
N THR E 381 -2.74 17.12 -47.26
CA THR E 381 -2.20 17.78 -46.08
C THR E 381 -3.31 18.02 -45.07
N LEU E 382 -3.05 17.66 -43.81
CA LEU E 382 -4.01 17.78 -42.72
C LEU E 382 -3.59 18.89 -41.78
N PRO E 383 -4.39 19.92 -41.58
CA PRO E 383 -4.00 20.98 -40.65
C PRO E 383 -4.18 20.61 -39.20
N CYS E 384 -3.10 20.28 -38.50
CA CYS E 384 -3.18 19.78 -37.14
C CYS E 384 -3.09 20.96 -36.17
N ARG E 385 -3.48 20.73 -34.92
CA ARG E 385 -3.37 21.73 -33.88
C ARG E 385 -2.81 21.09 -32.63
N ILE E 386 -2.17 21.90 -31.80
CA ILE E 386 -1.48 21.41 -30.62
C ILE E 386 -2.20 21.92 -29.37
N LYS E 387 -2.04 21.18 -28.28
CA LYS E 387 -2.63 21.49 -26.99
C LYS E 387 -1.63 21.08 -25.92
N GLN E 388 -1.75 21.66 -24.73
CA GLN E 388 -0.80 21.36 -23.68
C GLN E 388 -1.42 20.97 -22.35
N ILE E 389 -2.74 21.03 -22.20
CA ILE E 389 -3.42 20.56 -21.01
C ILE E 389 -4.34 19.43 -21.43
N ILE E 390 -4.16 18.25 -20.85
CA ILE E 390 -4.78 17.03 -21.32
C ILE E 390 -5.87 16.57 -20.36
N ASN E 391 -6.91 15.95 -20.92
CA ASN E 391 -7.96 15.26 -20.16
C ASN E 391 -8.12 13.90 -20.83
N MET E 392 -7.43 12.88 -20.33
CA MET E 392 -7.12 11.74 -21.19
C MET E 392 -8.29 10.77 -21.33
N TRP E 393 -8.68 10.11 -20.25
CA TRP E 393 -9.55 8.94 -20.35
C TRP E 393 -11.02 9.28 -20.14
N GLN E 394 -11.48 10.43 -20.63
CA GLN E 394 -12.84 10.91 -20.39
C GLN E 394 -13.16 11.05 -18.91
N ARG E 395 -12.16 10.97 -18.05
CA ARG E 395 -12.38 11.17 -16.63
C ARG E 395 -12.61 12.64 -16.33
N ILE E 396 -13.32 12.89 -15.24
CA ILE E 396 -13.59 14.24 -14.78
C ILE E 396 -12.60 14.58 -13.67
N GLY E 397 -12.13 15.83 -13.66
CA GLY E 397 -11.39 16.32 -12.52
C GLY E 397 -9.97 15.84 -12.37
N GLN E 398 -9.35 15.37 -13.46
CA GLN E 398 -7.92 15.10 -13.46
C GLN E 398 -7.33 15.48 -14.80
N ALA E 399 -6.43 16.45 -14.79
CA ALA E 399 -5.80 16.95 -16.00
C ALA E 399 -4.29 16.82 -15.85
N MET E 400 -3.59 17.20 -16.91
CA MET E 400 -2.15 17.05 -16.99
C MET E 400 -1.60 18.26 -17.73
N TYR E 401 -0.29 18.41 -17.71
CA TYR E 401 0.35 19.51 -18.43
C TYR E 401 1.70 19.03 -18.93
N ALA E 402 1.78 18.71 -20.21
CA ALA E 402 3.01 18.16 -20.78
C ALA E 402 3.97 19.29 -21.13
N PRO E 403 5.13 19.38 -20.50
CA PRO E 403 6.03 20.51 -20.74
C PRO E 403 6.54 20.52 -22.17
N PRO E 404 7.09 21.63 -22.64
CA PRO E 404 7.42 21.75 -24.06
C PRO E 404 8.51 20.78 -24.49
N ILE E 405 8.65 20.67 -25.80
CA ILE E 405 9.67 19.82 -26.43
C ILE E 405 10.51 20.69 -27.34
N GLN E 406 11.82 20.72 -27.09
CA GLN E 406 12.72 21.46 -27.97
C GLN E 406 12.99 20.65 -29.23
N GLY E 407 13.12 21.33 -30.34
CA GLY E 407 13.53 20.70 -31.57
C GLY E 407 12.36 20.42 -32.47
N VAL E 408 12.68 20.05 -33.71
CA VAL E 408 11.68 19.73 -34.71
C VAL E 408 11.23 18.29 -34.49
N ILE E 409 9.93 18.09 -34.42
CA ILE E 409 9.35 16.79 -34.12
C ILE E 409 8.90 16.16 -35.44
N ARG E 410 9.36 14.93 -35.69
CA ARG E 410 8.91 14.15 -36.83
C ARG E 410 8.51 12.76 -36.35
N CYS E 411 7.49 12.20 -36.99
CA CYS E 411 6.96 10.92 -36.60
C CYS E 411 6.49 10.19 -37.85
N VAL E 412 6.80 8.90 -37.93
CA VAL E 412 6.43 8.12 -39.11
C VAL E 412 5.67 6.86 -38.71
N SER E 413 4.35 6.95 -38.66
CA SER E 413 3.58 5.83 -38.18
C SER E 413 2.73 5.23 -39.30
N ASN E 414 2.18 4.05 -39.02
CA ASN E 414 1.32 3.34 -39.96
C ASN E 414 -0.13 3.70 -39.67
N ILE E 415 -1.00 3.45 -40.63
CA ILE E 415 -2.44 3.54 -40.41
C ILE E 415 -3.02 2.19 -40.80
N THR E 416 -3.62 1.49 -39.84
CA THR E 416 -4.15 0.16 -40.10
C THR E 416 -5.53 -0.01 -39.50
N GLY E 417 -6.28 1.07 -39.36
CA GLY E 417 -7.59 0.92 -38.75
C GLY E 417 -8.45 2.15 -38.95
N LEU E 418 -9.73 1.97 -38.67
CA LEU E 418 -10.72 3.02 -38.70
C LEU E 418 -11.82 2.63 -37.73
N ILE E 419 -12.36 3.60 -37.02
CA ILE E 419 -13.49 3.37 -36.12
C ILE E 419 -14.64 4.20 -36.65
N LEU E 420 -15.42 3.62 -37.54
CA LEU E 420 -16.47 4.37 -38.21
C LEU E 420 -17.71 4.44 -37.32
N THR E 421 -18.82 4.90 -37.89
CA THR E 421 -20.16 4.83 -37.33
C THR E 421 -21.12 5.30 -38.39
N ARG E 422 -22.32 4.74 -38.40
CA ARG E 422 -23.27 4.96 -39.47
C ARG E 422 -24.32 5.98 -39.04
N ASP E 423 -24.89 6.67 -40.02
CA ASP E 423 -25.94 7.65 -39.76
C ASP E 423 -27.31 7.04 -39.94
N GLY E 424 -28.22 7.36 -39.02
CA GLY E 424 -29.57 6.86 -39.08
C GLY E 424 -30.28 7.25 -40.37
N GLY E 425 -30.48 6.28 -41.25
CA GLY E 425 -31.15 6.53 -42.51
C GLY E 425 -32.65 6.49 -42.37
N SER E 426 -33.32 6.43 -43.53
CA SER E 426 -34.76 6.30 -43.61
C SER E 426 -35.19 4.93 -44.12
N THR E 427 -34.27 3.96 -44.11
CA THR E 427 -34.51 2.56 -44.46
C THR E 427 -35.33 2.39 -45.74
N ASN E 428 -35.27 3.38 -46.62
CA ASN E 428 -36.00 3.33 -47.88
C ASN E 428 -35.16 3.86 -49.06
N SER E 429 -33.92 4.23 -48.83
CA SER E 429 -33.05 4.74 -49.88
C SER E 429 -31.76 3.93 -49.93
N THR E 430 -30.86 4.35 -50.82
CA THR E 430 -29.60 3.64 -51.04
C THR E 430 -28.38 4.50 -50.73
N THR E 431 -28.51 5.44 -49.80
CA THR E 431 -27.38 6.23 -49.34
C THR E 431 -27.04 5.81 -47.91
N GLU E 432 -25.76 5.55 -47.67
CA GLU E 432 -25.28 5.23 -46.33
C GLU E 432 -23.99 6.00 -46.07
N THR E 433 -23.93 6.66 -44.92
CA THR E 433 -22.86 7.59 -44.61
C THR E 433 -22.14 7.13 -43.35
N PHE E 434 -20.82 7.01 -43.45
CA PHE E 434 -19.99 6.50 -42.37
C PHE E 434 -19.09 7.63 -41.86
N ARG E 435 -19.59 8.38 -40.91
CA ARG E 435 -18.74 9.41 -40.36
C ARG E 435 -17.77 8.81 -39.35
N PRO E 436 -16.51 9.21 -39.32
CA PRO E 436 -15.61 8.68 -38.28
C PRO E 436 -16.10 9.05 -36.90
N GLY E 437 -15.83 8.17 -35.95
CA GLY E 437 -16.23 8.34 -34.56
C GLY E 437 -15.09 7.98 -33.64
N GLY E 438 -15.46 7.58 -32.43
CA GLY E 438 -14.47 7.25 -31.43
C GLY E 438 -14.92 7.61 -30.04
N GLY E 439 -14.02 8.17 -29.24
CA GLY E 439 -14.35 8.53 -27.88
C GLY E 439 -14.02 7.45 -26.88
N ASP E 440 -14.70 6.31 -26.97
CA ASP E 440 -14.45 5.19 -26.07
C ASP E 440 -13.11 4.55 -26.39
N MET E 441 -12.37 4.17 -25.35
CA MET E 441 -11.03 3.66 -25.53
C MET E 441 -10.94 2.14 -25.52
N ARG E 442 -12.00 1.44 -25.14
CA ARG E 442 -11.92 -0.01 -25.17
C ARG E 442 -11.93 -0.56 -26.58
N ASP E 443 -12.23 0.24 -27.58
CA ASP E 443 -12.29 -0.24 -28.95
C ASP E 443 -10.93 -0.23 -29.64
N ASN E 444 -9.92 0.43 -29.08
CA ASN E 444 -8.59 0.30 -29.66
C ASN E 444 -7.97 -1.03 -29.27
N TRP E 445 -8.25 -1.50 -28.07
CA TRP E 445 -7.68 -2.75 -27.57
C TRP E 445 -8.54 -3.97 -27.89
N ARG E 446 -9.82 -3.78 -28.13
CA ARG E 446 -10.63 -4.86 -28.64
C ARG E 446 -10.18 -5.31 -30.01
N SER E 447 -9.38 -4.51 -30.70
CA SER E 447 -8.87 -4.89 -32.01
C SER E 447 -7.57 -5.66 -31.92
N GLU E 448 -7.06 -5.91 -30.71
CA GLU E 448 -5.87 -6.73 -30.51
C GLU E 448 -6.15 -8.04 -29.79
N LEU E 449 -7.12 -8.02 -28.89
CA LEU E 449 -7.49 -9.16 -28.05
C LEU E 449 -8.76 -9.82 -28.56
N TYR E 450 -8.94 -9.89 -29.87
CA TYR E 450 -10.14 -10.47 -30.44
C TYR E 450 -10.01 -11.95 -30.73
N LYS E 451 -8.82 -12.51 -30.61
CA LYS E 451 -8.59 -13.90 -30.94
C LYS E 451 -8.29 -14.76 -29.73
N TYR E 452 -8.01 -14.15 -28.58
CA TYR E 452 -7.58 -14.89 -27.41
C TYR E 452 -8.77 -15.26 -26.52
N LYS E 453 -8.52 -16.21 -25.63
CA LYS E 453 -9.53 -16.72 -24.72
C LYS E 453 -8.81 -17.46 -23.61
N VAL E 454 -9.18 -17.21 -22.36
CA VAL E 454 -8.52 -17.79 -21.20
C VAL E 454 -9.38 -18.93 -20.66
N VAL E 455 -8.73 -20.07 -20.35
CA VAL E 455 -9.44 -21.26 -19.90
C VAL E 455 -8.78 -21.80 -18.65
N LYS E 456 -9.50 -22.71 -17.97
CA LYS E 456 -9.08 -23.28 -16.70
C LYS E 456 -9.05 -24.79 -16.81
N ILE E 457 -7.89 -25.39 -16.53
CA ILE E 457 -7.71 -26.82 -16.71
C ILE E 457 -8.33 -27.57 -15.53
N GLU E 458 -8.91 -28.75 -15.79
CA GLU E 458 -9.45 -29.62 -14.76
C GLU E 458 -8.79 -30.99 -14.86
N PRO E 459 -7.75 -31.25 -14.09
CA PRO E 459 -6.88 -32.39 -14.40
C PRO E 459 -7.25 -33.70 -13.73
N LEU E 460 -8.47 -33.87 -13.24
CA LEU E 460 -8.81 -35.08 -12.51
C LEU E 460 -10.02 -35.74 -13.14
N GLY E 461 -10.02 -37.07 -13.21
CA GLY E 461 -11.11 -37.79 -13.82
C GLY E 461 -11.11 -39.24 -13.42
N VAL E 462 -12.29 -39.86 -13.47
CA VAL E 462 -12.50 -41.23 -13.05
C VAL E 462 -13.14 -42.00 -14.19
N ALA E 463 -12.68 -43.24 -14.40
CA ALA E 463 -13.17 -44.05 -15.52
C ALA E 463 -13.22 -45.50 -15.10
N PRO E 464 -14.07 -46.32 -15.73
CA PRO E 464 -14.09 -47.75 -15.44
C PRO E 464 -12.97 -48.46 -16.17
N THR E 465 -12.54 -49.58 -15.61
CA THR E 465 -11.44 -50.33 -16.20
C THR E 465 -11.63 -51.78 -15.77
N ARG E 466 -10.73 -52.65 -16.21
CA ARG E 466 -10.72 -54.04 -15.81
C ARG E 466 -9.79 -54.31 -14.62
N CYS E 467 -8.96 -53.35 -14.24
CA CYS E 467 -7.96 -53.55 -13.21
C CYS E 467 -8.61 -53.56 -11.82
N LYS E 468 -7.81 -53.89 -10.81
CA LYS E 468 -8.26 -53.88 -9.42
C LYS E 468 -7.03 -53.79 -8.53
N ARG E 469 -7.21 -53.25 -7.34
CA ARG E 469 -6.12 -53.20 -6.36
C ARG E 469 -6.14 -54.46 -5.53
N ARG E 470 -5.07 -55.23 -5.58
CA ARG E 470 -5.00 -56.47 -4.82
C ARG E 470 -5.00 -56.18 -3.32
N LEU F 2 3.94 -53.96 22.41
CA LEU F 2 3.30 -52.72 21.99
C LEU F 2 4.22 -51.91 21.10
N TRP F 3 3.69 -51.39 20.01
CA TRP F 3 4.48 -50.64 19.04
C TRP F 3 3.77 -49.32 18.72
N VAL F 4 4.53 -48.23 18.67
CA VAL F 4 3.95 -46.92 18.45
C VAL F 4 3.20 -46.88 17.12
N THR F 5 2.09 -46.12 17.09
CA THR F 5 1.31 -45.96 15.87
C THR F 5 0.85 -44.52 15.75
N VAL F 6 0.97 -43.95 14.55
CA VAL F 6 0.78 -42.52 14.32
C VAL F 6 -0.56 -42.28 13.64
N TYR F 7 -1.41 -41.45 14.25
CA TYR F 7 -2.73 -41.12 13.74
C TYR F 7 -2.75 -39.65 13.35
N TYR F 8 -3.26 -39.35 12.16
CA TYR F 8 -3.29 -37.99 11.64
C TYR F 8 -4.74 -37.57 11.41
N GLY F 9 -5.20 -36.57 12.16
CA GLY F 9 -6.55 -36.09 12.01
C GLY F 9 -7.39 -36.26 13.26
N VAL F 10 -6.76 -36.19 14.43
CA VAL F 10 -7.46 -36.42 15.69
C VAL F 10 -8.12 -35.14 16.16
N PRO F 11 -9.19 -35.22 16.95
CA PRO F 11 -9.87 -34.02 17.50
C PRO F 11 -9.29 -33.44 18.79
N VAL F 12 -8.23 -32.65 18.65
CA VAL F 12 -7.62 -31.92 19.75
C VAL F 12 -7.55 -30.46 19.36
N TRP F 13 -7.74 -29.56 20.32
CA TRP F 13 -7.63 -28.14 20.04
C TRP F 13 -6.96 -27.44 21.21
N LYS F 14 -6.30 -26.33 20.91
CA LYS F 14 -5.69 -25.46 21.91
C LYS F 14 -6.11 -24.03 21.64
N ASP F 15 -6.21 -23.23 22.71
CA ASP F 15 -6.51 -21.82 22.56
C ASP F 15 -5.52 -21.16 21.62
N ALA F 16 -5.98 -20.14 20.90
CA ALA F 16 -5.11 -19.36 20.03
C ALA F 16 -5.79 -18.05 19.71
N GLU F 17 -5.06 -17.18 19.02
CA GLU F 17 -5.59 -15.91 18.54
C GLU F 17 -5.03 -15.64 17.15
N THR F 18 -5.88 -15.21 16.23
CA THR F 18 -5.48 -15.06 14.84
C THR F 18 -6.30 -13.95 14.20
N THR F 19 -6.20 -13.85 12.88
CA THR F 19 -6.83 -12.78 12.11
C THR F 19 -8.04 -13.34 11.38
N LEU F 20 -9.19 -12.69 11.54
CA LEU F 20 -10.43 -13.13 10.94
C LEU F 20 -10.80 -12.18 9.81
N PHE F 21 -11.69 -12.61 8.92
CA PHE F 21 -12.06 -11.77 7.79
C PHE F 21 -13.57 -11.74 7.58
N CYS F 22 -14.01 -10.89 6.65
CA CYS F 22 -15.43 -10.71 6.36
C CYS F 22 -16.08 -11.97 5.83
N ALA F 23 -17.40 -11.89 5.73
CA ALA F 23 -18.17 -12.58 4.70
C ALA F 23 -19.54 -11.92 4.69
N SER F 24 -19.91 -11.27 3.60
CA SER F 24 -21.14 -10.50 3.60
C SER F 24 -21.77 -10.54 2.22
N ASP F 25 -22.96 -11.11 2.13
CA ASP F 25 -23.65 -11.34 0.86
C ASP F 25 -23.85 -10.07 0.06
N LYS F 33 -23.46 2.45 -5.00
CA LYS F 33 -23.18 3.29 -3.84
C LYS F 33 -22.36 2.50 -2.82
N HIS F 34 -21.21 3.05 -2.44
CA HIS F 34 -20.25 2.33 -1.63
C HIS F 34 -20.57 2.49 -0.14
N ASN F 35 -20.49 1.39 0.59
CA ASN F 35 -20.56 1.44 2.05
C ASN F 35 -19.18 1.72 2.62
N VAL F 36 -19.17 2.28 3.83
CA VAL F 36 -17.91 2.47 4.52
C VAL F 36 -17.28 1.11 4.84
N TRP F 37 -18.06 0.22 5.42
CA TRP F 37 -17.63 -1.16 5.69
C TRP F 37 -17.78 -1.93 4.39
N ALA F 38 -16.70 -1.95 3.61
CA ALA F 38 -16.77 -2.14 2.16
C ALA F 38 -17.22 -3.55 1.85
N THR F 39 -18.54 -3.74 1.79
CA THR F 39 -19.12 -5.02 1.47
C THR F 39 -18.86 -5.42 0.02
N HIS F 40 -18.12 -4.59 -0.72
CA HIS F 40 -17.76 -4.96 -2.09
C HIS F 40 -16.39 -5.62 -2.19
N ALA F 41 -15.62 -5.66 -1.10
CA ALA F 41 -14.35 -6.36 -1.05
C ALA F 41 -14.30 -7.46 -0.01
N CYS F 42 -15.43 -7.81 0.60
CA CYS F 42 -15.51 -8.93 1.52
C CYS F 42 -16.00 -10.18 0.79
N VAL F 43 -15.50 -11.33 1.22
CA VAL F 43 -15.85 -12.61 0.59
C VAL F 43 -17.37 -12.82 0.66
N PRO F 44 -18.00 -13.42 -0.33
CA PRO F 44 -19.41 -13.79 -0.18
C PRO F 44 -19.57 -15.00 0.73
N THR F 45 -20.74 -15.09 1.37
CA THR F 45 -20.98 -16.07 2.42
C THR F 45 -21.24 -17.45 1.82
N ASP F 46 -21.80 -18.34 2.63
CA ASP F 46 -22.13 -19.69 2.20
C ASP F 46 -23.60 -20.01 2.46
N GLN F 50 -24.64 -25.61 8.95
CA GLN F 50 -23.19 -25.71 8.94
C GLN F 50 -22.69 -25.63 10.37
N GLU F 51 -23.61 -25.83 11.31
CA GLU F 51 -23.31 -25.83 12.74
C GLU F 51 -23.41 -27.26 13.28
N ILE F 52 -22.35 -27.73 13.93
CA ILE F 52 -22.24 -29.10 14.39
C ILE F 52 -22.30 -29.11 15.91
N HIS F 53 -22.79 -30.20 16.48
CA HIS F 53 -22.94 -30.33 17.92
C HIS F 53 -21.81 -31.17 18.50
N LEU F 54 -21.21 -30.70 19.58
CA LEU F 54 -20.08 -31.36 20.22
C LEU F 54 -20.57 -31.96 21.54
N GLU F 55 -20.70 -33.29 21.57
CA GLU F 55 -21.26 -33.95 22.74
C GLU F 55 -20.15 -34.36 23.71
N ASN F 56 -20.54 -34.60 24.97
CA ASN F 56 -19.66 -34.95 26.08
C ASN F 56 -18.77 -33.78 26.51
N VAL F 57 -18.91 -32.64 25.83
CA VAL F 57 -17.87 -31.61 25.83
C VAL F 57 -18.23 -30.50 26.81
N THR F 58 -17.27 -30.08 27.63
CA THR F 58 -17.43 -28.93 28.50
C THR F 58 -16.23 -28.00 28.33
N GLU F 59 -16.52 -26.73 28.03
CA GLU F 59 -15.51 -25.78 27.56
C GLU F 59 -15.63 -24.47 28.33
N GLU F 60 -14.58 -24.10 29.05
CA GLU F 60 -14.59 -22.89 29.85
C GLU F 60 -14.53 -21.66 28.96
N PHE F 61 -15.34 -20.66 29.27
CA PHE F 61 -15.45 -19.43 28.49
C PHE F 61 -15.05 -18.23 29.33
N ASN F 62 -14.80 -17.12 28.66
CA ASN F 62 -14.58 -15.84 29.34
C ASN F 62 -14.76 -14.74 28.30
N MET F 63 -15.74 -13.87 28.50
CA MET F 63 -16.10 -12.87 27.50
C MET F 63 -15.37 -11.55 27.66
N TRP F 64 -14.66 -11.36 28.77
CA TRP F 64 -13.94 -10.12 29.01
C TRP F 64 -12.47 -10.20 28.63
N LYS F 65 -11.91 -11.40 28.58
CA LYS F 65 -10.60 -11.65 28.01
C LYS F 65 -10.73 -12.27 26.63
N ASN F 66 -11.77 -11.86 25.92
CA ASN F 66 -11.94 -12.22 24.53
C ASN F 66 -10.95 -11.44 23.69
N ASN F 67 -10.64 -11.97 22.51
CA ASN F 67 -9.79 -11.25 21.58
C ASN F 67 -10.48 -10.96 20.27
N MET F 68 -11.63 -11.58 20.01
CA MET F 68 -12.38 -11.22 18.82
C MET F 68 -12.85 -9.79 18.89
N VAL F 69 -12.86 -9.19 20.09
CA VAL F 69 -13.33 -7.83 20.27
C VAL F 69 -12.26 -6.83 19.86
N GLU F 70 -11.05 -6.97 20.40
CA GLU F 70 -9.99 -6.04 20.06
C GLU F 70 -9.60 -6.09 18.61
N GLN F 71 -10.00 -7.10 17.86
CA GLN F 71 -9.84 -7.07 16.42
C GLN F 71 -10.98 -6.38 15.73
N MET F 72 -12.18 -6.44 16.30
CA MET F 72 -13.30 -5.78 15.66
C MET F 72 -13.27 -4.29 15.90
N HIS F 73 -12.66 -3.85 17.00
CA HIS F 73 -12.60 -2.43 17.28
C HIS F 73 -11.59 -1.74 16.39
N THR F 74 -10.53 -2.43 16.00
CA THR F 74 -9.54 -1.85 15.12
C THR F 74 -9.98 -1.90 13.66
N ASP F 75 -10.67 -2.96 13.26
CA ASP F 75 -11.15 -3.05 11.89
C ASP F 75 -12.22 -2.02 11.62
N ILE F 76 -13.05 -1.70 12.60
CA ILE F 76 -14.09 -0.70 12.38
C ILE F 76 -13.49 0.68 12.25
N ILE F 77 -12.49 1.00 13.07
CA ILE F 77 -11.84 2.31 12.99
C ILE F 77 -11.11 2.47 11.66
N SER F 78 -10.35 1.46 11.28
CA SER F 78 -9.52 1.58 10.07
C SER F 78 -10.32 1.49 8.79
N LEU F 79 -11.52 0.95 8.80
CA LEU F 79 -12.43 1.11 7.68
C LEU F 79 -13.06 2.47 7.65
N TRP F 80 -13.16 3.12 8.79
CA TRP F 80 -13.78 4.45 8.84
C TRP F 80 -12.93 5.46 8.10
N ASP F 81 -11.64 5.53 8.43
CA ASP F 81 -10.80 6.59 7.89
C ASP F 81 -9.93 6.15 6.73
N GLN F 82 -10.31 5.11 5.99
CA GLN F 82 -9.79 5.00 4.62
C GLN F 82 -10.82 5.52 3.65
N SER F 83 -12.09 5.49 4.05
CA SER F 83 -13.18 6.06 3.28
C SER F 83 -13.32 7.55 3.54
N LEU F 84 -12.39 8.13 4.29
CA LEU F 84 -12.32 9.57 4.49
C LEU F 84 -11.15 10.20 3.77
N LYS F 85 -10.16 9.42 3.37
CA LYS F 85 -8.97 9.97 2.73
C LYS F 85 -9.25 10.64 1.38
N PRO F 86 -9.97 10.03 0.44
CA PRO F 86 -9.83 10.43 -0.96
C PRO F 86 -10.56 11.70 -1.37
N CYS F 87 -11.28 12.37 -0.49
CA CYS F 87 -12.15 13.45 -0.92
C CYS F 87 -12.12 14.60 0.09
N VAL F 88 -12.94 15.62 -0.19
CA VAL F 88 -12.59 17.03 0.03
C VAL F 88 -12.05 17.30 1.43
N LYS F 89 -11.14 18.27 1.52
CA LYS F 89 -10.59 18.75 2.78
C LYS F 89 -10.89 20.23 2.92
N LEU F 90 -11.69 20.59 3.92
CA LEU F 90 -12.22 21.96 4.05
C LEU F 90 -11.39 22.78 5.03
N THR F 91 -10.11 22.90 4.77
CA THR F 91 -9.33 23.80 5.63
C THR F 91 -9.61 25.28 5.42
N PRO F 92 -10.06 25.76 4.24
CA PRO F 92 -10.39 27.19 4.16
C PRO F 92 -11.51 27.65 5.08
N LEU F 93 -12.42 26.77 5.52
CA LEU F 93 -13.58 27.25 6.28
C LEU F 93 -13.22 27.86 7.62
N CYS F 94 -12.02 27.63 8.13
CA CYS F 94 -11.60 28.38 9.32
C CYS F 94 -11.30 29.83 8.94
N VAL F 95 -12.37 30.61 8.89
CA VAL F 95 -12.28 32.05 8.77
C VAL F 95 -13.22 32.66 9.81
N THR F 96 -13.36 33.98 9.76
CA THR F 96 -14.22 34.71 10.68
C THR F 96 -15.59 34.90 10.08
N LEU F 97 -16.62 34.54 10.83
CA LEU F 97 -18.00 34.58 10.37
C LEU F 97 -18.71 35.76 11.01
N GLN F 98 -19.71 36.30 10.31
CA GLN F 98 -20.60 37.32 10.85
C GLN F 98 -21.99 36.71 10.90
N CYS F 99 -22.42 36.26 12.07
CA CYS F 99 -23.60 35.41 12.18
C CYS F 99 -24.74 36.14 12.88
N THR F 100 -25.90 36.18 12.23
CA THR F 100 -27.10 36.77 12.79
C THR F 100 -28.16 35.68 12.95
N ASN F 101 -29.12 35.88 13.85
CA ASN F 101 -30.12 34.88 14.17
C ASN F 101 -31.07 34.66 13.01
N VAL F 102 -31.54 33.43 12.78
CA VAL F 102 -32.41 33.16 11.64
C VAL F 102 -33.82 33.64 11.93
N THR F 103 -34.18 33.75 13.20
CA THR F 103 -35.51 34.22 13.58
C THR F 103 -35.50 35.70 13.94
N GLY F 112 -32.15 31.10 18.20
CA GLY F 112 -30.91 30.82 18.91
C GLY F 112 -30.38 29.45 18.58
N GLU F 113 -31.06 28.78 17.66
CA GLU F 113 -30.66 27.44 17.23
C GLU F 113 -29.92 27.47 15.91
N LEU F 114 -30.47 28.13 14.89
CA LEU F 114 -29.79 28.29 13.62
C LEU F 114 -29.15 29.66 13.56
N LYS F 115 -28.08 29.79 12.77
CA LYS F 115 -27.45 31.08 12.51
C LYS F 115 -27.41 31.31 11.02
N ASN F 116 -27.07 32.53 10.60
CA ASN F 116 -27.03 32.83 9.18
C ASN F 116 -25.62 33.01 8.62
N CYS F 117 -24.66 33.50 9.41
CA CYS F 117 -23.25 33.22 9.18
C CYS F 117 -22.69 33.42 7.77
N SER F 118 -22.58 34.67 7.30
CA SER F 118 -21.91 34.97 6.04
C SER F 118 -20.42 35.21 6.26
N PHE F 119 -19.59 34.86 5.27
CA PHE F 119 -18.14 35.01 5.39
C PHE F 119 -17.51 35.24 4.02
N ASN F 120 -16.21 35.53 4.02
CA ASN F 120 -15.42 35.70 2.79
C ASN F 120 -14.63 34.43 2.57
N MET F 121 -14.76 33.84 1.38
CA MET F 121 -13.99 32.63 1.13
C MET F 121 -13.60 32.61 -0.34
N THR F 122 -12.54 31.87 -0.66
CA THR F 122 -11.84 31.99 -1.94
C THR F 122 -12.72 31.59 -3.11
N THR F 123 -12.16 31.72 -4.31
CA THR F 123 -12.82 31.40 -5.56
C THR F 123 -11.98 30.35 -6.29
N GLU F 124 -12.35 30.01 -7.52
CA GLU F 124 -11.47 29.18 -8.33
C GLU F 124 -10.30 29.98 -8.89
N LEU F 125 -10.38 31.31 -8.88
CA LEU F 125 -9.26 32.17 -9.24
C LEU F 125 -8.55 32.60 -7.96
N ARG F 126 -7.26 32.31 -7.89
CA ARG F 126 -6.55 32.33 -6.61
C ARG F 126 -6.47 33.70 -5.97
N ASP F 127 -6.73 34.79 -6.69
CA ASP F 127 -6.52 36.11 -6.14
C ASP F 127 -7.80 36.86 -5.82
N LYS F 128 -8.94 36.43 -6.34
CA LYS F 128 -10.22 37.06 -6.06
C LYS F 128 -10.82 36.51 -4.78
N LYS F 129 -11.84 37.19 -4.28
CA LYS F 129 -12.59 36.73 -3.13
C LYS F 129 -14.07 36.64 -3.45
N GLN F 130 -14.80 35.98 -2.56
CA GLN F 130 -16.20 35.68 -2.74
C GLN F 130 -16.89 36.00 -1.43
N LYS F 131 -18.13 36.46 -1.47
CA LYS F 131 -18.90 36.63 -0.26
C LYS F 131 -20.08 35.67 -0.31
N VAL F 132 -20.16 34.77 0.66
CA VAL F 132 -21.14 33.70 0.64
C VAL F 132 -21.88 33.65 1.96
N TYR F 133 -22.75 32.66 2.15
CA TYR F 133 -23.44 32.47 3.41
C TYR F 133 -23.92 31.03 3.49
N SER F 134 -24.33 30.63 4.70
CA SER F 134 -24.83 29.29 4.95
C SER F 134 -25.41 29.25 6.36
N LEU F 135 -26.28 28.27 6.60
CA LEU F 135 -26.97 28.15 7.88
C LEU F 135 -26.29 27.09 8.73
N PHE F 136 -25.77 27.50 9.88
CA PHE F 136 -25.08 26.61 10.80
C PHE F 136 -25.91 26.43 12.06
N TYR F 137 -25.94 25.22 12.58
CA TYR F 137 -26.54 25.02 13.88
C TYR F 137 -25.70 25.71 14.94
N ARG F 138 -26.30 25.92 16.11
CA ARG F 138 -25.57 26.63 17.16
C ARG F 138 -24.59 25.72 17.87
N LEU F 139 -24.63 24.42 17.60
CA LEU F 139 -23.72 23.48 18.24
C LEU F 139 -22.40 23.35 17.49
N ASP F 140 -22.13 24.23 16.53
CA ASP F 140 -20.92 24.15 15.74
C ASP F 140 -20.10 25.41 15.75
N VAL F 141 -20.60 26.50 16.31
CA VAL F 141 -19.88 27.76 16.34
C VAL F 141 -19.68 28.18 17.79
N VAL F 142 -18.46 28.57 18.11
CA VAL F 142 -18.12 29.14 19.41
C VAL F 142 -17.57 30.53 19.17
N GLN F 143 -18.11 31.52 19.86
CA GLN F 143 -17.74 32.86 19.46
C GLN F 143 -16.38 33.25 20.04
N ILE F 144 -15.73 34.20 19.39
CA ILE F 144 -14.49 34.77 19.88
C ILE F 144 -14.75 36.23 20.22
N ASN F 145 -14.50 36.59 21.47
CA ASN F 145 -14.98 37.84 22.03
C ASN F 145 -14.05 38.99 21.65
N ASN F 156 -24.62 42.51 13.99
CA ASN F 156 -24.13 41.16 13.82
C ASN F 156 -23.16 40.82 14.94
N LYS F 157 -22.72 39.58 15.00
CA LYS F 157 -21.67 39.19 15.92
C LYS F 157 -20.63 38.32 15.23
N GLU F 158 -19.72 37.79 16.04
CA GLU F 158 -18.47 37.22 15.59
C GLU F 158 -18.37 35.77 16.04
N TYR F 159 -17.95 34.87 15.15
CA TYR F 159 -17.97 33.45 15.47
C TYR F 159 -16.88 32.72 14.70
N ARG F 160 -16.74 31.42 15.00
CA ARG F 160 -15.87 30.53 14.25
C ARG F 160 -16.28 29.10 14.54
N LEU F 161 -15.82 28.18 13.70
CA LEU F 161 -16.24 26.79 13.80
C LEU F 161 -15.61 26.12 15.02
N ILE F 162 -16.30 25.12 15.56
CA ILE F 162 -15.91 24.58 16.86
C ILE F 162 -14.61 23.80 16.77
N ASN F 163 -14.45 22.97 15.73
CA ASN F 163 -13.22 22.21 15.53
C ASN F 163 -12.35 22.96 14.52
N CYS F 164 -11.78 24.05 14.99
CA CYS F 164 -10.80 24.79 14.24
C CYS F 164 -9.47 24.94 14.95
N ASN F 165 -9.46 24.96 16.27
CA ASN F 165 -8.22 24.80 17.02
C ASN F 165 -8.16 23.32 17.39
N THR F 166 -7.07 22.65 16.96
CA THR F 166 -6.82 21.25 17.24
C THR F 166 -7.77 20.30 16.55
N SER F 167 -8.10 20.56 15.28
CA SER F 167 -8.76 19.59 14.42
C SER F 167 -8.58 20.03 12.97
N ALA F 168 -8.80 19.11 12.05
CA ALA F 168 -8.72 19.40 10.63
C ALA F 168 -9.93 18.78 9.94
N ILE F 169 -10.84 19.62 9.50
CA ILE F 169 -12.14 19.18 9.03
C ILE F 169 -11.98 18.64 7.61
N THR F 170 -12.46 17.43 7.37
CA THR F 170 -12.47 16.82 6.05
C THR F 170 -13.90 16.43 5.73
N GLN F 171 -14.49 17.09 4.75
CA GLN F 171 -15.92 16.90 4.49
C GLN F 171 -16.23 15.44 4.24
N ALA F 172 -17.42 15.01 4.68
CA ALA F 172 -17.91 13.68 4.35
C ALA F 172 -18.03 13.55 2.86
N CYS F 173 -18.41 12.39 2.39
CA CYS F 173 -18.00 12.32 1.02
C CYS F 173 -19.18 11.87 0.18
N PRO F 174 -19.44 12.51 -0.96
CA PRO F 174 -20.84 12.66 -1.40
C PRO F 174 -21.59 11.37 -1.68
N LYS F 175 -20.91 10.28 -2.05
CA LYS F 175 -21.59 9.07 -2.48
C LYS F 175 -21.14 7.85 -1.69
N VAL F 176 -21.05 7.98 -0.37
CA VAL F 176 -20.78 6.85 0.51
C VAL F 176 -21.88 6.81 1.56
N SER F 177 -22.32 5.60 1.89
CA SER F 177 -23.39 5.44 2.86
C SER F 177 -22.84 5.16 4.24
N PHE F 178 -23.71 5.28 5.24
CA PHE F 178 -23.36 4.95 6.61
C PHE F 178 -24.19 3.80 7.17
N GLU F 179 -25.23 3.36 6.47
CA GLU F 179 -26.11 2.36 7.03
C GLU F 179 -25.35 1.06 7.28
N PRO F 180 -25.49 0.46 8.45
CA PRO F 180 -24.77 -0.78 8.73
C PRO F 180 -25.25 -1.93 7.85
N ILE F 181 -24.33 -2.84 7.55
CA ILE F 181 -24.61 -4.02 6.75
C ILE F 181 -24.07 -5.22 7.52
N PRO F 182 -24.83 -6.30 7.68
CA PRO F 182 -24.35 -7.43 8.47
C PRO F 182 -23.06 -8.01 7.87
N ILE F 183 -22.08 -8.25 8.75
CA ILE F 183 -20.81 -8.84 8.38
C ILE F 183 -20.58 -10.07 9.24
N HIS F 184 -20.13 -11.15 8.62
CA HIS F 184 -19.84 -12.40 9.29
C HIS F 184 -18.33 -12.56 9.38
N TYR F 185 -17.82 -12.89 10.57
CA TYR F 185 -16.39 -12.98 10.82
C TYR F 185 -15.92 -14.42 10.69
N CYS F 186 -15.47 -14.80 9.49
CA CYS F 186 -15.13 -16.19 9.20
C CYS F 186 -13.64 -16.46 9.44
N ALA F 187 -13.36 -17.45 10.27
CA ALA F 187 -11.99 -17.76 10.67
C ALA F 187 -11.28 -18.56 9.58
N PRO F 188 -9.95 -18.51 9.55
CA PRO F 188 -9.20 -19.20 8.48
C PRO F 188 -9.31 -20.70 8.56
N ALA F 189 -8.63 -21.42 7.67
CA ALA F 189 -8.66 -22.87 7.67
C ALA F 189 -7.59 -23.43 8.58
N GLY F 190 -7.97 -24.40 9.40
CA GLY F 190 -7.12 -24.86 10.48
C GLY F 190 -7.47 -24.30 11.84
N PHE F 191 -8.42 -23.38 11.90
CA PHE F 191 -8.94 -22.81 13.13
C PHE F 191 -10.45 -23.00 13.11
N ALA F 192 -11.08 -22.89 14.27
CA ALA F 192 -12.52 -23.09 14.35
C ALA F 192 -13.08 -22.19 15.43
N ILE F 193 -14.39 -21.95 15.37
CA ILE F 193 -15.05 -21.04 16.29
C ILE F 193 -16.06 -21.84 17.09
N LEU F 194 -15.94 -21.80 18.41
CA LEU F 194 -16.82 -22.54 19.30
C LEU F 194 -17.89 -21.61 19.86
N LYS F 195 -19.12 -22.07 19.83
CA LYS F 195 -20.29 -21.26 20.13
C LYS F 195 -21.03 -21.87 21.31
N CYS F 196 -21.29 -21.07 22.34
CA CYS F 196 -21.97 -21.56 23.53
C CYS F 196 -23.47 -21.40 23.35
N LYS F 197 -24.20 -22.51 23.35
CA LYS F 197 -25.64 -22.51 23.11
C LYS F 197 -26.46 -22.50 24.39
N ASP F 198 -25.82 -22.36 25.54
CA ASP F 198 -26.53 -22.18 26.79
C ASP F 198 -27.40 -20.93 26.71
N LYS F 199 -28.66 -21.05 27.11
CA LYS F 199 -29.61 -19.94 26.92
C LYS F 199 -29.66 -18.98 28.09
N LYS F 200 -28.82 -19.16 29.11
CA LYS F 200 -28.72 -18.22 30.21
C LYS F 200 -27.26 -17.92 30.49
N PHE F 201 -26.49 -17.62 29.45
CA PHE F 201 -25.05 -17.51 29.58
C PHE F 201 -24.65 -16.10 29.94
N ASN F 202 -24.17 -15.92 31.17
CA ASN F 202 -23.62 -14.65 31.63
C ASN F 202 -22.15 -14.48 31.32
N GLY F 203 -21.62 -15.21 30.34
CA GLY F 203 -20.33 -14.94 29.73
C GLY F 203 -19.12 -15.38 30.51
N THR F 204 -19.28 -16.18 31.57
CA THR F 204 -18.16 -16.61 32.37
C THR F 204 -18.48 -17.91 33.09
N GLY F 205 -17.66 -18.93 32.86
CA GLY F 205 -17.85 -20.21 33.50
C GLY F 205 -18.00 -21.31 32.47
N PRO F 206 -18.13 -22.55 32.94
CA PRO F 206 -18.26 -23.66 32.00
C PRO F 206 -19.58 -23.58 31.24
N CYS F 207 -19.55 -24.05 29.99
CA CYS F 207 -20.72 -24.06 29.13
C CYS F 207 -20.95 -25.48 28.64
N PRO F 208 -21.78 -26.27 29.32
CA PRO F 208 -21.84 -27.70 29.03
C PRO F 208 -22.45 -28.06 27.68
N SER F 209 -22.76 -27.09 26.83
CA SER F 209 -23.33 -27.36 25.52
C SER F 209 -22.74 -26.35 24.52
N VAL F 210 -21.67 -26.74 23.84
CA VAL F 210 -21.02 -25.89 22.86
C VAL F 210 -21.25 -26.49 21.48
N SER F 211 -20.81 -25.76 20.46
CA SER F 211 -20.94 -26.22 19.08
C SER F 211 -19.67 -25.88 18.31
N THR F 212 -19.71 -25.97 16.99
CA THR F 212 -18.59 -25.55 16.17
C THR F 212 -19.14 -24.92 14.91
N VAL F 213 -18.75 -23.68 14.66
CA VAL F 213 -19.30 -22.88 13.58
C VAL F 213 -18.15 -22.43 12.69
N GLN F 214 -18.39 -22.40 11.39
CA GLN F 214 -17.37 -21.84 10.50
C GLN F 214 -17.25 -20.34 10.70
N CYS F 215 -18.37 -19.63 10.86
CA CYS F 215 -18.35 -18.21 11.21
C CYS F 215 -19.70 -17.70 11.68
N THR F 216 -19.64 -16.58 12.39
CA THR F 216 -20.67 -16.11 13.29
C THR F 216 -21.96 -15.77 12.54
N HIS F 217 -22.98 -15.38 13.29
CA HIS F 217 -24.14 -14.75 12.71
C HIS F 217 -23.79 -13.32 12.33
N GLY F 218 -24.76 -12.60 11.79
CA GLY F 218 -24.50 -11.25 11.32
C GLY F 218 -24.45 -10.21 12.42
N ILE F 219 -23.34 -9.51 12.54
CA ILE F 219 -23.17 -8.48 13.56
C ILE F 219 -23.26 -7.13 12.87
N LYS F 220 -24.29 -6.36 13.17
CA LYS F 220 -24.43 -5.03 12.60
C LYS F 220 -23.53 -4.06 13.35
N PRO F 221 -22.59 -3.42 12.71
CA PRO F 221 -21.74 -2.44 13.39
C PRO F 221 -22.47 -1.11 13.60
N VAL F 222 -23.34 -1.10 14.61
CA VAL F 222 -24.14 0.08 14.94
C VAL F 222 -23.39 0.92 15.96
N VAL F 223 -23.33 2.22 15.71
CA VAL F 223 -22.76 3.20 16.63
C VAL F 223 -23.91 3.83 17.41
N SER F 224 -23.73 3.97 18.72
CA SER F 224 -24.80 4.43 19.60
C SER F 224 -24.20 4.74 20.96
N THR F 225 -25.06 5.07 21.92
CA THR F 225 -24.65 5.32 23.29
C THR F 225 -25.88 5.31 24.19
N GLN F 226 -25.72 4.69 25.36
CA GLN F 226 -26.73 4.64 26.42
C GLN F 226 -27.91 3.75 26.08
N LEU F 227 -28.02 3.30 24.84
CA LEU F 227 -29.15 2.45 24.43
C LEU F 227 -28.68 1.70 23.19
N LEU F 228 -28.57 0.37 23.28
CA LEU F 228 -28.06 -0.41 22.16
C LEU F 228 -29.19 -0.65 21.17
N LEU F 229 -29.01 -0.22 19.93
CA LEU F 229 -30.08 -0.25 18.95
C LEU F 229 -29.92 -1.40 17.96
N ASN F 230 -31.04 -2.04 17.68
CA ASN F 230 -31.24 -3.07 16.66
C ASN F 230 -30.59 -4.40 17.03
N GLY F 231 -29.64 -4.37 17.96
CA GLY F 231 -29.36 -5.45 18.88
C GLY F 231 -29.47 -6.89 18.38
N SER F 232 -29.84 -7.75 19.33
CA SER F 232 -30.23 -9.14 19.17
C SER F 232 -30.73 -9.59 20.54
N LEU F 233 -31.84 -10.31 20.59
CA LEU F 233 -32.59 -10.45 21.83
C LEU F 233 -32.22 -11.71 22.60
N ALA F 234 -32.19 -11.59 23.93
CA ALA F 234 -32.02 -12.75 24.79
C ALA F 234 -33.23 -13.67 24.66
N GLU F 235 -33.00 -14.96 24.88
CA GLU F 235 -34.02 -15.94 24.54
C GLU F 235 -35.07 -16.06 25.64
N GLU F 236 -34.65 -16.35 26.87
CA GLU F 236 -35.59 -16.64 27.95
C GLU F 236 -35.85 -15.43 28.84
N GLU F 237 -34.82 -14.86 29.45
CA GLU F 237 -35.01 -13.80 30.43
C GLU F 237 -33.98 -12.68 30.22
N VAL F 238 -34.18 -11.58 30.94
CA VAL F 238 -33.26 -10.45 30.87
C VAL F 238 -31.98 -10.80 31.62
N MET F 239 -30.84 -10.48 31.00
CA MET F 239 -29.54 -10.88 31.51
C MET F 239 -28.68 -9.66 31.85
N ILE F 240 -28.09 -9.67 33.04
CA ILE F 240 -27.22 -8.59 33.50
C ILE F 240 -25.78 -9.08 33.48
N ARG F 241 -24.91 -8.34 32.81
CA ARG F 241 -23.55 -8.78 32.56
C ARG F 241 -22.58 -7.65 32.92
N SER F 242 -21.56 -7.99 33.70
CA SER F 242 -20.56 -7.00 34.08
C SER F 242 -19.28 -7.70 34.45
N GLU F 243 -18.18 -6.94 34.42
CA GLU F 243 -16.87 -7.51 34.66
C GLU F 243 -16.62 -7.81 36.13
N ASN F 244 -16.85 -6.81 36.97
CA ASN F 244 -16.65 -6.93 38.41
C ASN F 244 -17.82 -6.21 39.07
N ILE F 245 -18.82 -6.98 39.51
CA ILE F 245 -20.06 -6.40 39.98
C ILE F 245 -19.81 -5.53 41.21
N THR F 246 -19.00 -6.03 42.14
CA THR F 246 -18.77 -5.29 43.38
C THR F 246 -18.05 -3.98 43.16
N ASN F 247 -17.46 -3.77 41.98
CA ASN F 247 -16.78 -2.53 41.65
C ASN F 247 -17.77 -1.59 40.99
N ASN F 248 -17.78 -0.34 41.43
CA ASN F 248 -18.73 0.63 40.90
C ASN F 248 -18.21 1.38 39.69
N ALA F 249 -16.97 1.15 39.28
CA ALA F 249 -16.38 1.83 38.13
C ALA F 249 -16.54 1.06 36.83
N LYS F 250 -17.27 -0.06 36.84
CA LYS F 250 -17.41 -0.92 35.68
C LYS F 250 -18.86 -0.90 35.19
N ASN F 251 -19.04 -0.78 33.88
CA ASN F 251 -20.36 -0.66 33.31
C ASN F 251 -21.12 -1.97 33.43
N ILE F 252 -22.43 -1.91 33.23
CA ILE F 252 -23.34 -3.01 33.47
C ILE F 252 -24.26 -3.17 32.29
N LEU F 253 -23.87 -3.98 31.31
CA LEU F 253 -24.65 -4.20 30.11
C LEU F 253 -25.93 -4.93 30.47
N VAL F 254 -27.04 -4.54 29.85
CA VAL F 254 -28.33 -5.20 30.01
C VAL F 254 -28.78 -5.68 28.64
N GLN F 255 -29.67 -6.66 28.61
CA GLN F 255 -30.13 -7.24 27.35
C GLN F 255 -31.59 -7.63 27.48
N PHE F 256 -32.48 -6.84 26.87
CA PHE F 256 -33.90 -7.14 26.94
C PHE F 256 -34.21 -8.37 26.11
N ASN F 257 -35.38 -8.95 26.35
CA ASN F 257 -35.83 -10.11 25.59
C ASN F 257 -37.03 -9.83 24.69
N THR F 258 -37.55 -8.60 24.69
CA THR F 258 -38.56 -8.13 23.75
C THR F 258 -38.23 -6.69 23.37
N PRO F 259 -38.29 -6.35 22.08
CA PRO F 259 -37.89 -5.01 21.66
C PRO F 259 -38.85 -3.95 22.16
N VAL F 260 -38.35 -2.72 22.23
CA VAL F 260 -39.13 -1.55 22.59
C VAL F 260 -38.88 -0.51 21.51
N GLN F 261 -39.71 -0.51 20.48
CA GLN F 261 -39.35 0.26 19.29
C GLN F 261 -39.49 1.75 19.54
N ILE F 262 -38.70 2.53 18.79
CA ILE F 262 -38.56 3.97 18.96
C ILE F 262 -38.82 4.63 17.61
N ASN F 263 -39.23 5.90 17.65
CA ASN F 263 -39.70 6.60 16.46
C ASN F 263 -39.11 8.00 16.43
N CYS F 264 -38.22 8.26 15.49
CA CYS F 264 -37.56 9.56 15.37
C CYS F 264 -38.03 10.30 14.13
N THR F 265 -37.91 11.62 14.16
CA THR F 265 -38.33 12.45 13.03
C THR F 265 -37.61 13.79 13.08
N ARG F 266 -37.43 14.37 11.92
CA ARG F 266 -36.88 15.72 11.77
C ARG F 266 -37.79 16.43 10.78
N PRO F 267 -38.67 17.30 11.24
CA PRO F 267 -39.75 17.77 10.36
C PRO F 267 -39.30 18.67 9.22
N ASN F 268 -38.43 19.64 9.51
CA ASN F 268 -38.07 20.66 8.54
C ASN F 268 -37.47 20.04 7.29
N ASN F 269 -37.33 20.84 6.24
CA ASN F 269 -37.04 20.32 4.92
C ASN F 269 -36.07 21.27 4.23
N ASN F 270 -34.77 21.04 4.43
CA ASN F 270 -33.73 21.98 4.06
C ASN F 270 -33.55 22.08 2.54
N THR F 271 -32.63 22.94 2.15
CA THR F 271 -32.23 23.12 0.76
C THR F 271 -30.72 23.08 0.65
N ARG F 272 -30.22 22.48 -0.42
CA ARG F 272 -28.79 22.29 -0.59
C ARG F 272 -28.23 23.30 -1.59
N LYS F 273 -27.13 23.92 -1.22
CA LYS F 273 -26.43 24.89 -2.05
C LYS F 273 -24.97 24.49 -2.12
N SER F 274 -24.34 24.73 -3.27
CA SER F 274 -22.99 24.26 -3.55
C SER F 274 -22.05 25.43 -3.71
N ILE F 275 -21.35 25.80 -2.65
CA ILE F 275 -20.23 26.73 -2.72
C ILE F 275 -19.13 26.07 -3.53
N ARG F 276 -18.35 26.84 -4.27
CA ARG F 276 -17.17 26.36 -4.96
C ARG F 276 -15.94 27.04 -4.35
N ILE F 277 -14.97 26.25 -3.89
CA ILE F 277 -13.88 26.80 -3.11
C ILE F 277 -12.51 26.42 -3.67
N GLY F 278 -12.45 26.06 -4.94
CA GLY F 278 -11.20 25.72 -5.57
C GLY F 278 -11.41 24.97 -6.86
N PRO F 279 -10.32 24.61 -7.53
CA PRO F 279 -10.47 23.80 -8.74
C PRO F 279 -10.74 22.35 -8.42
N GLY F 280 -11.98 21.91 -8.60
CA GLY F 280 -12.34 20.54 -8.31
C GLY F 280 -12.88 20.29 -6.92
N GLN F 281 -13.09 21.33 -6.11
CA GLN F 281 -13.68 21.20 -4.79
C GLN F 281 -15.08 21.84 -4.82
N ALA F 282 -15.95 21.38 -3.93
CA ALA F 282 -17.26 21.99 -3.78
C ALA F 282 -17.75 21.74 -2.36
N PHE F 283 -18.27 22.78 -1.72
CA PHE F 283 -18.66 22.74 -0.32
C PHE F 283 -20.18 22.78 -0.24
N TYR F 284 -20.78 21.71 0.27
CA TYR F 284 -22.23 21.54 0.25
C TYR F 284 -22.84 22.16 1.50
N ALA F 285 -23.20 23.43 1.40
CA ALA F 285 -23.71 24.18 2.52
C ALA F 285 -25.23 24.23 2.48
N THR F 286 -25.83 24.50 3.64
CA THR F 286 -27.27 24.62 3.75
C THR F 286 -27.75 25.90 3.08
N GLY F 287 -28.95 25.84 2.51
CA GLY F 287 -29.56 26.96 1.83
C GLY F 287 -30.58 27.62 2.72
N ASP F 288 -31.85 27.24 2.56
CA ASP F 288 -32.96 27.80 3.31
C ASP F 288 -33.77 26.68 3.94
N ILE F 289 -34.40 26.99 5.06
CA ILE F 289 -35.42 26.14 5.66
C ILE F 289 -36.74 26.41 4.95
N ILE F 290 -37.63 25.43 4.89
CA ILE F 290 -38.92 25.59 4.24
C ILE F 290 -40.00 25.28 5.27
N GLY F 291 -40.55 26.31 5.88
CA GLY F 291 -41.58 26.18 6.88
C GLY F 291 -41.17 26.82 8.18
N ASP F 292 -41.91 26.49 9.23
CA ASP F 292 -41.54 26.87 10.59
C ASP F 292 -40.58 25.85 11.19
N ILE F 293 -39.84 26.29 12.19
CA ILE F 293 -38.86 25.45 12.88
C ILE F 293 -39.60 24.69 13.99
N ARG F 294 -39.69 23.38 13.85
CA ARG F 294 -40.22 22.51 14.89
C ARG F 294 -39.12 21.57 15.34
N GLN F 295 -39.02 21.38 16.65
CA GLN F 295 -37.92 20.61 17.21
C GLN F 295 -37.98 19.15 16.78
N ALA F 296 -36.83 18.49 16.79
CA ALA F 296 -36.73 17.10 16.38
C ALA F 296 -36.73 16.19 17.60
N HIS F 297 -37.48 15.10 17.52
CA HIS F 297 -37.70 14.27 18.69
C HIS F 297 -37.72 12.80 18.29
N CYS F 298 -37.82 11.94 19.31
CA CYS F 298 -37.96 10.50 19.16
C CYS F 298 -38.85 10.04 20.28
N ASN F 299 -39.96 9.35 19.99
CA ASN F 299 -40.89 9.36 21.12
C ASN F 299 -40.65 8.29 22.17
N VAL F 300 -41.47 7.22 22.23
CA VAL F 300 -41.35 5.94 22.93
C VAL F 300 -42.81 5.49 23.03
N SER F 301 -43.09 4.21 23.28
CA SER F 301 -44.37 3.89 23.91
C SER F 301 -44.22 3.89 25.42
N LYS F 302 -45.09 4.63 26.11
CA LYS F 302 -44.89 4.85 27.54
C LYS F 302 -45.16 3.61 28.39
N ALA F 303 -46.25 2.88 28.12
CA ALA F 303 -46.57 1.73 28.95
C ALA F 303 -45.58 0.60 28.73
N THR F 304 -45.06 0.47 27.51
CA THR F 304 -44.05 -0.56 27.23
C THR F 304 -42.76 -0.28 27.99
N TRP F 305 -42.36 0.99 28.06
CA TRP F 305 -41.12 1.31 28.76
C TRP F 305 -41.23 1.06 30.25
N ASN F 306 -42.43 0.88 30.78
CA ASN F 306 -42.52 0.65 32.22
C ASN F 306 -42.52 -0.83 32.56
N GLU F 307 -43.08 -1.67 31.69
CA GLU F 307 -42.93 -3.11 31.86
C GLU F 307 -41.47 -3.49 31.76
N THR F 308 -40.80 -3.02 30.71
CA THR F 308 -39.40 -3.40 30.46
C THR F 308 -38.50 -2.96 31.61
N LEU F 309 -38.69 -1.74 32.10
CA LEU F 309 -37.93 -1.30 33.25
C LEU F 309 -38.32 -2.06 34.50
N GLY F 310 -39.44 -2.79 34.47
CA GLY F 310 -39.85 -3.58 35.62
C GLY F 310 -39.27 -4.97 35.61
N LYS F 311 -39.01 -5.51 34.42
CA LYS F 311 -38.34 -6.79 34.34
C LYS F 311 -36.85 -6.65 34.57
N VAL F 312 -36.30 -5.44 34.36
CA VAL F 312 -34.91 -5.19 34.68
C VAL F 312 -34.68 -5.19 36.19
N VAL F 313 -35.62 -4.59 36.94
CA VAL F 313 -35.43 -4.49 38.38
C VAL F 313 -35.57 -5.86 39.04
N LYS F 314 -36.50 -6.67 38.57
CA LYS F 314 -36.62 -8.03 39.08
C LYS F 314 -35.32 -8.80 38.93
N GLN F 315 -34.68 -8.70 37.75
CA GLN F 315 -33.45 -9.42 37.48
C GLN F 315 -32.23 -8.74 38.04
N LEU F 316 -32.34 -7.50 38.48
CA LEU F 316 -31.22 -6.77 39.05
C LEU F 316 -31.19 -6.86 40.56
N ARG F 317 -32.23 -7.41 41.18
CA ARG F 317 -32.21 -7.65 42.62
C ARG F 317 -31.50 -8.93 42.98
N LYS F 318 -31.40 -9.89 42.05
CA LYS F 318 -30.65 -11.11 42.30
C LYS F 318 -29.20 -10.84 42.66
N HIS F 319 -28.65 -9.71 42.21
CA HIS F 319 -27.25 -9.40 42.43
C HIS F 319 -27.02 -8.38 43.52
N PHE F 320 -28.05 -7.65 43.97
CA PHE F 320 -27.85 -6.60 44.94
C PHE F 320 -28.64 -6.76 46.23
N GLY F 321 -29.70 -7.56 46.24
CA GLY F 321 -30.45 -7.78 47.46
C GLY F 321 -31.94 -7.66 47.28
N ASN F 322 -32.70 -8.54 47.93
CA ASN F 322 -34.15 -8.56 47.81
C ASN F 322 -34.83 -7.39 48.50
N ASN F 323 -34.14 -6.69 49.39
CA ASN F 323 -34.72 -5.58 50.14
C ASN F 323 -33.93 -4.30 49.89
N THR F 324 -33.73 -3.96 48.62
CA THR F 324 -32.98 -2.77 48.26
C THR F 324 -33.80 -1.90 47.30
N ILE F 325 -33.64 -0.60 47.44
CA ILE F 325 -34.38 0.39 46.66
C ILE F 325 -33.58 0.72 45.41
N ILE F 326 -34.07 0.30 44.25
CA ILE F 326 -33.42 0.57 42.98
C ILE F 326 -33.93 1.91 42.47
N ARG F 327 -33.08 2.93 42.53
CA ARG F 327 -33.41 4.26 42.05
C ARG F 327 -32.65 4.54 40.76
N PHE F 328 -33.38 4.81 39.69
CA PHE F 328 -32.77 5.22 38.44
C PHE F 328 -32.68 6.73 38.38
N ALA F 329 -31.59 7.25 37.85
CA ALA F 329 -31.38 8.68 37.73
C ALA F 329 -31.05 9.02 36.28
N ASN F 330 -30.73 10.29 36.04
CA ASN F 330 -30.38 10.74 34.70
C ASN F 330 -28.88 10.88 34.59
N SER F 331 -28.41 11.29 33.40
CA SER F 331 -26.99 11.32 33.09
C SER F 331 -26.23 12.15 34.11
N SER F 332 -25.04 11.68 34.49
CA SER F 332 -24.30 12.39 35.53
C SER F 332 -23.70 13.69 35.00
N GLY F 333 -23.09 13.66 33.83
CA GLY F 333 -22.42 14.82 33.28
C GLY F 333 -21.18 14.41 32.54
N GLY F 334 -20.65 15.37 31.77
CA GLY F 334 -19.45 15.13 30.99
C GLY F 334 -19.48 15.71 29.60
N ASP F 335 -18.91 14.98 28.64
CA ASP F 335 -18.85 15.45 27.26
C ASP F 335 -20.15 15.12 26.54
N LEU F 336 -20.59 16.03 25.67
CA LEU F 336 -21.91 15.90 25.06
C LEU F 336 -22.03 14.63 24.22
N GLU F 337 -20.92 14.02 23.82
CA GLU F 337 -20.98 12.75 23.13
C GLU F 337 -21.46 11.61 24.02
N VAL F 338 -21.42 11.79 25.34
CA VAL F 338 -21.58 10.68 26.27
C VAL F 338 -22.65 10.92 27.32
N THR F 339 -23.08 12.15 27.55
CA THR F 339 -24.18 12.41 28.47
C THR F 339 -25.53 12.40 27.79
N THR F 340 -25.58 12.10 26.49
CA THR F 340 -26.81 12.09 25.73
C THR F 340 -26.79 10.94 24.75
N HIS F 341 -27.98 10.50 24.35
CA HIS F 341 -28.15 9.30 23.54
C HIS F 341 -27.97 9.68 22.08
N SER F 342 -26.75 9.59 21.59
CA SER F 342 -26.43 9.96 20.22
C SER F 342 -26.54 8.76 19.30
N PHE F 343 -27.07 8.97 18.10
CA PHE F 343 -27.09 7.92 17.11
C PHE F 343 -27.05 8.53 15.71
N ASN F 344 -27.40 7.74 14.72
CA ASN F 344 -27.16 8.09 13.32
C ASN F 344 -28.13 7.34 12.45
N CYS F 345 -29.18 8.01 11.97
CA CYS F 345 -30.09 7.33 11.05
C CYS F 345 -30.67 8.35 10.08
N GLY F 346 -30.67 8.00 8.80
CA GLY F 346 -30.97 8.92 7.75
C GLY F 346 -29.76 9.66 7.20
N GLY F 347 -28.66 9.67 7.94
CA GLY F 347 -27.46 10.38 7.56
C GLY F 347 -27.24 11.65 8.34
N GLU F 348 -28.10 11.99 9.28
CA GLU F 348 -28.01 13.22 10.03
C GLU F 348 -27.89 12.86 11.50
N PHE F 349 -26.82 13.32 12.15
CA PHE F 349 -26.42 12.79 13.46
C PHE F 349 -27.21 13.44 14.58
N PHE F 350 -28.22 12.75 15.09
CA PHE F 350 -29.01 13.26 16.20
C PHE F 350 -28.25 13.15 17.52
N TYR F 351 -28.71 13.91 18.50
CA TYR F 351 -28.20 13.83 19.88
C TYR F 351 -29.40 14.05 20.81
N CYS F 352 -30.06 12.97 21.20
CA CYS F 352 -31.26 13.10 22.02
C CYS F 352 -30.91 13.26 23.49
N ASN F 353 -31.91 13.63 24.28
CA ASN F 353 -31.71 13.93 25.70
C ASN F 353 -32.62 13.01 26.51
N THR F 354 -32.09 11.88 26.92
CA THR F 354 -32.84 10.89 27.67
C THR F 354 -32.85 11.19 29.17
N SER F 355 -33.73 12.08 29.61
CA SER F 355 -33.93 12.27 31.03
C SER F 355 -35.28 11.73 31.48
N GLY F 356 -36.28 11.74 30.61
CA GLY F 356 -37.57 11.21 30.97
C GLY F 356 -37.66 9.70 30.91
N LEU F 357 -36.68 9.04 30.30
CA LEU F 357 -36.67 7.59 30.31
C LEU F 357 -36.21 7.05 31.65
N PHE F 358 -35.18 7.66 32.23
CA PHE F 358 -34.59 7.16 33.47
C PHE F 358 -35.08 8.04 34.63
N ASN F 359 -36.07 7.50 35.34
CA ASN F 359 -36.73 8.19 36.43
C ASN F 359 -37.26 7.12 37.37
N SER F 360 -38.23 7.49 38.20
CA SER F 360 -39.07 6.48 38.83
C SER F 360 -38.36 5.50 39.77
N THR F 361 -37.96 5.98 40.95
CA THR F 361 -37.54 5.10 42.04
C THR F 361 -38.48 3.90 42.21
N TRP F 362 -37.90 2.72 42.47
CA TRP F 362 -38.64 1.49 42.70
C TRP F 362 -38.37 0.95 44.10
N ILE F 363 -39.43 0.50 44.76
CA ILE F 363 -39.32 -0.12 46.07
C ILE F 363 -39.75 -1.58 45.96
N SER F 364 -39.64 -2.30 47.07
CA SER F 364 -40.06 -3.69 47.12
C SER F 364 -41.58 -3.80 47.02
N ASN F 377 -51.36 4.58 24.03
CA ASN F 377 -51.82 5.88 23.57
C ASN F 377 -50.82 6.98 23.92
N ASP F 378 -50.25 6.90 25.12
CA ASP F 378 -49.31 7.91 25.56
C ASP F 378 -47.94 7.68 24.93
N SER F 379 -47.05 8.64 25.15
CA SER F 379 -45.72 8.60 24.57
C SER F 379 -44.84 9.61 25.30
N ILE F 380 -43.61 9.22 25.59
CA ILE F 380 -42.63 10.10 26.18
C ILE F 380 -41.88 10.79 25.06
N THR F 381 -41.87 12.11 25.04
CA THR F 381 -41.21 12.86 23.98
C THR F 381 -39.86 13.38 24.44
N LEU F 382 -38.82 13.07 23.68
CA LEU F 382 -37.43 13.37 23.97
C LEU F 382 -36.92 14.45 23.03
N PRO F 383 -36.40 15.54 23.54
CA PRO F 383 -35.95 16.62 22.64
C PRO F 383 -34.55 16.39 22.10
N CYS F 384 -34.42 16.17 20.79
CA CYS F 384 -33.15 15.82 20.18
C CYS F 384 -32.59 17.01 19.41
N ARG F 385 -31.29 17.24 19.55
CA ARG F 385 -30.59 18.30 18.83
C ARG F 385 -29.63 17.70 17.82
N ILE F 386 -29.50 18.35 16.68
CA ILE F 386 -28.66 17.86 15.60
C ILE F 386 -27.33 18.60 15.62
N LYS F 387 -26.28 17.94 15.14
CA LYS F 387 -24.98 18.53 14.88
C LYS F 387 -24.57 18.26 13.45
N GLN F 388 -23.45 18.85 13.03
CA GLN F 388 -22.92 18.56 11.71
C GLN F 388 -21.42 18.33 11.66
N ILE F 389 -20.67 18.60 12.72
CA ILE F 389 -19.24 18.32 12.77
C ILE F 389 -19.01 17.28 13.86
N ILE F 390 -18.37 16.16 13.49
CA ILE F 390 -18.39 14.93 14.27
C ILE F 390 -16.99 14.58 14.73
N ASN F 391 -16.89 14.05 15.95
CA ASN F 391 -15.65 13.47 16.48
C ASN F 391 -15.98 12.10 17.04
N MET F 392 -15.97 11.06 16.20
CA MET F 392 -16.66 9.83 16.55
C MET F 392 -15.92 9.01 17.59
N TRP F 393 -14.71 8.55 17.28
CA TRP F 393 -14.08 7.47 18.04
C TRP F 393 -13.28 7.97 19.24
N GLN F 394 -13.65 9.11 19.80
CA GLN F 394 -12.90 9.74 20.89
C GLN F 394 -11.46 10.04 20.49
N ARG F 395 -11.23 10.16 19.18
CA ARG F 395 -9.97 10.68 18.70
C ARG F 395 -9.86 12.16 19.08
N ILE F 396 -8.63 12.67 19.00
CA ILE F 396 -8.39 14.09 19.12
C ILE F 396 -7.73 14.57 17.84
N GLY F 397 -8.14 15.73 17.35
CA GLY F 397 -7.52 16.29 16.17
C GLY F 397 -7.82 15.54 14.89
N GLN F 398 -9.04 15.05 14.71
CA GLN F 398 -9.49 14.58 13.42
C GLN F 398 -11.01 14.60 13.41
N ALA F 399 -11.58 15.40 12.51
CA ALA F 399 -13.02 15.66 12.54
C ALA F 399 -13.63 15.40 11.19
N MET F 400 -14.88 15.82 10.99
CA MET F 400 -15.63 15.45 9.80
C MET F 400 -16.84 16.37 9.70
N TYR F 401 -17.26 16.67 8.48
CA TYR F 401 -18.42 17.52 8.23
C TYR F 401 -19.40 16.77 7.37
N ALA F 402 -20.65 16.68 7.82
CA ALA F 402 -21.64 15.84 7.16
C ALA F 402 -22.56 16.69 6.30
N PRO F 403 -22.63 16.46 4.99
CA PRO F 403 -23.47 17.31 4.16
C PRO F 403 -24.93 17.15 4.51
N PRO F 404 -25.75 18.17 4.25
CA PRO F 404 -27.14 18.12 4.67
C PRO F 404 -27.90 17.03 3.95
N ILE F 405 -29.00 16.61 4.54
CA ILE F 405 -29.94 15.68 3.93
C ILE F 405 -31.19 16.46 3.57
N GLN F 406 -31.35 16.77 2.29
CA GLN F 406 -32.59 17.38 1.84
C GLN F 406 -33.71 16.35 1.93
N GLY F 407 -34.81 16.73 2.54
CA GLY F 407 -35.92 15.83 2.77
C GLY F 407 -36.24 15.73 4.25
N VAL F 408 -37.24 14.92 4.55
CA VAL F 408 -37.70 14.72 5.92
C VAL F 408 -37.24 13.34 6.38
N ILE F 409 -36.74 13.29 7.61
CA ILE F 409 -36.06 12.12 8.12
C ILE F 409 -37.00 11.40 9.08
N ARG F 410 -37.32 10.14 8.79
CA ARG F 410 -38.06 9.29 9.67
C ARG F 410 -37.24 8.04 9.96
N CYS F 411 -37.54 7.39 11.08
CA CYS F 411 -36.61 6.42 11.63
C CYS F 411 -37.35 5.49 12.58
N VAL F 412 -37.24 4.18 12.35
CA VAL F 412 -37.94 3.18 13.15
C VAL F 412 -36.91 2.16 13.62
N SER F 413 -36.56 2.21 14.90
CA SER F 413 -35.46 1.45 15.46
C SER F 413 -35.99 0.46 16.49
N ASN F 414 -35.08 -0.18 17.20
CA ASN F 414 -35.40 -1.01 18.35
C ASN F 414 -34.51 -0.59 19.50
N ILE F 415 -34.94 -0.87 20.72
CA ILE F 415 -34.11 -0.68 21.90
C ILE F 415 -33.97 -2.04 22.56
N THR F 416 -32.80 -2.65 22.43
CA THR F 416 -32.58 -3.97 23.01
C THR F 416 -31.38 -3.99 23.94
N GLY F 417 -31.21 -2.96 24.74
CA GLY F 417 -30.18 -2.99 25.77
C GLY F 417 -29.91 -1.61 26.30
N LEU F 418 -29.25 -1.58 27.44
CA LEU F 418 -28.80 -0.34 28.06
C LEU F 418 -27.34 -0.51 28.41
N ILE F 419 -26.72 0.57 28.87
CA ILE F 419 -25.39 0.51 29.48
C ILE F 419 -25.46 1.37 30.74
N LEU F 420 -25.78 0.76 31.87
CA LEU F 420 -25.92 1.53 33.09
C LEU F 420 -24.55 1.78 33.72
N THR F 421 -24.56 2.36 34.90
CA THR F 421 -23.39 2.47 35.75
C THR F 421 -23.85 2.93 37.13
N ARG F 422 -23.22 2.40 38.15
CA ARG F 422 -23.69 2.59 39.52
C ARG F 422 -22.95 3.74 40.18
N ASP F 423 -23.59 4.37 41.15
CA ASP F 423 -22.95 5.40 41.95
C ASP F 423 -22.56 4.83 43.31
N GLY F 424 -21.28 4.98 43.65
CA GLY F 424 -20.76 4.38 44.86
C GLY F 424 -21.26 5.12 46.10
N GLY F 425 -22.05 4.43 46.92
CA GLY F 425 -22.58 5.01 48.13
C GLY F 425 -21.63 4.87 49.31
N SER F 426 -22.22 4.59 50.48
CA SER F 426 -21.48 4.44 51.72
C SER F 426 -21.73 3.09 52.38
N THR F 427 -22.03 2.05 51.59
CA THR F 427 -22.12 0.65 51.99
C THR F 427 -22.95 0.44 53.26
N ASN F 428 -23.79 1.41 53.60
CA ASN F 428 -24.68 1.32 54.76
C ASN F 428 -26.06 1.85 54.44
N SER F 429 -26.42 1.94 53.16
CA SER F 429 -27.73 2.37 52.74
C SER F 429 -28.49 1.19 52.14
N THR F 430 -29.74 1.45 51.79
CA THR F 430 -30.54 0.49 51.03
C THR F 430 -30.99 1.05 49.69
N THR F 431 -30.23 1.99 49.13
CA THR F 431 -30.58 2.63 47.88
C THR F 431 -29.42 2.53 46.91
N GLU F 432 -29.71 2.24 45.65
CA GLU F 432 -28.71 2.17 44.59
C GLU F 432 -29.18 3.01 43.42
N THR F 433 -28.30 3.86 42.90
CA THR F 433 -28.63 4.77 41.81
C THR F 433 -27.86 4.40 40.57
N PHE F 434 -28.58 4.14 39.48
CA PHE F 434 -28.02 3.60 38.26
C PHE F 434 -28.09 4.66 37.16
N ARG F 435 -27.12 5.43 37.05
CA ARG F 435 -27.20 6.38 35.96
C ARG F 435 -26.76 5.72 34.66
N PRO F 436 -27.34 6.08 33.53
CA PRO F 436 -26.80 5.61 32.26
C PRO F 436 -25.44 6.23 32.01
N GLY F 437 -24.58 5.50 31.31
CA GLY F 437 -23.23 5.93 31.02
C GLY F 437 -22.89 5.60 29.58
N GLY F 438 -21.72 4.98 29.39
CA GLY F 438 -21.31 4.49 28.09
C GLY F 438 -20.10 5.25 27.57
N GLY F 439 -20.12 5.51 26.28
CA GLY F 439 -19.01 6.18 25.62
C GLY F 439 -17.99 5.24 25.02
N ASP F 440 -17.36 4.42 25.85
CA ASP F 440 -16.40 3.44 25.37
C ASP F 440 -17.08 2.53 24.37
N MET F 441 -16.39 2.21 23.29
CA MET F 441 -17.08 1.56 22.19
C MET F 441 -16.91 0.04 22.19
N ARG F 442 -15.97 -0.51 22.95
CA ARG F 442 -15.90 -1.96 23.02
C ARG F 442 -17.18 -2.56 23.56
N ASP F 443 -17.92 -1.81 24.37
CA ASP F 443 -19.06 -2.37 25.07
C ASP F 443 -20.26 -2.61 24.18
N ASN F 444 -20.35 -1.95 23.03
CA ASN F 444 -21.42 -2.27 22.10
C ASN F 444 -21.22 -3.63 21.48
N TRP F 445 -20.01 -3.91 20.99
CA TRP F 445 -19.74 -5.17 20.29
C TRP F 445 -19.54 -6.33 21.24
N ARG F 446 -18.91 -6.08 22.39
CA ARG F 446 -18.78 -7.10 23.41
C ARG F 446 -20.13 -7.66 23.85
N SER F 447 -21.23 -7.04 23.42
CA SER F 447 -22.56 -7.59 23.67
C SER F 447 -23.03 -8.49 22.55
N GLU F 448 -22.24 -8.67 21.50
CA GLU F 448 -22.57 -9.58 20.41
C GLU F 448 -21.63 -10.77 20.31
N LEU F 449 -20.37 -10.59 20.69
CA LEU F 449 -19.35 -11.62 20.70
C LEU F 449 -19.11 -12.15 22.10
N TYR F 450 -20.15 -12.32 22.89
CA TYR F 450 -19.99 -12.85 24.23
C TYR F 450 -20.07 -14.37 24.28
N LYS F 451 -20.33 -15.02 23.15
CA LYS F 451 -20.49 -16.46 23.14
C LYS F 451 -19.50 -17.19 22.26
N TYR F 452 -18.68 -16.48 21.50
CA TYR F 452 -17.77 -17.11 20.57
C TYR F 452 -16.40 -17.28 21.19
N LYS F 453 -15.64 -18.22 20.62
CA LYS F 453 -14.29 -18.53 21.07
C LYS F 453 -13.59 -19.21 19.92
N VAL F 454 -12.40 -18.75 19.58
CA VAL F 454 -11.64 -19.27 18.46
C VAL F 454 -10.55 -20.20 18.96
N VAL F 455 -10.41 -21.37 18.33
CA VAL F 455 -9.47 -22.40 18.78
C VAL F 455 -8.63 -22.86 17.61
N LYS F 456 -7.56 -23.60 17.93
CA LYS F 456 -6.58 -24.06 16.95
C LYS F 456 -6.45 -25.57 16.99
N ILE F 457 -6.69 -26.22 15.86
CA ILE F 457 -6.66 -27.67 15.79
C ILE F 457 -5.22 -28.16 15.92
N GLU F 458 -5.05 -29.40 16.40
CA GLU F 458 -3.75 -30.06 16.45
C GLU F 458 -3.91 -31.51 16.00
N PRO F 459 -3.72 -31.79 14.73
CA PRO F 459 -4.21 -33.06 14.20
C PRO F 459 -3.26 -34.25 14.23
N LEU F 460 -2.20 -34.23 15.04
CA LEU F 460 -1.20 -35.29 15.04
C LEU F 460 -1.18 -35.97 16.40
N GLY F 461 -1.16 -37.29 16.41
CA GLY F 461 -1.15 -38.05 17.66
C GLY F 461 -0.50 -39.39 17.51
N VAL F 462 0.09 -39.87 18.61
CA VAL F 462 0.80 -41.14 18.66
C VAL F 462 0.22 -41.98 19.79
N ALA F 463 0.01 -43.26 19.54
CA ALA F 463 -0.62 -44.13 20.52
C ALA F 463 -0.05 -45.52 20.42
N PRO F 464 -0.12 -46.31 21.50
CA PRO F 464 0.40 -47.68 21.46
C PRO F 464 -0.62 -48.66 20.90
N THR F 465 -0.12 -49.72 20.28
CA THR F 465 -0.98 -50.67 19.61
C THR F 465 -0.20 -51.98 19.49
N ARG F 466 -0.90 -53.05 19.11
CA ARG F 466 -0.27 -54.33 18.88
C ARG F 466 0.00 -54.62 17.39
N CYS F 467 0.07 -53.60 16.55
CA CYS F 467 0.46 -53.81 15.16
C CYS F 467 1.94 -53.49 14.97
N LYS F 468 2.53 -54.09 13.94
CA LYS F 468 3.94 -53.88 13.63
C LYS F 468 4.12 -53.80 12.13
N ARG F 469 4.96 -52.87 11.69
CA ARG F 469 5.25 -52.73 10.27
C ARG F 469 6.33 -53.73 9.87
N ARG F 470 5.97 -54.70 9.04
CA ARG F 470 6.91 -55.71 8.59
C ARG F 470 8.10 -55.08 7.88
N GLU G 1 -50.33 38.22 13.72
CA GLU G 1 -50.88 39.52 13.33
C GLU G 1 -50.57 39.84 11.88
N VAL G 2 -51.26 39.18 10.98
CA VAL G 2 -51.07 39.40 9.55
C VAL G 2 -51.78 40.70 9.16
N GLN G 3 -51.08 41.54 8.40
CA GLN G 3 -51.63 42.80 7.91
C GLN G 3 -51.12 42.98 6.49
N LEU G 4 -51.91 42.53 5.52
CA LEU G 4 -51.48 42.44 4.13
C LEU G 4 -51.85 43.73 3.41
N VAL G 5 -50.85 44.42 2.86
CA VAL G 5 -51.05 45.64 2.10
C VAL G 5 -50.49 45.43 0.69
N GLU G 6 -51.28 45.76 -0.33
CA GLU G 6 -50.88 45.52 -1.70
C GLU G 6 -50.85 46.82 -2.48
N SER G 7 -49.94 46.88 -3.46
CA SER G 7 -49.75 48.08 -4.27
C SER G 7 -49.25 47.66 -5.64
N GLY G 8 -50.15 47.59 -6.61
CA GLY G 8 -49.77 47.27 -7.97
C GLY G 8 -49.62 48.52 -8.81
N PRO G 9 -49.75 48.37 -10.13
CA PRO G 9 -49.68 49.56 -10.99
C PRO G 9 -50.83 50.53 -10.76
N GLY G 10 -52.07 50.06 -10.89
CA GLY G 10 -53.24 50.91 -10.76
C GLY G 10 -54.05 51.05 -12.03
N LEU G 11 -53.41 50.94 -13.20
CA LEU G 11 -54.13 50.97 -14.47
C LEU G 11 -53.24 50.31 -15.52
N VAL G 12 -53.67 49.17 -16.03
CA VAL G 12 -52.88 48.39 -16.97
C VAL G 12 -53.61 48.35 -18.32
N LYS G 13 -52.85 48.10 -19.38
CA LYS G 13 -53.35 48.12 -20.74
C LYS G 13 -53.46 46.69 -21.27
N ALA G 14 -54.06 46.56 -22.44
CA ALA G 14 -54.39 45.25 -23.00
C ALA G 14 -53.16 44.51 -23.48
N SER G 15 -53.22 43.17 -23.41
CA SER G 15 -52.17 42.28 -23.89
C SER G 15 -50.82 42.56 -23.22
N GLU G 16 -50.85 43.03 -21.97
CA GLU G 16 -49.63 43.28 -21.20
C GLU G 16 -49.72 42.57 -19.87
N THR G 17 -48.62 41.93 -19.47
CA THR G 17 -48.57 41.27 -18.18
C THR G 17 -48.64 42.29 -17.05
N LEU G 18 -49.45 42.00 -16.05
CA LEU G 18 -49.56 42.83 -14.87
C LEU G 18 -48.74 42.24 -13.73
N SER G 19 -48.59 43.02 -12.67
CA SER G 19 -47.82 42.60 -11.52
C SER G 19 -48.45 43.16 -10.25
N LEU G 20 -48.60 42.30 -9.25
CA LEU G 20 -49.12 42.72 -7.96
C LEU G 20 -48.22 42.15 -6.87
N THR G 21 -48.11 42.87 -5.77
CA THR G 21 -47.34 42.41 -4.62
C THR G 21 -48.11 42.75 -3.35
N CYS G 22 -47.96 41.91 -2.32
CA CYS G 22 -48.55 42.15 -1.01
C CYS G 22 -47.45 42.18 0.03
N THR G 23 -47.15 43.37 0.54
CA THR G 23 -46.19 43.49 1.64
C THR G 23 -46.82 42.95 2.92
N VAL G 24 -46.28 41.87 3.44
CA VAL G 24 -46.79 41.22 4.65
C VAL G 24 -46.00 41.72 5.84
N SER G 25 -46.68 42.34 6.79
CA SER G 25 -46.02 42.96 7.93
C SER G 25 -46.50 42.34 9.23
N GLY G 26 -45.58 42.13 10.16
CA GLY G 26 -45.88 41.56 11.45
C GLY G 26 -45.84 40.06 11.51
N TYR G 27 -45.65 39.38 10.38
CA TYR G 27 -45.67 37.92 10.33
C TYR G 27 -44.79 37.46 9.18
N ASN G 28 -43.88 36.53 9.45
CA ASN G 28 -42.95 36.07 8.43
C ASN G 28 -43.70 35.35 7.32
N ILE G 29 -42.97 35.05 6.25
CA ILE G 29 -43.55 34.40 5.08
C ILE G 29 -43.08 32.95 5.04
N ARG G 30 -42.78 32.39 6.20
CA ARG G 30 -42.39 30.99 6.35
C ARG G 30 -43.23 30.40 7.48
N SER G 31 -44.44 29.90 7.18
CA SER G 31 -45.22 29.31 8.26
C SER G 31 -46.10 28.14 7.82
N ASN G 32 -45.66 27.36 6.83
CA ASN G 32 -46.32 26.12 6.44
C ASN G 32 -47.65 26.33 5.72
N ASN G 33 -48.12 27.57 5.64
CA ASN G 33 -49.46 27.84 5.15
C ASN G 33 -49.45 28.37 3.73
N TRP G 34 -50.59 28.18 3.06
CA TRP G 34 -50.78 28.61 1.68
C TRP G 34 -51.04 30.10 1.64
N TRP G 35 -50.17 30.85 0.97
CA TRP G 35 -50.43 32.24 0.64
C TRP G 35 -50.97 32.25 -0.78
N SER G 36 -52.20 32.74 -0.96
CA SER G 36 -52.92 32.58 -2.21
C SER G 36 -53.60 33.88 -2.62
N TRP G 37 -53.83 34.01 -3.92
CA TRP G 37 -54.47 35.18 -4.52
C TRP G 37 -55.96 34.93 -4.72
N VAL G 38 -56.69 36.01 -5.00
CA VAL G 38 -58.11 35.94 -5.32
C VAL G 38 -58.53 37.26 -5.93
N ARG G 39 -59.59 37.21 -6.73
CA ARG G 39 -60.19 38.38 -7.37
C ARG G 39 -61.65 38.50 -6.94
N GLN G 40 -62.30 39.57 -7.39
CA GLN G 40 -63.75 39.71 -7.27
C GLN G 40 -64.25 40.55 -8.44
N PRO G 41 -64.64 39.92 -9.54
CA PRO G 41 -65.27 40.67 -10.62
C PRO G 41 -66.66 41.12 -10.20
N PRO G 42 -67.15 42.23 -10.75
CA PRO G 42 -68.53 42.65 -10.44
C PRO G 42 -69.51 41.57 -10.86
N GLY G 43 -70.25 41.04 -9.88
CA GLY G 43 -71.18 39.96 -10.15
C GLY G 43 -70.74 38.61 -9.64
N LYS G 44 -70.22 37.77 -10.55
CA LYS G 44 -69.90 36.37 -10.28
C LYS G 44 -69.01 36.19 -9.06
N GLY G 45 -68.95 34.96 -8.55
CA GLY G 45 -68.21 34.62 -7.35
C GLY G 45 -66.76 35.04 -7.34
N LEU G 46 -66.15 35.00 -6.16
CA LEU G 46 -64.82 35.56 -5.94
C LEU G 46 -63.79 34.60 -6.52
N GLU G 47 -63.60 34.70 -7.84
CA GLU G 47 -62.82 33.71 -8.58
C GLU G 47 -61.41 33.56 -7.99
N TRP G 48 -60.97 32.32 -7.87
CA TRP G 48 -59.73 31.97 -7.20
C TRP G 48 -58.64 31.65 -8.22
N ILE G 49 -57.43 32.13 -7.99
CA ILE G 49 -56.35 32.06 -8.96
C ILE G 49 -55.32 31.00 -8.58
N GLY G 50 -54.64 31.16 -7.44
CA GLY G 50 -53.60 30.22 -7.08
C GLY G 50 -52.88 30.64 -5.82
N GLY G 51 -52.00 29.75 -5.36
CA GLY G 51 -51.27 29.95 -4.12
C GLY G 51 -49.76 29.79 -4.27
N VAL G 52 -49.01 29.83 -3.17
CA VAL G 52 -47.56 29.75 -3.26
C VAL G 52 -46.98 28.70 -2.32
N TYR G 53 -47.67 28.40 -1.22
CA TYR G 53 -47.16 27.46 -0.22
C TYR G 53 -45.85 27.93 0.41
N ALA G 54 -45.94 28.67 1.52
CA ALA G 54 -45.21 29.89 1.84
C ALA G 54 -43.86 30.16 1.17
N ASN G 55 -42.86 29.30 1.28
CA ASN G 55 -41.66 29.72 0.57
C ASN G 55 -40.98 28.55 -0.13
N SER G 56 -41.75 27.55 -0.51
CA SER G 56 -41.22 26.45 -1.29
C SER G 56 -41.37 26.77 -2.77
N GLU G 57 -41.19 25.75 -3.60
CA GLU G 57 -41.29 25.89 -5.05
C GLU G 57 -42.46 25.08 -5.60
N ILE G 58 -43.45 24.78 -4.77
CA ILE G 58 -44.64 24.06 -5.19
C ILE G 58 -45.82 25.02 -5.13
N THR G 59 -46.49 25.19 -6.27
CA THR G 59 -47.69 26.00 -6.36
C THR G 59 -48.66 25.30 -7.31
N ASN G 60 -49.91 25.17 -6.89
CA ASN G 60 -50.95 24.67 -7.76
C ASN G 60 -51.79 25.83 -8.29
N TYR G 61 -52.30 25.67 -9.50
CA TYR G 61 -52.91 26.75 -10.24
C TYR G 61 -54.39 26.50 -10.42
N ASN G 62 -55.05 27.39 -11.15
CA ASN G 62 -56.46 27.27 -11.49
C ASN G 62 -56.56 26.95 -12.98
N SER G 63 -56.84 25.68 -13.30
CA SER G 63 -56.98 25.29 -14.69
C SER G 63 -58.15 25.99 -15.36
N SER G 64 -59.11 26.50 -14.57
CA SER G 64 -60.25 27.19 -15.16
C SER G 64 -59.83 28.45 -15.90
N LEU G 65 -58.66 29.02 -15.59
CA LEU G 65 -58.17 30.13 -16.38
C LEU G 65 -57.25 29.60 -17.48
N LYS G 66 -56.04 29.21 -17.08
CA LYS G 66 -55.24 28.15 -17.68
C LYS G 66 -54.00 28.13 -16.79
N SER G 67 -52.90 27.55 -17.25
CA SER G 67 -51.64 27.65 -16.52
C SER G 67 -50.92 28.97 -16.79
N ARG G 68 -51.69 30.04 -17.07
CA ARG G 68 -51.12 31.37 -17.31
C ARG G 68 -50.25 31.84 -16.15
N VAL G 69 -50.74 31.69 -14.92
CA VAL G 69 -50.21 32.40 -13.75
C VAL G 69 -48.84 31.87 -13.36
N SER G 70 -48.02 32.74 -12.77
CA SER G 70 -46.65 32.40 -12.39
C SER G 70 -46.28 33.02 -11.05
N ILE G 71 -47.12 32.83 -10.03
CA ILE G 71 -46.90 33.42 -8.72
C ILE G 71 -45.57 32.94 -8.14
N SER G 72 -44.83 33.87 -7.53
CA SER G 72 -43.55 33.57 -6.87
C SER G 72 -43.66 33.85 -5.38
N GLN G 73 -42.52 33.75 -4.69
CA GLN G 73 -42.52 33.54 -3.24
C GLN G 73 -41.55 34.44 -2.48
N ASP G 74 -41.15 35.58 -3.06
CA ASP G 74 -40.03 36.36 -2.56
C ASP G 74 -40.06 36.59 -1.05
N ALA G 75 -39.09 36.05 -0.34
CA ALA G 75 -38.95 36.19 1.10
C ALA G 75 -37.85 37.19 1.39
N TRP G 76 -37.55 37.38 2.68
CA TRP G 76 -36.44 38.21 3.15
C TRP G 76 -36.73 39.68 2.84
N ARG G 77 -37.80 39.93 2.10
CA ARG G 77 -38.31 41.26 1.83
C ARG G 77 -39.78 41.39 2.17
N ASN G 78 -40.47 40.27 2.37
CA ASN G 78 -41.91 40.23 2.67
C ASN G 78 -42.71 40.72 1.46
N LYS G 79 -42.39 40.18 0.29
CA LYS G 79 -43.14 40.41 -0.92
C LYS G 79 -43.96 39.17 -1.27
N PHE G 80 -44.86 39.31 -2.23
CA PHE G 80 -45.65 38.15 -2.61
C PHE G 80 -45.87 37.98 -4.12
N SER G 81 -45.78 39.04 -4.93
CA SER G 81 -45.43 38.94 -6.35
C SER G 81 -46.46 38.14 -7.18
N LEU G 82 -47.62 38.76 -7.41
CA LEU G 82 -48.53 38.27 -8.43
C LEU G 82 -48.04 38.66 -9.83
N LYS G 83 -48.10 37.71 -10.75
CA LYS G 83 -47.82 37.99 -12.16
C LYS G 83 -48.71 37.10 -13.02
N LEU G 84 -49.39 37.70 -13.98
CA LEU G 84 -50.32 36.98 -14.85
C LEU G 84 -50.04 37.38 -16.30
N LYS G 85 -50.10 36.41 -17.19
CA LYS G 85 -49.58 36.53 -18.54
C LYS G 85 -50.68 36.94 -19.52
N SER G 86 -50.41 37.98 -20.32
CA SER G 86 -51.27 38.43 -21.41
C SER G 86 -52.73 38.53 -20.96
N VAL G 87 -52.96 39.46 -20.04
CA VAL G 87 -54.29 39.62 -19.44
C VAL G 87 -55.28 40.07 -20.50
N THR G 88 -56.50 39.56 -20.40
CA THR G 88 -57.61 40.09 -21.18
C THR G 88 -58.16 41.34 -20.52
N ASP G 89 -58.97 42.08 -21.28
CA ASP G 89 -59.53 43.33 -20.77
C ASP G 89 -60.79 43.13 -19.94
N ALA G 90 -61.34 41.92 -19.90
CA ALA G 90 -62.48 41.65 -19.04
C ALA G 90 -62.08 41.10 -17.67
N ASP G 91 -60.79 40.91 -17.42
CA ASP G 91 -60.31 40.46 -16.12
C ASP G 91 -60.34 41.57 -15.07
N THR G 92 -60.84 42.75 -15.42
CA THR G 92 -60.97 43.83 -14.44
C THR G 92 -61.75 43.37 -13.23
N ALA G 93 -61.23 43.70 -12.05
CA ALA G 93 -61.87 43.32 -10.81
C ALA G 93 -61.20 44.09 -9.68
N VAL G 94 -61.52 43.73 -8.44
CA VAL G 94 -60.76 44.15 -7.27
C VAL G 94 -60.05 42.91 -6.75
N TYR G 95 -58.77 43.07 -6.38
CA TYR G 95 -57.89 41.95 -6.11
C TYR G 95 -57.51 41.90 -4.63
N TYR G 96 -57.43 40.68 -4.09
CA TYR G 96 -57.10 40.45 -2.70
C TYR G 96 -56.05 39.35 -2.60
N CYS G 97 -55.27 39.39 -1.54
CA CYS G 97 -54.33 38.33 -1.19
C CYS G 97 -54.68 37.77 0.17
N VAL G 98 -54.48 36.47 0.35
CA VAL G 98 -54.98 35.78 1.53
C VAL G 98 -54.13 34.53 1.79
N ARG G 99 -53.89 34.26 3.07
CA ARG G 99 -53.14 33.10 3.54
C ARG G 99 -54.08 32.00 4.00
N GLY G 100 -53.54 30.78 4.04
CA GLY G 100 -54.34 29.62 4.35
C GLY G 100 -54.61 29.45 5.84
N PRO G 101 -54.56 28.20 6.31
CA PRO G 101 -54.91 27.88 7.70
C PRO G 101 -53.76 27.69 8.69
N ASN G 102 -52.49 27.74 8.26
CA ASN G 102 -51.34 27.52 9.14
C ASN G 102 -51.34 26.11 9.75
N HIS G 103 -51.11 25.14 8.88
CA HIS G 103 -50.94 23.74 9.30
C HIS G 103 -49.89 23.60 10.40
N TRP G 104 -49.90 22.45 11.08
CA TRP G 104 -48.86 22.12 12.05
C TRP G 104 -47.80 21.20 11.48
N GLU G 105 -48.21 20.10 10.86
CA GLU G 105 -47.32 19.33 10.01
C GLU G 105 -47.28 20.03 8.67
N TYR G 106 -46.75 19.41 7.63
CA TYR G 106 -46.61 20.16 6.40
C TYR G 106 -47.94 20.35 5.69
N PHE G 107 -48.54 19.27 5.20
CA PHE G 107 -49.88 19.36 4.61
C PHE G 107 -50.91 18.76 5.55
N ASP G 108 -51.04 19.38 6.72
CA ASP G 108 -51.87 18.82 7.77
C ASP G 108 -53.33 18.74 7.34
N SER G 109 -53.96 19.89 7.14
CA SER G 109 -55.36 19.93 6.70
C SER G 109 -55.42 19.33 5.31
N GLY G 110 -55.90 18.10 5.22
CA GLY G 110 -55.80 17.32 3.99
C GLY G 110 -56.25 18.05 2.75
N ASN G 111 -57.56 18.27 2.60
CA ASN G 111 -58.07 19.15 1.54
C ASN G 111 -59.05 20.11 2.19
N ASN G 112 -58.52 21.16 2.82
CA ASN G 112 -59.37 22.31 3.10
C ASN G 112 -58.73 23.59 2.59
N GLU G 113 -57.55 23.89 3.13
CA GLU G 113 -56.72 25.07 2.86
C GLU G 113 -57.62 26.26 2.54
N TYR G 114 -58.58 26.52 3.41
CA TYR G 114 -59.53 27.61 3.25
C TYR G 114 -58.86 28.96 3.45
N PHE G 115 -59.37 29.99 2.79
CA PHE G 115 -58.87 31.34 3.01
C PHE G 115 -59.28 31.82 4.39
N GLU G 116 -58.41 32.60 5.03
CA GLU G 116 -58.74 33.11 6.36
C GLU G 116 -58.48 34.59 6.54
N PHE G 117 -57.53 35.17 5.82
CA PHE G 117 -57.14 36.56 6.04
C PHE G 117 -57.04 37.30 4.70
N TRP G 118 -58.14 37.92 4.29
CA TRP G 118 -58.12 38.78 3.10
C TRP G 118 -57.47 40.10 3.47
N GLY G 119 -56.47 40.52 2.71
CA GLY G 119 -55.64 41.61 3.19
C GLY G 119 -56.25 42.99 3.19
N GLN G 120 -56.33 43.62 2.02
CA GLN G 120 -56.89 44.97 1.98
C GLN G 120 -57.87 45.19 0.84
N GLY G 121 -57.62 44.62 -0.33
CA GLY G 121 -58.37 44.98 -1.53
C GLY G 121 -57.66 46.03 -2.36
N ALA G 122 -57.54 45.79 -3.66
CA ALA G 122 -56.90 46.72 -4.56
C ALA G 122 -57.62 46.71 -5.90
N LEU G 123 -57.84 47.91 -6.44
CA LEU G 123 -58.61 48.09 -7.67
C LEU G 123 -57.72 47.90 -8.89
N VAL G 124 -58.16 47.04 -9.81
CA VAL G 124 -57.47 46.81 -11.08
C VAL G 124 -58.50 46.88 -12.19
N THR G 125 -58.48 47.98 -12.96
CA THR G 125 -59.33 48.13 -14.12
C THR G 125 -58.48 48.11 -15.38
N VAL G 126 -58.87 47.27 -16.33
CA VAL G 126 -58.09 47.04 -17.54
C VAL G 126 -58.97 47.24 -18.76
N SER G 127 -58.47 48.00 -19.73
CA SER G 127 -59.12 48.18 -21.02
C SER G 127 -58.07 48.64 -22.01
N SER G 128 -58.30 48.33 -23.30
CA SER G 128 -57.32 48.65 -24.33
C SER G 128 -57.03 50.15 -24.41
N ALA G 129 -57.98 50.98 -24.01
CA ALA G 129 -57.78 52.43 -24.02
C ALA G 129 -58.12 53.03 -22.66
N GLU H 1 9.18 44.30 -46.50
CA GLU H 1 9.06 45.74 -46.34
C GLU H 1 10.07 46.27 -45.33
N VAL H 2 11.32 45.86 -45.48
CA VAL H 2 12.35 46.25 -44.53
C VAL H 2 12.90 47.62 -44.91
N GLN H 3 13.24 48.42 -43.89
CA GLN H 3 13.90 49.71 -44.07
C GLN H 3 14.89 49.85 -42.92
N LEU H 4 16.12 49.41 -43.14
CA LEU H 4 17.11 49.31 -42.06
C LEU H 4 17.79 50.66 -41.88
N VAL H 5 17.54 51.29 -40.73
CA VAL H 5 18.20 52.52 -40.33
C VAL H 5 19.27 52.16 -39.30
N GLU H 6 20.46 52.71 -39.46
CA GLU H 6 21.56 52.41 -38.57
C GLU H 6 22.15 53.69 -38.00
N SER H 7 22.85 53.54 -36.88
CA SER H 7 23.49 54.68 -36.23
C SER H 7 24.60 54.17 -35.33
N GLY H 8 25.84 54.53 -35.65
CA GLY H 8 26.97 54.16 -34.83
C GLY H 8 27.44 55.34 -33.99
N PRO H 9 28.61 55.18 -33.35
CA PRO H 9 29.10 56.28 -32.50
C PRO H 9 29.37 57.57 -33.26
N GLY H 10 29.82 57.48 -34.51
CA GLY H 10 30.13 58.64 -35.33
C GLY H 10 31.61 58.85 -35.58
N LEU H 11 32.44 58.66 -34.56
CA LEU H 11 33.89 58.73 -34.73
C LEU H 11 34.55 58.00 -33.57
N VAL H 12 35.09 56.82 -33.83
CA VAL H 12 35.75 56.03 -32.81
C VAL H 12 37.24 56.37 -32.84
N LYS H 13 37.90 56.15 -31.71
CA LYS H 13 39.34 56.31 -31.60
C LYS H 13 40.01 54.94 -31.63
N ALA H 14 41.30 54.92 -31.92
CA ALA H 14 42.01 53.67 -32.14
C ALA H 14 42.04 52.82 -30.89
N SER H 15 42.05 51.51 -31.09
CA SER H 15 42.07 50.52 -30.00
C SER H 15 40.91 50.74 -29.04
N GLU H 16 39.74 51.04 -29.57
CA GLU H 16 38.51 51.13 -28.81
C GLU H 16 37.37 50.53 -29.62
N THR H 17 36.64 49.59 -29.03
CA THR H 17 35.59 48.89 -29.75
C THR H 17 34.45 49.84 -30.11
N LEU H 18 33.96 49.69 -31.34
CA LEU H 18 32.79 50.43 -31.81
C LEU H 18 31.61 49.48 -31.96
N SER H 19 30.42 50.06 -32.05
CA SER H 19 29.22 49.27 -32.12
C SER H 19 28.16 49.99 -32.95
N LEU H 20 27.39 49.22 -33.69
CA LEU H 20 26.32 49.74 -34.52
C LEU H 20 25.10 48.85 -34.38
N THR H 21 23.92 49.46 -34.43
CA THR H 21 22.66 48.75 -34.35
C THR H 21 21.77 49.20 -35.50
N CYS H 22 21.24 48.24 -36.24
CA CYS H 22 20.40 48.53 -37.41
C CYS H 22 18.94 48.38 -37.02
N THR H 23 18.26 49.49 -36.81
CA THR H 23 16.85 49.47 -36.46
C THR H 23 16.03 48.98 -37.65
N VAL H 24 15.37 47.83 -37.49
CA VAL H 24 14.54 47.25 -38.53
C VAL H 24 13.14 47.83 -38.40
N SER H 25 12.54 48.22 -39.51
CA SER H 25 11.20 48.77 -39.51
C SER H 25 10.38 48.15 -40.63
N GLY H 26 9.08 48.04 -40.40
CA GLY H 26 8.17 47.47 -41.37
C GLY H 26 8.21 45.97 -41.49
N TYR H 27 9.00 45.29 -40.67
CA TYR H 27 9.18 43.85 -40.77
C TYR H 27 9.66 43.33 -39.43
N ASN H 28 9.20 42.13 -39.07
CA ASN H 28 9.64 41.51 -37.83
C ASN H 28 11.07 41.00 -37.98
N ILE H 29 11.64 40.60 -36.86
CA ILE H 29 13.01 40.11 -36.81
C ILE H 29 12.96 38.60 -36.60
N ARG H 30 11.92 37.96 -37.12
CA ARG H 30 11.77 36.50 -37.02
C ARG H 30 11.23 35.99 -38.36
N SER H 31 12.11 35.67 -39.30
CA SER H 31 11.62 35.16 -40.57
C SER H 31 12.53 34.11 -41.20
N ASN H 32 13.22 33.31 -40.39
CA ASN H 32 14.06 32.21 -40.85
C ASN H 32 15.24 32.67 -41.70
N ASN H 33 15.48 33.97 -41.81
CA ASN H 33 16.52 34.50 -42.67
C ASN H 33 17.73 34.96 -41.87
N TRP H 34 18.85 35.07 -42.57
CA TRP H 34 20.12 35.51 -41.97
C TRP H 34 20.13 37.03 -41.85
N TRP H 35 20.56 37.52 -40.69
CA TRP H 35 20.67 38.95 -40.43
C TRP H 35 22.15 39.28 -40.25
N SER H 36 22.77 39.86 -41.28
CA SER H 36 24.23 39.92 -41.37
C SER H 36 24.70 41.32 -41.77
N TRP H 37 26.03 41.49 -41.74
CA TRP H 37 26.72 42.76 -41.93
C TRP H 37 27.69 42.66 -43.09
N VAL H 38 28.23 43.82 -43.48
CA VAL H 38 29.22 43.90 -44.56
C VAL H 38 29.88 45.27 -44.48
N ARG H 39 31.10 45.38 -45.03
CA ARG H 39 31.85 46.62 -45.07
C ARG H 39 32.39 46.87 -46.47
N GLN H 40 32.53 48.16 -46.82
CA GLN H 40 33.06 48.57 -48.12
C GLN H 40 34.14 49.63 -47.94
N PRO H 41 35.36 49.23 -47.58
CA PRO H 41 36.44 50.20 -47.51
C PRO H 41 36.68 50.82 -48.89
N PRO H 42 37.01 52.11 -48.96
CA PRO H 42 37.22 52.75 -50.26
C PRO H 42 38.34 52.06 -51.02
N GLY H 43 38.03 51.59 -52.23
CA GLY H 43 38.93 50.72 -52.93
C GLY H 43 38.45 49.28 -52.94
N LYS H 44 39.01 48.44 -52.07
CA LYS H 44 38.72 47.01 -52.04
C LYS H 44 37.22 46.74 -51.92
N GLY H 45 36.83 45.49 -52.21
CA GLY H 45 35.43 45.14 -52.34
C GLY H 45 34.59 45.13 -51.08
N LEU H 46 33.38 44.57 -51.20
CA LEU H 46 32.37 44.60 -50.16
C LEU H 46 32.65 43.51 -49.13
N GLU H 47 33.73 43.69 -48.37
CA GLU H 47 34.13 42.67 -47.41
C GLU H 47 33.03 42.42 -46.38
N TRP H 48 32.77 41.14 -46.11
CA TRP H 48 31.64 40.67 -45.32
C TRP H 48 32.12 40.10 -43.98
N ILE H 49 31.21 40.02 -43.01
CA ILE H 49 31.57 39.48 -41.71
C ILE H 49 30.78 38.22 -41.40
N GLY H 50 29.47 38.35 -41.24
CA GLY H 50 28.67 37.24 -40.77
C GLY H 50 27.33 37.72 -40.25
N GLY H 51 26.53 36.76 -39.80
CA GLY H 51 25.16 37.05 -39.42
C GLY H 51 24.70 36.42 -38.13
N VAL H 52 23.39 36.43 -37.88
CA VAL H 52 22.89 36.01 -36.57
C VAL H 52 21.69 35.07 -36.66
N TYR H 53 21.01 35.01 -37.82
CA TYR H 53 19.93 34.03 -37.99
C TYR H 53 18.78 34.27 -37.01
N ALA H 54 17.77 34.99 -37.45
CA ALA H 54 17.03 36.04 -36.77
C ALA H 54 17.04 36.09 -35.24
N ASN H 55 16.68 35.04 -34.53
CA ASN H 55 16.80 35.24 -33.09
C ASN H 55 17.36 34.05 -32.33
N SER H 56 18.07 33.16 -32.99
CA SER H 56 18.69 32.05 -32.31
C SER H 56 20.01 32.51 -31.70
N GLU H 57 20.82 31.58 -31.21
CA GLU H 57 22.16 31.85 -30.73
C GLU H 57 23.20 31.29 -31.70
N ILE H 58 22.82 31.16 -32.97
CA ILE H 58 23.63 30.47 -33.98
C ILE H 58 24.21 31.53 -34.90
N THR H 59 25.51 31.40 -35.21
CA THR H 59 26.23 32.39 -35.98
C THR H 59 27.25 31.73 -36.89
N ASN H 60 27.66 32.47 -37.92
CA ASN H 60 28.88 32.19 -38.67
C ASN H 60 29.65 33.50 -38.84
N TYR H 61 30.95 33.41 -38.98
CA TYR H 61 31.80 34.59 -38.96
C TYR H 61 32.60 34.70 -40.25
N ASN H 62 33.53 35.66 -40.27
CA ASN H 62 34.42 35.90 -41.40
C ASN H 62 35.84 35.56 -40.95
N SER H 63 36.22 34.30 -41.16
CA SER H 63 37.59 33.90 -40.87
C SER H 63 38.59 34.58 -41.81
N SER H 64 38.11 35.16 -42.92
CA SER H 64 39.00 35.89 -43.80
C SER H 64 39.66 37.07 -43.09
N LEU H 65 38.97 37.70 -42.14
CA LEU H 65 39.71 38.60 -41.26
C LEU H 65 40.08 37.87 -39.97
N LYS H 66 39.10 37.61 -39.11
CA LYS H 66 39.23 36.69 -37.98
C LYS H 66 37.93 36.62 -37.21
N SER H 67 37.94 35.95 -36.05
CA SER H 67 36.77 35.74 -35.20
C SER H 67 36.66 36.75 -34.05
N ARG H 68 37.02 38.02 -34.28
CA ARG H 68 36.91 39.05 -33.25
C ARG H 68 35.46 39.26 -32.81
N VAL H 69 34.54 39.34 -33.77
CA VAL H 69 33.20 39.84 -33.49
C VAL H 69 32.41 38.84 -32.67
N SER H 70 31.37 39.36 -31.99
CA SER H 70 30.46 38.56 -31.18
C SER H 70 29.02 39.07 -31.32
N ILE H 71 28.57 39.26 -32.56
CA ILE H 71 27.30 39.93 -32.83
C ILE H 71 26.13 39.23 -32.13
N SER H 72 25.21 40.03 -31.59
CA SER H 72 23.98 39.56 -30.97
C SER H 72 22.79 40.14 -31.74
N GLN H 73 21.56 39.88 -31.25
CA GLN H 73 20.37 40.07 -32.07
C GLN H 73 19.16 40.66 -31.33
N ASP H 74 19.35 41.34 -30.21
CA ASP H 74 18.23 41.65 -29.31
C ASP H 74 16.94 42.11 -30.00
N ALA H 75 15.89 41.29 -29.88
CA ALA H 75 14.60 41.52 -30.50
C ALA H 75 13.69 42.24 -29.52
N TRP H 76 12.38 42.26 -29.83
CA TRP H 76 11.34 42.86 -29.01
C TRP H 76 11.49 44.39 -29.05
N ARG H 77 12.57 44.85 -29.64
CA ARG H 77 12.78 46.25 -29.99
C ARG H 77 13.18 46.43 -31.44
N ASN H 78 13.51 45.34 -32.14
CA ASN H 78 14.04 45.36 -33.50
C ASN H 78 15.42 46.02 -33.55
N LYS H 79 16.33 45.55 -32.71
CA LYS H 79 17.73 45.97 -32.76
C LYS H 79 18.56 44.89 -33.42
N PHE H 80 19.77 45.26 -33.82
CA PHE H 80 20.52 44.36 -34.70
C PHE H 80 21.94 44.16 -34.19
N SER H 81 22.55 45.22 -33.63
CA SER H 81 23.65 45.09 -32.67
C SER H 81 24.95 44.42 -33.11
N LEU H 82 25.78 45.09 -33.92
CA LEU H 82 27.15 44.64 -34.15
C LEU H 82 28.09 45.05 -33.01
N LYS H 83 29.15 44.27 -32.83
CA LYS H 83 30.22 44.60 -31.89
C LYS H 83 31.57 44.15 -32.44
N LEU H 84 32.51 45.10 -32.58
CA LEU H 84 33.83 44.85 -33.14
C LEU H 84 34.89 44.98 -32.05
N LYS H 85 35.72 43.94 -31.91
CA LYS H 85 36.68 43.86 -30.83
C LYS H 85 38.11 44.04 -31.36
N SER H 86 38.92 44.78 -30.62
CA SER H 86 40.34 44.98 -30.90
C SER H 86 40.54 45.56 -32.30
N VAL H 87 39.99 46.75 -32.49
CA VAL H 87 40.07 47.44 -33.76
C VAL H 87 41.39 48.18 -33.85
N THR H 88 41.98 48.17 -35.04
CA THR H 88 43.11 49.02 -35.38
C THR H 88 42.67 50.01 -36.45
N ASP H 89 43.58 50.93 -36.80
CA ASP H 89 43.25 51.96 -37.78
C ASP H 89 43.03 51.40 -39.17
N ALA H 90 43.37 50.14 -39.41
CA ALA H 90 43.17 49.53 -40.72
C ALA H 90 41.74 49.09 -40.98
N ASP H 91 40.86 49.18 -39.98
CA ASP H 91 39.51 48.65 -40.11
C ASP H 91 38.50 49.68 -40.59
N THR H 92 38.91 50.91 -40.87
CA THR H 92 37.96 51.94 -41.30
C THR H 92 37.29 51.52 -42.61
N ALA H 93 36.00 51.81 -42.72
CA ALA H 93 35.22 51.48 -43.91
C ALA H 93 33.87 52.19 -43.81
N VAL H 94 32.97 51.83 -44.72
CA VAL H 94 31.55 52.17 -44.60
C VAL H 94 30.79 50.87 -44.41
N TYR H 95 29.94 50.83 -43.39
CA TYR H 95 29.32 49.59 -42.93
C TYR H 95 27.87 49.52 -43.40
N TYR H 96 27.49 48.39 -43.96
CA TYR H 96 26.12 48.12 -44.38
C TYR H 96 25.61 46.89 -43.64
N CYS H 97 24.31 46.88 -43.35
CA CYS H 97 23.66 45.72 -42.77
C CYS H 97 22.62 45.19 -43.73
N VAL H 98 22.51 43.86 -43.81
CA VAL H 98 21.75 43.22 -44.85
C VAL H 98 21.19 41.91 -44.33
N ARG H 99 20.00 41.55 -44.79
CA ARG H 99 19.33 40.31 -44.42
C ARG H 99 19.46 39.29 -45.54
N GLY H 100 18.98 38.08 -45.27
CA GLY H 100 19.10 36.99 -46.19
C GLY H 100 17.95 36.89 -47.17
N PRO H 101 17.70 35.68 -47.69
CA PRO H 101 16.70 35.50 -48.72
C PRO H 101 15.32 35.05 -48.23
N ASN H 102 15.10 34.94 -46.92
CA ASN H 102 13.82 34.54 -46.36
C ASN H 102 13.42 33.12 -46.80
N HIS H 103 14.18 32.14 -46.32
CA HIS H 103 13.87 30.75 -46.59
C HIS H 103 12.47 30.38 -46.09
N TRP H 104 12.04 29.18 -46.43
CA TRP H 104 10.73 28.69 -46.00
C TRP H 104 10.88 27.77 -44.79
N GLU H 105 11.74 26.77 -44.92
CA GLU H 105 12.08 25.85 -43.83
C GLU H 105 13.53 26.15 -43.47
N TYR H 106 13.86 26.06 -42.16
CA TYR H 106 15.04 26.73 -41.62
C TYR H 106 16.25 26.89 -42.54
N PHE H 107 16.67 25.84 -43.22
CA PHE H 107 17.79 25.97 -44.14
C PHE H 107 17.42 25.29 -45.46
N ASP H 108 16.72 26.03 -46.31
CA ASP H 108 16.32 25.51 -47.63
C ASP H 108 17.48 25.65 -48.62
N SER H 109 17.92 26.89 -48.84
CA SER H 109 19.09 27.13 -49.67
C SER H 109 20.34 26.59 -48.96
N GLY H 110 20.90 25.52 -49.51
CA GLY H 110 22.00 24.83 -48.89
C GLY H 110 23.12 25.76 -48.46
N ASN H 111 23.87 26.31 -49.43
CA ASN H 111 24.76 27.45 -49.16
C ASN H 111 24.61 28.45 -50.30
N ASN H 112 23.57 29.28 -50.23
CA ASN H 112 23.50 30.47 -51.09
C ASN H 112 23.39 31.74 -50.25
N GLU H 113 22.29 31.91 -49.52
CA GLU H 113 22.00 33.07 -48.66
C GLU H 113 22.61 34.33 -49.23
N TYR H 114 22.21 34.67 -50.46
CA TYR H 114 22.64 35.90 -51.10
C TYR H 114 22.06 37.12 -50.38
N PHE H 115 22.84 38.20 -50.38
CA PHE H 115 22.51 39.40 -49.61
C PHE H 115 21.61 40.27 -50.47
N GLU H 116 20.35 40.41 -50.09
CA GLU H 116 19.41 41.05 -51.01
C GLU H 116 18.86 42.38 -50.56
N PHE H 117 18.83 42.70 -49.27
CA PHE H 117 18.30 43.99 -48.81
C PHE H 117 19.38 44.76 -48.05
N TRP H 118 19.99 45.72 -48.74
CA TRP H 118 20.99 46.60 -48.15
C TRP H 118 20.30 47.87 -47.67
N GLY H 119 20.34 48.11 -46.36
CA GLY H 119 19.48 49.16 -45.84
C GLY H 119 19.89 50.59 -46.17
N GLN H 120 20.90 51.13 -45.49
CA GLN H 120 21.32 52.50 -45.77
C GLN H 120 22.84 52.65 -45.85
N GLY H 121 23.56 51.96 -44.98
CA GLY H 121 25.00 52.11 -44.88
C GLY H 121 25.43 53.23 -43.94
N ALA H 122 26.38 52.95 -43.06
CA ALA H 122 26.94 53.94 -42.14
C ALA H 122 28.44 53.76 -42.06
N LEU H 123 29.14 54.87 -41.86
CA LEU H 123 30.60 54.90 -41.94
C LEU H 123 31.20 55.42 -40.63
N VAL H 124 32.28 54.78 -40.18
CA VAL H 124 33.02 55.21 -39.00
C VAL H 124 34.50 55.06 -39.29
N THR H 125 35.30 56.07 -38.97
CA THR H 125 36.74 56.07 -39.19
C THR H 125 37.46 55.96 -37.86
N VAL H 126 38.41 55.05 -37.79
CA VAL H 126 39.13 54.72 -36.56
C VAL H 126 40.54 55.25 -36.64
N SER H 127 40.92 56.08 -35.67
CA SER H 127 42.24 56.70 -35.67
C SER H 127 42.58 57.13 -34.24
N SER H 128 43.87 57.06 -33.92
CA SER H 128 44.35 57.56 -32.63
C SER H 128 44.17 59.07 -32.51
N ALA H 129 44.37 59.81 -33.59
CA ALA H 129 44.25 61.27 -33.56
C ALA H 129 42.82 61.71 -33.87
N GLU I 1 31.47 44.28 36.05
CA GLU I 1 31.25 45.72 36.12
C GLU I 1 29.82 46.03 36.52
N VAL I 2 29.26 45.18 37.38
CA VAL I 2 27.88 45.37 37.80
C VAL I 2 27.72 46.70 38.50
N GLN I 3 26.61 47.39 38.20
CA GLN I 3 26.26 48.66 38.83
C GLN I 3 24.78 48.59 39.17
N LEU I 4 24.46 48.07 40.35
CA LEU I 4 23.07 47.82 40.73
C LEU I 4 22.50 49.05 41.40
N VAL I 5 21.67 49.78 40.68
CA VAL I 5 20.89 50.89 41.23
C VAL I 5 19.51 50.35 41.55
N GLU I 6 19.13 50.43 42.82
CA GLU I 6 17.94 49.75 43.32
C GLU I 6 16.90 50.78 43.74
N SER I 7 15.63 50.49 43.47
CA SER I 7 14.56 51.44 43.75
C SER I 7 13.28 50.68 44.04
N GLY I 8 12.42 51.28 44.88
CA GLY I 8 11.14 50.69 45.21
C GLY I 8 10.09 51.74 45.51
N PRO I 9 9.19 51.45 46.45
CA PRO I 9 8.13 52.41 46.78
C PRO I 9 8.66 53.64 47.49
N GLY I 10 9.42 53.43 48.57
CA GLY I 10 9.94 54.50 49.40
C GLY I 10 9.13 54.73 50.67
N LEU I 11 7.84 54.36 50.67
CA LEU I 11 7.02 54.50 51.86
C LEU I 11 5.78 53.61 51.66
N VAL I 12 5.61 52.64 52.53
CA VAL I 12 4.46 51.76 52.51
C VAL I 12 3.73 51.89 53.83
N LYS I 13 2.50 51.39 53.88
CA LYS I 13 1.73 51.30 55.11
C LYS I 13 1.40 49.84 55.40
N ALA I 14 0.86 49.59 56.59
CA ALA I 14 0.70 48.24 57.08
C ALA I 14 -0.37 47.49 56.29
N SER I 15 -0.26 46.16 56.33
CA SER I 15 -1.17 45.24 55.63
C SER I 15 -1.08 45.40 54.12
N GLU I 16 -0.13 46.18 53.62
CA GLU I 16 0.03 46.40 52.19
C GLU I 16 1.38 45.87 51.76
N THR I 17 1.39 45.06 50.71
CA THR I 17 2.60 44.39 50.27
C THR I 17 3.63 45.39 49.75
N LEU I 18 4.91 45.04 49.90
CA LEU I 18 6.02 45.86 49.44
C LEU I 18 6.76 45.15 48.32
N SER I 19 7.13 45.92 47.30
CA SER I 19 7.78 45.35 46.12
C SER I 19 8.94 46.23 45.72
N LEU I 20 10.04 45.59 45.32
CA LEU I 20 11.30 46.26 45.10
C LEU I 20 11.92 45.77 43.80
N THR I 21 12.47 46.68 43.00
CA THR I 21 13.12 46.33 41.75
C THR I 21 14.54 46.87 41.73
N CYS I 22 15.48 46.04 41.25
CA CYS I 22 16.91 46.36 41.25
C CYS I 22 17.38 46.30 39.80
N THR I 23 17.66 47.46 39.22
CA THR I 23 18.03 47.53 37.81
C THR I 23 19.50 47.20 37.64
N VAL I 24 19.79 46.11 36.94
CA VAL I 24 21.15 45.63 36.73
C VAL I 24 21.70 46.28 35.48
N SER I 25 22.89 46.87 35.59
CA SER I 25 23.52 47.53 34.47
C SER I 25 24.99 47.13 34.38
N GLY I 26 25.50 47.10 33.15
CA GLY I 26 26.88 46.76 32.90
C GLY I 26 27.17 45.28 32.83
N TYR I 27 26.22 44.43 33.21
CA TYR I 27 26.44 43.00 33.20
C TYR I 27 25.07 42.35 33.08
N ASN I 28 24.91 41.45 32.12
CA ASN I 28 23.61 40.88 31.82
C ASN I 28 23.04 40.12 33.01
N ILE I 29 21.78 39.76 32.90
CA ILE I 29 21.06 39.06 33.96
C ILE I 29 20.92 37.57 33.60
N ARG I 30 21.78 37.08 32.72
CA ARG I 30 21.85 35.67 32.37
C ARG I 30 23.29 35.25 32.63
N SER I 31 23.61 34.89 33.87
CA SER I 31 25.03 34.66 34.17
C SER I 31 25.28 33.55 35.17
N ASN I 32 24.45 32.51 35.20
CA ASN I 32 24.69 31.29 35.97
C ASN I 32 24.63 31.50 37.48
N ASN I 33 24.47 32.74 37.95
CA ASN I 33 24.68 33.05 39.36
C ASN I 33 23.36 33.32 40.06
N TRP I 34 23.42 33.26 41.39
CA TRP I 34 22.27 33.53 42.24
C TRP I 34 22.13 35.03 42.45
N TRP I 35 21.03 35.61 41.95
CA TRP I 35 20.66 36.98 42.26
C TRP I 35 19.71 36.94 43.45
N SER I 36 20.09 37.60 44.54
CA SER I 36 19.42 37.42 45.82
C SER I 36 19.19 38.77 46.50
N TRP I 37 18.12 38.81 47.29
CA TRP I 37 17.79 39.94 48.14
C TRP I 37 18.25 39.69 49.57
N VAL I 38 18.50 40.78 50.30
CA VAL I 38 19.00 40.68 51.66
C VAL I 38 18.78 42.02 52.35
N ARG I 39 18.47 41.96 53.65
CA ARG I 39 18.11 43.13 54.45
C ARG I 39 19.11 43.32 55.58
N GLN I 40 19.00 44.48 56.23
CA GLN I 40 19.77 44.78 57.44
C GLN I 40 18.92 45.63 58.35
N PRO I 41 18.17 45.03 59.27
CA PRO I 41 17.40 45.83 60.23
C PRO I 41 18.36 46.59 61.13
N PRO I 42 17.96 47.76 61.63
CA PRO I 42 18.84 48.49 62.54
C PRO I 42 19.16 47.65 63.78
N GLY I 43 20.43 47.31 63.93
CA GLY I 43 20.82 46.41 65.00
C GLY I 43 21.20 45.02 64.52
N LYS I 44 20.26 44.08 64.65
CA LYS I 44 20.46 42.65 64.41
C LYS I 44 21.09 42.36 63.05
N GLY I 45 21.65 41.17 62.91
CA GLY I 45 22.42 40.81 61.74
C GLY I 45 21.66 40.95 60.42
N LEU I 46 22.42 40.79 59.33
CA LEU I 46 21.95 41.10 57.99
C LEU I 46 21.16 39.93 57.43
N GLU I 47 19.96 39.73 57.96
CA GLU I 47 19.16 38.56 57.63
C GLU I 47 18.89 38.47 56.13
N TRP I 48 18.61 37.26 55.65
CA TRP I 48 18.62 36.90 54.24
C TRP I 48 17.28 36.31 53.83
N ILE I 49 16.92 36.47 52.55
CA ILE I 49 15.57 36.15 52.08
C ILE I 49 15.54 35.02 51.05
N GLY I 50 16.28 35.17 49.96
CA GLY I 50 16.28 34.15 48.93
C GLY I 50 16.91 34.65 47.66
N GLY I 51 16.93 33.75 46.66
CA GLY I 51 17.56 34.05 45.37
C GLY I 51 16.74 33.62 44.17
N VAL I 52 17.27 33.80 42.95
CA VAL I 52 16.49 33.53 41.75
C VAL I 52 17.18 32.67 40.72
N TYR I 53 18.52 32.61 40.66
CA TYR I 53 19.22 31.80 39.65
C TYR I 53 18.94 32.24 38.22
N ALA I 54 19.78 33.12 37.69
CA ALA I 54 19.49 34.27 36.84
C ALA I 54 18.20 34.28 36.02
N ASN I 55 17.92 33.29 35.18
CA ASN I 55 16.62 33.41 34.55
C ASN I 55 15.87 32.10 34.49
N SER I 56 16.13 31.19 35.40
CA SER I 56 15.33 29.99 35.48
C SER I 56 14.10 30.28 36.34
N GLU I 57 13.35 29.23 36.66
CA GLU I 57 12.22 29.35 37.57
C GLU I 57 12.51 28.65 38.90
N ILE I 58 13.78 28.55 39.26
CA ILE I 58 14.20 27.86 40.47
C ILE I 58 14.62 28.90 41.50
N THR I 59 14.10 28.77 42.72
CA THR I 59 14.37 29.70 43.80
C THR I 59 14.43 28.93 45.11
N ASN I 60 15.36 29.31 45.99
CA ASN I 60 15.32 28.88 47.37
C ASN I 60 15.00 30.07 48.25
N TYR I 61 14.25 29.83 49.31
CA TYR I 61 13.69 30.88 50.14
C TYR I 61 14.39 30.91 51.49
N ASN I 62 13.89 31.74 52.38
CA ASN I 62 14.32 31.78 53.78
C ASN I 62 13.09 31.55 54.64
N SER I 63 12.83 30.30 54.98
CA SER I 63 11.69 29.98 55.82
C SER I 63 11.84 30.55 57.23
N SER I 64 13.05 30.99 57.59
CA SER I 64 13.24 31.65 58.88
C SER I 64 12.48 32.97 58.98
N LEU I 65 12.09 33.56 57.85
CA LEU I 65 11.16 34.66 57.94
C LEU I 65 9.74 34.13 57.76
N LYS I 66 9.44 33.61 56.56
CA LYS I 66 8.39 32.64 56.19
C LYS I 66 8.44 32.33 54.70
N SER I 67 7.43 31.62 54.21
CA SER I 67 7.22 31.36 52.80
C SER I 67 6.35 32.43 52.15
N ARG I 68 6.46 33.68 52.61
CA ARG I 68 5.63 34.77 52.14
C ARG I 68 6.14 35.38 50.84
N VAL I 69 7.32 34.95 50.37
CA VAL I 69 8.04 35.64 49.30
C VAL I 69 7.85 34.91 47.96
N SER I 70 7.88 35.68 46.87
CA SER I 70 7.69 35.17 45.52
C SER I 70 8.65 35.83 44.52
N ILE I 71 9.95 35.83 44.84
CA ILE I 71 10.94 36.52 44.02
C ILE I 71 10.86 36.10 42.55
N SER I 72 11.08 37.06 41.65
CA SER I 72 10.97 36.85 40.20
C SER I 72 12.26 37.25 39.50
N GLN I 73 12.25 37.17 38.16
CA GLN I 73 13.48 37.22 37.38
C GLN I 73 13.38 38.02 36.09
N ASP I 74 12.37 38.89 35.94
CA ASP I 74 12.02 39.45 34.65
C ASP I 74 13.20 40.11 33.94
N ALA I 75 13.67 39.48 32.86
CA ALA I 75 14.83 39.91 32.09
C ALA I 75 14.37 40.75 30.91
N TRP I 76 15.30 41.05 30.00
CA TRP I 76 15.05 41.82 28.79
C TRP I 76 14.73 43.27 29.16
N ARG I 77 14.60 43.52 30.46
CA ARG I 77 14.51 44.87 31.01
C ARG I 77 15.49 45.06 32.15
N ASN I 78 16.15 44.00 32.60
CA ASN I 78 17.10 44.02 33.70
C ASN I 78 16.44 44.34 35.03
N LYS I 79 15.19 43.97 35.19
CA LYS I 79 14.47 44.13 36.45
C LYS I 79 14.69 42.90 37.32
N PHE I 80 14.41 43.05 38.61
CA PHE I 80 14.61 41.90 39.47
C PHE I 80 13.43 41.59 40.39
N SER I 81 12.71 42.62 40.87
CA SER I 81 11.31 42.49 41.27
C SER I 81 11.07 41.52 42.44
N LEU I 82 11.51 41.94 43.62
CA LEU I 82 11.04 41.33 44.86
C LEU I 82 9.56 41.65 45.10
N LYS I 83 8.87 40.72 45.77
CA LYS I 83 7.53 41.00 46.29
C LYS I 83 7.40 40.33 47.66
N LEU I 84 6.97 41.11 48.65
CA LEU I 84 6.83 40.64 50.03
C LEU I 84 5.49 41.09 50.58
N LYS I 85 4.80 40.18 51.26
CA LYS I 85 3.37 40.27 51.50
C LYS I 85 3.05 40.44 52.97
N SER I 86 1.98 41.18 53.27
CA SER I 86 1.41 41.33 54.61
C SER I 86 2.48 41.81 55.60
N VAL I 87 2.97 43.02 55.34
CA VAL I 87 4.08 43.58 56.08
C VAL I 87 3.58 44.03 57.46
N THR I 88 4.45 43.90 58.46
CA THR I 88 4.20 44.44 59.78
C THR I 88 5.10 45.64 60.04
N ASP I 89 4.84 46.33 61.16
CA ASP I 89 5.66 47.47 61.53
C ASP I 89 7.09 47.05 61.90
N ALA I 90 7.29 45.80 62.30
CA ALA I 90 8.59 45.30 62.71
C ALA I 90 9.44 44.86 61.53
N ASP I 91 8.96 45.02 60.30
CA ASP I 91 9.73 44.69 59.11
C ASP I 91 10.53 45.86 58.57
N THR I 92 10.45 47.03 59.22
CA THR I 92 11.23 48.17 58.76
C THR I 92 12.71 47.84 58.80
N ALA I 93 13.41 48.14 57.71
CA ALA I 93 14.81 47.79 57.57
C ALA I 93 15.38 48.57 56.40
N VAL I 94 16.58 48.19 55.96
CA VAL I 94 17.16 48.65 54.71
C VAL I 94 17.37 47.42 53.83
N TYR I 95 17.12 47.56 52.54
CA TYR I 95 17.10 46.42 51.64
C TYR I 95 18.25 46.48 50.62
N TYR I 96 18.75 45.31 50.23
CA TYR I 96 19.92 45.18 49.38
C TYR I 96 19.70 44.11 48.32
N CYS I 97 20.17 44.37 47.10
CA CYS I 97 20.20 43.38 46.03
C CYS I 97 21.64 43.00 45.74
N VAL I 98 21.90 41.68 45.67
CA VAL I 98 23.25 41.16 45.50
C VAL I 98 23.21 39.94 44.60
N ARG I 99 24.35 39.63 43.98
CA ARG I 99 24.51 38.49 43.08
C ARG I 99 25.55 37.52 43.63
N GLY I 100 25.38 36.25 43.30
CA GLY I 100 26.22 35.20 43.83
C GLY I 100 27.60 35.14 43.21
N PRO I 101 28.18 33.94 43.17
CA PRO I 101 29.60 33.81 42.79
C PRO I 101 29.84 33.47 41.32
N ASN I 102 28.80 33.35 40.48
CA ASN I 102 28.98 33.04 39.06
C ASN I 102 29.67 31.70 38.81
N HIS I 103 28.97 30.60 39.10
CA HIS I 103 29.52 29.28 38.84
C HIS I 103 29.83 29.08 37.35
N TRP I 104 30.44 27.93 37.05
CA TRP I 104 30.81 27.59 35.68
C TRP I 104 29.91 26.49 35.10
N GLU I 105 29.81 25.34 35.77
CA GLU I 105 29.00 24.22 35.27
C GLU I 105 27.65 24.19 36.03
N TYR I 106 27.00 25.35 36.05
CA TYR I 106 25.68 25.54 36.68
C TYR I 106 25.62 25.32 38.19
N PHE I 107 26.54 24.55 38.74
CA PHE I 107 26.60 24.32 40.19
C PHE I 107 28.01 23.83 40.48
N ASP I 108 28.87 24.73 40.93
CA ASP I 108 30.25 24.36 41.24
C ASP I 108 30.47 24.52 42.74
N SER I 109 30.15 25.69 43.25
CA SER I 109 30.11 25.86 44.69
C SER I 109 28.95 25.01 45.21
N GLY I 110 29.29 23.86 45.79
CA GLY I 110 28.29 22.90 46.24
C GLY I 110 27.22 23.57 47.07
N ASN I 111 27.59 24.02 48.27
CA ASN I 111 26.77 24.96 49.02
C ASN I 111 27.72 26.01 49.59
N ASN I 112 28.06 27.02 48.80
CA ASN I 112 28.83 28.14 49.30
C ASN I 112 28.10 29.47 49.10
N GLU I 113 27.79 29.83 47.85
CA GLU I 113 26.99 30.99 47.48
C GLU I 113 27.29 32.19 48.37
N TYR I 114 28.50 32.71 48.26
CA TYR I 114 28.86 33.91 48.99
C TYR I 114 28.47 35.16 48.20
N PHE I 115 27.89 36.13 48.91
CA PHE I 115 27.50 37.40 48.30
C PHE I 115 28.76 38.21 48.03
N GLU I 116 28.85 38.81 46.85
CA GLU I 116 30.08 39.52 46.51
C GLU I 116 29.88 40.92 45.93
N PHE I 117 28.65 41.37 45.70
CA PHE I 117 28.40 42.70 45.16
C PHE I 117 27.11 43.26 45.75
N TRP I 118 27.24 44.26 46.60
CA TRP I 118 26.10 44.96 47.20
C TRP I 118 25.97 46.32 46.53
N GLY I 119 24.89 46.52 45.77
CA GLY I 119 24.87 47.69 44.92
C GLY I 119 24.66 49.05 45.58
N GLN I 120 23.44 49.38 45.97
CA GLN I 120 23.20 50.70 46.53
C GLN I 120 22.35 50.68 47.79
N GLY I 121 21.34 49.81 47.81
CA GLY I 121 20.40 49.76 48.92
C GLY I 121 19.41 50.90 48.99
N ALA I 122 18.27 50.68 49.65
CA ALA I 122 17.29 51.73 49.89
C ALA I 122 16.46 51.39 51.11
N LEU I 123 15.97 52.43 51.78
CA LEU I 123 15.25 52.30 53.05
C LEU I 123 13.76 52.10 52.79
N VAL I 124 13.15 51.22 53.59
CA VAL I 124 11.71 51.01 53.56
C VAL I 124 11.12 51.45 54.89
N THR I 125 10.07 52.28 54.83
CA THR I 125 9.35 52.71 56.01
C THR I 125 7.94 52.15 55.97
N VAL I 126 7.58 51.41 57.01
CA VAL I 126 6.26 50.80 57.14
C VAL I 126 5.60 51.36 58.40
N SER I 127 4.36 51.81 58.26
CA SER I 127 3.63 52.38 59.38
C SER I 127 2.14 52.37 59.07
N SER I 128 1.33 51.95 60.04
CA SER I 128 -0.11 52.04 59.91
C SER I 128 -0.58 53.47 59.71
N ALA I 129 0.23 54.45 60.11
CA ALA I 129 -0.10 55.86 59.91
C ALA I 129 0.52 56.36 58.60
N GLN J 1 -4.66 -7.90 43.82
CA GLN J 1 -4.23 -9.28 43.74
C GLN J 1 -5.20 -10.20 44.45
N ILE J 2 -4.88 -11.48 44.48
CA ILE J 2 -5.69 -12.48 45.16
C ILE J 2 -5.32 -12.49 46.64
N HIS J 3 -6.32 -12.54 47.50
CA HIS J 3 -6.09 -12.56 48.95
C HIS J 3 -7.20 -13.38 49.60
N LEU J 4 -6.82 -14.24 50.52
CA LEU J 4 -7.75 -15.16 51.17
C LEU J 4 -7.84 -14.81 52.65
N VAL J 5 -9.06 -14.76 53.18
CA VAL J 5 -9.30 -14.38 54.56
C VAL J 5 -10.31 -15.34 55.14
N GLN J 6 -9.89 -16.15 56.11
CA GLN J 6 -10.76 -17.09 56.79
C GLN J 6 -11.23 -16.50 58.11
N SER J 7 -12.19 -17.17 58.73
CA SER J 7 -12.79 -16.68 59.97
C SER J 7 -11.79 -16.86 61.12
N GLY J 8 -12.26 -16.60 62.34
CA GLY J 8 -11.40 -16.58 63.51
C GLY J 8 -11.40 -17.89 64.29
N THR J 9 -10.64 -17.87 65.39
CA THR J 9 -10.49 -19.04 66.25
C THR J 9 -11.81 -19.38 66.94
N GLU J 10 -11.99 -20.66 67.26
CA GLU J 10 -13.21 -21.12 67.89
C GLU J 10 -12.91 -22.38 68.69
N VAL J 11 -13.70 -22.59 69.75
CA VAL J 11 -13.60 -23.79 70.59
C VAL J 11 -15.00 -24.34 70.83
N LYS J 12 -15.12 -25.66 70.82
CA LYS J 12 -16.42 -26.31 70.95
C LYS J 12 -16.30 -27.50 71.89
N LYS J 13 -17.39 -28.25 72.00
CA LYS J 13 -17.52 -29.44 72.82
C LYS J 13 -18.02 -30.61 71.97
N PRO J 14 -17.68 -31.84 72.35
CA PRO J 14 -18.04 -32.98 71.50
C PRO J 14 -19.55 -33.09 71.29
N GLY J 15 -19.93 -33.58 70.12
CA GLY J 15 -21.32 -33.72 69.76
C GLY J 15 -21.99 -32.49 69.18
N SER J 16 -21.22 -31.46 68.86
CA SER J 16 -21.74 -30.21 68.33
C SER J 16 -21.50 -30.13 66.81
N SER J 17 -21.77 -28.96 66.25
CA SER J 17 -21.43 -28.65 64.87
C SER J 17 -20.86 -27.23 64.79
N VAL J 18 -19.83 -27.07 63.96
CA VAL J 18 -19.15 -25.78 63.85
C VAL J 18 -18.93 -25.49 62.37
N THR J 19 -18.97 -24.20 62.02
CA THR J 19 -18.85 -23.78 60.63
C THR J 19 -17.74 -22.76 60.48
N VAL J 20 -16.97 -22.89 59.40
CA VAL J 20 -15.91 -21.95 59.05
C VAL J 20 -16.12 -21.51 57.62
N SER J 21 -15.96 -20.21 57.37
CA SER J 21 -16.21 -19.63 56.06
C SER J 21 -14.96 -18.93 55.55
N CYS J 22 -14.91 -18.76 54.22
CA CYS J 22 -13.72 -18.30 53.53
C CYS J 22 -14.17 -17.31 52.46
N LYS J 23 -13.73 -16.06 52.58
CA LYS J 23 -14.08 -15.01 51.63
C LYS J 23 -12.84 -14.62 50.85
N ALA J 24 -12.89 -14.76 49.53
CA ALA J 24 -11.73 -14.59 48.66
C ALA J 24 -11.86 -13.27 47.90
N TYR J 25 -10.89 -12.38 48.08
CA TYR J 25 -10.91 -11.06 47.47
C TYR J 25 -10.01 -11.09 46.24
N GLY J 26 -10.62 -11.05 45.07
CA GLY J 26 -9.87 -11.09 43.83
C GLY J 26 -10.24 -12.23 42.93
N VAL J 27 -11.07 -13.16 43.39
CA VAL J 27 -11.58 -14.21 42.53
C VAL J 27 -12.59 -13.60 41.56
N ASN J 28 -12.40 -13.89 40.27
CA ASN J 28 -13.37 -13.44 39.28
C ASN J 28 -14.75 -14.01 39.60
N THR J 29 -14.82 -15.32 39.78
CA THR J 29 -16.03 -16.03 40.14
C THR J 29 -15.66 -17.50 40.32
N PHE J 30 -16.46 -18.25 41.07
CA PHE J 30 -16.10 -19.64 41.30
C PHE J 30 -16.41 -20.54 40.12
N GLY J 31 -16.92 -20.01 39.02
CA GLY J 31 -16.98 -20.80 37.82
C GLY J 31 -15.60 -21.16 37.29
N LEU J 32 -14.70 -20.18 37.28
CA LEU J 32 -13.37 -20.36 36.74
C LEU J 32 -12.33 -20.78 37.76
N TYR J 33 -12.68 -20.84 39.04
CA TYR J 33 -11.79 -21.33 40.07
C TYR J 33 -12.37 -22.57 40.73
N ALA J 34 -11.55 -23.22 41.53
CA ALA J 34 -11.99 -24.38 42.29
C ALA J 34 -11.54 -24.21 43.73
N VAL J 35 -12.34 -24.72 44.66
CA VAL J 35 -12.07 -24.55 46.09
C VAL J 35 -11.87 -25.93 46.70
N ASN J 36 -10.73 -26.09 47.38
CA ASN J 36 -10.37 -27.33 48.03
C ASN J 36 -10.08 -27.04 49.49
N TRP J 37 -10.67 -27.82 50.39
CA TRP J 37 -10.51 -27.62 51.83
C TRP J 37 -9.58 -28.69 52.37
N VAL J 38 -8.47 -28.28 52.98
CA VAL J 38 -7.51 -29.20 53.55
C VAL J 38 -7.42 -28.97 55.04
N ARG J 39 -6.56 -29.75 55.70
CA ARG J 39 -6.45 -29.75 57.14
C ARG J 39 -5.05 -30.15 57.54
N GLN J 40 -4.50 -29.52 58.57
CA GLN J 40 -3.19 -29.85 59.09
C GLN J 40 -3.33 -30.20 60.56
N ALA J 41 -3.28 -31.49 60.88
CA ALA J 41 -3.23 -31.89 62.27
C ALA J 41 -1.98 -31.29 62.92
N PRO J 42 -2.01 -30.98 64.22
CA PRO J 42 -0.88 -30.30 64.85
C PRO J 42 0.46 -30.96 64.56
N GLY J 43 1.31 -30.26 63.80
CA GLY J 43 2.62 -30.76 63.46
C GLY J 43 2.61 -32.08 62.72
N GLN J 44 1.76 -32.22 61.71
CA GLN J 44 1.56 -33.50 61.04
C GLN J 44 1.47 -33.29 59.54
N SER J 45 1.30 -34.40 58.83
CA SER J 45 1.08 -34.35 57.39
C SER J 45 -0.30 -33.77 57.12
N LEU J 46 -0.42 -33.09 55.98
CA LEU J 46 -1.67 -32.44 55.63
C LEU J 46 -2.73 -33.50 55.32
N GLU J 47 -3.97 -33.05 55.18
CA GLU J 47 -5.06 -33.98 54.86
C GLU J 47 -6.13 -33.23 54.10
N TYR J 48 -6.81 -33.91 53.20
CA TYR J 48 -7.71 -33.30 52.24
C TYR J 48 -9.15 -33.69 52.55
N ILE J 49 -10.03 -32.69 52.63
CA ILE J 49 -11.41 -32.91 53.08
C ILE J 49 -12.36 -33.06 51.90
N GLY J 50 -12.50 -32.02 51.11
CA GLY J 50 -13.45 -32.03 50.01
C GLY J 50 -13.21 -30.85 49.09
N GLN J 51 -14.16 -30.61 48.19
CA GLN J 51 -13.97 -29.56 47.19
C GLN J 51 -15.29 -29.20 46.55
N ILE J 52 -15.28 -28.07 45.84
CA ILE J 52 -16.30 -27.70 44.88
C ILE J 52 -15.61 -27.38 43.56
N TRP J 53 -16.17 -27.88 42.46
CA TRP J 53 -15.54 -27.68 41.17
C TRP J 53 -16.62 -27.73 40.11
N ARG J 54 -16.75 -26.65 39.34
CA ARG J 54 -17.83 -26.51 38.38
C ARG J 54 -19.19 -26.69 39.05
N TRP J 55 -19.28 -26.25 40.31
CA TRP J 55 -20.53 -26.23 41.06
C TRP J 55 -21.09 -27.63 41.30
N LYS J 56 -20.25 -28.52 41.86
CA LYS J 56 -20.71 -29.84 42.26
C LYS J 56 -19.74 -30.34 43.34
N SER J 57 -20.15 -30.22 44.60
CA SER J 57 -19.26 -30.51 45.71
C SER J 57 -19.18 -32.00 46.00
N SER J 58 -18.05 -32.42 46.59
CA SER J 58 -17.83 -33.81 46.95
C SER J 58 -16.93 -33.87 48.16
N ALA J 59 -16.97 -35.01 48.85
CA ALA J 59 -16.21 -35.23 50.07
C ALA J 59 -15.31 -36.44 49.93
N SER J 60 -14.38 -36.57 50.87
CA SER J 60 -13.33 -37.58 50.78
C SER J 60 -13.90 -38.96 51.10
N HIS J 61 -13.02 -39.95 51.25
CA HIS J 61 -13.45 -41.31 51.55
C HIS J 61 -13.52 -41.60 53.04
N HIS J 62 -13.03 -40.70 53.88
CA HIS J 62 -13.12 -40.87 55.33
C HIS J 62 -14.03 -39.86 56.00
N PHE J 63 -14.60 -38.93 55.24
CA PHE J 63 -15.42 -37.86 55.79
C PHE J 63 -16.86 -37.88 55.30
N ARG J 64 -17.20 -38.77 54.37
CA ARG J 64 -18.48 -38.69 53.70
C ARG J 64 -19.61 -38.87 54.70
N GLY J 65 -20.53 -37.90 54.73
CA GLY J 65 -21.66 -37.91 55.63
C GLY J 65 -21.53 -36.98 56.81
N ARG J 66 -20.31 -36.52 57.13
CA ARG J 66 -20.08 -35.69 58.30
C ARG J 66 -19.62 -34.29 57.92
N VAL J 67 -19.93 -33.84 56.70
CA VAL J 67 -19.36 -32.60 56.20
C VAL J 67 -20.28 -32.04 55.12
N LEU J 68 -20.14 -30.75 54.82
CA LEU J 68 -20.94 -30.08 53.81
C LEU J 68 -20.17 -28.87 53.30
N ILE J 69 -19.68 -28.96 52.06
CA ILE J 69 -19.00 -27.85 51.40
C ILE J 69 -20.01 -27.10 50.56
N SER J 70 -20.15 -25.80 50.81
CA SER J 70 -21.10 -24.99 50.08
C SER J 70 -20.46 -23.65 49.76
N ALA J 71 -20.94 -23.00 48.70
CA ALA J 71 -20.38 -21.72 48.33
C ALA J 71 -21.40 -20.91 47.55
N VAL J 72 -21.21 -19.59 47.59
CA VAL J 72 -22.08 -18.63 46.94
C VAL J 72 -21.20 -17.67 46.15
N ASP J 73 -21.66 -17.25 44.99
CA ASP J 73 -20.83 -16.48 44.09
C ASP J 73 -20.94 -14.98 44.39
N LEU J 74 -20.43 -14.16 43.47
CA LEU J 74 -20.33 -12.71 43.68
C LEU J 74 -21.69 -12.09 44.02
N THR J 75 -21.61 -10.87 44.52
CA THR J 75 -22.78 -10.07 44.87
C THR J 75 -22.30 -8.65 45.07
N GLY J 76 -23.13 -7.68 44.67
CA GLY J 76 -22.74 -6.28 44.68
C GLY J 76 -22.20 -5.78 46.01
N SER J 77 -22.32 -6.56 47.07
CA SER J 77 -21.85 -6.16 48.39
C SER J 77 -20.67 -6.97 48.89
N SER J 78 -20.61 -8.27 48.61
CA SER J 78 -19.61 -9.15 49.20
C SER J 78 -18.88 -9.94 48.13
N PRO J 79 -17.64 -10.32 48.38
CA PRO J 79 -16.90 -11.13 47.42
C PRO J 79 -17.39 -12.56 47.43
N PRO J 80 -16.95 -13.39 46.48
CA PRO J 80 -17.37 -14.79 46.49
C PRO J 80 -16.93 -15.48 47.77
N ILE J 81 -17.74 -16.42 48.22
CA ILE J 81 -17.66 -16.92 49.59
C ILE J 81 -17.93 -18.42 49.59
N SER J 82 -17.30 -19.12 50.53
CA SER J 82 -17.46 -20.56 50.67
C SER J 82 -17.48 -20.94 52.15
N SER J 83 -18.07 -22.09 52.45
CA SER J 83 -18.37 -22.43 53.83
C SER J 83 -18.20 -23.92 54.07
N LEU J 84 -17.94 -24.26 55.33
CA LEU J 84 -17.63 -25.61 55.77
C LEU J 84 -18.19 -25.85 57.16
N GLU J 85 -19.02 -26.89 57.32
CA GLU J 85 -19.50 -27.28 58.64
C GLU J 85 -18.97 -28.66 58.97
N ILE J 86 -18.73 -28.92 60.24
CA ILE J 86 -18.30 -30.23 60.72
C ILE J 86 -19.35 -30.73 61.69
N LYS J 87 -20.10 -31.74 61.28
CA LYS J 87 -21.17 -32.29 62.09
C LYS J 87 -20.64 -33.44 62.93
N ASN J 88 -21.28 -33.64 64.08
CA ASN J 88 -20.91 -34.70 65.02
C ASN J 88 -19.44 -34.60 65.40
N LEU J 89 -19.04 -33.39 65.80
CA LEU J 89 -17.65 -33.10 66.10
C LEU J 89 -17.16 -33.99 67.24
N THR J 90 -15.87 -34.33 67.20
CA THR J 90 -15.30 -35.28 68.14
C THR J 90 -13.88 -34.82 68.48
N SER J 91 -13.32 -35.39 69.55
CA SER J 91 -12.01 -34.99 70.04
C SER J 91 -10.89 -35.24 69.03
N ASP J 92 -11.14 -36.07 68.02
CA ASP J 92 -10.12 -36.34 67.01
C ASP J 92 -9.95 -35.19 66.04
N ASP J 93 -11.01 -34.42 65.80
CA ASP J 93 -11.08 -33.47 64.70
C ASP J 93 -10.49 -32.10 65.04
N THR J 94 -9.56 -32.02 65.97
CA THR J 94 -8.90 -30.75 66.25
C THR J 94 -7.69 -30.58 65.33
N ALA J 95 -7.65 -29.47 64.60
CA ALA J 95 -6.56 -29.18 63.67
C ALA J 95 -6.78 -27.80 63.07
N VAL J 96 -5.84 -27.38 62.23
CA VAL J 96 -5.92 -26.11 61.51
C VAL J 96 -6.56 -26.38 60.15
N TYR J 97 -7.49 -25.53 59.75
CA TYR J 97 -8.24 -25.70 58.51
C TYR J 97 -7.89 -24.60 57.53
N PHE J 98 -7.51 -24.99 56.31
CA PHE J 98 -7.07 -24.04 55.31
C PHE J 98 -8.08 -23.96 54.16
N CYS J 99 -8.10 -22.81 53.49
CA CYS J 99 -8.94 -22.57 52.33
C CYS J 99 -8.03 -22.36 51.14
N THR J 100 -8.23 -23.14 50.09
CA THR J 100 -7.32 -23.19 48.95
C THR J 100 -8.10 -23.04 47.65
N THR J 101 -7.54 -22.30 46.69
CA THR J 101 -8.16 -22.16 45.39
C THR J 101 -7.13 -22.30 44.29
N THR J 102 -7.55 -22.90 43.17
CA THR J 102 -6.70 -23.05 42.00
C THR J 102 -7.48 -22.62 40.77
N SER J 103 -6.79 -22.02 39.81
CA SER J 103 -7.43 -21.67 38.55
C SER J 103 -7.76 -22.93 37.76
N THR J 104 -8.87 -22.88 37.01
CA THR J 104 -9.23 -23.98 36.13
C THR J 104 -9.62 -23.49 34.75
N TYR J 105 -9.18 -22.30 34.37
CA TYR J 105 -9.55 -21.78 33.07
C TYR J 105 -8.87 -22.60 31.99
N ASP J 106 -7.55 -22.61 31.98
CA ASP J 106 -6.82 -23.23 30.88
C ASP J 106 -6.82 -24.73 31.04
N ARG J 107 -7.29 -25.44 30.01
CA ARG J 107 -7.36 -26.88 30.10
C ARG J 107 -5.98 -27.53 30.12
N TRP J 108 -4.97 -26.87 29.56
CA TRP J 108 -3.61 -27.38 29.54
C TRP J 108 -2.76 -26.78 30.65
N SER J 109 -3.35 -26.56 31.82
CA SER J 109 -2.64 -25.88 32.89
C SER J 109 -1.51 -26.74 33.43
N GLY J 110 -1.84 -27.91 33.95
CA GLY J 110 -0.88 -28.71 34.67
C GLY J 110 -1.03 -28.66 36.18
N LEU J 111 -1.87 -27.77 36.69
CA LEU J 111 -2.20 -27.75 38.10
C LEU J 111 -3.44 -28.55 38.42
N HIS J 112 -3.97 -29.31 37.47
CA HIS J 112 -5.14 -30.13 37.76
C HIS J 112 -5.19 -31.32 36.79
N HIS J 113 -5.25 -32.51 37.36
CA HIS J 113 -5.26 -33.76 36.60
C HIS J 113 -6.70 -34.25 36.45
N ASP J 114 -7.48 -33.49 35.69
CA ASP J 114 -8.86 -33.85 35.40
C ASP J 114 -9.68 -34.04 36.66
N GLY J 115 -9.54 -33.10 37.59
CA GLY J 115 -10.32 -33.11 38.81
C GLY J 115 -9.48 -33.08 40.07
N VAL J 116 -8.40 -33.83 40.09
CA VAL J 116 -7.45 -33.82 41.19
C VAL J 116 -6.51 -32.65 40.99
N MET J 117 -6.23 -31.90 42.05
CA MET J 117 -5.66 -30.57 41.86
C MET J 117 -4.48 -30.35 42.78
N ALA J 118 -3.63 -29.41 42.38
CA ALA J 118 -2.62 -28.82 43.26
C ALA J 118 -3.11 -27.44 43.69
N PHE J 119 -2.66 -27.01 44.86
CA PHE J 119 -3.21 -25.82 45.51
C PHE J 119 -2.19 -24.70 45.40
N SER J 120 -2.60 -23.56 44.86
CA SER J 120 -1.67 -22.49 44.57
C SER J 120 -1.95 -21.17 45.30
N SER J 121 -3.09 -21.05 45.98
CA SER J 121 -3.41 -19.84 46.73
C SER J 121 -4.05 -20.26 48.05
N TRP J 122 -3.31 -20.10 49.14
CA TRP J 122 -3.69 -20.59 50.45
C TRP J 122 -4.28 -19.49 51.31
N GLY J 123 -5.08 -19.91 52.28
CA GLY J 123 -5.75 -18.98 53.17
C GLY J 123 -4.81 -18.46 54.24
N GLN J 124 -5.27 -18.47 55.50
CA GLN J 124 -4.42 -18.02 56.60
C GLN J 124 -4.47 -19.02 57.75
N GLY J 125 -5.52 -19.84 57.80
CA GLY J 125 -5.59 -20.87 58.82
C GLY J 125 -6.55 -20.58 59.95
N THR J 126 -7.46 -21.51 60.22
CA THR J 126 -8.40 -21.40 61.32
C THR J 126 -8.19 -22.58 62.25
N LEU J 127 -8.04 -22.30 63.54
CA LEU J 127 -7.72 -23.31 64.53
C LEU J 127 -9.00 -23.72 65.25
N ILE J 128 -9.29 -25.01 65.25
CA ILE J 128 -10.51 -25.55 65.84
C ILE J 128 -10.12 -26.54 66.92
N SER J 129 -10.55 -26.29 68.15
CA SER J 129 -10.23 -27.14 69.29
C SER J 129 -11.51 -27.60 69.97
N VAL J 130 -11.56 -28.88 70.32
CA VAL J 130 -12.71 -29.45 71.01
C VAL J 130 -12.23 -30.16 72.27
N SER J 131 -12.94 -29.94 73.37
CA SER J 131 -12.58 -30.49 74.67
C SER J 131 -13.77 -30.32 75.61
N ALA J 132 -13.51 -30.56 76.89
CA ALA J 132 -14.53 -30.37 77.93
C ALA J 132 -13.90 -29.80 79.20
N ASP K 1 -4.76 -45.74 46.19
CA ASP K 1 -4.24 -44.58 46.92
C ASP K 1 -2.72 -44.65 46.99
N ILE K 2 -2.05 -43.56 46.65
CA ILE K 2 -0.59 -43.49 46.68
C ILE K 2 -0.13 -43.04 48.06
N GLN K 3 0.99 -43.59 48.51
CA GLN K 3 1.64 -43.16 49.75
C GLN K 3 3.10 -42.89 49.46
N MET K 4 3.63 -41.82 50.05
CA MET K 4 5.02 -41.45 49.83
C MET K 4 5.80 -41.40 51.14
N THR K 5 6.97 -42.03 51.14
CA THR K 5 7.87 -42.05 52.29
C THR K 5 9.00 -41.07 52.02
N GLN K 6 8.72 -39.80 52.27
CA GLN K 6 9.70 -38.75 52.04
C GLN K 6 10.93 -38.95 52.91
N SER K 7 12.10 -38.67 52.34
CA SER K 7 13.37 -38.92 53.02
C SER K 7 14.39 -37.92 52.48
N PRO K 8 15.37 -37.50 53.31
CA PRO K 8 15.59 -37.90 54.71
C PRO K 8 14.60 -37.24 55.65
N SER K 9 14.27 -37.90 56.76
CA SER K 9 13.24 -37.40 57.66
C SER K 9 13.58 -36.02 58.21
N THR K 10 14.86 -35.66 58.27
CA THR K 10 15.28 -34.32 58.65
C THR K 10 16.77 -34.13 58.36
N LEU K 11 17.12 -33.04 57.70
CA LEU K 11 18.51 -32.73 57.41
C LEU K 11 18.83 -31.33 57.90
N SER K 12 20.12 -31.04 58.03
CA SER K 12 20.57 -29.75 58.50
C SER K 12 21.81 -29.35 57.71
N ALA K 13 21.87 -28.07 57.33
CA ALA K 13 23.03 -27.52 56.67
C ALA K 13 22.97 -26.01 56.75
N SER K 14 24.13 -25.39 56.60
CA SER K 14 24.26 -23.94 56.65
C SER K 14 24.20 -23.36 55.25
N THR K 15 24.17 -22.04 55.19
CA THR K 15 24.05 -21.35 53.91
C THR K 15 25.27 -21.64 53.03
N GLY K 16 25.08 -21.53 51.72
CA GLY K 16 26.14 -21.84 50.78
C GLY K 16 26.27 -23.30 50.43
N ASP K 17 25.34 -24.14 50.87
CA ASP K 17 25.37 -25.57 50.60
C ASP K 17 24.27 -25.94 49.63
N THR K 18 24.50 -27.00 48.87
CA THR K 18 23.50 -27.57 47.98
C THR K 18 22.80 -28.72 48.69
N VAL K 19 21.47 -28.71 48.68
CA VAL K 19 20.68 -29.62 49.49
C VAL K 19 19.74 -30.41 48.57
N ARG K 20 19.72 -31.71 48.73
CA ARG K 20 18.81 -32.59 48.01
C ARG K 20 17.82 -33.23 48.97
N ILE K 21 16.58 -33.37 48.52
CA ILE K 21 15.52 -34.01 49.29
C ILE K 21 14.84 -35.02 48.40
N SER K 22 14.64 -36.23 48.91
CA SER K 22 14.06 -37.31 48.13
C SER K 22 12.59 -37.50 48.48
N CYS K 23 11.88 -38.20 47.61
CA CYS K 23 10.47 -38.51 47.82
C CYS K 23 10.10 -39.65 46.89
N ARG K 24 9.59 -40.74 47.44
CA ARG K 24 9.33 -41.97 46.69
C ARG K 24 7.85 -42.30 46.76
N ALA K 25 7.29 -42.70 45.63
CA ALA K 25 5.89 -43.12 45.60
C ALA K 25 5.80 -44.60 45.95
N SER K 26 4.60 -45.16 45.88
CA SER K 26 4.41 -46.60 45.94
C SER K 26 4.25 -47.22 44.56
N GLN K 27 3.53 -46.55 43.67
CA GLN K 27 3.42 -46.92 42.27
C GLN K 27 4.20 -45.92 41.43
N SER K 28 4.13 -46.10 40.11
CA SER K 28 4.82 -45.22 39.19
C SER K 28 3.89 -44.16 38.67
N ILE K 29 4.34 -42.90 38.71
CA ILE K 29 3.54 -41.78 38.24
C ILE K 29 4.12 -41.31 36.91
N THR K 30 3.61 -41.85 35.81
CA THR K 30 4.18 -41.65 34.49
C THR K 30 3.66 -40.42 33.80
N GLY K 31 3.24 -39.41 34.56
CA GLY K 31 2.85 -38.14 33.98
C GLY K 31 3.54 -36.99 34.67
N ASN K 32 4.36 -37.30 35.67
CA ASN K 32 5.07 -36.30 36.47
C ASN K 32 4.10 -35.42 37.24
N TRP K 33 3.15 -36.05 37.91
CA TRP K 33 2.10 -35.33 38.62
C TRP K 33 2.44 -35.21 40.10
N VAL K 34 3.47 -34.41 40.43
CA VAL K 34 3.81 -34.12 41.82
C VAL K 34 4.09 -32.64 42.00
N ALA K 35 4.01 -32.18 43.25
CA ALA K 35 4.20 -30.77 43.58
C ALA K 35 4.96 -30.65 44.89
N TRP K 36 5.54 -29.46 45.11
CA TRP K 36 6.37 -29.20 46.27
C TRP K 36 6.01 -27.86 46.90
N TYR K 37 5.95 -27.84 48.24
CA TYR K 37 5.55 -26.69 49.04
C TYR K 37 6.69 -26.22 49.94
N GLN K 38 6.37 -25.29 50.84
CA GLN K 38 7.32 -24.83 51.85
C GLN K 38 6.55 -24.10 52.94
N GLN K 39 6.64 -24.60 54.18
CA GLN K 39 5.87 -24.06 55.30
C GLN K 39 6.82 -23.48 56.32
N ARG K 40 6.94 -22.16 56.35
CA ARG K 40 7.58 -21.50 57.48
C ARG K 40 6.75 -21.73 58.73
N PRO K 41 7.36 -21.68 59.93
CA PRO K 41 6.61 -22.07 61.13
C PRO K 41 5.42 -21.17 61.43
N GLY K 42 4.21 -21.70 61.26
CA GLY K 42 3.02 -20.96 61.59
C GLY K 42 2.26 -20.40 60.40
N LYS K 43 2.99 -19.97 59.37
CA LYS K 43 2.39 -19.35 58.20
C LYS K 43 1.75 -20.42 57.34
N ALA K 44 1.36 -20.07 56.15
CA ALA K 44 0.72 -21.09 55.33
C ALA K 44 1.68 -21.59 54.25
N PRO K 45 1.52 -22.84 53.82
CA PRO K 45 2.44 -23.37 52.79
C PRO K 45 2.32 -22.62 51.49
N ARG K 46 3.42 -22.61 50.74
CA ARG K 46 3.51 -21.89 49.48
C ARG K 46 3.94 -22.86 48.38
N LEU K 47 3.11 -23.03 47.36
CA LEU K 47 3.46 -23.88 46.24
C LEU K 47 4.62 -23.26 45.46
N LEU K 48 5.62 -24.08 45.11
CA LEU K 48 6.75 -23.57 44.35
C LEU K 48 7.27 -24.48 43.25
N ILE K 49 6.74 -25.69 43.08
CA ILE K 49 7.07 -26.54 41.93
C ILE K 49 5.90 -27.46 41.61
N TYR K 50 5.38 -27.39 40.38
CA TYR K 50 4.25 -28.23 39.99
C TYR K 50 4.57 -28.99 38.72
N ARG K 51 3.96 -30.17 38.58
CA ARG K 51 4.16 -31.04 37.43
C ARG K 51 5.65 -31.31 37.23
N GLY K 52 6.23 -32.00 38.21
CA GLY K 52 7.60 -32.43 38.08
C GLY K 52 8.61 -31.33 38.31
N ALA K 53 8.73 -30.40 37.38
CA ALA K 53 9.81 -29.42 37.48
C ALA K 53 9.41 -28.00 37.07
N ALA K 54 8.13 -27.71 36.93
CA ALA K 54 7.75 -26.35 36.54
C ALA K 54 7.72 -25.44 37.74
N LEU K 55 8.12 -24.19 37.52
CA LEU K 55 8.33 -23.23 38.60
C LEU K 55 7.25 -22.16 38.53
N LEU K 56 6.54 -21.96 39.64
CA LEU K 56 5.54 -20.92 39.69
C LEU K 56 6.18 -19.55 39.51
N GLY K 57 5.34 -18.56 39.23
CA GLY K 57 5.83 -17.20 39.13
C GLY K 57 6.27 -16.69 40.50
N GLY K 58 7.25 -15.80 40.49
CA GLY K 58 7.75 -15.19 41.72
C GLY K 58 8.77 -16.02 42.48
N VAL K 59 8.69 -17.33 42.38
CA VAL K 59 9.66 -18.19 43.05
C VAL K 59 11.02 -18.00 42.39
N PRO K 60 12.08 -17.71 43.14
CA PRO K 60 13.39 -17.50 42.52
C PRO K 60 13.91 -18.77 41.88
N SER K 61 14.66 -18.59 40.79
CA SER K 61 15.12 -19.72 39.99
C SER K 61 16.14 -20.58 40.73
N ARG K 62 16.43 -20.24 41.98
CA ARG K 62 17.38 -21.02 42.76
C ARG K 62 16.88 -22.42 43.02
N PHE K 63 15.57 -22.63 43.01
CA PHE K 63 15.01 -23.95 43.26
C PHE K 63 15.00 -24.78 41.99
N ARG K 64 14.90 -26.10 42.17
CA ARG K 64 14.88 -27.01 41.03
C ARG K 64 14.51 -28.40 41.52
N GLY K 65 13.70 -29.10 40.73
CA GLY K 65 13.32 -30.46 41.03
C GLY K 65 13.48 -31.34 39.81
N SER K 66 13.46 -32.65 40.04
CA SER K 66 13.61 -33.63 38.98
C SER K 66 12.57 -34.73 39.14
N ALA K 67 12.30 -35.44 38.07
CA ALA K 67 11.23 -36.43 38.04
C ALA K 67 11.62 -37.61 37.18
N ALA K 68 11.53 -38.82 37.74
CA ALA K 68 11.82 -40.04 36.98
C ALA K 68 11.22 -41.23 37.70
N GLY K 69 10.26 -41.89 37.05
CA GLY K 69 9.71 -43.13 37.58
C GLY K 69 8.98 -42.97 38.90
N THR K 70 9.59 -43.47 39.98
CA THR K 70 9.03 -43.38 41.31
C THR K 70 9.88 -42.57 42.27
N ASP K 71 11.02 -42.04 41.82
CA ASP K 71 11.91 -41.25 42.65
C ASP K 71 11.81 -39.80 42.20
N PHE K 72 11.28 -38.93 43.05
CA PHE K 72 11.18 -37.51 42.78
C PHE K 72 12.06 -36.76 43.78
N THR K 73 12.87 -35.83 43.28
CA THR K 73 13.90 -35.19 44.09
C THR K 73 13.86 -33.68 43.90
N LEU K 74 14.10 -32.95 44.97
CA LEU K 74 14.10 -31.49 44.97
C LEU K 74 15.46 -30.98 45.42
N THR K 75 15.99 -29.99 44.72
CA THR K 75 17.33 -29.46 45.00
C THR K 75 17.26 -27.96 45.21
N ILE K 76 18.02 -27.47 46.19
CA ILE K 76 18.11 -26.05 46.49
C ILE K 76 19.54 -25.60 46.21
N GLY K 77 19.69 -24.52 45.46
CA GLY K 77 21.00 -23.97 45.16
C GLY K 77 21.38 -22.85 46.12
N ASN K 78 22.66 -22.83 46.48
CA ASN K 78 23.30 -21.78 47.29
C ASN K 78 22.36 -21.22 48.36
N LEU K 79 21.94 -22.12 49.24
CA LEU K 79 20.87 -21.92 50.22
C LEU K 79 20.95 -20.56 50.89
N GLN K 80 19.80 -19.98 51.23
CA GLN K 80 19.74 -18.68 51.85
C GLN K 80 18.95 -18.78 53.14
N ALA K 81 19.27 -17.91 54.09
CA ALA K 81 18.94 -18.18 55.50
C ALA K 81 17.44 -18.06 55.77
N GLU K 82 16.70 -17.37 54.92
CA GLU K 82 15.26 -17.32 55.11
C GLU K 82 14.55 -18.54 54.56
N ASP K 83 15.27 -19.44 53.88
CA ASP K 83 14.69 -20.60 53.22
C ASP K 83 14.73 -21.84 54.08
N PHE K 84 14.84 -21.68 55.40
CA PHE K 84 14.72 -22.80 56.33
C PHE K 84 13.25 -23.01 56.65
N GLY K 85 12.88 -24.27 56.86
CA GLY K 85 11.49 -24.56 57.15
C GLY K 85 11.14 -26.01 56.92
N THR K 86 10.06 -26.26 56.18
CA THR K 86 9.58 -27.60 55.94
C THR K 86 9.26 -27.72 54.45
N PHE K 87 9.14 -28.94 53.96
CA PHE K 87 8.81 -29.18 52.57
C PHE K 87 7.84 -30.36 52.49
N TYR K 88 7.12 -30.46 51.37
CA TYR K 88 6.14 -31.52 51.23
C TYR K 88 6.04 -31.92 49.76
N CYS K 89 6.08 -33.21 49.49
CA CYS K 89 5.79 -33.72 48.15
C CYS K 89 4.38 -34.31 48.14
N GLN K 90 3.54 -33.78 47.26
CA GLN K 90 2.17 -34.23 47.11
C GLN K 90 2.00 -34.84 45.73
N GLN K 91 1.28 -35.95 45.65
CA GLN K 91 0.87 -36.49 44.36
C GLN K 91 -0.56 -36.06 44.08
N TYR K 92 -0.82 -35.70 42.84
CA TYR K 92 -2.20 -35.53 42.38
C TYR K 92 -2.43 -36.39 41.16
N ASP K 93 -2.01 -37.65 41.25
CA ASP K 93 -2.16 -38.56 40.12
C ASP K 93 -3.52 -39.23 40.11
N THR K 94 -4.00 -39.69 41.26
CA THR K 94 -5.30 -40.34 41.33
C THR K 94 -6.07 -39.87 42.55
N TYR K 95 -7.38 -39.95 42.46
CA TYR K 95 -8.25 -39.45 43.51
C TYR K 95 -8.20 -40.36 44.73
N PRO K 96 -7.93 -39.84 45.93
CA PRO K 96 -7.61 -38.44 46.26
C PRO K 96 -6.12 -38.19 46.35
N GLY K 97 -5.70 -36.93 46.24
CA GLY K 97 -4.29 -36.61 46.22
C GLY K 97 -3.69 -36.44 47.60
N THR K 98 -2.98 -37.46 48.09
CA THR K 98 -2.39 -37.43 49.42
C THR K 98 -1.11 -36.62 49.43
N PHE K 99 -0.60 -36.38 50.63
CA PHE K 99 0.61 -35.62 50.85
C PHE K 99 1.73 -36.55 51.31
N GLY K 100 2.88 -35.96 51.62
CA GLY K 100 4.00 -36.69 52.17
C GLY K 100 3.95 -36.73 53.68
N GLN K 101 5.08 -36.50 54.35
CA GLN K 101 5.07 -36.45 55.81
C GLN K 101 5.80 -35.22 56.31
N GLY K 102 6.74 -34.69 55.53
CA GLY K 102 7.44 -33.49 55.92
C GLY K 102 8.85 -33.74 56.41
N THR K 103 9.79 -32.88 56.01
CA THR K 103 11.20 -33.01 56.40
C THR K 103 11.75 -31.61 56.65
N LYS K 104 11.83 -31.22 57.92
CA LYS K 104 12.34 -29.90 58.28
C LYS K 104 13.79 -29.75 57.80
N VAL K 105 14.19 -28.50 57.63
CA VAL K 105 15.56 -28.15 57.25
C VAL K 105 16.04 -27.14 58.29
N GLU K 106 16.65 -27.62 59.36
CA GLU K 106 17.11 -26.76 60.44
C GLU K 106 18.51 -26.24 60.15
N VAL K 107 18.85 -25.14 60.80
CA VAL K 107 20.13 -24.48 60.56
C VAL K 107 21.30 -25.34 61.04
N GLN L 1 -34.62 -8.78 -26.30
CA GLN L 1 -34.96 -10.18 -26.07
C GLN L 1 -35.05 -10.96 -27.36
N ILE L 2 -35.13 -12.28 -27.24
CA ILE L 2 -35.21 -13.16 -28.40
C ILE L 2 -36.65 -13.24 -28.86
N HIS L 3 -36.89 -12.97 -30.14
CA HIS L 3 -38.23 -13.03 -30.71
C HIS L 3 -38.18 -13.66 -32.08
N LEU L 4 -39.02 -14.66 -32.30
CA LEU L 4 -39.06 -15.40 -33.54
C LEU L 4 -40.35 -15.08 -34.27
N VAL L 5 -40.27 -14.96 -35.59
CA VAL L 5 -41.40 -14.56 -36.42
C VAL L 5 -41.37 -15.37 -37.71
N GLN L 6 -42.53 -15.88 -38.12
CA GLN L 6 -42.67 -16.63 -39.36
C GLN L 6 -43.73 -15.97 -40.25
N SER L 7 -43.88 -16.49 -41.46
CA SER L 7 -44.80 -15.93 -42.43
C SER L 7 -46.23 -16.32 -42.07
N GLY L 8 -47.17 -16.07 -42.99
CA GLY L 8 -48.56 -16.36 -42.75
C GLY L 8 -48.99 -17.73 -43.26
N THR L 9 -50.27 -18.03 -43.03
CA THR L 9 -50.84 -19.30 -43.46
C THR L 9 -50.93 -19.35 -44.99
N GLU L 10 -50.61 -20.52 -45.54
CA GLU L 10 -50.62 -20.71 -46.98
C GLU L 10 -51.24 -22.05 -47.31
N VAL L 11 -52.01 -22.09 -48.40
CA VAL L 11 -52.65 -23.31 -48.89
C VAL L 11 -52.07 -23.65 -50.24
N LYS L 12 -51.60 -24.90 -50.39
CA LYS L 12 -50.98 -25.36 -51.62
C LYS L 12 -51.73 -26.57 -52.14
N LYS L 13 -51.26 -27.11 -53.26
CA LYS L 13 -51.84 -28.27 -53.90
C LYS L 13 -50.89 -29.46 -53.85
N PRO L 14 -51.41 -30.68 -53.85
CA PRO L 14 -50.53 -31.85 -53.84
C PRO L 14 -49.57 -31.85 -55.01
N GLY L 15 -48.32 -32.20 -54.74
CA GLY L 15 -47.27 -32.20 -55.73
C GLY L 15 -46.51 -30.90 -55.85
N SER L 16 -46.97 -29.83 -55.22
CA SER L 16 -46.36 -28.52 -55.34
C SER L 16 -45.25 -28.36 -54.31
N SER L 17 -44.75 -27.15 -54.15
CA SER L 17 -43.69 -26.84 -53.20
C SER L 17 -44.01 -25.55 -52.46
N VAL L 18 -43.63 -25.50 -51.19
CA VAL L 18 -43.89 -24.33 -50.35
C VAL L 18 -42.69 -24.10 -49.46
N THR L 19 -42.30 -22.83 -49.31
CA THR L 19 -41.20 -22.44 -48.45
C THR L 19 -41.73 -21.57 -47.33
N VAL L 20 -41.30 -21.87 -46.11
CA VAL L 20 -41.67 -21.10 -44.93
C VAL L 20 -40.40 -20.60 -44.27
N SER L 21 -40.37 -19.31 -43.92
CA SER L 21 -39.16 -18.65 -43.47
C SER L 21 -39.31 -18.16 -42.05
N CYS L 22 -38.18 -18.07 -41.35
CA CYS L 22 -38.13 -17.67 -39.95
C CYS L 22 -37.06 -16.60 -39.80
N LYS L 23 -37.41 -15.49 -39.18
CA LYS L 23 -36.48 -14.39 -38.97
C LYS L 23 -36.45 -14.04 -37.49
N ALA L 24 -35.25 -14.03 -36.92
CA ALA L 24 -35.08 -13.94 -35.48
C ALA L 24 -34.57 -12.56 -35.07
N TYR L 25 -35.23 -11.96 -34.09
CA TYR L 25 -34.81 -10.67 -33.55
C TYR L 25 -34.13 -10.91 -32.21
N GLY L 26 -32.89 -10.44 -32.08
CA GLY L 26 -32.13 -10.60 -30.87
C GLY L 26 -31.10 -11.71 -30.92
N VAL L 27 -30.99 -12.42 -32.03
CA VAL L 27 -29.92 -13.38 -32.20
C VAL L 27 -28.62 -12.67 -32.54
N ASN L 28 -27.56 -12.96 -31.80
CA ASN L 28 -26.23 -12.50 -32.17
C ASN L 28 -25.92 -12.89 -33.61
N THR L 29 -25.91 -14.20 -33.87
CA THR L 29 -25.67 -14.77 -35.18
C THR L 29 -25.87 -16.27 -35.06
N PHE L 30 -26.11 -16.93 -36.19
CA PHE L 30 -26.25 -18.37 -36.19
C PHE L 30 -24.94 -19.10 -36.02
N GLY L 31 -23.82 -18.39 -35.95
CA GLY L 31 -22.59 -19.04 -35.55
C GLY L 31 -22.65 -19.54 -34.12
N LEU L 32 -23.35 -18.81 -33.25
CA LEU L 32 -23.45 -19.18 -31.86
C LEU L 32 -24.75 -19.92 -31.52
N TYR L 33 -25.76 -19.86 -32.38
CA TYR L 33 -27.03 -20.51 -32.12
C TYR L 33 -27.22 -21.68 -33.08
N ALA L 34 -28.30 -22.42 -32.87
CA ALA L 34 -28.63 -23.56 -33.71
C ALA L 34 -30.12 -23.56 -33.98
N VAL L 35 -30.50 -23.89 -35.21
CA VAL L 35 -31.90 -23.82 -35.64
C VAL L 35 -32.41 -25.22 -35.90
N ASN L 36 -33.53 -25.56 -35.26
CA ASN L 36 -34.18 -26.85 -35.43
C ASN L 36 -35.63 -26.63 -35.84
N TRP L 37 -36.09 -27.40 -36.83
CA TRP L 37 -37.45 -27.31 -37.34
C TRP L 37 -38.25 -28.51 -36.86
N VAL L 38 -39.39 -28.27 -36.21
CA VAL L 38 -40.28 -29.34 -35.80
C VAL L 38 -41.66 -29.08 -36.35
N ARG L 39 -42.46 -30.14 -36.39
CA ARG L 39 -43.79 -30.11 -37.00
C ARG L 39 -44.79 -30.79 -36.08
N GLN L 40 -45.98 -30.20 -35.97
CA GLN L 40 -47.02 -30.70 -35.08
C GLN L 40 -48.26 -31.04 -35.90
N ALA L 41 -48.48 -32.34 -36.14
CA ALA L 41 -49.70 -32.77 -36.80
C ALA L 41 -50.90 -32.48 -35.91
N PRO L 42 -52.08 -32.25 -36.51
CA PRO L 42 -53.26 -31.85 -35.71
C PRO L 42 -53.52 -32.81 -34.54
N GLY L 43 -53.34 -32.30 -33.32
CA GLY L 43 -53.57 -33.11 -32.14
C GLY L 43 -52.69 -34.34 -32.04
N GLN L 44 -51.46 -34.27 -32.52
CA GLN L 44 -50.54 -35.39 -32.49
C GLN L 44 -49.22 -34.94 -31.89
N SER L 45 -48.39 -35.92 -31.54
CA SER L 45 -47.12 -35.62 -30.90
C SER L 45 -46.21 -34.85 -31.85
N LEU L 46 -45.27 -34.11 -31.28
CA LEU L 46 -44.35 -33.34 -32.08
C LEU L 46 -43.41 -34.29 -32.84
N GLU L 47 -42.81 -33.78 -33.91
CA GLU L 47 -41.88 -34.55 -34.69
C GLU L 47 -40.82 -33.63 -35.26
N TYR L 48 -39.59 -34.12 -35.34
CA TYR L 48 -38.43 -33.30 -35.62
C TYR L 48 -38.01 -33.49 -37.07
N ILE L 49 -37.77 -32.38 -37.77
CA ILE L 49 -37.56 -32.41 -39.21
C ILE L 49 -36.06 -32.38 -39.52
N GLY L 50 -35.40 -31.30 -39.13
CA GLY L 50 -33.98 -31.16 -39.39
C GLY L 50 -33.39 -30.02 -38.60
N GLN L 51 -32.12 -29.73 -38.88
CA GLN L 51 -31.43 -28.68 -38.16
C GLN L 51 -30.28 -28.16 -39.00
N ILE L 52 -29.83 -26.96 -38.65
CA ILE L 52 -28.58 -26.40 -39.15
C ILE L 52 -27.75 -25.96 -37.95
N TRP L 53 -26.54 -26.51 -37.84
CA TRP L 53 -25.73 -26.34 -36.64
C TRP L 53 -24.30 -26.06 -37.07
N ARG L 54 -23.79 -24.89 -36.70
CA ARG L 54 -22.45 -24.47 -37.09
C ARG L 54 -22.26 -24.58 -38.60
N TRP L 55 -23.29 -24.17 -39.35
CA TRP L 55 -23.23 -24.02 -40.81
C TRP L 55 -23.01 -25.36 -41.49
N LYS L 56 -23.74 -26.39 -41.07
CA LYS L 56 -23.74 -27.69 -41.73
C LYS L 56 -25.09 -28.33 -41.45
N SER L 57 -26.00 -28.27 -42.42
CA SER L 57 -27.36 -28.70 -42.21
C SER L 57 -27.52 -30.20 -42.47
N SER L 58 -28.59 -30.76 -41.89
CA SER L 58 -28.90 -32.17 -42.07
C SER L 58 -30.35 -32.40 -41.72
N ALA L 59 -30.95 -33.41 -42.35
CA ALA L 59 -32.35 -33.72 -42.20
C ALA L 59 -32.52 -35.13 -41.62
N SER L 60 -33.75 -35.44 -41.24
CA SER L 60 -34.04 -36.62 -40.43
C SER L 60 -33.85 -37.89 -41.26
N HIS L 61 -34.19 -39.03 -40.67
CA HIS L 61 -34.09 -40.31 -41.36
C HIS L 61 -35.35 -40.68 -42.13
N HIS L 62 -36.42 -39.90 -42.00
CA HIS L 62 -37.65 -40.13 -42.75
C HIS L 62 -37.92 -39.06 -43.80
N PHE L 63 -37.31 -37.88 -43.66
CA PHE L 63 -37.53 -36.76 -44.58
C PHE L 63 -36.41 -36.57 -45.58
N ARG L 64 -35.34 -37.36 -45.48
CA ARG L 64 -34.06 -36.96 -46.10
C ARG L 64 -34.22 -36.96 -47.61
N GLY L 65 -34.20 -35.76 -48.20
CA GLY L 65 -34.26 -35.57 -49.64
C GLY L 65 -35.37 -34.66 -50.10
N ARG L 66 -36.52 -34.69 -49.42
CA ARG L 66 -37.68 -33.92 -49.82
C ARG L 66 -37.80 -32.62 -49.04
N VAL L 67 -36.81 -32.30 -48.21
CA VAL L 67 -36.81 -31.08 -47.41
C VAL L 67 -35.44 -30.43 -47.55
N LEU L 68 -35.40 -29.12 -47.38
CA LEU L 68 -34.14 -28.39 -47.49
C LEU L 68 -34.14 -27.25 -46.49
N ILE L 69 -33.07 -27.16 -45.70
CA ILE L 69 -32.91 -26.14 -44.68
C ILE L 69 -31.62 -25.38 -44.95
N SER L 70 -31.71 -24.06 -45.01
CA SER L 70 -30.54 -23.22 -45.23
C SER L 70 -30.80 -21.86 -44.59
N ALA L 71 -29.72 -21.13 -44.32
CA ALA L 71 -29.84 -19.89 -43.59
C ALA L 71 -28.86 -18.86 -44.15
N VAL L 72 -29.11 -17.59 -43.79
CA VAL L 72 -28.29 -16.47 -44.17
C VAL L 72 -28.09 -15.59 -42.95
N ASP L 73 -26.86 -15.18 -42.70
CA ASP L 73 -26.54 -14.47 -41.47
C ASP L 73 -26.93 -12.99 -41.60
N LEU L 74 -26.52 -12.19 -40.62
CA LEU L 74 -26.92 -10.79 -40.49
C LEU L 74 -26.68 -9.94 -41.73
N THR L 75 -27.38 -8.81 -41.79
CA THR L 75 -27.23 -7.81 -42.83
C THR L 75 -27.73 -6.49 -42.26
N GLY L 76 -27.08 -5.39 -42.64
CA GLY L 76 -27.33 -4.10 -42.02
C GLY L 76 -28.78 -3.66 -42.01
N SER L 77 -29.68 -4.41 -42.63
CA SER L 77 -31.09 -4.07 -42.68
C SER L 77 -32.01 -5.17 -42.15
N SER L 78 -31.66 -6.44 -42.33
CA SER L 78 -32.56 -7.53 -41.95
C SER L 78 -31.85 -8.52 -41.05
N PRO L 79 -32.49 -8.95 -39.97
CA PRO L 79 -31.86 -9.88 -39.03
C PRO L 79 -31.63 -11.24 -39.66
N PRO L 80 -30.93 -12.15 -38.98
CA PRO L 80 -30.65 -13.46 -39.58
C PRO L 80 -31.93 -14.21 -39.90
N ILE L 81 -31.88 -15.02 -40.95
CA ILE L 81 -33.06 -15.64 -41.51
C ILE L 81 -32.79 -17.11 -41.78
N SER L 82 -33.84 -17.91 -41.77
CA SER L 82 -33.75 -19.32 -42.12
C SER L 82 -35.05 -19.77 -42.76
N SER L 83 -34.95 -20.72 -43.68
CA SER L 83 -36.10 -21.12 -44.48
C SER L 83 -36.15 -22.63 -44.61
N LEU L 84 -37.36 -23.15 -44.82
CA LEU L 84 -37.62 -24.57 -45.00
C LEU L 84 -38.38 -24.77 -46.29
N GLU L 85 -37.85 -25.59 -47.19
CA GLU L 85 -38.44 -25.83 -48.50
C GLU L 85 -38.86 -27.28 -48.60
N ILE L 86 -40.12 -27.51 -48.94
CA ILE L 86 -40.69 -28.84 -49.05
C ILE L 86 -40.94 -29.14 -50.53
N LYS L 87 -40.43 -30.27 -51.01
CA LYS L 87 -40.62 -30.71 -52.37
C LYS L 87 -41.55 -31.92 -52.40
N ASN L 88 -42.31 -32.04 -53.48
CA ASN L 88 -43.25 -33.15 -53.70
C ASN L 88 -44.23 -33.25 -52.53
N LEU L 89 -45.02 -32.19 -52.36
CA LEU L 89 -46.02 -32.17 -51.30
C LEU L 89 -47.05 -33.28 -51.49
N THR L 90 -47.66 -33.70 -50.38
CA THR L 90 -48.68 -34.72 -50.36
C THR L 90 -49.69 -34.35 -49.30
N SER L 91 -50.86 -35.00 -49.32
CA SER L 91 -51.91 -34.68 -48.37
C SER L 91 -51.53 -35.00 -46.93
N ASP L 92 -50.45 -35.74 -46.72
CA ASP L 92 -49.97 -36.11 -45.40
C ASP L 92 -49.31 -34.93 -44.68
N ASP L 93 -48.87 -33.91 -45.41
CA ASP L 93 -48.02 -32.86 -44.88
C ASP L 93 -48.79 -31.63 -44.43
N THR L 94 -50.01 -31.80 -43.91
CA THR L 94 -50.71 -30.69 -43.29
C THR L 94 -50.46 -30.71 -41.79
N ALA L 95 -49.93 -29.61 -41.27
CA ALA L 95 -49.60 -29.47 -39.87
C ALA L 95 -49.11 -28.05 -39.63
N VAL L 96 -48.94 -27.70 -38.36
CA VAL L 96 -48.31 -26.44 -37.97
C VAL L 96 -46.81 -26.64 -38.03
N TYR L 97 -46.08 -25.55 -38.26
CA TYR L 97 -44.63 -25.61 -38.35
C TYR L 97 -44.01 -24.62 -37.38
N PHE L 98 -42.84 -24.97 -36.84
CA PHE L 98 -42.16 -24.15 -35.86
C PHE L 98 -40.69 -24.02 -36.21
N CYS L 99 -40.11 -22.87 -35.89
CA CYS L 99 -38.68 -22.66 -35.94
C CYS L 99 -38.20 -22.40 -34.52
N THR L 100 -37.08 -23.02 -34.15
CA THR L 100 -36.58 -23.01 -32.79
C THR L 100 -35.10 -22.65 -32.80
N THR L 101 -34.61 -22.14 -31.68
CA THR L 101 -33.19 -21.86 -31.52
C THR L 101 -32.76 -22.23 -30.12
N THR L 102 -31.50 -22.64 -29.99
CA THR L 102 -30.88 -22.88 -28.70
C THR L 102 -29.46 -22.36 -28.72
N SER L 103 -29.02 -21.78 -27.60
CA SER L 103 -27.66 -21.32 -27.51
C SER L 103 -26.69 -22.49 -27.51
N THR L 104 -25.53 -22.30 -28.13
CA THR L 104 -24.49 -23.34 -28.13
C THR L 104 -23.14 -22.80 -27.68
N TYR L 105 -23.12 -21.64 -27.04
CA TYR L 105 -21.85 -21.03 -26.65
C TYR L 105 -21.14 -21.87 -25.60
N ASP L 106 -21.87 -22.32 -24.59
CA ASP L 106 -21.26 -22.99 -23.45
C ASP L 106 -21.31 -24.49 -23.62
N ARG L 107 -20.17 -25.16 -23.57
CA ARG L 107 -20.19 -26.61 -23.73
C ARG L 107 -20.84 -27.31 -22.54
N TRP L 108 -20.70 -26.76 -21.35
CA TRP L 108 -21.29 -27.44 -20.19
C TRP L 108 -22.73 -27.00 -19.97
N SER L 109 -23.43 -26.70 -21.07
CA SER L 109 -24.76 -26.13 -20.99
C SER L 109 -25.76 -27.14 -20.45
N GLY L 110 -25.81 -28.32 -21.04
CA GLY L 110 -26.82 -29.30 -20.72
C GLY L 110 -27.97 -29.34 -21.70
N LEU L 111 -28.13 -28.32 -22.53
CA LEU L 111 -29.20 -28.30 -23.50
C LEU L 111 -28.81 -28.92 -24.83
N HIS L 112 -27.62 -29.49 -24.96
CA HIS L 112 -27.20 -30.06 -26.24
C HIS L 112 -26.20 -31.17 -26.00
N HIS L 113 -26.64 -32.42 -26.18
CA HIS L 113 -25.77 -33.57 -25.99
C HIS L 113 -25.09 -33.89 -27.30
N ASP L 114 -24.10 -33.05 -27.64
CA ASP L 114 -23.20 -33.35 -28.75
C ASP L 114 -23.96 -33.45 -30.08
N GLY L 115 -24.77 -32.45 -30.38
CA GLY L 115 -25.49 -32.43 -31.65
C GLY L 115 -26.99 -32.51 -31.47
N VAL L 116 -27.43 -33.39 -30.61
CA VAL L 116 -28.84 -33.54 -30.30
C VAL L 116 -29.24 -32.43 -29.33
N MET L 117 -30.41 -31.85 -29.53
CA MET L 117 -30.71 -30.57 -28.90
C MET L 117 -32.06 -30.61 -28.22
N ALA L 118 -32.18 -29.86 -27.13
CA ALA L 118 -33.47 -29.46 -26.61
C ALA L 118 -33.76 -28.03 -27.03
N PHE L 119 -35.04 -27.72 -27.19
CA PHE L 119 -35.45 -26.46 -27.79
C PHE L 119 -35.96 -25.52 -26.70
N SER L 120 -35.41 -24.30 -26.65
CA SER L 120 -35.71 -23.39 -25.57
C SER L 120 -36.39 -22.10 -26.00
N SER L 121 -36.39 -21.76 -27.29
CA SER L 121 -37.04 -20.54 -27.78
C SER L 121 -37.82 -20.87 -29.03
N TRP L 122 -39.14 -20.74 -28.97
CA TRP L 122 -40.03 -21.22 -30.02
C TRP L 122 -40.63 -20.07 -30.81
N GLY L 123 -41.01 -20.37 -32.05
CA GLY L 123 -41.56 -19.38 -32.95
C GLY L 123 -43.00 -19.03 -32.68
N GLN L 124 -43.79 -18.88 -33.74
CA GLN L 124 -45.20 -18.53 -33.63
C GLN L 124 -46.13 -19.58 -34.19
N GLY L 125 -45.80 -20.17 -35.33
CA GLY L 125 -46.61 -21.23 -35.89
C GLY L 125 -47.19 -20.93 -37.25
N THR L 126 -46.65 -21.57 -38.28
CA THR L 126 -47.17 -21.47 -39.64
C THR L 126 -47.92 -22.75 -39.99
N LEU L 127 -49.16 -22.60 -40.43
CA LEU L 127 -50.01 -23.72 -40.80
C LEU L 127 -50.00 -23.89 -42.30
N ILE L 128 -50.01 -25.13 -42.77
CA ILE L 128 -50.02 -25.45 -44.19
C ILE L 128 -51.20 -26.36 -44.47
N SER L 129 -51.99 -26.02 -45.48
CA SER L 129 -53.11 -26.83 -45.92
C SER L 129 -52.85 -27.30 -47.35
N VAL L 130 -52.89 -28.62 -47.55
CA VAL L 130 -52.74 -29.22 -48.86
C VAL L 130 -54.00 -30.00 -49.18
N SER L 131 -54.55 -29.74 -50.37
CA SER L 131 -55.80 -30.36 -50.81
C SER L 131 -56.05 -29.92 -52.25
N ALA L 132 -57.14 -30.42 -52.82
CA ALA L 132 -57.53 -30.05 -54.18
C ALA L 132 -59.06 -29.97 -54.29
N ASP M 1 -33.83 -45.42 -32.08
CA ASP M 1 -34.44 -44.27 -31.43
C ASP M 1 -35.30 -44.67 -30.25
N ILE M 2 -35.53 -43.73 -29.36
CA ILE M 2 -36.27 -43.98 -28.12
C ILE M 2 -37.71 -43.56 -28.33
N GLN M 3 -38.64 -44.35 -27.78
CA GLN M 3 -40.04 -44.00 -27.72
C GLN M 3 -40.48 -44.06 -26.27
N MET M 4 -41.34 -43.12 -25.87
CA MET M 4 -41.55 -42.87 -24.45
C MET M 4 -43.05 -42.93 -24.15
N THR M 5 -43.45 -43.92 -23.35
CA THR M 5 -44.87 -44.15 -23.07
C THR M 5 -45.27 -43.27 -21.89
N GLN M 6 -45.47 -41.98 -22.18
CA GLN M 6 -45.87 -41.03 -21.16
C GLN M 6 -47.17 -41.47 -20.50
N SER M 7 -47.22 -41.35 -19.17
CA SER M 7 -48.37 -41.81 -18.41
C SER M 7 -48.53 -40.90 -17.19
N PRO M 8 -49.75 -40.71 -16.68
CA PRO M 8 -51.03 -41.19 -17.19
C PRO M 8 -51.54 -40.37 -18.37
N SER M 9 -52.17 -41.01 -19.36
CA SER M 9 -52.48 -40.34 -20.61
C SER M 9 -53.48 -39.19 -20.44
N THR M 10 -54.18 -39.13 -19.30
CA THR M 10 -55.06 -38.01 -19.02
C THR M 10 -55.49 -38.03 -17.55
N LEU M 11 -55.38 -36.90 -16.87
CA LEU M 11 -55.87 -36.77 -15.50
C LEU M 11 -56.57 -35.42 -15.35
N SER M 12 -56.94 -35.09 -14.12
CA SER M 12 -57.57 -33.82 -13.85
C SER M 12 -57.50 -33.51 -12.35
N ALA M 13 -57.54 -32.22 -12.04
CA ALA M 13 -57.56 -31.72 -10.66
C ALA M 13 -57.73 -30.21 -10.73
N SER M 14 -58.00 -29.60 -9.58
CA SER M 14 -58.24 -28.17 -9.50
C SER M 14 -57.14 -27.50 -8.68
N THR M 15 -57.30 -26.22 -8.42
CA THR M 15 -56.26 -25.43 -7.78
C THR M 15 -55.98 -25.93 -6.37
N GLY M 16 -54.70 -25.83 -5.98
CA GLY M 16 -54.27 -26.20 -4.64
C GLY M 16 -53.88 -27.65 -4.46
N ASP M 17 -53.59 -28.37 -5.54
CA ASP M 17 -53.36 -29.81 -5.50
C ASP M 17 -51.88 -30.12 -5.73
N THR M 18 -51.60 -31.41 -5.84
CA THR M 18 -50.31 -31.92 -6.31
C THR M 18 -50.57 -32.89 -7.46
N VAL M 19 -49.85 -32.72 -8.56
CA VAL M 19 -50.09 -33.48 -9.78
C VAL M 19 -48.80 -34.17 -10.17
N ARG M 20 -48.88 -35.43 -10.57
CA ARG M 20 -47.70 -36.23 -10.83
C ARG M 20 -47.84 -36.93 -12.18
N ILE M 21 -47.02 -36.52 -13.14
CA ILE M 21 -47.04 -37.09 -14.48
C ILE M 21 -45.75 -37.88 -14.67
N SER M 22 -45.89 -39.14 -15.07
CA SER M 22 -44.72 -40.00 -15.25
C SER M 22 -44.35 -40.08 -16.72
N CYS M 23 -43.17 -40.65 -16.98
CA CYS M 23 -42.67 -40.75 -18.35
C CYS M 23 -41.62 -41.84 -18.39
N ARG M 24 -41.96 -42.99 -18.98
CA ARG M 24 -41.09 -44.15 -19.00
C ARG M 24 -40.43 -44.30 -20.37
N ALA M 25 -39.11 -44.41 -20.37
CA ALA M 25 -38.35 -44.60 -21.60
C ALA M 25 -38.38 -46.06 -22.00
N SER M 26 -37.67 -46.41 -23.07
CA SER M 26 -37.50 -47.80 -23.47
C SER M 26 -36.13 -48.36 -23.13
N GLN M 27 -35.07 -47.66 -23.50
CA GLN M 27 -33.73 -48.01 -23.07
C GLN M 27 -33.39 -47.27 -21.78
N SER M 28 -32.13 -47.36 -21.39
CA SER M 28 -31.67 -46.70 -20.17
C SER M 28 -30.95 -45.41 -20.53
N ILE M 29 -31.49 -44.28 -20.08
CA ILE M 29 -30.85 -42.99 -20.28
C ILE M 29 -30.07 -42.67 -19.02
N THR M 30 -28.78 -43.00 -19.02
CA THR M 30 -27.93 -42.81 -17.86
C THR M 30 -27.22 -41.46 -17.87
N GLY M 31 -27.86 -40.44 -18.44
CA GLY M 31 -27.31 -39.10 -18.43
C GLY M 31 -28.34 -38.04 -18.10
N ASN M 32 -29.59 -38.46 -17.96
CA ASN M 32 -30.70 -37.57 -17.67
C ASN M 32 -30.90 -36.56 -18.80
N TRP M 33 -30.92 -37.06 -20.03
CA TRP M 33 -31.15 -36.22 -21.19
C TRP M 33 -32.63 -36.19 -21.58
N VAL M 34 -33.48 -35.65 -20.70
CA VAL M 34 -34.90 -35.49 -21.02
C VAL M 34 -35.35 -34.10 -20.62
N ALA M 35 -36.39 -33.61 -21.29
CA ALA M 35 -36.90 -32.25 -21.09
C ALA M 35 -38.43 -32.24 -21.03
N TRP M 36 -38.98 -31.22 -20.38
CA TRP M 36 -40.41 -31.11 -20.16
C TRP M 36 -40.94 -29.76 -20.65
N TYR M 37 -42.08 -29.78 -21.32
CA TYR M 37 -42.69 -28.61 -21.93
C TYR M 37 -44.04 -28.29 -21.29
N GLN M 38 -44.75 -27.34 -21.90
CA GLN M 38 -46.12 -26.99 -21.53
C GLN M 38 -46.75 -26.13 -22.61
N GLN M 39 -47.90 -26.53 -23.12
CA GLN M 39 -48.54 -25.83 -24.24
C GLN M 39 -49.96 -25.44 -23.83
N ARG M 40 -50.12 -24.21 -23.36
CA ARG M 40 -51.47 -23.69 -23.17
C ARG M 40 -52.18 -23.65 -24.52
N PRO M 41 -53.46 -24.00 -24.57
CA PRO M 41 -54.08 -24.37 -25.87
C PRO M 41 -54.06 -23.24 -26.87
N GLY M 42 -53.51 -23.52 -28.05
CA GLY M 42 -53.44 -22.54 -29.12
C GLY M 42 -52.10 -21.88 -29.26
N LYS M 43 -51.40 -21.67 -28.14
CA LYS M 43 -50.12 -20.99 -28.13
C LYS M 43 -49.02 -21.96 -28.57
N ALA M 44 -47.78 -21.56 -28.38
CA ALA M 44 -46.65 -22.37 -28.76
C ALA M 44 -45.98 -22.98 -27.53
N PRO M 45 -45.33 -24.14 -27.67
CA PRO M 45 -44.78 -24.82 -26.50
C PRO M 45 -43.72 -23.99 -25.79
N ARG M 46 -43.47 -24.34 -24.53
CA ARG M 46 -42.53 -23.61 -23.70
C ARG M 46 -41.73 -24.60 -22.87
N LEU M 47 -40.41 -24.56 -23.00
CA LEU M 47 -39.55 -25.39 -22.18
C LEU M 47 -39.56 -24.92 -20.74
N LEU M 48 -39.61 -25.85 -19.79
CA LEU M 48 -39.49 -25.45 -18.40
C LEU M 48 -38.68 -26.38 -17.51
N ILE M 49 -38.22 -27.54 -18.01
CA ILE M 49 -37.28 -28.39 -17.29
C ILE M 49 -36.39 -29.12 -18.29
N TYR M 50 -35.07 -28.93 -18.19
CA TYR M 50 -34.13 -29.62 -19.06
C TYR M 50 -33.12 -30.41 -18.24
N ARG M 51 -32.60 -31.48 -18.84
CA ARG M 51 -31.63 -32.35 -18.21
C ARG M 51 -32.08 -32.76 -16.80
N GLY M 52 -33.16 -33.51 -16.76
CA GLY M 52 -33.58 -34.12 -15.52
C GLY M 52 -34.29 -33.18 -14.58
N ALA M 53 -33.57 -32.24 -13.99
CA ALA M 53 -34.18 -31.39 -12.97
C ALA M 53 -33.81 -29.93 -13.06
N ALA M 54 -33.14 -29.49 -14.13
CA ALA M 54 -32.79 -28.08 -14.21
C ALA M 54 -34.02 -27.25 -14.54
N LEU M 55 -33.95 -25.97 -14.17
CA LEU M 55 -35.07 -25.04 -14.29
C LEU M 55 -34.62 -23.80 -15.03
N LEU M 56 -35.33 -23.43 -16.09
CA LEU M 56 -35.01 -22.22 -16.83
C LEU M 56 -35.27 -20.98 -15.98
N GLY M 57 -34.91 -19.83 -16.55
CA GLY M 57 -35.17 -18.55 -15.90
C GLY M 57 -36.51 -17.99 -16.32
N GLY M 58 -37.40 -17.81 -15.35
CA GLY M 58 -38.73 -17.32 -15.63
C GLY M 58 -39.80 -18.30 -15.23
N VAL M 59 -39.46 -19.59 -15.29
CA VAL M 59 -40.41 -20.63 -14.87
C VAL M 59 -40.57 -20.59 -13.35
N PRO M 60 -41.78 -20.65 -12.81
CA PRO M 60 -41.95 -20.55 -11.36
C PRO M 60 -41.36 -21.76 -10.65
N SER M 61 -40.87 -21.52 -9.43
CA SER M 61 -40.28 -22.56 -8.62
C SER M 61 -41.31 -23.52 -8.03
N ARG M 62 -42.58 -23.38 -8.42
CA ARG M 62 -43.58 -24.34 -7.96
C ARG M 62 -43.38 -25.70 -8.61
N PHE M 63 -42.62 -25.76 -9.71
CA PHE M 63 -42.39 -27.00 -10.43
C PHE M 63 -41.24 -27.79 -9.79
N ARG M 64 -41.08 -29.02 -10.27
CA ARG M 64 -39.98 -29.89 -9.86
C ARG M 64 -39.92 -31.07 -10.82
N GLY M 65 -38.89 -31.89 -10.66
CA GLY M 65 -38.74 -33.05 -11.52
C GLY M 65 -37.74 -34.03 -10.91
N SER M 66 -37.80 -35.26 -11.39
CA SER M 66 -36.92 -36.31 -10.91
C SER M 66 -36.40 -37.12 -12.08
N ALA M 67 -35.28 -37.80 -11.85
CA ALA M 67 -34.65 -38.64 -12.86
C ALA M 67 -34.02 -39.84 -12.16
N ALA M 68 -34.51 -41.04 -12.50
CA ALA M 68 -34.07 -42.25 -11.82
C ALA M 68 -34.08 -43.39 -12.84
N GLY M 69 -32.93 -43.67 -13.42
CA GLY M 69 -32.84 -44.77 -14.36
C GLY M 69 -33.66 -44.52 -15.62
N THR M 70 -34.80 -45.19 -15.74
CA THR M 70 -35.70 -45.02 -16.87
C THR M 70 -37.09 -44.56 -16.45
N ASP M 71 -37.22 -43.87 -15.32
CA ASP M 71 -38.50 -43.34 -14.86
C ASP M 71 -38.32 -41.87 -14.52
N PHE M 72 -38.73 -40.99 -15.42
CA PHE M 72 -38.65 -39.55 -15.23
C PHE M 72 -40.05 -39.01 -15.02
N THR M 73 -40.25 -38.27 -13.93
CA THR M 73 -41.59 -37.83 -13.55
C THR M 73 -41.60 -36.33 -13.25
N LEU M 74 -42.66 -35.65 -13.69
CA LEU M 74 -42.80 -34.21 -13.51
C LEU M 74 -43.87 -33.94 -12.47
N THR M 75 -43.58 -33.07 -11.51
CA THR M 75 -44.49 -32.76 -10.41
C THR M 75 -44.84 -31.28 -10.42
N ILE M 76 -46.04 -30.95 -9.96
CA ILE M 76 -46.46 -29.56 -9.80
C ILE M 76 -47.00 -29.37 -8.39
N GLY M 77 -46.52 -28.33 -7.71
CA GLY M 77 -46.98 -27.99 -6.38
C GLY M 77 -47.91 -26.78 -6.41
N ASN M 78 -48.86 -26.77 -5.46
CA ASN M 78 -49.91 -25.77 -5.27
C ASN M 78 -50.36 -25.15 -6.59
N LEU M 79 -50.83 -26.02 -7.50
CA LEU M 79 -51.26 -25.68 -8.85
C LEU M 79 -52.18 -24.46 -8.87
N GLN M 80 -52.20 -23.73 -9.99
CA GLN M 80 -53.18 -22.66 -10.16
C GLN M 80 -53.58 -22.60 -11.64
N ALA M 81 -54.33 -21.54 -11.99
CA ALA M 81 -55.21 -21.60 -13.16
C ALA M 81 -54.44 -21.69 -14.47
N GLU M 82 -53.47 -20.81 -14.70
CA GLU M 82 -52.87 -20.71 -16.02
C GLU M 82 -52.08 -21.94 -16.40
N ASP M 83 -51.78 -22.83 -15.44
CA ASP M 83 -50.90 -23.96 -15.66
C ASP M 83 -51.66 -25.20 -16.12
N PHE M 84 -52.82 -25.01 -16.75
CA PHE M 84 -53.59 -26.11 -17.31
C PHE M 84 -53.33 -26.21 -18.81
N GLY M 85 -53.18 -27.43 -19.29
CA GLY M 85 -52.95 -27.64 -20.69
C GLY M 85 -52.22 -28.93 -20.96
N THR M 86 -51.50 -28.99 -22.06
CA THR M 86 -50.75 -30.18 -22.43
C THR M 86 -49.37 -30.12 -21.80
N PHE M 87 -48.79 -31.29 -21.55
CA PHE M 87 -47.41 -31.41 -21.15
C PHE M 87 -46.74 -32.45 -22.03
N TYR M 88 -45.43 -32.34 -22.18
CA TYR M 88 -44.71 -33.21 -23.09
C TYR M 88 -43.43 -33.69 -22.43
N CYS M 89 -42.87 -34.76 -22.98
CA CYS M 89 -41.69 -35.40 -22.43
C CYS M 89 -40.81 -35.79 -23.61
N GLN M 90 -39.69 -35.10 -23.77
CA GLN M 90 -38.79 -35.32 -24.91
C GLN M 90 -37.46 -35.85 -24.41
N GLN M 91 -36.96 -36.87 -25.09
CA GLN M 91 -35.61 -37.36 -24.84
C GLN M 91 -34.67 -36.82 -25.90
N TYR M 92 -33.51 -36.34 -25.48
CA TYR M 92 -32.47 -36.01 -26.43
C TYR M 92 -31.19 -36.78 -26.11
N ASP M 93 -31.35 -38.06 -25.74
CA ASP M 93 -30.20 -38.91 -25.52
C ASP M 93 -29.44 -39.17 -26.81
N THR M 94 -30.13 -39.58 -27.86
CA THR M 94 -29.47 -40.06 -29.07
C THR M 94 -30.21 -39.58 -30.30
N TYR M 95 -29.45 -39.24 -31.33
CA TYR M 95 -30.03 -38.75 -32.58
C TYR M 95 -30.90 -39.82 -33.22
N PRO M 96 -32.15 -39.51 -33.59
CA PRO M 96 -32.84 -38.24 -33.36
C PRO M 96 -33.68 -38.25 -32.08
N GLY M 97 -34.05 -37.08 -31.60
CA GLY M 97 -34.76 -36.99 -30.34
C GLY M 97 -36.27 -36.92 -30.48
N THR M 98 -36.96 -37.99 -30.11
CA THR M 98 -38.41 -38.05 -30.24
C THR M 98 -39.07 -37.33 -29.07
N PHE M 99 -40.39 -37.17 -29.17
CA PHE M 99 -41.20 -36.53 -28.15
C PHE M 99 -42.13 -37.56 -27.51
N GLY M 100 -42.91 -37.08 -26.54
CA GLY M 100 -43.83 -37.96 -25.84
C GLY M 100 -45.13 -38.16 -26.58
N GLN M 101 -46.26 -38.08 -25.88
CA GLN M 101 -47.57 -38.17 -26.51
C GLN M 101 -48.50 -37.10 -25.96
N GLY M 102 -48.20 -36.58 -24.79
CA GLY M 102 -48.99 -35.51 -24.21
C GLY M 102 -50.04 -36.01 -23.23
N THR M 103 -50.16 -35.35 -22.08
CA THR M 103 -51.10 -35.76 -21.03
C THR M 103 -51.77 -34.51 -20.47
N LYS M 104 -52.89 -34.13 -21.08
CA LYS M 104 -53.58 -32.90 -20.69
C LYS M 104 -54.00 -32.96 -19.23
N VAL M 105 -54.22 -31.79 -18.64
CA VAL M 105 -54.67 -31.66 -17.26
C VAL M 105 -55.82 -30.66 -17.25
N GLU M 106 -56.98 -31.09 -16.75
CA GLU M 106 -58.18 -30.27 -16.75
C GLU M 106 -58.59 -29.90 -15.33
N VAL M 107 -59.55 -28.98 -15.23
CA VAL M 107 -60.05 -28.52 -13.95
C VAL M 107 -61.43 -29.11 -13.69
N GLN N 1 41.81 -2.83 -18.15
CA GLN N 1 41.23 -4.13 -17.86
C GLN N 1 42.25 -4.98 -17.11
N ILE N 2 42.86 -5.93 -17.80
CA ILE N 2 43.86 -6.82 -17.25
C ILE N 2 45.05 -6.83 -18.20
N HIS N 3 46.26 -6.80 -17.63
CA HIS N 3 47.46 -6.79 -18.45
C HIS N 3 48.59 -7.50 -17.73
N LEU N 4 49.47 -8.12 -18.49
CA LEU N 4 50.61 -8.84 -17.94
C LEU N 4 51.88 -8.33 -18.60
N VAL N 5 52.89 -8.02 -17.79
CA VAL N 5 54.13 -7.44 -18.27
C VAL N 5 55.30 -8.24 -17.72
N GLN N 6 56.21 -8.66 -18.59
CA GLN N 6 57.39 -9.42 -18.21
C GLN N 6 58.64 -8.67 -18.63
N SER N 7 59.76 -9.04 -18.01
CA SER N 7 61.03 -8.36 -18.26
C SER N 7 61.52 -8.66 -19.67
N GLY N 8 62.68 -8.11 -20.02
CA GLY N 8 63.21 -8.22 -21.37
C GLY N 8 63.95 -9.53 -21.61
N THR N 9 64.48 -9.65 -22.83
CA THR N 9 65.21 -10.84 -23.23
C THR N 9 66.50 -10.97 -22.42
N GLU N 10 66.81 -12.19 -22.01
CA GLU N 10 68.01 -12.44 -21.21
C GLU N 10 68.82 -13.57 -21.83
N VAL N 11 70.10 -13.60 -21.46
CA VAL N 11 71.07 -14.57 -21.99
C VAL N 11 71.98 -14.98 -20.86
N LYS N 12 72.38 -16.25 -20.84
CA LYS N 12 73.31 -16.76 -19.85
C LYS N 12 74.11 -17.91 -20.46
N LYS N 13 75.05 -18.43 -19.68
CA LYS N 13 75.87 -19.57 -20.05
C LYS N 13 75.50 -20.79 -19.21
N PRO N 14 75.69 -22.00 -19.72
CA PRO N 14 75.31 -23.19 -18.96
C PRO N 14 76.03 -23.24 -17.63
N GLY N 15 75.32 -23.76 -16.62
CA GLY N 15 75.81 -23.74 -15.26
C GLY N 15 75.38 -22.54 -14.45
N SER N 16 74.58 -21.65 -15.01
CA SER N 16 74.15 -20.43 -14.35
C SER N 16 72.68 -20.56 -13.93
N SER N 17 72.15 -19.46 -13.41
CA SER N 17 70.76 -19.37 -12.99
C SER N 17 70.23 -17.98 -13.28
N VAL N 18 68.92 -17.87 -13.50
CA VAL N 18 68.31 -16.63 -13.94
C VAL N 18 66.88 -16.57 -13.44
N THR N 19 66.37 -15.36 -13.25
CA THR N 19 64.99 -15.13 -12.82
C THR N 19 64.28 -14.24 -13.82
N VAL N 20 63.00 -14.56 -14.08
CA VAL N 20 62.12 -13.72 -14.86
C VAL N 20 60.91 -13.36 -14.00
N SER N 21 60.52 -12.09 -14.01
CA SER N 21 59.49 -11.61 -13.11
C SER N 21 58.30 -11.08 -13.90
N CYS N 22 57.13 -11.19 -13.28
CA CYS N 22 55.84 -10.93 -13.92
C CYS N 22 55.03 -10.00 -13.04
N LYS N 23 54.76 -8.79 -13.52
CA LYS N 23 53.96 -7.82 -12.81
C LYS N 23 52.63 -7.66 -13.52
N ALA N 24 51.53 -7.87 -12.79
CA ALA N 24 50.19 -7.93 -13.37
C ALA N 24 49.44 -6.65 -13.05
N TYR N 25 48.87 -6.03 -14.07
CA TYR N 25 48.20 -4.75 -13.95
C TYR N 25 46.70 -4.98 -14.11
N GLY N 26 45.98 -5.00 -12.99
CA GLY N 26 44.56 -5.27 -13.02
C GLY N 26 44.14 -6.50 -12.23
N VAL N 27 45.04 -7.10 -11.47
CA VAL N 27 44.67 -8.21 -10.60
C VAL N 27 44.28 -7.67 -9.24
N ASN N 28 43.11 -8.08 -8.75
CA ASN N 28 42.68 -7.69 -7.41
C ASN N 28 43.69 -8.13 -6.37
N THR N 29 44.10 -9.39 -6.43
CA THR N 29 45.07 -10.01 -5.56
C THR N 29 45.28 -11.43 -6.05
N PHE N 30 46.32 -12.08 -5.55
CA PHE N 30 46.52 -13.49 -5.86
C PHE N 30 45.76 -14.42 -4.94
N GLY N 31 44.98 -13.88 -4.00
CA GLY N 31 44.07 -14.72 -3.25
C GLY N 31 42.98 -15.27 -4.14
N LEU N 32 42.51 -14.47 -5.10
CA LEU N 32 41.45 -14.90 -6.00
C LEU N 32 41.97 -15.54 -7.28
N TYR N 33 43.14 -15.15 -7.77
CA TYR N 33 43.67 -15.69 -9.02
C TYR N 33 44.70 -16.77 -8.73
N ALA N 34 45.12 -17.44 -9.80
CA ALA N 34 46.18 -18.43 -9.75
C ALA N 34 47.17 -18.15 -10.87
N VAL N 35 48.44 -18.45 -10.64
CA VAL N 35 49.51 -18.10 -11.57
C VAL N 35 50.17 -19.37 -12.06
N ASN N 36 50.21 -19.53 -13.38
CA ASN N 36 50.74 -20.73 -14.03
C ASN N 36 51.75 -20.32 -15.09
N TRP N 37 52.98 -20.79 -14.95
CA TRP N 37 54.04 -20.47 -15.90
C TRP N 37 54.12 -21.56 -16.96
N VAL N 38 54.28 -21.16 -18.21
CA VAL N 38 54.41 -22.12 -19.30
C VAL N 38 55.67 -21.80 -20.10
N ARG N 39 56.05 -22.74 -20.95
CA ARG N 39 57.25 -22.66 -21.76
C ARG N 39 56.93 -23.14 -23.17
N GLN N 40 57.47 -22.47 -24.17
CA GLN N 40 57.28 -22.87 -25.57
C GLN N 40 58.64 -22.90 -26.26
N ALA N 41 59.18 -24.09 -26.47
CA ALA N 41 60.40 -24.23 -27.23
C ALA N 41 60.14 -23.89 -28.70
N PRO N 42 61.14 -23.35 -29.40
CA PRO N 42 60.94 -22.98 -30.82
C PRO N 42 60.49 -24.18 -31.64
N GLY N 43 59.29 -24.09 -32.17
CA GLY N 43 58.75 -25.14 -33.02
C GLY N 43 58.17 -26.31 -32.28
N GLN N 44 57.93 -26.18 -30.98
CA GLN N 44 57.42 -27.27 -30.16
C GLN N 44 56.12 -26.84 -29.51
N SER N 45 55.34 -27.83 -29.10
CA SER N 45 54.09 -27.54 -28.40
C SER N 45 54.39 -26.96 -27.02
N LEU N 46 53.35 -26.39 -26.40
CA LEU N 46 53.50 -25.70 -25.14
C LEU N 46 53.89 -26.69 -24.05
N GLU N 47 54.17 -26.16 -22.86
CA GLU N 47 54.60 -27.00 -21.75
C GLU N 47 54.33 -26.27 -20.43
N TYR N 48 54.00 -27.03 -19.39
CA TYR N 48 53.56 -26.48 -18.12
C TYR N 48 54.64 -26.68 -17.07
N ILE N 49 54.98 -25.59 -16.36
CA ILE N 49 56.13 -25.59 -15.46
C ILE N 49 55.72 -25.66 -14.00
N GLY N 50 54.99 -24.65 -13.52
CA GLY N 50 54.69 -24.56 -12.11
C GLY N 50 53.41 -23.80 -11.85
N GLN N 51 53.15 -23.54 -10.57
CA GLN N 51 51.86 -23.01 -10.15
C GLN N 51 51.94 -22.52 -8.71
N ILE N 52 51.23 -21.43 -8.44
CA ILE N 52 50.87 -21.00 -7.09
C ILE N 52 49.36 -20.82 -7.05
N TRP N 53 48.73 -21.38 -6.01
CA TRP N 53 47.28 -21.39 -5.93
C TRP N 53 46.90 -21.36 -4.47
N ARG N 54 46.30 -20.25 -4.03
CA ARG N 54 46.02 -20.04 -2.60
C ARG N 54 47.31 -20.10 -1.79
N TRP N 55 48.38 -19.53 -2.36
CA TRP N 55 49.66 -19.36 -1.66
C TRP N 55 50.28 -20.70 -1.28
N LYS N 56 50.26 -21.64 -2.21
CA LYS N 56 50.96 -22.92 -2.06
C LYS N 56 51.64 -23.20 -3.40
N SER N 57 52.96 -23.04 -3.43
CA SER N 57 53.70 -23.18 -4.68
C SER N 57 54.04 -24.63 -4.95
N SER N 58 54.02 -24.99 -6.22
CA SER N 58 54.28 -26.37 -6.62
C SER N 58 54.72 -26.39 -8.08
N ALA N 59 55.68 -27.26 -8.39
CA ALA N 59 56.24 -27.39 -9.72
C ALA N 59 55.82 -28.73 -10.33
N SER N 60 56.27 -28.96 -11.56
CA SER N 60 55.76 -30.07 -12.36
C SER N 60 56.40 -31.39 -11.92
N HIS N 61 56.22 -32.43 -12.74
CA HIS N 61 56.70 -33.77 -12.42
C HIS N 61 58.11 -34.05 -12.91
N HIS N 62 58.71 -33.12 -13.67
CA HIS N 62 60.09 -33.26 -14.09
C HIS N 62 61.00 -32.16 -13.55
N PHE N 63 60.46 -30.99 -13.26
CA PHE N 63 61.24 -29.84 -12.82
C PHE N 63 61.50 -29.83 -11.32
N ARG N 64 60.91 -30.75 -10.58
CA ARG N 64 60.81 -30.61 -9.13
C ARG N 64 62.21 -30.68 -8.52
N GLY N 65 62.73 -29.52 -8.10
CA GLY N 65 64.03 -29.41 -7.49
C GLY N 65 64.94 -28.39 -8.14
N ARG N 66 64.63 -27.95 -9.36
CA ARG N 66 65.50 -27.05 -10.10
C ARG N 66 64.88 -25.68 -10.36
N VAL N 67 63.69 -25.42 -9.81
CA VAL N 67 62.94 -24.23 -10.17
C VAL N 67 62.26 -23.71 -8.91
N LEU N 68 61.99 -22.41 -8.87
CA LEU N 68 61.38 -21.76 -7.71
C LEU N 68 60.41 -20.70 -8.19
N ILE N 69 59.17 -20.77 -7.73
CA ILE N 69 58.14 -19.78 -8.05
C ILE N 69 57.67 -19.15 -6.74
N SER N 70 57.65 -17.82 -6.71
CA SER N 70 57.22 -17.06 -5.55
C SER N 70 56.43 -15.85 -6.02
N ALA N 71 55.70 -15.24 -5.09
CA ALA N 71 54.90 -14.08 -5.42
C ALA N 71 54.74 -13.19 -4.20
N VAL N 72 54.47 -11.91 -4.47
CA VAL N 72 54.20 -10.90 -3.46
C VAL N 72 52.90 -10.22 -3.83
N ASP N 73 52.04 -9.99 -2.84
CA ASP N 73 50.74 -9.41 -3.10
C ASP N 73 50.87 -7.91 -3.29
N LEU N 74 49.75 -7.20 -3.29
CA LEU N 74 49.72 -5.77 -3.57
C LEU N 74 50.62 -4.99 -2.62
N THR N 75 50.90 -3.75 -3.01
CA THR N 75 51.63 -2.79 -2.19
C THR N 75 51.28 -1.41 -2.70
N GLY N 76 51.25 -0.43 -1.78
CA GLY N 76 50.78 0.90 -2.09
C GLY N 76 51.46 1.57 -3.27
N SER N 77 52.52 0.98 -3.81
CA SER N 77 53.25 1.55 -4.93
C SER N 77 53.36 0.63 -6.14
N SER N 78 53.23 -0.67 -5.98
CA SER N 78 53.39 -1.60 -7.08
C SER N 78 52.26 -2.61 -7.12
N PRO N 79 51.94 -3.13 -8.30
CA PRO N 79 50.92 -4.16 -8.41
C PRO N 79 51.47 -5.50 -7.98
N PRO N 80 50.63 -6.54 -7.88
CA PRO N 80 51.14 -7.85 -7.45
C PRO N 80 52.13 -8.39 -8.48
N ILE N 81 53.11 -9.14 -7.99
CA ILE N 81 54.25 -9.56 -8.78
C ILE N 81 54.58 -11.01 -8.47
N SER N 82 55.13 -11.72 -9.45
CA SER N 82 55.62 -13.07 -9.25
C SER N 82 56.85 -13.29 -10.12
N SER N 83 57.71 -14.20 -9.67
CA SER N 83 59.01 -14.39 -10.30
C SER N 83 59.31 -15.86 -10.51
N LEU N 84 59.91 -16.17 -11.65
CA LEU N 84 60.29 -17.53 -12.03
C LEU N 84 61.81 -17.63 -12.12
N GLU N 85 62.39 -18.49 -11.30
CA GLU N 85 63.84 -18.66 -11.22
C GLU N 85 64.22 -20.07 -11.63
N ILE N 86 65.23 -20.19 -12.48
CA ILE N 86 65.67 -21.47 -13.00
C ILE N 86 67.14 -21.68 -12.62
N LYS N 87 67.40 -22.66 -11.77
CA LYS N 87 68.74 -22.95 -11.30
C LYS N 87 69.36 -24.06 -12.14
N ASN N 88 70.69 -24.04 -12.24
CA ASN N 88 71.45 -25.02 -13.00
C ASN N 88 71.01 -25.06 -14.46
N LEU N 89 71.20 -23.93 -15.14
CA LEU N 89 70.78 -23.80 -16.52
C LEU N 89 71.50 -24.81 -17.40
N THR N 90 70.80 -25.31 -18.41
CA THR N 90 71.35 -26.30 -19.32
C THR N 90 70.95 -25.88 -20.74
N SER N 91 71.51 -26.54 -21.74
CA SER N 91 71.30 -26.16 -23.13
C SER N 91 69.87 -26.38 -23.61
N ASP N 92 69.06 -27.13 -22.88
CA ASP N 92 67.67 -27.34 -23.28
C ASP N 92 66.71 -26.31 -22.68
N ASP N 93 67.14 -25.56 -21.67
CA ASP N 93 66.25 -24.65 -20.97
C ASP N 93 66.05 -23.33 -21.70
N THR N 94 66.33 -23.27 -23.00
CA THR N 94 66.10 -22.07 -23.78
C THR N 94 64.76 -22.17 -24.49
N ALA N 95 63.89 -21.20 -24.26
CA ALA N 95 62.57 -21.12 -24.89
C ALA N 95 61.96 -19.77 -24.52
N VAL N 96 60.71 -19.57 -24.92
CA VAL N 96 59.93 -18.39 -24.55
C VAL N 96 59.07 -18.75 -23.36
N TYR N 97 59.04 -17.86 -22.36
CA TYR N 97 58.32 -18.10 -21.12
C TYR N 97 57.12 -17.15 -21.03
N PHE N 98 56.01 -17.63 -20.49
CA PHE N 98 54.80 -16.84 -20.35
C PHE N 98 54.34 -16.83 -18.90
N CYS N 99 53.52 -15.84 -18.58
CA CYS N 99 52.92 -15.67 -17.27
C CYS N 99 51.42 -15.65 -17.44
N THR N 100 50.72 -16.57 -16.79
CA THR N 100 49.29 -16.74 -16.98
C THR N 100 48.56 -16.65 -15.64
N THR N 101 47.39 -16.02 -15.65
CA THR N 101 46.54 -15.96 -14.48
C THR N 101 45.11 -16.25 -14.88
N THR N 102 44.40 -16.97 -14.03
CA THR N 102 43.00 -17.29 -14.23
C THR N 102 42.24 -16.95 -12.95
N SER N 103 40.96 -16.63 -13.10
CA SER N 103 40.14 -16.28 -11.95
C SER N 103 39.63 -17.53 -11.26
N THR N 104 39.80 -17.59 -9.94
CA THR N 104 39.28 -18.72 -9.17
C THR N 104 38.40 -18.25 -8.03
N TYR N 105 37.76 -17.09 -8.19
CA TYR N 105 36.76 -16.68 -7.21
C TYR N 105 35.64 -17.70 -7.12
N ASP N 106 35.07 -18.06 -8.26
CA ASP N 106 33.89 -18.89 -8.28
C ASP N 106 34.28 -20.35 -8.07
N ARG N 107 33.32 -21.16 -7.62
CA ARG N 107 33.59 -22.59 -7.53
C ARG N 107 33.07 -23.33 -8.75
N TRP N 108 32.00 -22.83 -9.38
CA TRP N 108 31.43 -23.46 -10.55
C TRP N 108 31.90 -22.79 -11.83
N SER N 109 33.15 -22.35 -11.87
CA SER N 109 33.61 -21.53 -12.98
C SER N 109 33.63 -22.31 -14.28
N GLY N 110 34.23 -23.49 -14.27
CA GLY N 110 34.44 -24.23 -15.49
C GLY N 110 35.81 -24.06 -16.10
N LEU N 111 36.67 -23.24 -15.51
CA LEU N 111 38.03 -23.09 -15.96
C LEU N 111 39.05 -23.75 -15.03
N HIS N 112 38.61 -24.54 -14.07
CA HIS N 112 39.57 -25.19 -13.17
C HIS N 112 38.94 -26.44 -12.59
N HIS N 113 39.42 -27.60 -13.03
CA HIS N 113 38.93 -28.87 -12.51
C HIS N 113 39.72 -29.21 -11.26
N ASP N 114 39.46 -28.43 -10.20
CA ASP N 114 39.95 -28.76 -8.87
C ASP N 114 41.47 -28.87 -8.83
N GLY N 115 42.15 -27.76 -9.09
CA GLY N 115 43.60 -27.73 -9.01
C GLY N 115 44.28 -27.45 -10.33
N VAL N 116 43.79 -28.08 -11.40
CA VAL N 116 44.29 -27.84 -12.75
C VAL N 116 43.61 -26.58 -13.27
N MET N 117 44.10 -26.03 -14.38
CA MET N 117 43.58 -24.75 -14.86
C MET N 117 43.52 -24.74 -16.37
N ALA N 118 42.74 -23.81 -16.93
CA ALA N 118 42.78 -23.49 -18.34
C ALA N 118 43.06 -22.00 -18.49
N PHE N 119 44.23 -21.68 -19.00
CA PHE N 119 44.83 -20.36 -18.86
C PHE N 119 44.12 -19.37 -19.77
N SER N 120 43.60 -18.29 -19.19
CA SER N 120 42.79 -17.34 -19.93
C SER N 120 43.37 -15.94 -20.02
N SER N 121 44.51 -15.68 -19.38
CA SER N 121 45.19 -14.41 -19.51
C SER N 121 46.67 -14.68 -19.67
N TRP N 122 47.27 -14.14 -20.73
CA TRP N 122 48.62 -14.48 -21.12
C TRP N 122 49.54 -13.27 -21.03
N GLY N 123 50.82 -13.53 -20.80
CA GLY N 123 51.80 -12.47 -20.68
C GLY N 123 52.24 -11.89 -22.01
N GLN N 124 53.54 -11.63 -22.15
CA GLN N 124 54.12 -11.10 -23.38
C GLN N 124 55.20 -11.99 -23.96
N GLY N 125 56.07 -12.55 -23.13
CA GLY N 125 57.10 -13.45 -23.61
C GLY N 125 58.52 -12.99 -23.32
N THR N 126 59.23 -13.75 -22.51
CA THR N 126 60.64 -13.50 -22.23
C THR N 126 61.44 -14.69 -22.74
N LEU N 127 62.43 -14.41 -23.58
CA LEU N 127 63.21 -15.46 -24.22
C LEU N 127 64.54 -15.61 -23.49
N ILE N 128 64.76 -16.77 -22.90
CA ILE N 128 66.04 -17.08 -22.26
C ILE N 128 66.89 -17.82 -23.28
N SER N 129 68.07 -17.28 -23.57
CA SER N 129 68.99 -17.89 -24.52
C SER N 129 70.23 -18.35 -23.77
N VAL N 130 70.53 -19.64 -23.86
CA VAL N 130 71.67 -20.23 -23.20
C VAL N 130 72.70 -20.64 -24.27
N SER N 131 73.94 -20.20 -24.08
CA SER N 131 75.01 -20.48 -25.02
C SER N 131 76.33 -20.13 -24.35
N ALA N 132 77.41 -20.67 -24.91
CA ALA N 132 78.74 -20.49 -24.33
C ALA N 132 79.36 -19.16 -24.74
N ASP O 1 49.06 -39.30 -16.72
CA ASP O 1 49.00 -38.24 -17.71
C ASP O 1 48.24 -38.65 -18.97
N ILE O 2 47.93 -37.67 -19.80
CA ILE O 2 47.23 -37.90 -21.06
C ILE O 2 48.13 -37.44 -22.20
N GLN O 3 48.14 -38.22 -23.27
CA GLN O 3 48.80 -37.82 -24.51
C GLN O 3 47.73 -37.70 -25.59
N MET O 4 47.89 -36.70 -26.45
CA MET O 4 46.81 -36.27 -27.32
C MET O 4 47.33 -36.10 -28.74
N THR O 5 46.69 -36.76 -29.70
CA THR O 5 47.14 -36.77 -31.09
C THR O 5 46.27 -35.83 -31.91
N GLN O 6 46.59 -34.54 -31.86
CA GLN O 6 45.86 -33.57 -32.64
C GLN O 6 46.12 -33.76 -34.13
N SER O 7 45.11 -33.46 -34.94
CA SER O 7 45.20 -33.65 -36.39
C SER O 7 44.16 -32.76 -37.05
N PRO O 8 44.33 -32.43 -38.34
CA PRO O 8 45.48 -32.71 -39.20
C PRO O 8 46.62 -31.72 -38.96
N SER O 9 47.86 -32.17 -39.11
CA SER O 9 49.00 -31.33 -38.78
C SER O 9 49.07 -30.07 -39.62
N THR O 10 48.39 -30.04 -40.77
CA THR O 10 48.29 -28.83 -41.59
C THR O 10 47.20 -29.00 -42.64
N LEU O 11 46.29 -28.03 -42.74
CA LEU O 11 45.29 -28.01 -43.79
C LEU O 11 45.12 -26.57 -44.28
N SER O 12 44.51 -26.44 -45.45
CA SER O 12 44.40 -25.14 -46.10
C SER O 12 43.00 -24.94 -46.63
N ALA O 13 42.62 -23.68 -46.77
CA ALA O 13 41.32 -23.28 -47.30
C ALA O 13 41.40 -21.79 -47.61
N SER O 14 40.27 -21.22 -48.01
CA SER O 14 40.16 -19.81 -48.32
C SER O 14 39.07 -19.17 -47.48
N THR O 15 39.14 -17.85 -47.36
CA THR O 15 38.17 -17.12 -46.55
C THR O 15 36.77 -17.29 -47.14
N GLY O 16 35.86 -17.84 -46.34
CA GLY O 16 34.55 -18.22 -46.82
C GLY O 16 34.30 -19.70 -46.88
N ASP O 17 34.78 -20.47 -45.92
CA ASP O 17 34.61 -21.91 -45.87
C ASP O 17 34.52 -22.36 -44.41
N THR O 18 34.38 -23.66 -44.22
CA THR O 18 34.39 -24.27 -42.90
C THR O 18 35.64 -25.14 -42.73
N VAL O 19 36.21 -25.13 -41.54
CA VAL O 19 37.43 -25.87 -41.24
C VAL O 19 37.19 -26.68 -39.98
N ARG O 20 37.41 -27.99 -40.07
CA ARG O 20 37.31 -28.87 -38.91
C ARG O 20 38.70 -29.33 -38.49
N ILE O 21 39.00 -29.21 -37.20
CA ILE O 21 40.24 -29.68 -36.62
C ILE O 21 39.89 -30.63 -35.48
N SER O 22 40.45 -31.83 -35.53
CA SER O 22 40.14 -32.87 -34.57
C SER O 22 41.25 -33.01 -33.55
N CYS O 23 40.92 -33.55 -32.38
CA CYS O 23 41.88 -33.69 -31.30
C CYS O 23 41.46 -34.88 -30.45
N ARG O 24 42.05 -36.04 -30.70
CA ARG O 24 41.70 -37.28 -30.01
C ARG O 24 42.52 -37.38 -28.73
N ALA O 25 41.95 -38.03 -27.72
CA ALA O 25 42.65 -38.22 -26.45
C ALA O 25 43.22 -39.63 -26.40
N SER O 26 43.75 -40.02 -25.25
CA SER O 26 44.22 -41.38 -25.01
C SER O 26 43.29 -42.19 -24.12
N GLN O 27 42.83 -41.61 -23.02
CA GLN O 27 41.75 -42.17 -22.23
C GLN O 27 40.51 -41.31 -22.43
N SER O 28 39.46 -41.62 -21.68
CA SER O 28 38.22 -40.87 -21.79
C SER O 28 38.23 -39.67 -20.84
N ILE O 29 37.73 -38.54 -21.33
CA ILE O 29 37.55 -37.34 -20.53
C ILE O 29 36.05 -37.08 -20.51
N THR O 30 35.38 -37.65 -19.51
CA THR O 30 33.93 -37.61 -19.43
C THR O 30 33.42 -36.44 -18.61
N GLY O 31 34.10 -35.31 -18.67
CA GLY O 31 33.61 -34.09 -18.09
C GLY O 31 33.80 -32.94 -19.06
N ASN O 32 34.27 -33.25 -20.26
CA ASN O 32 34.53 -32.27 -21.29
C ASN O 32 35.50 -31.21 -20.79
N TRP O 33 36.63 -31.66 -20.26
CA TRP O 33 37.64 -30.75 -19.72
C TRP O 33 38.72 -30.47 -20.76
N VAL O 34 38.32 -29.83 -21.86
CA VAL O 34 39.26 -29.44 -22.89
C VAL O 34 39.01 -27.99 -23.31
N ALA O 35 40.08 -27.31 -23.71
CA ALA O 35 40.03 -25.92 -24.12
C ALA O 35 40.86 -25.73 -25.39
N TRP O 36 40.56 -24.66 -26.13
CA TRP O 36 41.17 -24.43 -27.43
C TRP O 36 41.83 -23.06 -27.48
N TYR O 37 42.93 -22.97 -28.23
CA TYR O 37 43.71 -21.74 -28.30
C TYR O 37 43.96 -21.28 -29.73
N GLN O 38 44.83 -20.28 -29.88
CA GLN O 38 45.22 -19.74 -31.18
C GLN O 38 46.41 -18.80 -31.01
N GLN O 39 47.44 -18.95 -31.83
CA GLN O 39 48.65 -18.11 -31.73
C GLN O 39 48.95 -17.52 -33.10
N ARG O 40 48.41 -16.35 -33.38
CA ARG O 40 48.82 -15.62 -34.58
C ARG O 40 50.31 -15.33 -34.48
N PRO O 41 51.04 -15.39 -35.60
CA PRO O 41 52.51 -15.47 -35.54
C PRO O 41 53.12 -14.27 -34.81
N GLY O 42 53.90 -14.59 -33.77
CA GLY O 42 54.62 -13.59 -32.99
C GLY O 42 53.86 -13.12 -31.77
N LYS O 43 52.57 -13.42 -31.68
CA LYS O 43 51.77 -12.99 -30.53
C LYS O 43 51.70 -14.09 -29.48
N ALA O 44 50.96 -13.81 -28.41
CA ALA O 44 50.72 -14.78 -27.35
C ALA O 44 49.39 -15.47 -27.56
N PRO O 45 49.27 -16.74 -27.17
CA PRO O 45 48.05 -17.49 -27.48
C PRO O 45 46.83 -16.86 -26.82
N ARG O 46 45.66 -17.24 -27.32
CA ARG O 46 44.41 -16.65 -26.87
C ARG O 46 43.39 -17.76 -26.68
N LEU O 47 42.96 -17.97 -25.43
CA LEU O 47 41.90 -18.94 -25.15
C LEU O 47 40.60 -18.47 -25.79
N LEU O 48 39.90 -19.38 -26.45
CA LEU O 48 38.66 -19.00 -27.10
C LEU O 48 37.50 -19.98 -26.92
N ILE O 49 37.74 -21.15 -26.32
CA ILE O 49 36.68 -22.10 -25.96
C ILE O 49 37.13 -22.87 -24.74
N TYR O 50 36.32 -22.90 -23.69
CA TYR O 50 36.66 -23.69 -22.51
C TYR O 50 35.53 -24.67 -22.22
N ARG O 51 35.89 -25.78 -21.59
CA ARG O 51 34.95 -26.83 -21.21
C ARG O 51 34.10 -27.27 -22.40
N GLY O 52 34.78 -27.84 -23.38
CA GLY O 52 34.07 -28.48 -24.48
C GLY O 52 33.52 -27.51 -25.49
N ALA O 53 32.48 -26.77 -25.12
CA ALA O 53 31.85 -25.87 -26.08
C ALA O 53 31.40 -24.54 -25.47
N ALA O 54 32.01 -24.08 -24.40
CA ALA O 54 31.68 -22.78 -23.85
C ALA O 54 32.62 -21.73 -24.40
N LEU O 55 32.08 -20.53 -24.62
CA LEU O 55 32.74 -19.50 -25.41
C LEU O 55 33.00 -18.27 -24.55
N LEU O 56 34.23 -17.77 -24.56
CA LEU O 56 34.54 -16.58 -23.79
C LEU O 56 33.85 -15.35 -24.39
N GLY O 57 33.91 -14.26 -23.64
CA GLY O 57 33.30 -13.01 -24.06
C GLY O 57 34.23 -12.21 -24.93
N GLY O 58 33.76 -11.79 -26.09
CA GLY O 58 34.56 -11.06 -27.04
C GLY O 58 34.84 -11.89 -28.29
N VAL O 59 35.00 -13.19 -28.10
CA VAL O 59 35.23 -14.07 -29.24
C VAL O 59 33.99 -14.08 -30.12
N PRO O 60 34.12 -13.92 -31.45
CA PRO O 60 32.94 -13.91 -32.30
C PRO O 60 32.22 -15.25 -32.29
N SER O 61 30.91 -15.20 -32.51
CA SER O 61 30.07 -16.40 -32.50
C SER O 61 30.34 -17.31 -33.68
N ARG O 62 31.34 -17.00 -34.51
CA ARG O 62 31.64 -17.82 -35.67
C ARG O 62 32.17 -19.20 -35.30
N PHE O 63 32.70 -19.35 -34.08
CA PHE O 63 33.33 -20.59 -33.66
C PHE O 63 32.30 -21.55 -33.07
N ARG O 64 32.72 -22.80 -32.91
CA ARG O 64 31.89 -23.83 -32.30
C ARG O 64 32.79 -25.00 -31.93
N GLY O 65 32.26 -25.91 -31.12
CA GLY O 65 33.02 -27.07 -30.69
C GLY O 65 32.11 -28.26 -30.43
N SER O 66 32.74 -29.41 -30.21
CA SER O 66 32.01 -30.63 -29.93
C SER O 66 32.75 -31.41 -28.85
N ALA O 67 31.99 -32.16 -28.05
CA ALA O 67 32.56 -32.95 -26.97
C ALA O 67 31.81 -34.27 -26.89
N ALA O 68 32.49 -35.37 -27.22
CA ALA O 68 31.86 -36.69 -27.17
C ALA O 68 32.94 -37.71 -26.84
N GLY O 69 33.12 -38.01 -25.56
CA GLY O 69 34.08 -39.01 -25.16
C GLY O 69 35.52 -38.59 -25.38
N THR O 70 36.16 -39.18 -26.40
CA THR O 70 37.56 -38.94 -26.70
C THR O 70 37.77 -38.35 -28.08
N ASP O 71 36.76 -37.70 -28.64
CA ASP O 71 36.86 -37.11 -29.98
C ASP O 71 36.35 -35.68 -29.90
N PHE O 72 37.25 -34.75 -29.57
CA PHE O 72 36.91 -33.34 -29.44
C PHE O 72 37.35 -32.58 -30.69
N THR O 73 36.43 -31.85 -31.31
CA THR O 73 36.67 -31.21 -32.59
C THR O 73 36.24 -29.75 -32.55
N LEU O 74 36.92 -28.92 -33.34
CA LEU O 74 36.66 -27.49 -33.39
C LEU O 74 36.36 -27.08 -34.83
N THR O 75 35.35 -26.24 -35.02
CA THR O 75 34.93 -25.83 -36.34
C THR O 75 34.85 -24.31 -36.43
N ILE O 76 35.21 -23.78 -37.60
CA ILE O 76 35.07 -22.36 -37.90
C ILE O 76 34.07 -22.22 -39.03
N GLY O 77 33.16 -21.27 -38.91
CA GLY O 77 32.19 -20.96 -39.95
C GLY O 77 32.42 -19.56 -40.48
N ASN O 78 32.46 -19.44 -41.81
CA ASN O 78 32.73 -18.17 -42.48
C ASN O 78 34.08 -17.60 -42.02
N LEU O 79 35.13 -18.33 -42.39
CA LEU O 79 36.49 -17.95 -42.04
C LEU O 79 36.86 -16.59 -42.65
N GLN O 80 37.68 -15.82 -41.93
CA GLN O 80 38.32 -14.61 -42.46
C GLN O 80 39.80 -14.60 -42.10
N ALA O 81 40.42 -13.44 -42.31
CA ALA O 81 41.88 -13.35 -42.32
C ALA O 81 42.45 -13.37 -40.91
N GLU O 82 41.79 -12.74 -39.95
CA GLU O 82 42.32 -12.71 -38.59
C GLU O 82 42.10 -14.03 -37.86
N ASP O 83 41.55 -15.02 -38.54
CA ASP O 83 41.34 -16.35 -37.98
C ASP O 83 42.37 -17.35 -38.48
N PHE O 84 43.62 -16.90 -38.63
CA PHE O 84 44.71 -17.73 -39.12
C PHE O 84 45.80 -17.82 -38.06
N GLY O 85 46.33 -19.02 -37.88
CA GLY O 85 47.40 -19.22 -36.92
C GLY O 85 47.62 -20.66 -36.55
N THR O 86 48.14 -20.90 -35.35
CA THR O 86 48.39 -22.24 -34.84
C THR O 86 47.46 -22.53 -33.68
N PHE O 87 46.65 -23.58 -33.81
CA PHE O 87 45.66 -23.92 -32.81
C PHE O 87 46.25 -24.95 -31.85
N TYR O 88 45.57 -25.13 -30.72
CA TYR O 88 46.13 -25.91 -29.61
C TYR O 88 45.00 -26.40 -28.73
N CYS O 89 44.70 -27.70 -28.75
CA CYS O 89 43.76 -28.29 -27.82
C CYS O 89 44.51 -28.67 -26.55
N GLN O 90 44.00 -28.23 -25.40
CA GLN O 90 44.57 -28.58 -24.11
C GLN O 90 43.57 -29.35 -23.27
N GLN O 91 44.01 -30.44 -22.67
CA GLN O 91 43.21 -31.13 -21.67
C GLN O 91 43.64 -30.67 -20.29
N TYR O 92 42.67 -30.40 -19.43
CA TYR O 92 42.96 -30.11 -18.03
C TYR O 92 42.17 -31.04 -17.14
N ASP O 93 42.25 -32.33 -17.43
CA ASP O 93 41.50 -33.34 -16.69
C ASP O 93 42.27 -33.90 -15.50
N THR O 94 43.54 -34.26 -15.69
CA THR O 94 44.32 -34.82 -14.60
C THR O 94 45.72 -34.24 -14.61
N TYR O 95 46.34 -34.26 -13.45
CA TYR O 95 47.62 -33.58 -13.25
C TYR O 95 48.74 -34.30 -13.99
N PRO O 96 49.55 -33.60 -14.79
CA PRO O 96 49.42 -32.18 -15.13
C PRO O 96 48.74 -31.97 -16.48
N GLY O 97 48.19 -30.79 -16.71
CA GLY O 97 47.44 -30.54 -17.93
C GLY O 97 48.30 -30.29 -19.13
N THR O 98 48.37 -31.26 -20.04
CA THR O 98 49.24 -31.15 -21.20
C THR O 98 48.52 -30.47 -22.37
N PHE O 99 49.30 -30.08 -23.37
CA PHE O 99 48.79 -29.40 -24.55
C PHE O 99 48.76 -30.36 -25.73
N GLY O 100 48.38 -29.82 -26.89
CA GLY O 100 48.32 -30.60 -28.11
C GLY O 100 49.64 -30.62 -28.87
N GLN O 101 49.60 -30.47 -30.19
CA GLN O 101 50.83 -30.36 -30.97
C GLN O 101 50.83 -29.15 -31.88
N GLY O 102 49.69 -28.85 -32.48
CA GLY O 102 49.60 -27.69 -33.38
C GLY O 102 49.10 -28.10 -34.75
N THR O 103 48.26 -27.25 -35.34
CA THR O 103 47.68 -27.48 -36.67
C THR O 103 47.67 -26.13 -37.40
N LYS O 104 48.73 -25.85 -38.14
CA LYS O 104 48.80 -24.59 -38.86
C LYS O 104 47.72 -24.53 -39.94
N VAL O 105 47.24 -23.33 -40.21
CA VAL O 105 46.26 -23.10 -41.27
C VAL O 105 46.90 -22.16 -42.29
N GLU O 106 46.78 -22.50 -43.56
CA GLU O 106 47.40 -21.73 -44.62
C GLU O 106 46.35 -21.10 -45.53
N VAL O 107 46.82 -20.35 -46.51
CA VAL O 107 45.94 -19.66 -47.44
C VAL O 107 46.12 -20.18 -48.86
N SER P 2 41.04 29.29 -56.51
CA SER P 2 40.25 29.67 -55.36
C SER P 2 39.51 30.97 -55.61
N ALA P 3 40.10 32.08 -55.14
CA ALA P 3 39.44 33.37 -55.23
C ALA P 3 39.14 33.73 -56.68
N LEU P 4 38.16 34.62 -56.87
CA LEU P 4 37.71 35.03 -58.17
C LEU P 4 38.41 36.32 -58.59
N THR P 5 38.33 36.64 -59.88
CA THR P 5 38.99 37.80 -60.46
C THR P 5 38.18 38.32 -61.64
N GLN P 6 38.16 39.64 -61.80
CA GLN P 6 37.31 40.32 -62.77
C GLN P 6 38.13 41.35 -63.54
N PRO P 7 37.79 41.62 -64.81
CA PRO P 7 38.47 42.69 -65.55
C PRO P 7 38.29 44.03 -64.87
N PRO P 8 39.38 44.81 -64.74
CA PRO P 8 39.29 46.04 -63.94
C PRO P 8 38.30 47.08 -64.47
N SER P 9 38.13 47.17 -65.79
CA SER P 9 37.28 48.21 -66.35
C SER P 9 36.67 47.75 -67.66
N VAL P 10 35.59 48.43 -68.04
CA VAL P 10 34.94 48.23 -69.33
C VAL P 10 34.63 49.60 -69.93
N SER P 11 34.27 49.59 -71.21
CA SER P 11 33.92 50.83 -71.90
C SER P 11 33.05 50.50 -73.10
N GLY P 12 32.17 51.44 -73.45
CA GLY P 12 31.31 51.28 -74.60
C GLY P 12 30.36 52.45 -74.79
N ALA P 13 30.13 52.84 -76.03
CA ALA P 13 29.22 53.92 -76.34
C ALA P 13 27.77 53.48 -76.15
N PRO P 14 26.84 54.42 -75.99
CA PRO P 14 25.44 54.04 -75.79
C PRO P 14 24.89 53.23 -76.96
N GLY P 15 23.71 52.64 -76.73
CA GLY P 15 23.10 51.78 -77.71
C GLY P 15 24.01 50.64 -78.11
N GLN P 16 24.32 49.76 -77.17
CA GLN P 16 25.30 48.72 -77.39
C GLN P 16 24.91 47.48 -76.59
N ARG P 17 25.42 46.34 -77.03
CA ARG P 17 25.24 45.06 -76.33
C ARG P 17 26.60 44.61 -75.81
N VAL P 18 26.79 44.73 -74.50
CA VAL P 18 28.05 44.37 -73.86
C VAL P 18 27.77 43.44 -72.69
N THR P 19 28.70 42.53 -72.44
CA THR P 19 28.59 41.54 -71.38
C THR P 19 29.76 41.69 -70.42
N ILE P 20 29.48 41.52 -69.13
CA ILE P 20 30.52 41.50 -68.12
C ILE P 20 30.64 40.07 -67.60
N SER P 21 31.85 39.52 -67.68
CA SER P 21 32.04 38.09 -67.44
C SER P 21 32.87 37.87 -66.18
N CYS P 22 32.70 36.68 -65.61
CA CYS P 22 33.34 36.32 -64.35
C CYS P 22 34.18 35.06 -64.56
N THR P 23 35.01 34.72 -63.57
CA THR P 23 35.92 33.59 -63.68
C THR P 23 35.30 32.36 -63.02
N GLY P 24 36.07 31.28 -62.94
CA GLY P 24 35.62 30.08 -62.25
C GLY P 24 35.87 28.78 -62.99
N GLU P 30 31.63 28.53 -59.88
CA GLU P 30 32.07 27.15 -59.69
C GLU P 30 30.91 26.19 -59.95
N ASN P 31 30.49 25.45 -58.91
CA ASN P 31 29.31 24.58 -58.99
C ASN P 31 28.09 25.25 -58.38
N TYR P 32 28.24 26.43 -57.80
CA TYR P 32 27.15 27.16 -57.17
C TYR P 32 26.58 28.16 -58.17
N HIS P 33 25.70 29.01 -57.69
CA HIS P 33 25.13 30.05 -58.53
C HIS P 33 26.00 31.30 -58.42
N ALA P 34 25.53 32.41 -58.99
CA ALA P 34 26.26 33.66 -58.92
C ALA P 34 25.27 34.80 -58.91
N PHE P 35 25.66 35.89 -58.25
CA PHE P 35 24.79 37.04 -58.02
C PHE P 35 25.52 38.31 -58.41
N TRP P 36 24.81 39.24 -59.02
CA TRP P 36 25.41 40.46 -59.57
C TRP P 36 24.81 41.68 -58.89
N TYR P 37 25.68 42.57 -58.40
CA TYR P 37 25.28 43.76 -57.69
C TYR P 37 25.77 45.01 -58.43
N GLN P 38 24.91 46.01 -58.54
CA GLN P 38 25.32 47.33 -59.03
C GLN P 38 25.65 48.23 -57.85
N GLN P 39 26.31 49.34 -58.14
CA GLN P 39 26.68 50.28 -57.08
C GLN P 39 26.90 51.66 -57.68
N PHE P 40 25.95 52.56 -57.47
CA PHE P 40 26.14 53.97 -57.82
C PHE P 40 27.18 54.60 -56.91
N SER P 41 27.93 55.56 -57.45
CA SER P 41 28.93 56.25 -56.65
C SER P 41 28.24 57.07 -55.56
N GLY P 42 28.56 56.75 -54.31
CA GLY P 42 27.93 57.40 -53.18
C GLY P 42 26.56 56.88 -52.81
N MET P 43 26.17 55.71 -53.30
CA MET P 43 24.85 55.14 -53.01
C MET P 43 25.00 53.68 -52.62
N ALA P 44 24.09 53.22 -51.77
CA ALA P 44 24.18 51.87 -51.22
C ALA P 44 23.97 50.84 -52.32
N PRO P 45 24.74 49.75 -52.32
CA PRO P 45 24.59 48.74 -53.38
C PRO P 45 23.25 48.06 -53.32
N LYS P 46 22.81 47.57 -54.48
CA LYS P 46 21.53 46.89 -54.62
C LYS P 46 21.72 45.64 -55.44
N LEU P 47 21.09 44.55 -55.01
CA LEU P 47 21.13 43.31 -55.78
C LEU P 47 20.46 43.50 -57.13
N LEU P 48 21.08 42.95 -58.16
CA LEU P 48 20.64 43.15 -59.53
C LEU P 48 20.35 41.86 -60.29
N ILE P 49 21.15 40.82 -60.11
CA ILE P 49 20.89 39.51 -60.69
C ILE P 49 21.19 38.45 -59.63
N ARG P 50 20.24 37.55 -59.40
CA ARG P 50 20.39 36.42 -58.50
C ARG P 50 19.98 35.14 -59.22
N ASP P 51 20.46 33.99 -58.73
CA ASP P 51 19.86 32.73 -59.12
C ASP P 51 19.91 32.56 -60.63
N ASN P 52 21.04 32.13 -61.18
CA ASN P 52 21.71 32.76 -62.30
C ASN P 52 20.86 33.64 -63.20
N ASP P 53 19.67 33.23 -63.64
CA ASP P 53 18.92 34.26 -64.34
C ASP P 53 17.91 34.98 -63.45
N LYS P 54 16.77 34.35 -63.17
CA LYS P 54 15.83 34.68 -62.12
C LYS P 54 15.83 36.16 -61.73
N ARG P 55 15.56 37.02 -62.69
CA ARG P 55 15.75 38.45 -62.46
C ARG P 55 14.74 38.95 -61.44
N PRO P 56 15.19 39.63 -60.37
CA PRO P 56 14.26 40.11 -59.34
C PRO P 56 13.32 41.20 -59.83
N SER P 57 12.46 41.67 -58.93
CA SER P 57 11.45 42.65 -59.27
C SER P 57 11.96 44.05 -59.01
N GLY P 58 11.58 44.98 -59.88
CA GLY P 58 11.97 46.38 -59.77
C GLY P 58 13.25 46.75 -60.46
N VAL P 59 13.95 45.81 -61.07
CA VAL P 59 15.16 46.08 -61.83
C VAL P 59 14.80 46.10 -63.31
N SER P 60 15.66 46.72 -64.11
CA SER P 60 15.37 46.87 -65.53
C SER P 60 15.42 45.51 -66.23
N ASP P 61 14.47 45.30 -67.13
CA ASP P 61 14.43 44.08 -67.93
C ASP P 61 15.66 43.94 -68.83
N ARG P 62 16.39 45.03 -69.05
CA ARG P 62 17.53 45.01 -69.97
C ARG P 62 18.69 44.19 -69.44
N PHE P 63 18.63 43.74 -68.18
CA PHE P 63 19.64 42.85 -67.65
C PHE P 63 19.22 41.40 -67.81
N SER P 64 20.18 40.54 -68.12
CA SER P 64 19.93 39.12 -68.26
C SER P 64 21.22 38.37 -67.98
N GLY P 65 21.18 37.46 -67.01
CA GLY P 65 22.33 36.64 -66.69
C GLY P 65 22.26 35.28 -67.38
N SER P 66 23.35 34.53 -67.24
CA SER P 66 23.45 33.17 -67.76
C SER P 66 24.75 32.57 -67.26
N LYS P 67 24.73 31.25 -67.03
CA LYS P 67 25.90 30.53 -66.57
C LYS P 67 26.43 29.65 -67.68
N SER P 68 27.75 29.67 -67.86
CA SER P 68 28.43 28.80 -68.79
C SER P 68 29.04 27.63 -68.02
N GLY P 69 29.89 26.85 -68.68
CA GLY P 69 30.49 25.69 -68.05
C GLY P 69 31.22 26.00 -66.77
N ALA P 70 32.00 27.09 -66.74
CA ALA P 70 32.67 27.50 -65.52
C ALA P 70 32.67 29.01 -65.34
N SER P 71 31.91 29.74 -66.15
CA SER P 71 31.84 31.19 -66.03
C SER P 71 30.40 31.64 -66.16
N ALA P 72 30.12 32.82 -65.64
CA ALA P 72 28.81 33.45 -65.74
C ALA P 72 28.97 34.89 -66.16
N SER P 73 28.09 35.35 -67.06
CA SER P 73 28.11 36.72 -67.53
C SER P 73 26.69 37.22 -67.67
N LEU P 74 26.52 38.53 -67.49
CA LEU P 74 25.23 39.17 -67.65
C LEU P 74 25.31 40.15 -68.82
N THR P 75 24.28 40.14 -69.66
CA THR P 75 24.21 41.02 -70.81
C THR P 75 23.28 42.19 -70.53
N ILE P 76 23.53 43.30 -71.20
CA ILE P 76 22.71 44.50 -71.10
C ILE P 76 22.52 45.08 -72.49
N THR P 77 21.29 45.47 -72.81
CA THR P 77 20.97 46.05 -74.10
C THR P 77 20.68 47.53 -73.95
N GLY P 78 21.14 48.31 -74.93
CA GLY P 78 20.89 49.74 -74.93
C GLY P 78 21.54 50.47 -73.77
N LEU P 79 22.87 50.52 -73.77
CA LEU P 79 23.59 51.16 -72.67
C LEU P 79 23.14 52.60 -72.51
N GLN P 80 23.01 53.03 -71.26
CA GLN P 80 22.54 54.37 -70.93
C GLN P 80 23.45 54.94 -69.85
N THR P 81 23.50 56.27 -69.78
CA THR P 81 24.45 56.93 -68.88
C THR P 81 24.18 56.57 -67.42
N ASP P 82 22.93 56.31 -67.07
CA ASP P 82 22.59 55.97 -65.69
C ASP P 82 23.12 54.61 -65.27
N ASP P 83 23.80 53.89 -66.16
CA ASP P 83 24.30 52.55 -65.87
C ASP P 83 25.82 52.54 -65.65
N GLU P 84 26.42 53.71 -65.45
CA GLU P 84 27.87 53.82 -65.26
C GLU P 84 28.34 53.18 -63.96
N ALA P 85 27.46 52.54 -63.21
CA ALA P 85 27.78 52.02 -61.89
C ALA P 85 28.77 50.86 -61.99
N ASP P 86 29.33 50.50 -60.83
CA ASP P 86 30.17 49.33 -60.74
C ASP P 86 29.31 48.07 -60.78
N TYR P 87 29.96 46.92 -60.97
CA TYR P 87 29.26 45.65 -61.03
C TYR P 87 30.12 44.56 -60.39
N TYR P 88 29.49 43.77 -59.52
CA TYR P 88 30.22 42.81 -58.70
C TYR P 88 29.72 41.38 -58.95
N CYS P 89 30.66 40.45 -58.98
CA CYS P 89 30.37 39.03 -59.15
C CYS P 89 30.44 38.36 -57.79
N GLN P 90 29.31 37.80 -57.34
CA GLN P 90 29.19 37.29 -55.98
C GLN P 90 28.83 35.82 -56.01
N SER P 91 29.61 35.00 -55.31
CA SER P 91 29.32 33.57 -55.23
C SER P 91 30.15 32.94 -54.12
N TYR P 92 29.66 31.82 -53.61
CA TYR P 92 30.31 31.03 -52.58
C TYR P 92 31.38 30.14 -53.22
N ASP P 93 32.25 29.60 -52.37
CA ASP P 93 33.26 28.67 -52.82
C ASP P 93 33.48 27.64 -51.72
N SER P 94 34.35 26.67 -51.99
CA SER P 94 34.72 25.67 -51.00
C SER P 94 36.07 26.00 -50.37
N GLY P 95 36.30 27.29 -50.11
CA GLY P 95 37.37 27.71 -49.23
C GLY P 95 36.91 27.54 -47.80
N LEU P 96 36.05 26.52 -47.62
CA LEU P 96 35.44 26.05 -46.39
C LEU P 96 34.33 26.96 -45.89
N ARG P 97 34.27 28.19 -46.39
CA ARG P 97 33.50 29.28 -45.80
C ARG P 97 33.42 30.47 -46.76
N SER P 98 33.01 31.62 -46.21
CA SER P 98 33.59 32.90 -46.63
C SER P 98 33.40 33.26 -48.08
N TYR P 99 32.19 33.67 -48.46
CA TYR P 99 31.90 34.19 -49.80
C TYR P 99 33.07 34.97 -50.38
N ILE P 100 33.46 34.60 -51.60
CA ILE P 100 34.75 35.01 -52.14
C ILE P 100 34.52 35.82 -53.42
N PHE P 101 33.39 36.53 -53.46
CA PHE P 101 33.11 37.49 -54.51
C PHE P 101 34.32 38.37 -54.81
N ALA P 102 34.55 38.61 -56.11
CA ALA P 102 35.73 39.31 -56.59
C ALA P 102 35.50 40.82 -56.58
N SER P 103 36.51 41.56 -57.02
CA SER P 103 36.39 43.00 -57.15
C SER P 103 35.60 43.36 -58.40
N GLY P 104 35.04 44.56 -58.40
CA GLY P 104 34.11 44.99 -59.43
C GLY P 104 34.77 45.69 -60.61
N THR P 105 33.97 45.87 -61.66
CA THR P 105 34.35 46.62 -62.85
C THR P 105 33.32 47.71 -63.08
N ARG P 106 33.80 48.94 -63.30
CA ARG P 106 32.92 50.08 -63.47
C ARG P 106 32.64 50.31 -64.95
N LEU P 107 31.34 50.39 -65.27
CA LEU P 107 30.92 50.67 -66.64
C LEU P 107 31.22 52.13 -66.97
N THR P 108 31.84 52.34 -68.12
CA THR P 108 32.14 53.67 -68.63
C THR P 108 31.46 53.85 -69.98
N VAL P 109 30.82 54.98 -70.17
CA VAL P 109 30.04 55.23 -71.37
C VAL P 109 30.71 56.29 -72.25
N SER Q 2 -72.09 17.77 -8.43
CA SER Q 2 -70.76 18.26 -8.75
C SER Q 2 -70.60 19.72 -8.36
N ALA Q 3 -71.15 20.61 -9.19
CA ALA Q 3 -71.11 22.03 -8.87
C ALA Q 3 -72.08 22.36 -7.75
N LEU Q 4 -71.93 23.55 -7.19
CA LEU Q 4 -72.78 24.02 -6.11
C LEU Q 4 -73.73 25.10 -6.61
N THR Q 5 -74.91 25.13 -6.01
CA THR Q 5 -75.94 26.09 -6.39
C THR Q 5 -76.73 26.51 -5.16
N GLN Q 6 -76.74 27.81 -4.88
CA GLN Q 6 -77.51 28.40 -3.81
C GLN Q 6 -78.64 29.24 -4.40
N PRO Q 7 -79.81 29.28 -3.77
CA PRO Q 7 -80.88 30.14 -4.27
C PRO Q 7 -80.45 31.60 -4.20
N PRO Q 8 -81.00 32.44 -5.08
CA PRO Q 8 -80.46 33.80 -5.25
C PRO Q 8 -80.36 34.64 -4.00
N SER Q 9 -81.46 34.89 -3.29
CA SER Q 9 -81.44 35.87 -2.22
C SER Q 9 -82.50 35.54 -1.17
N VAL Q 10 -82.39 36.22 -0.03
CA VAL Q 10 -83.33 36.08 1.08
C VAL Q 10 -83.74 37.47 1.56
N SER Q 11 -84.71 37.49 2.46
CA SER Q 11 -85.20 38.72 3.08
C SER Q 11 -85.87 38.38 4.41
N GLY Q 12 -85.63 39.22 5.41
CA GLY Q 12 -86.15 38.95 6.73
C GLY Q 12 -86.33 40.21 7.54
N ALA Q 13 -87.26 40.15 8.50
CA ALA Q 13 -87.60 41.23 9.40
C ALA Q 13 -86.69 41.24 10.62
N PRO Q 14 -86.47 42.40 11.23
CA PRO Q 14 -85.61 42.46 12.41
C PRO Q 14 -86.16 41.65 13.57
N GLY Q 15 -85.26 41.15 14.39
CA GLY Q 15 -85.63 40.31 15.52
C GLY Q 15 -86.22 38.99 15.09
N GLN Q 16 -85.42 38.18 14.42
CA GLN Q 16 -85.93 36.95 13.82
C GLN Q 16 -84.80 35.93 13.74
N ARG Q 17 -85.18 34.66 13.63
CA ARG Q 17 -84.25 33.56 13.43
C ARG Q 17 -84.42 33.05 12.00
N VAL Q 18 -83.42 33.31 11.16
CA VAL Q 18 -83.45 32.90 9.76
C VAL Q 18 -82.30 31.94 9.51
N THR Q 19 -82.56 30.94 8.67
CA THR Q 19 -81.57 29.94 8.31
C THR Q 19 -81.19 30.12 6.85
N ILE Q 20 -79.89 30.30 6.59
CA ILE Q 20 -79.40 30.42 5.23
C ILE Q 20 -78.97 29.05 4.73
N SER Q 21 -79.54 28.63 3.61
CA SER Q 21 -79.36 27.28 3.10
C SER Q 21 -78.25 27.23 2.06
N CYS Q 22 -77.78 26.02 1.80
CA CYS Q 22 -76.77 25.75 0.78
C CYS Q 22 -77.19 24.46 0.08
N THR Q 23 -76.28 23.82 -0.62
CA THR Q 23 -76.65 22.66 -1.43
C THR Q 23 -75.67 21.50 -1.26
N GLY Q 24 -75.77 20.49 -2.14
CA GLY Q 24 -74.85 19.39 -2.15
C GLY Q 24 -75.45 18.10 -2.66
N GLU Q 30 -70.89 16.67 0.94
CA GLU Q 30 -70.50 15.32 0.57
C GLU Q 30 -69.77 14.63 1.71
N ASN Q 31 -68.44 14.82 1.74
CA ASN Q 31 -67.60 14.33 2.82
C ASN Q 31 -66.67 15.41 3.36
N TYR Q 32 -66.88 16.66 2.97
CA TYR Q 32 -66.01 17.78 3.28
C TYR Q 32 -66.65 18.67 4.33
N HIS Q 33 -65.97 19.76 4.65
CA HIS Q 33 -66.45 20.72 5.62
C HIS Q 33 -67.27 21.78 4.89
N ALA Q 34 -67.70 22.81 5.61
CA ALA Q 34 -68.39 23.93 5.00
C ALA Q 34 -67.88 25.22 5.63
N PHE Q 35 -67.63 26.24 4.80
CA PHE Q 35 -67.07 27.49 5.25
C PHE Q 35 -67.94 28.64 4.79
N TRP Q 36 -68.04 29.67 5.62
CA TRP Q 36 -69.00 30.76 5.39
C TRP Q 36 -68.30 32.10 5.48
N TYR Q 37 -68.33 32.85 4.38
CA TYR Q 37 -67.82 34.22 4.33
C TYR Q 37 -68.98 35.19 4.11
N GLN Q 38 -68.86 36.37 4.69
CA GLN Q 38 -69.76 37.48 4.40
C GLN Q 38 -69.09 38.41 3.41
N GLN Q 39 -69.79 39.48 3.05
CA GLN Q 39 -69.20 40.49 2.17
C GLN Q 39 -70.02 41.77 2.24
N PHE Q 40 -69.41 42.85 2.71
CA PHE Q 40 -70.05 44.16 2.63
C PHE Q 40 -69.74 44.76 1.27
N SER Q 41 -70.76 45.28 0.60
CA SER Q 41 -70.57 45.88 -0.73
C SER Q 41 -69.56 47.01 -0.65
N GLY Q 42 -68.49 46.90 -1.43
CA GLY Q 42 -67.40 47.85 -1.35
C GLY Q 42 -66.40 47.57 -0.26
N MET Q 43 -66.44 46.39 0.35
CA MET Q 43 -65.54 46.04 1.45
C MET Q 43 -64.95 44.66 1.19
N ALA Q 44 -63.83 44.41 1.87
CA ALA Q 44 -63.15 43.12 1.74
C ALA Q 44 -63.96 42.02 2.42
N PRO Q 45 -64.22 40.91 1.75
CA PRO Q 45 -64.99 39.83 2.37
C PRO Q 45 -64.27 39.25 3.57
N LYS Q 46 -65.06 38.74 4.52
CA LYS Q 46 -64.54 38.24 5.78
C LYS Q 46 -65.05 36.84 6.04
N LEU Q 47 -64.29 36.08 6.82
CA LEU Q 47 -64.74 34.77 7.28
C LEU Q 47 -65.48 34.91 8.60
N LEU Q 48 -66.70 34.39 8.64
CA LEU Q 48 -67.51 34.39 9.85
C LEU Q 48 -67.80 33.00 10.40
N ILE Q 49 -68.06 32.00 9.57
CA ILE Q 49 -68.30 30.64 10.02
C ILE Q 49 -67.32 29.71 9.32
N ARG Q 50 -66.68 28.85 10.10
CA ARG Q 50 -65.56 28.02 9.70
C ARG Q 50 -65.78 26.59 10.18
N ASP Q 51 -65.38 25.62 9.37
CA ASP Q 51 -65.29 24.23 9.84
C ASP Q 51 -66.61 23.80 10.46
N ASN Q 52 -67.60 23.48 9.64
CA ASN Q 52 -68.97 24.00 9.73
C ASN Q 52 -69.40 24.55 11.08
N ASP Q 53 -69.24 23.83 12.20
CA ASP Q 53 -69.76 24.49 13.39
C ASP Q 53 -68.77 25.52 13.94
N LYS Q 54 -67.77 25.07 14.69
CA LYS Q 54 -66.49 25.73 14.92
C LYS Q 54 -66.51 27.25 14.78
N ARG Q 55 -67.31 27.93 15.59
CA ARG Q 55 -67.43 29.38 15.43
C ARG Q 55 -66.09 30.04 15.71
N PRO Q 56 -65.57 30.85 14.79
CA PRO Q 56 -64.26 31.49 15.00
C PRO Q 56 -64.27 32.53 16.09
N SER Q 57 -63.13 33.19 16.29
CA SER Q 57 -63.01 34.28 17.23
C SER Q 57 -63.29 35.59 16.51
N GLY Q 58 -64.07 36.46 17.16
CA GLY Q 58 -64.48 37.71 16.56
C GLY Q 58 -65.73 37.66 15.72
N VAL Q 59 -66.57 36.65 15.92
CA VAL Q 59 -67.82 36.50 15.18
C VAL Q 59 -68.96 36.43 16.18
N SER Q 60 -70.03 37.18 15.92
CA SER Q 60 -71.14 37.27 16.85
C SER Q 60 -71.76 35.91 17.13
N ASP Q 61 -72.08 35.66 18.40
CA ASP Q 61 -72.62 34.37 18.83
C ASP Q 61 -73.98 34.07 18.21
N ARG Q 62 -74.65 35.07 17.64
CA ARG Q 62 -75.90 34.85 16.93
C ARG Q 62 -75.74 33.95 15.71
N PHE Q 63 -74.50 33.74 15.26
CA PHE Q 63 -74.20 32.79 14.21
C PHE Q 63 -73.93 31.41 14.78
N SER Q 64 -74.32 30.38 14.02
CA SER Q 64 -74.01 29.00 14.35
C SER Q 64 -74.36 28.14 13.15
N GLY Q 65 -73.49 27.19 12.83
CA GLY Q 65 -73.63 26.36 11.66
C GLY Q 65 -73.89 24.90 11.97
N SER Q 66 -74.08 24.12 10.91
CA SER Q 66 -74.26 22.68 11.00
C SER Q 66 -74.21 22.10 9.59
N LYS Q 67 -73.65 20.90 9.47
CA LYS Q 67 -73.59 20.18 8.21
C LYS Q 67 -74.59 19.03 8.27
N SER Q 68 -75.55 19.04 7.35
CA SER Q 68 -76.57 18.02 7.25
C SER Q 68 -76.06 16.88 6.37
N GLY Q 69 -76.97 16.00 5.97
CA GLY Q 69 -76.57 14.87 5.15
C GLY Q 69 -75.90 15.27 3.86
N ALA Q 70 -76.50 16.24 3.15
CA ALA Q 70 -75.88 16.73 1.93
C ALA Q 70 -76.05 18.24 1.75
N SER Q 71 -76.34 18.98 2.81
CA SER Q 71 -76.57 20.42 2.68
C SER Q 71 -75.92 21.14 3.85
N ALA Q 72 -75.56 22.40 3.61
CA ALA Q 72 -74.96 23.26 4.62
C ALA Q 72 -75.95 24.33 5.05
N SER Q 73 -76.03 24.56 6.36
CA SER Q 73 -77.01 25.47 6.92
C SER Q 73 -76.37 26.33 7.99
N LEU Q 74 -76.74 27.61 7.98
CA LEU Q 74 -76.34 28.56 9.01
C LEU Q 74 -77.58 29.26 9.51
N THR Q 75 -77.69 29.44 10.83
CA THR Q 75 -78.78 30.19 11.43
C THR Q 75 -78.25 31.49 12.04
N ILE Q 76 -79.06 32.54 11.96
CA ILE Q 76 -78.72 33.84 12.53
C ILE Q 76 -79.86 34.26 13.44
N THR Q 77 -79.59 34.38 14.73
CA THR Q 77 -80.62 34.67 15.72
C THR Q 77 -80.68 36.17 16.00
N GLY Q 78 -81.89 36.72 15.96
CA GLY Q 78 -82.08 38.12 16.23
C GLY Q 78 -81.43 39.02 15.20
N LEU Q 79 -81.97 39.02 13.98
CA LEU Q 79 -81.42 39.85 12.91
C LEU Q 79 -81.46 41.31 13.31
N GLN Q 80 -80.51 42.07 12.80
CA GLN Q 80 -80.47 43.51 13.03
C GLN Q 80 -80.17 44.21 11.71
N THR Q 81 -80.02 45.53 11.77
CA THR Q 81 -79.98 46.33 10.56
C THR Q 81 -78.68 46.15 9.79
N ASP Q 82 -77.54 46.13 10.49
CA ASP Q 82 -76.23 46.11 9.85
C ASP Q 82 -75.80 44.72 9.42
N ASP Q 83 -76.73 43.76 9.36
CA ASP Q 83 -76.43 42.40 8.94
C ASP Q 83 -76.93 42.12 7.53
N GLU Q 84 -77.11 43.16 6.72
CA GLU Q 84 -77.64 43.03 5.38
C GLU Q 84 -76.56 42.73 4.34
N ALA Q 85 -75.42 42.22 4.77
CA ALA Q 85 -74.32 41.93 3.87
C ALA Q 85 -74.42 40.52 3.31
N ASP Q 86 -74.00 40.37 2.06
CA ASP Q 86 -74.10 39.08 1.37
C ASP Q 86 -73.26 38.03 2.09
N TYR Q 87 -73.68 36.77 1.96
CA TYR Q 87 -73.02 35.65 2.60
C TYR Q 87 -72.65 34.61 1.55
N TYR Q 88 -71.50 33.97 1.74
CA TYR Q 88 -70.93 33.07 0.73
C TYR Q 88 -70.68 31.69 1.34
N CYS Q 89 -71.09 30.65 0.62
CA CYS Q 89 -70.98 29.27 1.09
C CYS Q 89 -69.76 28.63 0.44
N GLN Q 90 -68.78 28.27 1.26
CA GLN Q 90 -67.51 27.72 0.80
C GLN Q 90 -67.35 26.28 1.24
N SER Q 91 -67.01 25.41 0.30
CA SER Q 91 -66.62 24.04 0.59
C SER Q 91 -65.86 23.48 -0.61
N TYR Q 92 -64.74 22.82 -0.32
CA TYR Q 92 -64.00 22.14 -1.38
C TYR Q 92 -64.85 21.02 -1.96
N ASP Q 93 -64.57 20.66 -3.20
CA ASP Q 93 -65.35 19.67 -3.89
C ASP Q 93 -64.40 18.66 -4.53
N SER Q 94 -64.97 17.62 -5.12
CA SER Q 94 -64.23 16.65 -5.90
C SER Q 94 -64.47 16.87 -7.39
N GLY Q 95 -64.59 18.15 -7.78
CA GLY Q 95 -64.69 18.48 -9.18
C GLY Q 95 -63.32 18.43 -9.81
N LEU Q 96 -62.55 17.43 -9.36
CA LEU Q 96 -61.27 17.00 -9.91
C LEU Q 96 -60.14 17.98 -9.55
N ARG Q 97 -60.50 19.17 -9.07
CA ARG Q 97 -59.64 20.21 -8.49
C ARG Q 97 -60.51 21.28 -7.83
N SER Q 98 -59.91 22.44 -7.54
CA SER Q 98 -60.62 23.69 -7.79
C SER Q 98 -61.88 23.94 -6.98
N TYR Q 99 -61.75 24.49 -5.76
CA TYR Q 99 -62.91 24.92 -4.98
C TYR Q 99 -64.08 25.37 -5.83
N ILE Q 100 -65.27 24.87 -5.54
CA ILE Q 100 -66.41 25.13 -6.40
C ILE Q 100 -67.33 26.12 -5.68
N PHE Q 101 -66.73 26.94 -4.81
CA PHE Q 101 -67.45 27.98 -4.08
C PHE Q 101 -68.46 28.69 -4.98
N ALA Q 102 -69.66 28.89 -4.46
CA ALA Q 102 -70.80 29.34 -5.26
C ALA Q 102 -71.20 30.77 -4.89
N SER Q 103 -72.14 31.29 -5.66
CA SER Q 103 -72.73 32.60 -5.35
C SER Q 103 -73.68 32.46 -4.17
N GLY Q 104 -73.69 33.48 -3.32
CA GLY Q 104 -74.36 33.41 -2.03
C GLY Q 104 -75.69 34.14 -2.00
N THR Q 105 -76.11 34.45 -0.78
CA THR Q 105 -77.39 35.10 -0.51
C THR Q 105 -77.15 36.32 0.36
N ARG Q 106 -78.03 37.31 0.21
CA ARG Q 106 -77.93 38.56 0.94
C ARG Q 106 -79.17 38.79 1.77
N LEU Q 107 -78.96 39.18 3.03
CA LEU Q 107 -80.06 39.64 3.87
C LEU Q 107 -80.47 41.04 3.44
N THR Q 108 -81.78 41.31 3.50
CA THR Q 108 -82.32 42.64 3.26
C THR Q 108 -83.25 42.96 4.43
N VAL Q 109 -82.76 43.79 5.36
CA VAL Q 109 -83.51 44.13 6.56
C VAL Q 109 -84.71 45.01 6.21
N SER R 2 26.23 24.10 66.50
CA SER R 2 25.51 24.13 65.22
C SER R 2 25.50 25.54 64.64
N ALA R 3 25.02 26.51 65.43
CA ALA R 3 25.03 27.90 65.02
C ALA R 3 26.39 28.53 65.31
N LEU R 4 26.54 29.79 64.90
CA LEU R 4 27.78 30.52 65.07
C LEU R 4 27.60 31.70 66.01
N THR R 5 28.58 31.90 66.90
CA THR R 5 28.58 33.02 67.83
C THR R 5 29.98 33.61 67.88
N GLN R 6 30.06 34.94 68.01
CA GLN R 6 31.30 35.69 68.01
C GLN R 6 31.33 36.63 69.20
N PRO R 7 32.52 37.07 69.63
CA PRO R 7 32.57 38.06 70.71
C PRO R 7 31.85 39.33 70.30
N PRO R 8 31.10 39.95 71.23
CA PRO R 8 30.28 41.10 70.84
C PRO R 8 31.06 42.25 70.23
N SER R 9 32.24 42.57 70.76
CA SER R 9 32.99 43.71 70.25
C SER R 9 34.41 43.67 70.80
N VAL R 10 35.32 44.29 70.06
CA VAL R 10 36.73 44.36 70.42
C VAL R 10 37.17 45.82 70.43
N SER R 11 38.36 46.04 70.99
CA SER R 11 38.95 47.38 71.07
C SER R 11 40.45 47.26 70.86
N GLY R 12 41.06 48.36 70.43
CA GLY R 12 42.49 48.36 70.17
C GLY R 12 43.05 49.74 69.94
N ALA R 13 44.37 49.80 69.82
CA ALA R 13 45.16 50.99 69.58
C ALA R 13 45.72 50.96 68.17
N PRO R 14 45.95 52.12 67.55
CA PRO R 14 46.36 52.12 66.14
C PRO R 14 47.83 51.75 65.96
N GLY R 15 48.07 51.04 64.85
CA GLY R 15 49.37 50.46 64.60
C GLY R 15 49.67 49.29 65.51
N GLN R 16 48.88 48.23 65.41
CA GLN R 16 49.05 47.08 66.27
C GLN R 16 48.73 45.81 65.49
N ARG R 17 48.71 44.69 66.20
CA ARG R 17 48.27 43.41 65.66
C ARG R 17 47.03 42.97 66.44
N VAL R 18 45.95 42.66 65.72
CA VAL R 18 44.71 42.22 66.35
C VAL R 18 44.01 41.21 65.44
N THR R 19 43.38 40.21 66.05
CA THR R 19 42.70 39.13 65.35
C THR R 19 41.27 39.04 65.85
N ILE R 20 40.32 38.90 64.93
CA ILE R 20 38.90 38.74 65.26
C ILE R 20 38.51 37.31 64.98
N SER R 21 37.77 36.70 65.91
CA SER R 21 37.56 35.26 65.92
C SER R 21 36.11 34.91 65.60
N CYS R 22 35.95 33.69 65.06
CA CYS R 22 34.65 33.10 64.75
C CYS R 22 34.59 31.77 65.50
N THR R 23 33.54 30.98 65.26
CA THR R 23 33.43 29.68 65.91
C THR R 23 32.97 28.64 64.88
N GLY R 24 32.66 27.44 65.36
CA GLY R 24 32.15 26.38 64.51
C GLY R 24 31.93 25.07 65.23
N GLU R 30 32.52 23.88 60.34
CA GLU R 30 32.23 22.46 60.34
C GLU R 30 33.06 21.72 59.30
N ASN R 31 32.54 21.64 58.07
CA ASN R 31 33.28 21.13 56.92
C ASN R 31 33.14 22.07 55.73
N TYR R 32 32.97 23.36 55.99
CA TYR R 32 32.68 24.36 54.99
C TYR R 32 33.71 25.48 55.06
N HIS R 33 33.54 26.47 54.20
CA HIS R 33 34.45 27.59 54.13
C HIS R 33 33.97 28.69 55.06
N ALA R 34 34.60 29.86 54.99
CA ALA R 34 34.18 31.00 55.79
C ALA R 34 34.43 32.28 55.00
N PHE R 35 33.58 33.27 55.22
CA PHE R 35 33.63 34.50 54.43
C PHE R 35 33.42 35.68 55.35
N TRP R 36 34.17 36.76 55.10
CA TRP R 36 34.21 37.90 56.02
C TRP R 36 33.75 39.15 55.29
N TYR R 37 32.61 39.70 55.72
CA TYR R 37 32.13 40.99 55.24
C TYR R 37 32.27 42.03 56.34
N GLN R 38 32.55 43.27 55.94
CA GLN R 38 32.57 44.41 56.83
C GLN R 38 31.32 45.25 56.58
N GLN R 39 31.21 46.35 57.32
CA GLN R 39 30.07 47.25 57.14
C GLN R 39 30.47 48.64 57.63
N PHE R 40 30.81 49.53 56.69
CA PHE R 40 30.98 50.93 57.03
C PHE R 40 29.63 51.49 57.46
N SER R 41 29.63 52.26 58.56
CA SER R 41 28.38 52.74 59.13
C SER R 41 27.64 53.64 58.13
N GLY R 42 26.36 53.33 57.93
CA GLY R 42 25.57 54.05 56.96
C GLY R 42 25.93 53.79 55.51
N MET R 43 26.83 52.84 55.26
CA MET R 43 27.32 52.60 53.91
C MET R 43 27.01 51.16 53.51
N ALA R 44 27.39 50.83 52.29
CA ALA R 44 27.12 49.50 51.76
C ALA R 44 28.13 48.49 52.28
N PRO R 45 27.69 47.41 52.92
CA PRO R 45 28.64 46.37 53.32
C PRO R 45 29.26 45.70 52.10
N LYS R 46 30.50 45.22 52.28
CA LYS R 46 31.28 44.64 51.20
C LYS R 46 31.94 43.35 51.67
N LEU R 47 32.15 42.44 50.72
CA LEU R 47 32.96 41.25 50.97
C LEU R 47 34.43 41.62 51.06
N LEU R 48 35.08 41.20 52.14
CA LEU R 48 36.50 41.42 52.34
C LEU R 48 37.36 40.20 52.05
N ILE R 49 36.98 39.03 52.56
CA ILE R 49 37.79 37.82 52.42
C ILE R 49 36.85 36.65 52.17
N ARG R 50 36.94 36.07 50.98
CA ARG R 50 36.17 34.90 50.58
C ARG R 50 37.09 33.70 50.40
N ASP R 51 36.52 32.50 50.51
CA ASP R 51 37.28 31.30 50.23
C ASP R 51 38.48 31.25 51.18
N ASN R 52 38.26 30.79 52.41
CA ASN R 52 38.76 31.39 53.64
C ASN R 52 40.02 32.24 53.54
N ASP R 53 41.06 31.84 52.81
CA ASP R 53 42.15 32.81 52.76
C ASP R 53 42.07 33.72 51.54
N LYS R 54 42.48 33.22 50.36
CA LYS R 54 42.12 33.73 49.04
C LYS R 54 41.75 35.21 49.00
N ARG R 55 42.68 36.08 49.39
CA ARG R 55 42.34 37.50 49.53
C ARG R 55 41.86 38.07 48.21
N PRO R 56 40.64 38.62 48.16
CA PRO R 56 40.11 39.16 46.89
C PRO R 56 40.80 40.45 46.46
N SER R 57 40.41 40.95 45.30
CA SER R 57 40.98 42.17 44.75
C SER R 57 40.28 43.38 45.35
N GLY R 58 40.99 44.51 45.39
CA GLY R 58 40.44 45.75 45.88
C GLY R 58 40.55 45.99 47.37
N VAL R 59 41.03 45.00 48.13
CA VAL R 59 41.22 45.18 49.55
C VAL R 59 42.72 45.24 49.85
N SER R 60 43.07 45.97 50.90
CA SER R 60 44.47 46.19 51.23
C SER R 60 45.15 44.90 51.64
N ASP R 61 46.47 44.87 51.48
CA ASP R 61 47.26 43.69 51.84
C ASP R 61 47.16 43.36 53.32
N ARG R 62 46.74 44.32 54.15
CA ARG R 62 46.80 44.14 55.59
C ARG R 62 45.82 43.09 56.10
N PHE R 63 44.85 42.66 55.28
CA PHE R 63 43.91 41.63 55.68
C PHE R 63 44.36 40.26 55.18
N SER R 64 44.20 39.24 56.04
CA SER R 64 44.41 37.85 55.66
C SER R 64 43.84 36.98 56.77
N GLY R 65 43.05 35.97 56.38
CA GLY R 65 42.37 35.12 57.33
C GLY R 65 43.08 33.80 57.54
N SER R 66 42.40 32.91 58.27
CA SER R 66 42.89 31.56 58.53
C SER R 66 41.73 30.74 59.05
N LYS R 67 41.73 29.45 58.71
CA LYS R 67 40.70 28.52 59.13
C LYS R 67 41.31 27.43 60.00
N SER R 68 40.73 27.25 61.18
CA SER R 68 41.13 26.20 62.12
C SER R 68 40.14 25.05 62.02
N GLY R 69 40.24 24.10 62.96
CA GLY R 69 39.32 22.98 62.96
C GLY R 69 37.88 23.41 63.13
N ALA R 70 37.63 24.33 64.06
CA ALA R 70 36.26 24.76 64.31
C ALA R 70 36.14 26.26 64.59
N SER R 71 37.05 27.08 64.08
CA SER R 71 36.96 28.52 64.26
C SER R 71 37.76 29.22 63.17
N ALA R 72 37.42 30.48 62.94
CA ALA R 72 38.06 31.30 61.94
C ALA R 72 38.53 32.61 62.56
N SER R 73 39.78 32.99 62.27
CA SER R 73 40.35 34.23 62.77
C SER R 73 40.74 35.11 61.59
N LEU R 74 40.43 36.40 61.70
CA LEU R 74 40.76 37.37 60.67
C LEU R 74 41.84 38.28 61.23
N THR R 75 43.00 38.28 60.60
CA THR R 75 44.13 39.07 61.05
C THR R 75 44.23 40.37 60.27
N ILE R 76 44.79 41.39 60.90
CA ILE R 76 45.08 42.66 60.26
C ILE R 76 46.40 43.18 60.80
N THR R 77 47.29 43.56 59.90
CA THR R 77 48.59 44.13 60.26
C THR R 77 48.56 45.64 60.03
N GLY R 78 49.07 46.38 60.99
CA GLY R 78 49.08 47.82 60.86
C GLY R 78 47.69 48.42 60.90
N LEU R 79 47.05 48.35 62.07
CA LEU R 79 45.71 48.88 62.23
C LEU R 79 45.68 50.37 61.93
N GLN R 80 44.56 50.82 61.36
CA GLN R 80 44.34 52.24 61.09
C GLN R 80 42.94 52.60 61.53
N THR R 81 42.70 53.92 61.67
CA THR R 81 41.42 54.40 62.16
C THR R 81 40.29 54.08 61.20
N ASP R 82 40.59 53.92 59.90
CA ASP R 82 39.56 53.67 58.91
C ASP R 82 39.04 52.24 58.94
N ASP R 83 39.45 51.43 59.91
CA ASP R 83 39.00 50.05 60.03
C ASP R 83 38.00 49.89 61.17
N GLU R 84 37.34 50.99 61.54
CA GLU R 84 36.38 51.02 62.63
C GLU R 84 35.04 50.39 62.25
N ALA R 85 34.91 49.87 61.03
CA ALA R 85 33.68 49.25 60.58
C ALA R 85 33.46 47.92 61.29
N ASP R 86 32.22 47.44 61.24
CA ASP R 86 31.91 46.16 61.86
C ASP R 86 32.43 45.02 61.00
N TYR R 87 32.26 43.79 61.48
CA TYR R 87 32.74 42.61 60.76
C TYR R 87 31.84 41.42 61.04
N TYR R 88 31.62 40.61 59.99
CA TYR R 88 30.60 39.57 60.02
C TYR R 88 31.16 38.27 59.45
N CYS R 89 30.92 37.17 60.15
CA CYS R 89 31.41 35.85 59.77
C CYS R 89 30.27 35.08 59.12
N GLN R 90 30.43 34.75 57.84
CA GLN R 90 29.43 34.02 57.07
C GLN R 90 29.98 32.64 56.75
N SER R 91 29.15 31.62 56.93
CA SER R 91 29.54 30.27 56.55
C SER R 91 28.32 29.37 56.51
N TYR R 92 28.23 28.56 55.48
CA TYR R 92 27.20 27.54 55.40
C TYR R 92 27.44 26.48 56.47
N ASP R 93 26.40 25.70 56.74
CA ASP R 93 26.40 24.75 57.84
C ASP R 93 25.56 23.55 57.43
N SER R 94 25.14 22.77 58.41
CA SER R 94 24.12 21.75 58.19
C SER R 94 22.85 22.10 58.96
N GLY R 95 22.51 23.39 58.99
CA GLY R 95 21.22 23.82 59.50
C GLY R 95 20.13 23.48 58.51
N LEU R 96 20.48 22.54 57.63
CA LEU R 96 19.61 21.85 56.69
C LEU R 96 19.28 22.72 55.49
N ARG R 97 19.58 24.01 55.57
CA ARG R 97 19.35 25.02 54.54
C ARG R 97 20.06 26.30 54.97
N SER R 98 19.75 27.41 54.29
CA SER R 98 19.63 28.70 54.94
C SER R 98 20.87 29.19 55.67
N TYR R 99 21.88 29.66 54.92
CA TYR R 99 23.15 30.14 55.44
C TYR R 99 23.00 30.89 56.76
N ILE R 100 23.82 30.54 57.75
CA ILE R 100 23.60 30.98 59.13
C ILE R 100 24.70 31.93 59.60
N PHE R 101 25.15 32.80 58.71
CA PHE R 101 26.03 33.91 59.04
C PHE R 101 25.70 34.52 60.40
N ALA R 102 26.72 34.80 61.20
CA ALA R 102 26.53 35.17 62.60
C ALA R 102 26.42 36.68 62.75
N SER R 103 26.35 37.13 64.00
CA SER R 103 26.21 38.54 64.32
C SER R 103 27.51 39.29 64.03
N GLY R 104 27.50 40.58 64.36
CA GLY R 104 28.58 41.47 64.01
C GLY R 104 29.58 41.68 65.14
N THR R 105 30.82 41.94 64.72
CA THR R 105 31.90 42.32 65.61
C THR R 105 32.51 43.60 65.06
N ARG R 106 32.74 44.58 65.94
CA ARG R 106 33.21 45.88 65.52
C ARG R 106 34.59 46.15 66.08
N LEU R 107 35.41 46.79 65.25
CA LEU R 107 36.70 47.29 65.71
C LEU R 107 36.55 48.72 66.18
N THR R 108 37.14 49.02 67.34
CA THR R 108 37.07 50.35 67.93
C THR R 108 38.49 50.79 68.27
N VAL R 109 38.99 51.79 67.55
CA VAL R 109 40.31 52.34 67.81
C VAL R 109 40.29 53.12 69.12
C1 NAG S . 28.50 -28.27 -20.13
C2 NAG S . 28.06 -27.59 -21.41
C3 NAG S . 28.72 -26.22 -21.52
C4 NAG S . 28.42 -25.39 -20.28
C5 NAG S . 28.81 -26.16 -19.02
C6 NAG S . 28.35 -25.48 -17.75
C7 NAG S . 29.50 -28.89 -22.92
C8 NAG S . 29.54 -29.69 -24.18
N2 NAG S . 28.31 -28.39 -22.59
O3 NAG S . 28.20 -25.56 -22.67
O4 NAG S . 29.16 -24.17 -20.31
O5 NAG S . 28.19 -27.46 -19.02
O6 NAG S . 26.93 -25.57 -17.60
O7 NAG S . 30.51 -28.70 -22.24
C1 NAG S . 28.29 -23.06 -20.60
C2 NAG S . 28.80 -21.86 -19.82
C3 NAG S . 28.01 -20.60 -20.18
C4 NAG S . 27.98 -20.40 -21.69
C5 NAG S . 27.47 -21.67 -22.36
C6 NAG S . 27.48 -21.60 -23.87
C7 NAG S . 29.35 -21.39 -17.46
C8 NAG S . 29.13 -21.79 -16.04
N2 NAG S . 28.71 -22.11 -18.38
O3 NAG S . 28.61 -19.47 -19.57
O4 NAG S . 27.11 -19.33 -22.01
O5 NAG S . 28.31 -22.77 -21.99
O6 NAG S . 26.86 -22.74 -24.45
O7 NAG S . 30.06 -20.43 -17.77
C1 BMA S . 27.81 -18.24 -22.66
C2 BMA S . 27.08 -17.92 -23.98
C3 BMA S . 27.75 -16.77 -24.67
C4 BMA S . 27.83 -15.56 -23.74
C5 BMA S . 28.55 -15.95 -22.43
C6 BMA S . 28.58 -14.83 -21.41
O2 BMA S . 25.76 -17.50 -23.72
O3 BMA S . 27.06 -16.40 -25.85
O4 BMA S . 28.54 -14.51 -24.38
O5 BMA S . 27.87 -17.08 -21.83
O6 BMA S . 29.25 -15.28 -20.25
C1 FUC S . 26.62 -26.41 -16.46
C2 FUC S . 26.14 -25.51 -15.30
C3 FUC S . 24.84 -24.80 -15.68
C4 FUC S . 23.78 -25.82 -16.00
C5 FUC S . 24.29 -26.81 -17.08
C6 FUC S . 23.36 -28.01 -17.24
O2 FUC S . 27.14 -24.60 -14.85
O3 FUC S . 24.37 -24.01 -14.60
O4 FUC S . 23.43 -26.53 -14.82
O5 FUC S . 25.61 -27.33 -16.79
C1 NAG T . 6.34 -31.60 31.49
C2 NAG T . 7.57 -31.04 32.18
C3 NAG T . 7.27 -29.68 32.81
C4 NAG T . 6.59 -28.75 31.83
C5 NAG T . 5.40 -29.43 31.17
C6 NAG T . 4.82 -28.63 30.04
C7 NAG T . 9.32 -32.30 33.36
C8 NAG T . 10.29 -31.64 32.43
N2 NAG T . 8.04 -31.97 33.19
O3 NAG T . 8.49 -29.09 33.23
O4 NAG T . 6.12 -27.60 32.54
O5 NAG T . 5.84 -30.66 30.59
O6 NAG T . 5.34 -29.08 28.79
O7 NAG T . 9.68 -33.08 34.23
C1 NAG T . 6.63 -26.38 31.97
C2 NAG T . 5.53 -25.31 32.09
C3 NAG T . 6.06 -23.97 31.59
C4 NAG T . 7.34 -23.60 32.32
C5 NAG T . 8.35 -24.73 32.15
C6 NAG T . 9.65 -24.47 32.90
C7 NAG T . 3.15 -25.15 31.50
C8 NAG T . 2.05 -25.68 30.64
N2 NAG T . 4.36 -25.71 31.34
O3 NAG T . 5.08 -22.96 31.82
O4 NAG T . 7.89 -22.40 31.77
O5 NAG T . 7.80 -25.94 32.68
O6 NAG T . 9.74 -23.11 33.29
O7 NAG T . 2.96 -24.24 32.29
C1 FUC T . 5.47 -27.99 27.86
C2 FUC T . 6.91 -27.91 27.39
C3 FUC T . 7.32 -29.27 26.84
C4 FUC T . 6.40 -29.67 25.70
C5 FUC T . 4.91 -29.47 26.05
C6 FUC T . 4.02 -29.44 24.82
O2 FUC T . 7.81 -27.48 28.40
O3 FUC T . 8.63 -29.19 26.30
O4 FUC T . 6.73 -28.91 24.56
O5 FUC T . 4.65 -28.23 26.77
C1 NAG U . -26.94 -32.68 -13.47
C2 NAG U . -28.18 -32.32 -12.69
C3 NAG U . -28.68 -30.93 -13.09
C4 NAG U . -27.57 -29.90 -13.01
C5 NAG U . -26.36 -30.38 -13.80
C6 NAG U . -25.16 -29.49 -13.63
C7 NAG U . -30.03 -33.70 -11.91
C8 NAG U . -31.04 -34.74 -12.27
N2 NAG U . -29.21 -33.31 -12.88
O3 NAG U . -29.71 -30.56 -12.17
O4 NAG U . -28.02 -28.67 -13.56
O5 NAG U . -25.96 -31.68 -13.32
O6 NAG U . -24.38 -29.89 -12.51
O7 NAG U . -29.96 -33.23 -10.78
C1 NAG U . -28.26 -27.68 -12.54
C2 NAG U . -28.28 -26.29 -13.17
C3 NAG U . -28.62 -25.23 -12.13
C4 NAG U . -29.88 -25.58 -11.37
C5 NAG U . -29.80 -27.01 -10.83
C6 NAG U . -31.10 -27.47 -10.20
C7 NAG U . -26.70 -26.32 -15.05
C8 NAG U . -25.34 -25.93 -15.53
N2 NAG U . -27.00 -25.99 -13.80
O3 NAG U . -28.78 -23.98 -12.79
O4 NAG U . -30.02 -24.71 -10.25
O5 NAG U . -29.52 -27.92 -11.90
O6 NAG U . -32.19 -26.65 -10.59
O7 NAG U . -27.49 -26.91 -15.78
C1 BMA U . -31.08 -23.75 -10.46
C2 BMA U . -31.65 -23.33 -9.07
C3 BMA U . -32.70 -22.25 -9.25
C4 BMA U . -32.18 -21.10 -10.13
C5 BMA U . -31.66 -21.64 -11.46
C6 BMA U . -31.06 -20.56 -12.34
O2 BMA U . -30.65 -22.78 -8.24
O3 BMA U . -33.12 -21.75 -7.99
O4 BMA U . -33.22 -20.18 -10.39
O5 BMA U . -30.62 -22.60 -11.19
O6 BMA U . -29.75 -20.29 -11.87
C1 NAG V . 14.25 38.16 21.36
C2 NAG V . 14.29 38.01 22.87
C3 NAG V . 12.88 38.11 23.44
C4 NAG V . 12.15 39.34 22.90
C5 NAG V . 12.31 39.47 21.39
C6 NAG V . 11.81 40.78 20.85
C7 NAG V . 16.03 36.66 23.94
C8 NAG V . 16.50 35.28 24.25
N2 NAG V . 14.89 36.75 23.25
O3 NAG V . 12.96 38.19 24.85
O4 NAG V . 10.75 39.20 23.15
O5 NAG V . 13.69 39.39 21.03
O6 NAG V . 12.56 41.20 19.72
O7 NAG V . 16.64 37.65 24.29
C1 NAG V . 10.32 39.86 24.34
C2 NAG V . 9.01 40.57 24.03
C3 NAG V . 8.45 41.22 25.29
C4 NAG V . 8.34 40.21 26.41
C5 NAG V . 9.69 39.54 26.63
C6 NAG V . 9.65 38.44 27.66
C7 NAG V . 8.21 41.90 22.12
C8 NAG V . 8.58 42.93 21.10
N2 NAG V . 9.18 41.54 22.97
O3 NAG V . 7.17 41.79 25.00
O4 NAG V . 7.95 40.87 27.61
O5 NAG V . 10.14 38.94 25.41
O6 NAG V . 10.77 38.51 28.54
O7 NAG V . 7.09 41.41 22.19
C1 BMA V . 6.68 40.36 28.07
C2 BMA V . 6.76 40.26 29.60
C3 BMA V . 5.41 39.82 30.14
C4 BMA V . 4.32 40.77 29.66
C5 BMA V . 4.32 40.79 28.13
C6 BMA V . 3.28 41.74 27.57
O2 BMA V . 7.03 41.52 30.17
O3 BMA V . 5.38 39.76 31.56
O4 BMA V . 3.05 40.33 30.12
O5 BMA V . 5.61 41.23 27.69
O6 BMA V . 3.57 43.04 28.03
C1 MAN V . 6.33 38.78 32.02
C2 MAN V . 5.87 37.36 31.51
C3 MAN V . 4.69 36.84 32.32
C4 MAN V . 4.97 36.96 33.82
C5 MAN V . 5.27 38.43 34.16
C6 MAN V . 5.55 38.64 35.62
O2 MAN V . 6.91 36.40 31.66
O3 MAN V . 4.41 35.48 31.99
O4 MAN V . 3.85 36.52 34.57
O5 MAN V . 6.43 38.84 33.44
O6 MAN V . 6.17 37.46 36.11
C1 NAG W . 45.27 -10.52 3.12
C2 NAG W . 46.46 -10.01 2.34
C3 NAG W . 47.27 -11.19 1.80
C4 NAG W . 47.65 -12.16 2.92
C5 NAG W . 46.41 -12.55 3.70
C6 NAG W . 46.74 -13.35 4.94
C7 NAG W . 46.61 -7.94 1.04
C8 NAG W . 46.06 -7.16 -0.12
N2 NAG W . 46.05 -9.14 1.26
O3 NAG W . 48.46 -10.68 1.18
O4 NAG W . 48.21 -13.34 2.35
O5 NAG W . 45.71 -11.38 4.16
O6 NAG W . 46.88 -12.51 6.06
O7 NAG W . 47.51 -7.51 1.74
C1 NAG W . 49.61 -13.52 2.63
C2 NAG W . 49.93 -15.00 2.38
C3 NAG W . 51.42 -15.26 2.53
C4 NAG W . 52.21 -14.33 1.64
C5 NAG W . 51.83 -12.88 1.96
C6 NAG W . 52.52 -11.87 1.09
C7 NAG W . 49.33 -15.98 4.57
C8 NAG W . 48.42 -16.96 5.27
N2 NAG W . 49.15 -15.88 3.24
O3 NAG W . 51.71 -16.61 2.20
O4 NAG W . 53.60 -14.51 1.90
O5 NAG W . 50.42 -12.71 1.78
O6 NAG W . 51.73 -11.52 -0.04
O7 NAG W . 50.17 -15.33 5.18
C1 BMA W . 54.27 -14.92 0.69
C2 BMA W . 55.72 -14.48 0.83
C3 BMA W . 56.50 -14.89 -0.39
C4 BMA W . 56.28 -16.37 -0.71
C5 BMA W . 54.80 -16.70 -0.75
C6 BMA W . 54.57 -18.19 -0.93
O2 BMA W . 56.31 -15.14 1.93
O3 BMA W . 57.88 -14.63 -0.21
O4 BMA W . 56.82 -16.65 -1.97
O5 BMA W . 54.21 -16.31 0.49
O6 BMA W . 55.43 -18.88 -0.06
C1 MAN W . 58.22 -13.43 -0.94
C2 MAN W . 59.71 -13.48 -1.27
C3 MAN W . 60.52 -13.37 -0.01
C4 MAN W . 60.15 -12.12 0.76
C5 MAN W . 58.66 -12.13 1.06
C6 MAN W . 58.18 -10.86 1.70
O2 MAN W . 60.08 -12.35 -2.04
O3 MAN W . 61.91 -13.37 -0.27
O4 MAN W . 60.86 -12.08 1.97
O5 MAN W . 57.91 -12.28 -0.16
O6 MAN W . 56.88 -10.58 1.21
C1 MAN W . 60.79 -12.84 -3.19
C2 MAN W . 61.85 -11.78 -3.56
C3 MAN W . 61.13 -10.56 -3.98
C4 MAN W . 60.34 -10.88 -5.22
C5 MAN W . 59.29 -11.93 -4.90
C6 MAN W . 58.62 -12.44 -6.14
O2 MAN W . 62.50 -12.19 -4.76
O3 MAN W . 62.04 -9.51 -4.25
O4 MAN W . 59.71 -9.72 -5.71
O5 MAN W . 59.90 -13.08 -4.28
O6 MAN W . 59.08 -11.66 -7.23
C1 MAN W . 63.91 -12.37 -4.62
C2 MAN W . 64.40 -12.73 -6.03
C3 MAN W . 63.80 -14.06 -6.40
C4 MAN W . 64.17 -15.14 -5.38
C5 MAN W . 63.75 -14.71 -3.98
C6 MAN W . 64.29 -15.63 -2.90
O2 MAN W . 65.81 -12.93 -6.06
O3 MAN W . 64.21 -14.47 -7.71
O4 MAN W . 63.46 -16.33 -5.69
O5 MAN W . 64.25 -13.38 -3.68
O6 MAN W . 63.24 -15.92 -1.99
C1 MAN W . 55.12 -20.28 -0.07
C2 MAN W . 55.29 -20.78 1.35
C3 MAN W . 56.71 -20.50 1.78
C4 MAN W . 57.71 -21.11 0.78
C5 MAN W . 57.37 -20.68 -0.66
C6 MAN W . 58.18 -21.43 -1.69
O2 MAN W . 55.17 -22.19 1.38
O3 MAN W . 56.96 -21.02 3.08
O4 MAN W . 59.01 -20.67 1.09
O5 MAN W . 56.00 -20.94 -0.92
O6 MAN W . 57.91 -22.81 -1.53
C1 MAN W . 57.55 -19.98 3.89
C2 MAN W . 58.54 -20.67 4.84
C3 MAN W . 57.77 -21.50 5.86
C4 MAN W . 56.76 -20.64 6.59
C5 MAN W . 55.80 -20.03 5.57
C6 MAN W . 54.78 -19.09 6.21
O2 MAN W . 59.26 -19.69 5.61
O3 MAN W . 58.64 -22.12 6.80
O4 MAN W . 56.04 -21.44 7.51
O5 MAN W . 56.56 -19.27 4.61
O6 MAN W . 54.63 -17.96 5.38
C1 MAN W . 59.16 -23.52 -1.66
C2 MAN W . 59.25 -24.04 -3.12
C3 MAN W . 58.29 -25.18 -3.34
C4 MAN W . 58.49 -26.26 -2.28
C5 MAN W . 58.27 -25.64 -0.91
C6 MAN W . 58.51 -26.61 0.20
O2 MAN W . 60.53 -24.60 -3.35
O3 MAN W . 58.44 -25.73 -4.64
O4 MAN W . 57.57 -27.31 -2.48
O5 MAN W . 59.23 -24.60 -0.72
O6 MAN W . 59.90 -26.62 0.46
C1 NAG X . 26.95 4.26 21.86
C2 NAG X . 26.01 5.42 21.59
C3 NAG X . 25.62 6.10 22.89
C4 NAG X . 25.04 5.09 23.86
C5 NAG X . 26.01 3.93 24.04
C6 NAG X . 25.45 2.80 24.88
C7 NAG X . 25.89 7.06 19.77
C8 NAG X . 26.67 7.99 18.90
N2 NAG X . 26.61 6.37 20.67
O3 NAG X . 24.67 7.11 22.61
O4 NAG X . 24.83 5.72 25.12
O5 NAG X . 26.33 3.34 22.77
O6 NAG X . 25.46 1.57 24.18
O7 NAG X . 24.69 6.94 19.69
C1 NAG X . 23.44 5.62 25.54
C2 NAG X . 23.41 5.62 27.07
C3 NAG X . 21.97 5.57 27.57
C4 NAG X . 21.15 6.69 26.94
C5 NAG X . 21.27 6.63 25.42
C6 NAG X . 20.59 7.80 24.74
C7 NAG X . 25.20 4.65 28.44
C8 NAG X . 25.87 3.40 28.88
N2 NAG X . 24.17 4.51 27.59
O3 NAG X . 21.98 5.72 28.98
O4 NAG X . 19.78 6.53 27.31
O5 NAG X . 22.66 6.69 25.04
O6 NAG X . 20.94 9.03 25.36
O7 NAG X . 25.57 5.76 28.82
C1 BMA X . 19.35 7.67 28.09
C2 BMA X . 17.94 8.08 27.60
C3 BMA X . 17.49 9.28 28.40
C4 BMA X . 17.57 9.00 29.91
C5 BMA X . 18.99 8.53 30.28
C6 BMA X . 19.13 8.15 31.75
O2 BMA X . 17.01 7.06 27.85
O3 BMA X . 16.17 9.66 28.06
O4 BMA X . 17.28 10.19 30.61
O5 BMA X . 19.31 7.38 29.49
O6 BMA X . 18.42 6.95 31.98
C1 NAG Y . 44.08 -0.09 -8.80
C2 NAG Y . 43.54 -0.78 -10.03
C3 NAG Y . 44.65 -0.92 -11.08
C4 NAG Y . 45.31 0.42 -11.35
C5 NAG Y . 45.71 1.11 -10.05
C6 NAG Y . 46.17 2.53 -10.25
C7 NAG Y . 41.95 -2.61 -10.38
C8 NAG Y . 41.48 -3.95 -9.91
N2 NAG Y . 42.98 -2.07 -9.71
O3 NAG Y . 44.08 -1.43 -12.27
O4 NAG Y . 46.50 0.20 -12.09
O5 NAG Y . 44.59 1.17 -9.15
O6 NAG Y . 46.62 3.10 -9.02
O7 NAG Y . 41.44 -2.03 -11.33
C1 NAG Y . 46.44 0.74 -13.42
C2 NAG Y . 47.89 1.07 -13.78
C3 NAG Y . 48.00 1.54 -15.23
C4 NAG Y . 47.34 0.54 -16.17
C5 NAG Y . 45.91 0.30 -15.72
C6 NAG Y . 45.19 -0.76 -16.52
C7 NAG Y . 49.68 2.08 -12.44
C8 NAG Y . 50.05 3.21 -11.53
N2 NAG Y . 48.42 2.09 -12.89
O3 NAG Y . 49.36 1.69 -15.57
O4 NAG Y . 47.35 1.06 -17.49
O5 NAG Y . 45.92 -0.18 -14.36
O6 NAG Y . 43.87 -0.98 -16.03
O7 NAG Y . 50.48 1.22 -12.76
C1 BMA Y . 47.85 0.13 -18.49
C2 BMA Y . 47.26 0.57 -19.85
C3 BMA Y . 47.79 -0.34 -20.97
C4 BMA Y . 49.30 -0.46 -20.91
C5 BMA Y . 49.74 -0.88 -19.50
C6 BMA Y . 51.24 -0.99 -19.38
O2 BMA Y . 47.65 1.89 -20.16
O3 BMA Y . 47.37 0.12 -22.26
O4 BMA Y . 49.74 -1.41 -21.84
O5 BMA Y . 49.27 0.08 -18.56
O6 BMA Y . 51.61 -0.42 -18.15
C1 NAG Z . 36.80 18.07 28.71
C2 NAG Z . 35.84 18.25 29.85
C3 NAG Z . 35.73 19.74 30.20
C4 NAG Z . 37.11 20.35 30.41
C5 NAG Z . 38.06 19.97 29.28
C6 NAG Z . 39.51 20.34 29.56
C7 NAG Z . 33.63 17.35 30.45
C8 NAG Z . 32.35 16.79 29.92
N2 NAG Z . 34.54 17.70 29.53
O3 NAG Z . 34.95 19.89 31.37
O4 NAG Z . 36.97 21.77 30.44
O5 NAG Z . 38.05 18.55 29.06
O6 NAG Z . 40.22 20.57 28.36
O7 NAG Z . 33.85 17.50 31.65
C1 NAG Z . 37.62 22.31 31.60
C2 NAG Z . 37.79 23.81 31.39
C3 NAG Z . 38.42 24.45 32.63
C4 NAG Z . 37.61 24.10 33.86
C5 NAG Z . 37.46 22.58 33.98
C6 NAG Z . 36.58 22.16 35.13
C7 NAG Z . 38.05 24.22 29.00
C8 NAG Z . 39.01 24.51 27.88
N2 NAG Z . 38.58 24.10 30.21
O3 NAG Z . 38.46 25.86 32.46
O4 NAG Z . 38.26 24.60 35.02
O5 NAG Z . 36.85 22.08 32.78
O6 NAG Z . 37.17 21.08 35.84
O7 NAG Z . 36.84 24.10 28.80
C1 BMA Z . 37.49 25.70 35.50
C2 BMA Z . 37.58 25.63 37.04
C3 BMA Z . 37.36 26.99 37.72
C4 BMA Z . 37.88 28.16 36.90
C5 BMA Z . 37.37 28.03 35.50
C6 BMA Z . 37.67 29.23 34.64
O2 BMA Z . 38.86 25.19 37.44
O3 BMA Z . 38.00 26.99 38.98
O4 BMA Z . 37.39 29.38 37.44
O5 BMA Z . 38.01 26.90 34.98
O6 BMA Z . 39.06 29.32 34.44
C1 MAN Z . 37.07 27.45 39.97
C2 MAN Z . 37.86 28.30 40.98
C3 MAN Z . 38.77 27.40 41.79
C4 MAN Z . 37.93 26.34 42.48
C5 MAN Z . 37.21 25.49 41.42
C6 MAN Z . 36.29 24.45 42.01
O2 MAN Z . 36.99 28.90 41.93
O3 MAN Z . 39.54 28.11 42.74
O4 MAN Z . 38.75 25.50 43.28
O5 MAN Z . 36.40 26.36 40.60
O6 MAN Z . 35.04 24.56 41.38
C1 MAN Z . 36.15 29.87 41.27
C2 MAN Z . 36.04 31.07 42.20
C3 MAN Z . 35.28 30.66 43.45
C4 MAN Z . 33.93 30.10 43.08
C5 MAN Z . 34.13 28.90 42.15
C6 MAN Z . 32.84 28.36 41.66
O2 MAN Z . 35.24 32.05 41.60
O3 MAN Z . 35.12 31.74 44.34
O4 MAN Z . 33.27 29.67 44.25
O5 MAN Z . 34.86 29.34 41.01
O6 MAN Z . 32.74 28.76 40.31
C1 MAN Z . 35.93 33.30 41.67
C2 MAN Z . 34.85 34.33 41.96
C3 MAN Z . 33.91 34.33 40.79
C4 MAN Z . 34.68 34.69 39.53
C5 MAN Z . 35.76 33.65 39.30
C6 MAN Z . 36.65 34.02 38.15
O2 MAN Z . 35.39 35.64 42.01
O3 MAN Z . 32.83 35.22 41.00
O4 MAN Z . 33.80 34.71 38.43
O5 MAN Z . 36.59 33.57 40.46
O6 MAN Z . 37.07 35.36 38.35
C1 MAN Z . 39.25 30.43 33.54
C2 MAN Z . 40.69 30.35 32.99
C3 MAN Z . 41.70 30.74 34.09
C4 MAN Z . 41.34 32.09 34.68
C5 MAN Z . 39.94 32.02 35.26
C6 MAN Z . 39.49 33.33 35.86
O2 MAN Z . 40.87 31.29 31.94
O3 MAN Z . 43.03 30.75 33.60
O4 MAN Z . 42.25 32.41 35.70
O5 MAN Z . 39.01 31.67 34.20
O6 MAN Z . 39.27 34.26 34.79
C1 NAG AA . 38.98 23.49 13.40
C2 NAG AA . 38.42 24.62 12.54
C3 NAG AA . 39.54 25.24 11.72
C4 NAG AA . 40.68 25.69 12.63
C5 NAG AA . 41.13 24.54 13.52
C6 NAG AA . 42.13 24.97 14.57
C7 NAG AA . 36.57 24.94 10.94
C8 NAG AA . 35.52 24.27 10.12
N2 NAG AA . 37.35 24.14 11.67
O3 NAG AA . 39.04 26.34 10.97
O4 NAG AA . 41.80 26.10 11.86
O5 NAG AA . 40.00 24.00 14.24
O6 NAG AA . 42.10 26.37 14.76
O7 NAG AA . 36.71 26.16 10.95
C1 NAG AA . 41.87 27.53 11.75
C2 NAG AA . 43.29 28.00 12.03
C3 NAG AA . 43.40 29.50 11.85
C4 NAG AA . 42.90 29.91 10.48
C5 NAG AA . 41.49 29.37 10.24
C6 NAG AA . 41.01 29.60 8.82
C7 NAG AA . 45.00 27.47 13.71
C8 NAG AA . 45.27 27.06 15.13
N2 NAG AA . 43.72 27.60 13.37
O3 NAG AA . 44.76 29.91 12.02
O4 NAG AA . 42.87 31.33 10.38
O5 NAG AA . 41.47 27.95 10.44
O6 NAG AA . 41.97 29.19 7.87
O7 NAG AA . 45.91 27.68 12.92
C1 NAG BA . 5.81 38.89 -24.16
C2 NAG BA . 7.02 38.76 -25.06
C3 NAG BA . 8.28 38.85 -24.21
C4 NAG BA . 8.26 40.08 -23.32
C5 NAG BA . 6.91 40.21 -22.59
C6 NAG BA . 6.76 41.52 -21.85
C7 NAG BA . 7.81 37.21 -26.80
C8 NAG BA . 7.63 35.86 -27.43
N2 NAG BA . 6.99 37.50 -25.78
O3 NAG BA . 9.42 38.91 -25.07
O4 NAG BA . 9.25 39.96 -22.31
O5 NAG BA . 5.84 40.12 -23.52
O6 NAG BA . 5.41 41.71 -21.46
O7 NAG BA . 8.65 38.00 -27.19
C1 NAG BA . 10.39 40.78 -22.60
C2 NAG BA . 10.84 41.43 -21.30
C3 NAG BA . 12.07 42.29 -21.56
C4 NAG BA . 13.15 41.48 -22.26
C5 NAG BA . 12.59 40.77 -23.48
C6 NAG BA . 13.56 39.80 -24.10
C7 NAG BA . 9.77 42.59 -19.42
C8 NAG BA . 8.60 43.41 -18.97
N2 NAG BA . 9.77 42.23 -20.71
O3 NAG BA . 12.55 42.77 -20.30
O4 NAG BA . 14.17 42.37 -22.72
O5 NAG BA . 11.43 39.99 -23.12
O6 NAG BA . 13.52 38.54 -23.45
O7 NAG BA . 10.67 42.27 -18.66
C1 BMA BA . 15.24 42.44 -21.77
C2 BMA BA . 16.48 41.95 -22.46
C3 BMA BA . 17.70 42.12 -21.55
C4 BMA BA . 17.75 43.51 -20.87
C5 BMA BA . 16.38 43.93 -20.32
C6 BMA BA . 16.36 45.37 -19.89
O2 BMA BA . 16.73 42.74 -23.62
O3 BMA BA . 18.86 41.93 -22.31
O4 BMA BA . 18.68 43.48 -19.81
O5 BMA BA . 15.42 43.78 -21.35
O6 BMA BA . 16.11 46.17 -21.05
C1 MAN BA . 19.81 41.10 -21.62
C2 MAN BA . 21.01 41.97 -21.42
C3 MAN BA . 21.40 42.51 -22.78
C4 MAN BA . 21.73 41.35 -23.73
C5 MAN BA . 20.58 40.31 -23.76
C6 MAN BA . 21.01 39.00 -24.38
O2 MAN BA . 22.12 41.18 -20.99
O3 MAN BA . 22.50 43.42 -22.71
O4 MAN BA . 21.93 41.86 -25.04
O5 MAN BA . 20.13 40.01 -22.41
O6 MAN BA . 22.14 38.52 -23.66
C1 NAG CA . -18.39 -14.22 -39.67
C2 NAG CA . -19.44 -13.92 -40.71
C3 NAG CA . -20.25 -15.17 -41.02
C4 NAG CA . -19.31 -16.27 -41.50
C5 NAG CA . -18.24 -16.51 -40.44
C6 NAG CA . -17.17 -17.49 -40.91
C7 NAG CA . -21.06 -12.77 -39.23
C8 NAG CA . -21.87 -11.53 -39.04
N2 NAG CA . -20.31 -12.81 -40.34
O3 NAG CA . -21.21 -14.87 -42.01
O4 NAG CA . -20.01 -17.49 -41.68
O5 NAG CA . -17.55 -15.29 -40.12
O6 NAG CA . -16.25 -17.76 -39.86
O7 NAG CA . -21.08 -13.70 -38.42
C1 NAG CA . -20.49 -17.67 -43.02
C2 NAG CA . -20.38 -19.16 -43.36
C3 NAG CA . -21.07 -19.47 -44.69
C4 NAG CA . -22.50 -18.95 -44.67
C5 NAG CA . -22.47 -17.46 -44.36
C6 NAG CA . -23.85 -16.85 -44.26
C7 NAG CA . -18.58 -20.83 -43.37
C8 NAG CA . -17.10 -21.06 -43.43
N2 NAG CA . -18.99 -19.57 -43.41
O3 NAG CA . -21.07 -20.88 -44.91
O4 NAG CA . -23.09 -19.16 -45.95
O5 NAG CA . -21.85 -17.27 -43.10
O6 NAG CA . -23.77 -15.47 -43.95
O7 NAG CA . -19.38 -21.76 -43.32
C1 BMA CA . -24.32 -19.90 -45.81
C2 BMA CA . -25.19 -19.52 -47.03
C3 BMA CA . -26.37 -20.47 -47.21
C4 BMA CA . -25.96 -21.93 -46.99
C5 BMA CA . -25.20 -22.08 -45.69
C6 BMA CA . -24.74 -23.52 -45.50
O2 BMA CA . -24.43 -19.60 -48.22
O3 BMA CA . -26.95 -20.36 -48.52
O4 BMA CA . -27.09 -22.75 -46.94
O5 BMA CA . -24.05 -21.27 -45.77
O6 BMA CA . -25.25 -24.30 -46.57
C1 MAN CA . -27.66 -19.13 -48.71
C2 MAN CA . -29.08 -19.45 -49.23
C3 MAN CA . -28.93 -20.12 -50.56
C4 MAN CA . -28.23 -19.17 -51.51
C5 MAN CA . -26.85 -18.83 -50.96
C6 MAN CA . -26.18 -17.75 -51.76
O2 MAN CA . -29.78 -18.24 -49.54
O3 MAN CA . -30.17 -20.52 -51.10
O4 MAN CA . -28.08 -19.78 -52.78
O5 MAN CA . -26.98 -18.31 -49.62
O6 MAN CA . -26.86 -16.54 -51.48
C1 MAN CA . -31.16 -18.36 -49.11
C2 MAN CA . -31.87 -17.08 -49.53
C3 MAN CA . -32.57 -16.48 -48.31
C4 MAN CA . -33.40 -17.54 -47.61
C5 MAN CA . -32.50 -18.67 -47.16
C6 MAN CA . -33.03 -20.02 -47.59
O2 MAN CA . -32.90 -17.36 -50.47
O3 MAN CA . -33.40 -15.39 -48.65
O4 MAN CA . -34.02 -16.96 -46.49
O5 MAN CA . -31.20 -18.52 -47.72
O6 MAN CA . -32.64 -21.00 -46.65
C1 MAN CA . -24.84 -25.65 -46.37
C2 MAN CA . -23.77 -25.96 -47.40
C3 MAN CA . -24.34 -25.79 -48.79
C4 MAN CA . -25.66 -26.55 -48.98
C5 MAN CA . -26.62 -26.34 -47.80
C6 MAN CA . -27.71 -27.40 -47.81
O2 MAN CA . -23.40 -27.32 -47.32
O3 MAN CA . -23.42 -26.23 -49.78
O4 MAN CA . -26.29 -26.14 -50.18
O5 MAN CA . -25.93 -26.50 -46.56
O6 MAN CA . -27.03 -28.64 -47.64
C1 MAN CA . -23.03 -25.12 -50.61
C2 MAN CA . -22.48 -25.68 -51.92
C3 MAN CA . -21.18 -26.42 -51.67
C4 MAN CA . -20.19 -25.53 -50.94
C5 MAN CA . -20.81 -25.04 -49.63
C6 MAN CA . -19.94 -24.07 -48.87
O2 MAN CA . -22.13 -24.64 -52.83
O3 MAN CA . -20.60 -26.90 -52.88
O4 MAN CA . -19.01 -26.24 -50.66
O5 MAN CA . -22.05 -24.36 -49.93
O6 MAN CA . -18.64 -24.63 -48.75
C1 MAN CA . -27.87 -29.75 -48.01
C2 MAN CA . -27.09 -31.00 -47.60
C3 MAN CA . -25.85 -31.12 -48.43
C4 MAN CA . -26.21 -31.15 -49.91
C5 MAN CA . -27.02 -29.91 -50.28
C6 MAN CA . -27.57 -29.97 -51.69
O2 MAN CA . -27.83 -32.16 -47.91
O3 MAN CA . -25.11 -32.28 -48.10
O4 MAN CA . -25.03 -31.15 -50.66
O5 MAN CA . -28.15 -29.77 -49.38
O6 MAN CA . -28.83 -30.66 -51.65
C1 NAG DA . 4.57 3.84 -34.29
C2 NAG DA . 4.74 5.16 -33.56
C3 NAG DA . 5.96 5.90 -34.07
C4 NAG DA . 7.19 5.00 -33.98
C5 NAG DA . 6.93 3.68 -34.68
C6 NAG DA . 8.06 2.68 -34.51
C7 NAG DA . 3.08 6.75 -32.72
C8 NAG DA . 1.85 7.55 -33.04
N2 NAG DA . 3.55 6.00 -33.71
O3 NAG DA . 6.16 7.08 -33.31
O4 NAG DA . 8.31 5.65 -34.59
O5 NAG DA . 5.75 3.06 -34.13
O6 NAG DA . 8.56 2.69 -33.19
O7 NAG DA . 3.61 6.81 -31.62
C1 NAG DA . 9.32 5.88 -33.56
C2 NAG DA . 10.69 6.11 -34.22
C3 NAG DA . 11.73 6.36 -33.15
C4 NAG DA . 11.31 7.52 -32.26
C5 NAG DA . 9.91 7.28 -31.69
C6 NAG DA . 9.38 8.46 -30.92
C7 NAG DA . 11.21 5.10 -36.39
C8 NAG DA . 11.64 3.85 -37.10
N2 NAG DA . 11.07 4.99 -35.06
O3 NAG DA . 12.98 6.65 -33.75
O4 NAG DA . 12.23 7.67 -31.19
O5 NAG DA . 8.98 7.02 -32.75
O6 NAG DA . 10.28 9.55 -30.96
O7 NAG DA . 11.02 6.16 -36.98
C1 NAG EA . -28.61 -5.68 -32.71
C2 NAG EA . -29.37 -6.36 -31.58
C3 NAG EA . -30.78 -6.77 -32.03
C4 NAG EA . -31.55 -5.56 -32.53
C5 NAG EA . -30.78 -4.89 -33.65
C6 NAG EA . -31.40 -3.57 -34.06
C7 NAG EA . -28.83 -7.97 -29.82
C8 NAG EA . -27.99 -9.15 -29.44
N2 NAG EA . -28.65 -7.51 -31.06
O3 NAG EA . -31.45 -7.33 -30.92
O4 NAG EA . -32.83 -5.95 -33.03
O5 NAG EA . -29.42 -4.61 -33.27
O6 NAG EA . -31.96 -2.92 -32.94
O7 NAG EA . -29.62 -7.46 -29.05
C1 NAG EA . -34.00 -5.36 -32.38
C2 NAG EA . -35.11 -5.17 -33.43
C3 NAG EA . -36.39 -4.67 -32.77
C4 NAG EA . -36.81 -5.60 -31.64
C5 NAG EA . -35.68 -5.67 -30.63
C6 NAG EA . -35.97 -6.59 -29.47
C7 NAG EA . -35.33 -4.13 -35.65
C8 NAG EA . -34.75 -3.14 -36.61
N2 NAG EA . -34.68 -4.26 -34.48
O3 NAG EA . -37.44 -4.58 -33.73
O4 NAG EA . -38.02 -5.14 -31.04
O5 NAG EA . -34.50 -6.17 -31.29
O6 NAG EA . -36.38 -7.86 -29.92
O7 NAG EA . -36.34 -4.77 -35.91
C1 BMA EA . -39.07 -6.15 -31.10
C2 BMA EA . -40.13 -5.88 -29.95
C3 BMA EA . -41.40 -6.78 -30.10
C4 BMA EA . -41.85 -6.89 -31.56
C5 BMA EA . -40.68 -7.26 -32.43
C6 BMA EA . -41.07 -7.53 -33.87
O2 BMA EA . -40.58 -4.55 -29.95
O3 BMA EA . -42.46 -6.31 -29.29
O4 BMA EA . -42.85 -7.88 -31.69
O5 BMA EA . -39.72 -6.19 -32.37
O6 BMA EA . -41.61 -6.37 -34.44
C1 MAN EA . -43.17 -7.41 -28.67
C2 MAN EA . -44.67 -7.11 -28.80
C3 MAN EA . -45.00 -5.88 -27.96
C4 MAN EA . -44.57 -6.10 -26.52
C5 MAN EA . -43.07 -6.41 -26.46
C6 MAN EA . -42.60 -6.76 -25.08
O2 MAN EA . -45.46 -8.18 -28.25
O3 MAN EA . -46.39 -5.58 -28.01
O4 MAN EA . -44.82 -4.93 -25.76
O5 MAN EA . -42.79 -7.55 -27.31
O6 MAN EA . -43.30 -7.93 -24.66
C1 MAN EA . -41.43 -6.52 -35.87
C2 MAN EA . -41.83 -5.15 -36.60
C3 MAN EA . -43.30 -5.08 -36.97
C4 MAN EA . -43.79 -6.40 -37.54
C5 MAN EA . -43.57 -7.47 -36.48
C6 MAN EA . -44.17 -8.79 -36.88
O2 MAN EA . -41.12 -4.98 -37.83
O3 MAN EA . -43.53 -4.05 -37.92
O4 MAN EA . -45.16 -6.33 -37.86
O5 MAN EA . -42.17 -7.65 -36.34
O6 MAN EA . -45.48 -8.55 -37.38
C1 NAG FA . 2.95 17.84 -46.79
C2 NAG FA . 4.46 17.89 -46.60
C3 NAG FA . 4.95 19.32 -46.81
C4 NAG FA . 4.45 19.90 -48.12
C5 NAG FA . 2.95 19.65 -48.30
C6 NAG FA . 2.47 19.96 -49.71
C7 NAG FA . 6.07 17.03 -44.96
C8 NAG FA . 6.26 16.54 -43.56
N2 NAG FA . 4.83 17.40 -45.29
O3 NAG FA . 6.37 19.35 -46.77
O4 NAG FA . 4.64 21.31 -48.08
O5 NAG FA . 2.63 18.28 -48.08
O6 NAG FA . 1.58 18.95 -50.17
O7 NAG FA . 7.00 17.09 -45.76
C1 NAG FA . 5.36 21.79 -49.24
C2 NAG FA . 4.77 23.17 -49.58
C3 NAG FA . 5.52 23.77 -50.75
C4 NAG FA . 7.01 23.81 -50.45
C5 NAG FA . 7.50 22.41 -50.10
C6 NAG FA . 8.96 22.37 -49.69
C7 NAG FA . 2.42 23.70 -49.16
C8 NAG FA . 1.01 23.50 -49.60
N2 NAG FA . 3.36 23.07 -49.88
O3 NAG FA . 5.03 25.08 -51.00
O4 NAG FA . 7.74 24.29 -51.58
O5 NAG FA . 6.75 21.92 -48.98
O6 NAG FA . 9.11 22.27 -48.28
O7 NAG FA . 2.70 24.41 -48.20
C1 BMA FA . 8.10 25.65 -51.29
C2 BMA FA . 9.32 26.00 -52.15
C3 BMA FA . 9.53 27.51 -52.24
C4 BMA FA . 8.23 28.31 -52.28
C5 BMA FA . 7.26 27.79 -51.26
C6 BMA FA . 5.93 28.48 -51.30
O2 BMA FA . 9.12 25.55 -53.47
O3 BMA FA . 10.27 27.81 -53.40
O4 BMA FA . 8.50 29.66 -52.01
O5 BMA FA . 7.02 26.46 -51.61
O6 BMA FA . 6.11 29.75 -51.88
C1 MAN FA . 11.57 28.30 -53.03
C2 MAN FA . 11.96 29.28 -54.14
C3 MAN FA . 12.07 28.52 -55.44
C4 MAN FA . 13.05 27.36 -55.30
C5 MAN FA . 12.61 26.46 -54.14
C6 MAN FA . 13.61 25.36 -53.85
O2 MAN FA . 13.25 29.80 -53.90
O3 MAN FA . 12.46 29.36 -56.51
O4 MAN FA . 13.06 26.62 -56.50
O5 MAN FA . 12.49 27.25 -52.95
O6 MAN FA . 14.56 25.88 -52.93
C1 MAN FA . 13.08 30.87 -52.96
C2 MAN FA . 14.01 32.01 -53.38
C3 MAN FA . 15.43 31.52 -53.29
C4 MAN FA . 15.73 31.05 -51.87
C5 MAN FA . 14.73 29.96 -51.47
C6 MAN FA . 14.87 29.56 -50.01
O2 MAN FA . 13.92 33.05 -52.43
O3 MAN FA . 16.34 32.53 -53.64
O4 MAN FA . 17.03 30.51 -51.82
O5 MAN FA . 13.40 30.44 -51.65
O6 MAN FA . 16.15 29.98 -49.56
C1 MAN FA . 13.48 34.25 -53.10
C2 MAN FA . 13.35 35.33 -52.01
C3 MAN FA . 12.14 35.07 -51.16
C4 MAN FA . 10.91 35.02 -52.03
C5 MAN FA . 11.04 33.86 -52.99
C6 MAN FA . 9.88 33.80 -53.96
O2 MAN FA . 13.11 36.61 -52.59
O3 MAN FA . 11.99 36.06 -50.18
O4 MAN FA . 9.77 34.81 -51.21
O5 MAN FA . 12.23 34.04 -53.78
O6 MAN FA . 9.91 32.54 -54.61
C1 MAN FA . 4.95 30.55 -51.55
C2 MAN FA . 3.70 29.84 -52.14
C3 MAN FA . 3.68 29.99 -53.65
C4 MAN FA . 3.86 31.44 -54.05
C5 MAN FA . 5.17 31.96 -53.47
C6 MAN FA . 5.42 33.41 -53.81
O2 MAN FA . 2.49 30.45 -51.68
O3 MAN FA . 2.46 29.50 -54.18
O4 MAN FA . 3.90 31.54 -55.46
O5 MAN FA . 5.10 31.86 -52.04
O6 MAN FA . 6.74 33.53 -54.28
C1 NAG GA . -11.19 21.24 -40.91
C2 NAG GA . -11.73 22.33 -40.01
C3 NAG GA . -13.10 22.79 -40.53
C4 NAG GA . -13.00 23.19 -41.99
C5 NAG GA . -12.40 22.06 -42.80
C6 NAG GA . -12.16 22.42 -44.24
C7 NAG GA . -11.98 22.71 -37.60
C8 NAG GA . -12.06 22.06 -36.25
N2 NAG GA . -11.84 21.88 -38.63
O3 NAG GA . -13.56 23.88 -39.74
O4 NAG GA . -14.29 23.50 -42.51
O5 NAG GA . -11.11 21.70 -42.25
O6 NAG GA . -12.11 23.83 -44.42
O7 NAG GA . -12.02 23.93 -37.74
C1 NAG GA . -14.40 24.93 -42.63
C2 NAG GA . -15.08 25.28 -43.96
C3 NAG GA . -15.32 26.78 -44.07
C4 NAG GA . -16.03 27.30 -42.83
C5 NAG GA . -15.27 26.89 -41.57
C6 NAG GA . -15.94 27.32 -40.29
C7 NAG GA . -14.81 24.27 -46.18
C8 NAG GA . -13.85 23.85 -47.24
N2 NAG GA . -14.28 24.82 -45.08
O3 NAG GA . -16.10 27.06 -45.22
O4 NAG GA . -16.12 28.73 -42.88
O5 NAG GA . -15.16 25.47 -41.54
O6 NAG GA . -15.09 27.13 -39.17
O7 NAG GA . -16.02 24.11 -46.30
C1 NAG HA . -29.86 35.71 19.01
C2 NAG HA . -30.19 36.96 19.82
C3 NAG HA . -29.49 36.91 21.18
C4 NAG HA . -29.81 35.61 21.90
C5 NAG HA . -29.53 34.41 20.99
C6 NAG HA . -29.97 33.09 21.59
C7 NAG HA . -28.58 38.47 18.69
C8 NAG HA . -28.43 39.76 17.97
N2 NAG HA . -29.83 38.16 19.10
O3 NAG HA . -29.91 38.02 21.96
O4 NAG HA . -29.00 35.49 23.06
O5 NAG HA . -30.24 34.56 19.75
O6 NAG HA . -31.38 32.97 21.63
O7 NAG HA . -27.63 37.73 18.89
C1 NAG HA . -29.75 35.74 24.25
C2 NAG HA . -28.97 35.20 25.45
C3 NAG HA . -29.73 35.47 26.73
C4 NAG HA . -30.07 36.96 26.85
C5 NAG HA . -30.77 37.45 25.60
C6 NAG HA . -30.98 38.95 25.59
C7 NAG HA . -27.49 33.25 25.55
C8 NAG HA . -27.38 31.76 25.35
N2 NAG HA . -28.69 33.78 25.30
O3 NAG HA . -28.93 35.08 27.85
O4 NAG HA . -30.93 37.16 27.97
O5 NAG HA . -30.00 37.13 24.43
O6 NAG HA . -30.30 39.57 26.67
O7 NAG HA . -26.54 33.93 25.94
C1 NAG IA . -28.75 35.49 5.51
C2 NAG IA . -30.16 35.20 5.04
C3 NAG IA . -30.22 35.25 3.51
C4 NAG IA . -29.60 36.53 2.97
C5 NAG IA . -28.24 36.79 3.63
C6 NAG IA . -27.65 38.14 3.28
C7 NAG IA . -31.90 33.55 5.53
C8 NAG IA . -32.19 32.18 6.06
N2 NAG IA . -30.61 33.91 5.52
O3 NAG IA . -31.58 35.17 3.09
O4 NAG IA . -29.35 36.37 1.58
O5 NAG IA . -28.35 36.75 5.05
O6 NAG IA . -26.23 38.08 3.25
O7 NAG IA . -32.79 34.30 5.15
C1 NAG IA . -30.31 36.96 0.69
C2 NAG IA . -29.58 37.89 -0.27
C3 NAG IA . -30.56 38.45 -1.30
C4 NAG IA . -31.26 37.30 -2.02
C5 NAG IA . -31.94 36.40 -0.99
C6 NAG IA . -32.57 35.18 -1.60
C7 NAG IA . -27.97 39.73 -0.09
C8 NAG IA . -27.42 40.81 0.80
N2 NAG IA . -28.94 38.99 0.45
O3 NAG IA . -29.85 39.25 -2.24
O4 NAG IA . -32.24 37.81 -2.92
O5 NAG IA . -30.97 35.93 -0.05
O6 NAG IA . -32.71 34.14 -0.64
O7 NAG IA . -27.57 39.55 -1.22
C1 BMA IA . -31.71 37.82 -4.27
C2 BMA IA . -32.82 37.45 -5.24
C3 BMA IA . -32.20 37.35 -6.63
C4 BMA IA . -31.53 38.66 -7.01
C5 BMA IA . -30.55 39.12 -5.92
C6 BMA IA . -30.02 40.52 -6.14
O2 BMA IA . -33.78 38.48 -5.31
O3 BMA IA . -33.14 36.99 -7.62
O4 BMA IA . -30.83 38.48 -8.22
O5 BMA IA . -31.22 39.10 -4.63
O6 BMA IA . -30.82 41.16 -7.13
C1 MAN IA . -33.64 35.67 -7.34
C2 MAN IA . -33.32 34.75 -8.55
C3 MAN IA . -34.26 35.04 -9.73
C4 MAN IA . -35.71 35.14 -9.26
C5 MAN IA . -35.80 36.21 -8.18
C6 MAN IA . -37.19 36.40 -7.66
O2 MAN IA . -33.54 33.38 -8.22
O3 MAN IA . -34.15 34.08 -10.76
O4 MAN IA . -36.53 35.51 -10.35
O5 MAN IA . -35.03 35.75 -7.08
O6 MAN IA . -37.24 35.86 -6.36
C1 MAN IA . -30.74 42.58 -6.91
C2 MAN IA . -31.58 42.91 -5.65
C3 MAN IA . -33.05 42.72 -5.95
C4 MAN IA . -33.46 43.57 -7.15
C5 MAN IA . -32.62 43.16 -8.37
C6 MAN IA . -32.90 44.04 -9.58
O2 MAN IA . -31.43 44.28 -5.26
O3 MAN IA . -33.86 43.04 -4.83
O4 MAN IA . -34.83 43.36 -7.43
O5 MAN IA . -31.21 43.30 -8.06
O6 MAN IA . -31.70 44.74 -9.89
C1 NAG JA . -23.25 -16.85 35.94
C2 NAG JA . -23.25 -16.57 37.46
C3 NAG JA . -23.21 -17.86 38.26
C4 NAG JA . -24.28 -18.85 37.79
C5 NAG JA . -24.11 -19.05 36.28
C6 NAG JA . -25.15 -19.97 35.70
C7 NAG JA . -22.23 -14.60 38.52
C8 NAG JA . -20.96 -13.86 38.79
N2 NAG JA . -22.12 -15.73 37.81
O3 NAG JA . -23.45 -17.55 39.63
O4 NAG JA . -24.07 -20.10 38.41
O5 NAG JA . -24.25 -17.80 35.63
O6 NAG JA . -26.06 -20.44 36.67
O7 NAG JA . -23.32 -14.20 38.93
C1 NAG JA . -24.91 -20.38 39.55
C2 NAG JA . -25.09 -21.89 39.59
C3 NAG JA . -25.83 -22.31 40.85
C4 NAG JA . -25.15 -21.73 42.09
C5 NAG JA . -25.03 -20.23 41.92
C6 NAG JA . -24.30 -19.56 43.06
C7 NAG JA . -25.35 -23.28 37.59
C8 NAG JA . -26.22 -23.63 36.42
N2 NAG JA . -25.81 -22.35 38.42
O3 NAG JA . -25.86 -23.73 40.93
O4 NAG JA . -25.95 -22.03 43.23
O5 NAG JA . -24.29 -19.94 40.73
O6 NAG JA . -24.77 -18.23 43.26
O7 NAG JA . -24.25 -23.82 37.76
C1 BMA JA . -25.19 -22.58 44.32
C2 BMA JA . -26.00 -22.30 45.57
C3 BMA JA . -25.31 -22.87 46.79
C4 BMA JA . -24.77 -24.31 46.56
C5 BMA JA . -24.12 -24.46 45.20
C6 BMA JA . -23.79 -25.90 44.88
O2 BMA JA . -27.25 -22.96 45.49
O3 BMA JA . -26.20 -22.88 47.90
O4 BMA JA . -23.81 -24.61 47.54
O5 BMA JA . -24.99 -23.96 44.20
O6 BMA JA . -24.46 -26.75 45.80
C1 MAN JA . -26.09 -21.62 48.61
C2 MAN JA . -26.35 -21.91 50.12
C3 MAN JA . -27.83 -22.12 50.39
C4 MAN JA . -28.64 -20.99 49.81
C5 MAN JA . -28.40 -20.95 48.32
C6 MAN JA . -29.20 -19.84 47.64
O2 MAN JA . -25.95 -20.81 50.93
O3 MAN JA . -28.08 -22.23 51.77
O4 MAN JA . -30.01 -21.24 50.04
O5 MAN JA . -27.02 -20.66 48.10
O6 MAN JA . -28.29 -18.83 47.23
C1 MAN JA . -24.65 -21.14 51.46
C2 MAN JA . -24.87 -22.23 52.52
C3 MAN JA . -25.60 -21.65 53.74
C4 MAN JA . -24.92 -20.38 54.22
C5 MAN JA . -24.75 -19.38 53.08
C6 MAN JA . -23.93 -18.20 53.47
O2 MAN JA . -23.63 -22.74 53.02
O3 MAN JA . -25.70 -22.61 54.80
O4 MAN JA . -25.69 -19.78 55.25
O5 MAN JA . -24.03 -20.01 52.01
O6 MAN JA . -22.58 -18.51 53.16
C1 MAN JA . -24.21 -28.11 45.40
C2 MAN JA . -25.45 -28.60 44.68
C3 MAN JA . -26.60 -28.59 45.65
C4 MAN JA . -26.27 -29.42 46.87
C5 MAN JA . -25.01 -28.90 47.52
C6 MAN JA . -24.56 -29.79 48.65
O2 MAN JA . -25.30 -29.96 44.33
O3 MAN JA . -27.79 -29.07 45.07
O4 MAN JA . -27.34 -29.32 47.80
O5 MAN JA . -23.98 -28.91 46.54
O6 MAN JA . -24.16 -31.01 48.07
C1 MAN JA . -28.71 -27.97 44.99
C2 MAN JA . -29.87 -28.24 45.99
C3 MAN JA . -30.88 -29.25 45.43
C4 MAN JA . -31.18 -29.02 43.95
C5 MAN JA . -29.87 -28.95 43.17
C6 MAN JA . -30.08 -28.70 41.70
O2 MAN JA . -30.62 -27.06 46.27
O3 MAN JA . -32.09 -29.20 46.17
O4 MAN JA . -31.95 -30.08 43.44
O5 MAN JA . -29.16 -27.83 43.67
O6 MAN JA . -29.81 -27.33 41.45
C1 MAN JA . -24.12 -32.04 49.08
C2 MAN JA . -22.83 -32.84 48.82
C3 MAN JA . -22.98 -33.68 47.55
C4 MAN JA . -24.31 -34.41 47.51
C5 MAN JA . -25.42 -33.42 47.71
C6 MAN JA . -26.77 -34.07 47.66
O2 MAN JA . -22.53 -33.76 49.86
O3 MAN JA . -21.92 -34.62 47.44
O4 MAN JA . -24.48 -35.04 46.25
O5 MAN JA . -25.25 -32.84 49.00
O6 MAN JA . -26.78 -34.91 46.51
C1 NAG KA . -32.27 -0.27 12.80
C2 NAG KA . -31.64 1.00 12.24
C3 NAG KA . -32.64 1.74 11.37
C4 NAG KA . -33.22 0.82 10.30
C5 NAG KA . -33.76 -0.45 10.95
C6 NAG KA . -34.22 -1.48 9.94
C7 NAG KA . -30.26 2.82 13.13
C8 NAG KA . -29.87 3.59 14.34
N2 NAG KA . -31.16 1.85 13.31
O3 NAG KA . -32.00 2.84 10.73
O4 NAG KA . -34.28 1.48 9.62
O5 NAG KA . -32.73 -1.08 11.73
O6 NAG KA . -33.14 -2.28 9.48
O7 NAG KA . -29.77 3.06 12.03
C1 NAG KA . -33.98 1.55 8.21
C2 NAG KA . -35.29 1.57 7.44
C3 NAG KA . -35.02 1.66 5.94
C4 NAG KA . -34.14 2.87 5.65
C5 NAG KA . -32.88 2.82 6.50
C6 NAG KA . -32.03 4.06 6.35
C7 NAG KA . -37.44 0.47 7.91
C8 NAG KA . -38.12 -0.83 8.20
N2 NAG KA . -36.11 0.40 7.73
O3 NAG KA . -36.25 1.77 5.23
O4 NAG KA . -33.80 2.89 4.27
O5 NAG KA . -33.22 2.72 7.89
O6 NAG KA . -32.24 4.67 5.08
O7 NAG KA . -38.05 1.52 7.83
C1 NAG LA . -13.86 -6.02 42.26
C2 NAG LA . -12.46 -6.60 42.40
C3 NAG LA . -12.15 -6.86 43.86
C4 NAG LA . -12.35 -5.60 44.68
C5 NAG LA . -13.74 -5.02 44.44
C6 NAG LA . -13.92 -3.67 45.08
C7 NAG LA . -11.21 -8.05 40.86
C8 NAG LA . -10.14 -7.02 40.88
N2 NAG LA . -12.30 -7.80 41.61
O3 NAG LA . -10.79 -7.29 43.98
O4 NAG LA . -12.26 -5.90 46.06
O5 NAG LA . -13.96 -4.83 43.03
O6 NAG LA . -12.76 -2.86 44.88
O7 NAG LA . -11.12 -9.08 40.20
C1 NAG LA . -11.03 -5.39 46.62
C2 NAG LA . -11.25 -5.21 48.13
C3 NAG LA . -9.95 -4.85 48.82
C4 NAG LA . -8.84 -5.82 48.45
C5 NAG LA . -8.72 -5.89 46.94
C6 NAG LA . -7.69 -6.88 46.46
C7 NAG LA . -13.52 -4.45 48.72
C8 NAG LA . -13.87 -5.90 48.88
N2 NAG LA . -12.26 -4.19 48.37
O3 NAG LA . -10.15 -4.89 50.23
O4 NAG LA . -7.59 -5.37 48.99
O5 NAG LA . -9.98 -6.30 46.39
O6 NAG LA . -6.38 -6.43 46.75
O7 NAG LA . -14.33 -3.57 48.91
C1 BMA LA . -7.03 -6.34 49.90
C2 BMA LA . -5.71 -5.74 50.46
C3 BMA LA . -5.17 -6.61 51.59
C4 BMA LA . -6.24 -6.94 52.60
C5 BMA LA . -7.40 -7.58 51.89
C6 BMA LA . -8.50 -7.92 52.84
O2 BMA LA . -5.92 -4.47 51.01
O3 BMA LA . -4.10 -5.97 52.27
O4 BMA LA . -5.73 -7.84 53.55
O5 BMA LA . -7.92 -6.63 50.97
O6 BMA LA . -8.67 -6.78 53.63
C1 MAN LA . -2.93 -6.79 52.14
C2 MAN LA . -2.39 -7.08 53.57
C3 MAN LA . -1.85 -5.81 54.19
C4 MAN LA . -0.89 -5.08 53.24
C5 MAN LA . -1.57 -4.84 51.89
C6 MAN LA . -0.62 -4.25 50.88
O2 MAN LA . -1.28 -7.98 53.53
O3 MAN LA . -1.19 -6.10 55.42
O4 MAN LA . -0.52 -3.84 53.79
O5 MAN LA . -1.98 -6.10 51.36
O6 MAN LA . 0.31 -5.28 50.51
C1 MAN LA . -10.08 -6.56 53.83
C2 MAN LA . -10.27 -5.07 54.10
C3 MAN LA . -9.57 -4.71 55.43
C4 MAN LA . -10.10 -5.61 56.55
C5 MAN LA . -9.84 -7.07 56.17
C6 MAN LA . -10.39 -8.04 57.18
O2 MAN LA . -11.65 -4.76 54.27
O3 MAN LA . -9.74 -3.34 55.78
O4 MAN LA . -9.42 -5.32 57.75
O5 MAN LA . -10.52 -7.34 54.92
O6 MAN LA . -11.80 -8.06 57.03
C1 NAG MA . -43.87 4.16 15.53
C2 NAG MA . -45.15 3.88 16.33
C3 NAG MA . -45.96 2.76 15.70
C4 NAG MA . -46.13 2.96 14.20
C5 NAG MA . -44.78 3.26 13.55
C6 NAG MA . -44.88 3.58 12.07
C7 NAG MA . -44.49 4.45 18.64
C8 NAG MA . -44.19 3.91 20.00
N2 NAG MA . -44.83 3.55 17.71
O3 NAG MA . -47.24 2.71 16.31
O4 NAG MA . -46.64 1.76 13.61
O5 NAG MA . -44.19 4.40 14.19
O6 NAG MA . -43.84 2.95 11.35
O7 NAG MA . -44.44 5.64 18.39
C1 NAG MA . -48.05 1.88 13.34
C2 NAG MA . -48.42 0.93 12.21
C3 NAG MA . -49.92 1.01 11.92
C4 NAG MA . -50.72 0.77 13.20
C5 NAG MA . -50.24 1.69 14.32
C6 NAG MA . -50.89 1.37 15.64
C7 NAG MA . -47.49 0.36 10.02
C8 NAG MA . -46.69 0.85 8.84
N2 NAG MA . -47.66 1.23 11.00
O3 NAG MA . -50.28 0.04 10.94
O4 NAG MA . -52.09 1.03 12.95
O5 NAG MA . -48.82 1.55 14.51
O6 NAG MA . -51.61 0.15 15.59
O7 NAG MA . -47.94 -0.78 10.06
C1 NAG NA . -44.39 11.85 18.91
C2 NAG NA . -44.98 11.94 17.52
C3 NAG NA . -45.54 13.34 17.27
C4 NAG NA . -46.46 13.79 18.41
C5 NAG NA . -45.80 13.53 19.76
C6 NAG NA . -46.74 13.76 20.92
C7 NAG NA . -43.77 10.34 16.10
C8 NAG NA . -42.73 10.17 15.04
N2 NAG NA . -44.01 11.60 16.50
O3 NAG NA . -46.24 13.36 16.03
O4 NAG NA . -46.68 15.19 18.27
O5 NAG NA . -45.36 12.18 19.85
O6 NAG NA . -46.03 13.72 22.15
O7 NAG NA . -44.37 9.39 16.60
C1 NAG NA . -48.07 15.55 18.28
C2 NAG NA . -48.18 16.92 18.93
C3 NAG NA . -49.63 17.40 18.91
C4 NAG NA . -50.17 17.36 17.49
C5 NAG NA . -50.02 15.95 16.94
C6 NAG NA . -50.50 15.82 15.52
C7 NAG NA . -47.30 17.99 20.96
C8 NAG NA . -46.79 17.77 22.34
N2 NAG NA . -47.66 16.89 20.28
O3 NAG NA . -49.68 18.74 19.40
O4 NAG NA . -51.54 17.75 17.48
O5 NAG NA . -48.63 15.59 16.96
O6 NAG NA . -49.42 15.87 14.59
O7 NAG NA . -47.41 19.11 20.47
C1 BMA NA . -51.60 19.06 16.89
C2 BMA NA . -52.94 19.17 16.13
C3 BMA NA . -53.45 20.61 16.01
C4 BMA NA . -53.08 21.46 17.20
C5 BMA NA . -51.62 21.33 17.43
C6 BMA NA . -51.09 22.31 18.44
O2 BMA NA . -53.95 18.45 16.79
O3 BMA NA . -54.85 20.60 15.87
O4 BMA NA . -53.38 22.82 16.96
O5 BMA NA . -51.45 20.04 17.92
O6 BMA NA . -52.06 22.49 19.43
C1 MAN NA . -55.20 20.98 14.53
C2 MAN NA . -56.56 21.67 14.60
C3 MAN NA . -57.58 20.64 15.05
C4 MAN NA . -57.60 19.47 14.07
C5 MAN NA . -56.21 18.83 14.03
C6 MAN NA . -56.10 17.75 12.99
O2 MAN NA . -56.97 22.07 13.31
O3 MAN NA . -58.89 21.20 15.15
O4 MAN NA . -58.53 18.51 14.51
O5 MAN NA . -55.23 19.84 13.69
O6 MAN NA . -55.53 18.32 11.82
C1 MAN NA . -57.12 23.51 13.24
C2 MAN NA . -56.63 23.92 11.84
C3 MAN NA . -56.88 25.40 11.65
C4 MAN NA . -56.73 26.18 12.97
C5 MAN NA . -55.78 25.44 13.90
C6 MAN NA . -55.49 26.21 15.16
O2 MAN NA . -57.37 23.27 10.82
O3 MAN NA . -58.15 25.62 11.09
O4 MAN NA . -56.22 27.48 12.72
O5 MAN NA . -56.38 24.17 14.27
O6 MAN NA . -55.41 27.59 14.83
C1 MAN NA . -51.73 23.71 20.13
C2 MAN NA . -51.73 23.37 21.62
C3 MAN NA . -53.12 22.92 22.06
C4 MAN NA . -54.21 23.90 21.60
C5 MAN NA . -54.06 24.24 20.10
C6 MAN NA . -54.98 25.35 19.65
O2 MAN NA . -51.45 24.53 22.39
O3 MAN NA . -53.19 22.74 23.45
O4 MAN NA . -55.49 23.32 21.83
O5 MAN NA . -52.71 24.67 19.84
O6 MAN NA . -56.32 24.93 19.84
C1 NAG OA . -32.46 17.49 29.09
C2 NAG OA . -32.18 18.98 29.23
C3 NAG OA . -32.29 19.39 30.69
C4 NAG OA . -33.60 18.95 31.31
C5 NAG OA . -33.88 17.48 31.00
C6 NAG OA . -35.29 17.06 31.36
C7 NAG OA . -29.71 19.00 29.23
C8 NAG OA . -28.49 19.48 28.50
N2 NAG OA . -30.89 19.33 28.68
O3 NAG OA . -32.14 20.81 30.81
O4 NAG OA . -33.45 19.08 32.72
O5 NAG OA . -33.74 17.21 29.60
O6 NAG OA . -36.22 18.09 31.06
O7 NAG OA . -29.63 18.33 30.24
C1 NAG OA . -34.58 19.67 33.40
C2 NAG OA . -34.11 19.94 34.84
C3 NAG OA . -35.22 20.59 35.68
C4 NAG OA . -35.79 21.80 34.96
C5 NAG OA . -36.18 21.44 33.52
C6 NAG OA . -36.63 22.64 32.72
C7 NAG OA . -34.06 17.59 35.80
C8 NAG OA . -35.51 17.37 35.42
N2 NAG OA . -33.51 18.78 35.50
O3 NAG OA . -34.68 20.98 36.93
O4 NAG OA . -36.93 22.27 35.64
O5 NAG OA . -35.06 20.88 32.82
O6 NAG OA . -35.85 23.80 33.03
O7 NAG OA . -33.41 16.72 36.36
C1 NAG PA . -37.21 -5.08 16.22
C2 NAG PA . -37.04 -5.07 14.70
C3 NAG PA . -38.15 -5.87 14.03
C4 NAG PA . -38.29 -7.25 14.65
C5 NAG PA . -38.42 -7.12 16.17
C6 NAG PA . -38.46 -8.45 16.89
C7 NAG PA . -36.66 -3.37 12.95
C8 NAG PA . -36.72 -1.92 12.61
N2 NAG PA . -37.03 -3.70 14.19
O3 NAG PA . -37.89 -6.00 12.64
O4 NAG PA . -39.46 -7.88 14.15
O5 NAG PA . -37.28 -6.41 16.68
O6 NAG PA . -39.65 -8.58 17.64
O7 NAG PA . -36.28 -4.21 12.14
C1 NAG PA . -39.15 -9.16 13.55
C2 NAG PA . -40.30 -9.55 12.62
C3 NAG PA . -40.00 -10.87 11.92
C4 NAG PA . -38.64 -10.82 11.23
C5 NAG PA . -37.57 -10.39 12.22
C6 NAG PA . -36.21 -10.21 11.56
C7 NAG PA . -41.83 -10.47 14.32
C8 NAG PA . -43.20 -10.36 14.92
N2 NAG PA . -41.56 -9.61 13.33
O3 NAG PA . -41.02 -11.15 10.97
O4 NAG PA . -38.31 -12.09 10.70
O5 NAG PA . -37.91 -9.12 12.80
O6 NAG PA . -36.25 -10.62 10.21
O7 NAG PA . -41.02 -11.31 14.70
C1 NAG QA . 39.63 -47.35 -9.54
C2 NAG QA . 40.24 -48.39 -8.61
C3 NAG QA . 41.48 -47.83 -7.95
C4 NAG QA . 42.46 -47.33 -9.01
C5 NAG QA . 41.78 -46.38 -9.99
C6 NAG QA . 42.65 -46.05 -11.17
C7 NAG QA . 39.13 -50.09 -7.22
C8 NAG QA . 40.00 -51.09 -7.93
N2 NAG QA . 39.28 -48.81 -7.60
O3 NAG QA . 42.10 -48.81 -7.14
O4 NAG QA . 43.54 -46.65 -8.38
O5 NAG QA . 40.59 -46.99 -10.52
O6 NAG QA . 42.54 -47.04 -12.19
O7 NAG QA . 38.32 -50.43 -6.37
C1 NAG RA . 25.38 -43.81 -23.53
C2 NAG RA . 24.46 -44.55 -24.51
C3 NAG RA . 24.90 -44.29 -25.95
C4 NAG RA . 25.02 -42.81 -26.23
C5 NAG RA . 25.97 -42.18 -25.22
C6 NAG RA . 26.09 -40.68 -25.38
C7 NAG RA . 23.80 -46.50 -23.18
C8 NAG RA . 23.88 -48.00 -23.05
N2 NAG RA . 24.43 -45.97 -24.23
O3 NAG RA . 23.96 -44.87 -26.84
O4 NAG RA . 25.52 -42.59 -27.54
O5 NAG RA . 25.48 -42.42 -23.89
O6 NAG RA . 24.84 -40.08 -25.66
O7 NAG RA . 23.20 -45.81 -22.36
C1 NAG SA . 12.95 -46.74 28.21
C2 NAG SA . 14.29 -46.95 27.49
C3 NAG SA . 15.44 -47.02 28.50
C4 NAG SA . 15.41 -45.79 29.40
C5 NAG SA . 14.05 -45.65 30.05
C6 NAG SA . 13.91 -44.40 30.88
C7 NAG SA . 14.07 -49.39 27.10
C8 NAG SA . 14.07 -50.47 26.06
N2 NAG SA . 14.27 -48.14 26.65
O3 NAG SA . 16.67 -47.09 27.81
O4 NAG SA . 16.41 -45.89 30.40
O5 NAG SA . 13.03 -45.58 29.04
O6 NAG SA . 15.16 -44.06 31.49
O7 NAG SA . 13.88 -49.63 28.29
C1 NAG TA . -6.07 -53.32 32.89
C2 NAG TA . -6.60 -54.64 33.41
C3 NAG TA . -7.90 -54.41 34.17
C4 NAG TA . -7.67 -53.40 35.29
C5 NAG TA . -7.00 -52.13 34.76
C6 NAG TA . -6.54 -51.22 35.87
C7 NAG TA . -6.51 -56.90 32.48
C8 NAG TA . -6.77 -57.77 31.28
N2 NAG TA . -6.80 -55.61 32.34
O3 NAG TA . -8.35 -55.64 34.71
O4 NAG TA . -8.91 -53.04 35.88
O5 NAG TA . -5.82 -52.45 33.98
O6 NAG TA . -6.14 -51.97 37.00
O7 NAG TA . -6.04 -57.35 33.52
C1 NAG UA . -26.35 -48.15 -8.26
C2 NAG UA . -26.76 -49.28 -7.33
C3 NAG UA . -28.27 -49.25 -7.09
C4 NAG UA . -28.71 -47.87 -6.63
C5 NAG UA . -28.22 -46.81 -7.62
C6 NAG UA . -28.53 -45.40 -7.19
C7 NAG UA . -26.13 -51.65 -7.12
C8 NAG UA . -25.73 -52.89 -7.86
N2 NAG UA . -26.36 -50.57 -7.88
O3 NAG UA . -28.61 -50.22 -6.11
O4 NAG UA . -30.13 -47.81 -6.55
O5 NAG UA . -26.79 -46.90 -7.74
O6 NAG UA . -29.15 -44.66 -8.23
O7 NAG UA . -26.24 -51.62 -5.91
C1 NAG VA . -20.25 -52.57 -27.43
C2 NAG VA . -19.74 -53.65 -28.37
C3 NAG VA . -19.87 -53.18 -29.82
C4 NAG VA . -21.29 -52.75 -30.11
C5 NAG VA . -21.75 -51.73 -29.07
C6 NAG VA . -23.20 -51.32 -29.23
C7 NAG VA . -18.03 -55.08 -27.36
C8 NAG VA . -16.56 -55.30 -27.13
N2 NAG VA . -18.36 -53.99 -28.07
O3 NAG VA . -19.49 -54.24 -30.69
O4 NAG VA . -21.37 -52.17 -31.40
O5 NAG VA . -21.61 -52.27 -27.74
O6 NAG VA . -23.32 -50.17 -30.06
O7 NAG VA . -18.87 -55.87 -26.94
C1 NAG WA . 38.18 -33.80 7.24
C2 NAG WA . 37.13 -34.80 7.68
C3 NAG WA . 37.75 -35.90 8.54
C4 NAG WA . 38.94 -36.52 7.82
C5 NAG WA . 39.91 -35.43 7.37
C6 NAG WA . 41.05 -35.96 6.54
C7 NAG WA . 34.84 -34.61 8.56
C8 NAG WA . 33.88 -33.78 9.34
N2 NAG WA . 36.08 -34.12 8.43
O3 NAG WA . 36.78 -36.91 8.80
O4 NAG WA . 39.62 -37.42 8.70
O5 NAG WA . 39.21 -34.49 6.55
O6 NAG WA . 41.20 -35.21 5.34
O7 NAG WA . 34.52 -35.69 8.08
C1 NAG XA . 25.84 40.64 15.06
C2 NAG XA . 26.51 42.01 15.14
C3 NAG XA . 27.31 42.29 13.87
C4 NAG XA . 28.27 41.15 13.58
C5 NAG XA . 27.49 39.82 13.54
C6 NAG XA . 28.40 38.64 13.35
C7 NAG XA . 25.16 43.46 16.60
C8 NAG XA . 24.13 44.55 16.63
N2 NAG XA . 25.53 43.06 15.38
O3 NAG XA . 28.03 43.50 14.05
O4 NAG XA . 28.91 41.35 12.33
O5 NAG XA . 26.81 39.64 14.78
O6 NAG XA . 29.39 38.57 14.36
O7 NAG XA . 25.63 42.97 17.61
C1 NAG YA . 4.80 41.59 10.17
C2 NAG YA . 6.00 41.91 9.32
C3 NAG YA . 6.26 43.41 9.31
C4 NAG YA . 5.02 44.12 8.81
C5 NAG YA . 3.79 43.70 9.62
C6 NAG YA . 2.50 44.25 9.04
C7 NAG YA . 7.99 40.59 8.86
C8 NAG YA . 9.13 39.84 9.44
N2 NAG YA . 7.17 41.18 9.74
O3 NAG YA . 7.36 43.69 8.46
O4 NAG YA . 5.19 45.53 8.91
O5 NAG YA . 3.65 42.28 9.66
O6 NAG YA . 2.78 45.28 8.09
O7 NAG YA . 7.81 40.68 7.66
C1 NAG ZA . 19.89 28.64 -3.12
C2 NAG ZA . 20.58 28.86 -4.46
C3 NAG ZA . 22.09 28.79 -4.30
C4 NAG ZA . 22.55 29.82 -3.27
C5 NAG ZA . 21.81 29.59 -1.95
C6 NAG ZA . 22.11 30.68 -0.95
C7 NAG ZA . 20.30 26.62 -5.45
C8 NAG ZA . 19.75 25.86 -6.62
N2 NAG ZA . 20.12 27.94 -5.48
O3 NAG ZA . 22.72 29.05 -5.55
O4 NAG ZA . 23.94 29.71 -3.06
O5 NAG ZA . 20.39 29.60 -2.16
O6 NAG ZA . 23.00 31.63 -1.48
O7 NAG ZA . 20.89 26.06 -4.53
C1 NAG AB . 34.73 10.44 29.46
C2 NAG AB . 36.05 10.66 30.22
C3 NAG AB . 36.27 9.54 31.24
C4 NAG AB . 35.06 9.38 32.14
C5 NAG AB . 33.81 9.19 31.29
C6 NAG AB . 32.55 9.13 32.12
C7 NAG AB . 37.78 11.90 29.02
C8 NAG AB . 38.93 11.81 28.06
N2 NAG AB . 37.17 10.74 29.31
O3 NAG AB . 37.41 9.85 32.02
O4 NAG AB . 35.22 8.25 32.98
O5 NAG AB . 33.66 10.30 30.40
O6 NAG AB . 32.60 10.05 33.19
O7 NAG AB . 37.43 12.96 29.50
C1 NAG BB . 18.31 22.03 33.36
C2 NAG BB . 17.87 22.64 34.67
C3 NAG BB . 17.36 21.55 35.59
C4 NAG BB . 16.25 20.76 34.90
C5 NAG BB . 16.69 20.29 33.52
C6 NAG BB . 15.56 19.69 32.71
C7 NAG BB . 18.87 24.70 35.56
C8 NAG BB . 20.06 25.30 36.21
N2 NAG BB . 18.94 23.38 35.30
O3 NAG BB . 16.86 22.14 36.79
O4 NAG BB . 15.91 19.63 35.69
O5 NAG BB . 17.21 21.38 32.74
O6 NAG BB . 14.57 20.66 32.41
O7 NAG BB . 17.87 25.36 35.27
C1 NAG CB . 53.30 10.13 21.85
C2 NAG CB . 53.47 11.53 21.26
C3 NAG CB . 54.90 11.71 20.76
C4 NAG CB . 55.89 11.42 21.88
C5 NAG CB . 55.61 10.04 22.50
C6 NAG CB . 56.45 9.77 23.72
C7 NAG CB . 51.72 12.83 20.16
C8 NAG CB . 50.78 12.92 18.99
N2 NAG CB . 52.52 11.76 20.19
O3 NAG CB . 55.05 13.05 20.31
O4 NAG CB . 57.22 11.46 21.38
O5 NAG CB . 54.24 9.95 22.91
O6 NAG CB . 55.72 10.05 24.91
O7 NAG CB . 51.75 13.69 21.04
C1 NAG DB . 42.55 22.54 8.17
C2 NAG DB . 41.50 23.54 8.57
C3 NAG DB . 41.49 24.70 7.61
C4 NAG DB . 42.88 25.32 7.51
C5 NAG DB . 43.95 24.24 7.27
C6 NAG DB . 45.35 24.75 7.42
C7 NAG DB . 39.48 22.43 7.64
C8 NAG DB . 38.15 21.84 7.98
N2 NAG DB . 40.17 22.93 8.67
O3 NAG DB . 40.56 25.69 8.06
O4 NAG DB . 42.94 26.25 6.44
O5 NAG DB . 43.81 23.16 8.21
O6 NAG DB . 45.68 24.95 8.78
O7 NAG DB . 39.90 22.46 6.49
C1 NAG EB . 49.90 19.72 15.71
C2 NAG EB . 48.94 20.90 15.56
C3 NAG EB . 49.72 22.20 15.40
C4 NAG EB . 50.76 22.35 16.50
C5 NAG EB . 51.62 21.11 16.60
C6 NAG EB . 52.60 21.15 17.75
C7 NAG EB . 46.94 21.43 14.23
C8 NAG EB . 46.15 21.09 12.99
N2 NAG EB . 48.04 20.70 14.44
O3 NAG EB . 48.82 23.30 15.44
O4 NAG EB . 51.60 23.47 16.22
O5 NAG EB . 50.79 19.97 16.80
O6 NAG EB . 52.07 20.52 18.91
O7 NAG EB . 46.60 22.32 15.00
C1 NAG FB . 32.78 0.25 24.37
C2 NAG FB . 31.37 0.39 24.97
C3 NAG FB . 31.24 -0.48 26.23
C4 NAG FB . 31.69 -1.90 25.96
C5 NAG FB . 33.09 -1.91 25.38
C6 NAG FB . 33.58 -3.28 25.03
C7 NAG FB . 29.88 2.22 25.66
C8 NAG FB . 29.78 3.68 25.94
N2 NAG FB . 31.09 1.77 25.28
O3 NAG FB . 29.88 -0.47 26.65
O4 NAG FB . 31.68 -2.67 27.17
O5 NAG FB . 33.09 -1.14 24.18
O6 NAG FB . 32.95 -4.26 25.85
O7 NAG FB . 28.91 1.47 25.75
C1 NAG GB . -7.96 -36.39 -35.05
C2 NAG GB . -6.87 -37.19 -34.35
C3 NAG GB . -6.23 -38.19 -35.30
C4 NAG GB . -7.29 -39.03 -36.01
C5 NAG GB . -8.32 -38.11 -36.65
C6 NAG GB . -9.46 -38.87 -37.30
C7 NAG GB . -5.01 -36.70 -32.83
C8 NAG GB . -4.04 -35.66 -32.34
N2 NAG GB . -5.87 -36.32 -33.77
O3 NAG GB . -5.35 -39.04 -34.58
O4 NAG GB . -6.69 -39.83 -37.02
O5 NAG GB . -8.90 -37.26 -35.65
O6 NAG GB . -10.72 -38.47 -36.76
O7 NAG GB . -5.01 -37.84 -32.37
C1 NAG HB . -5.81 39.08 -31.46
C2 NAG HB . -6.41 40.45 -31.73
C3 NAG HB . -7.93 40.38 -31.72
C4 NAG HB . -8.41 39.31 -32.69
C5 NAG HB . -7.73 37.98 -32.38
C6 NAG HB . -8.08 36.90 -33.37
C7 NAG HB . -5.08 42.40 -31.05
C8 NAG HB . -4.70 43.31 -29.93
N2 NAG HB . -5.94 41.43 -30.76
O3 NAG HB . -8.46 41.65 -32.07
O4 NAG HB . -9.83 39.15 -32.58
O5 NAG HB . -6.31 38.15 -32.43
O6 NAG HB . -6.94 36.51 -34.13
O7 NAG HB . -4.62 42.54 -32.18
C1 NAG IB . -0.06 42.04 -10.41
C2 NAG IB . -1.25 42.47 -11.27
C3 NAG IB . -1.28 43.99 -11.45
C4 NAG IB . -1.21 44.68 -10.10
C5 NAG IB . -0.02 44.16 -9.30
C6 NAG IB . 0.04 44.72 -7.90
C7 NAG IB . -0.24 41.92 -13.46
C8 NAG IB . -0.41 41.17 -14.73
N2 NAG IB . -1.23 41.81 -12.57
O3 NAG IB . -2.48 44.36 -12.12
O4 NAG IB . -1.08 46.08 -10.28
O5 NAG IB . -0.11 42.74 -9.17
O6 NAG IB . -1.00 44.20 -7.09
O7 NAG IB . 0.76 42.60 -13.25
C1 NAG JB . -16.49 25.72 -16.36
C2 NAG JB . -18.01 25.60 -16.30
C3 NAG JB . -18.56 25.18 -17.65
C4 NAG JB . -18.08 26.14 -18.74
C5 NAG JB . -16.56 26.26 -18.71
C6 NAG JB . -16.06 27.32 -19.65
C7 NAG JB . -18.23 23.36 -15.27
C8 NAG JB . -18.74 22.61 -14.08
N2 NAG JB . -18.43 24.68 -15.25
O3 NAG JB . -19.98 25.16 -17.62
O4 NAG JB . -18.49 25.65 -20.01
O5 NAG JB . -16.12 26.64 -17.39
O6 NAG JB . -16.66 28.57 -19.38
O7 NAG JB . -17.67 22.80 -16.20
C1 NAG KB . 7.07 9.75 -45.15
C2 NAG KB . 7.14 9.71 -46.67
C3 NAG KB . 8.21 8.73 -47.14
C4 NAG KB . 9.53 8.99 -46.44
C5 NAG KB . 9.33 9.02 -44.93
C6 NAG KB . 10.59 9.38 -44.17
C7 NAG KB . 4.80 10.17 -47.26
C8 NAG KB . 3.55 9.61 -47.87
N2 NAG KB . 5.85 9.34 -47.24
O3 NAG KB . 8.37 8.84 -48.55
O4 NAG KB . 10.46 7.95 -46.75
O5 NAG KB . 8.36 10.03 -44.61
O6 NAG KB . 11.75 8.87 -44.83
O7 NAG KB . 4.86 11.30 -46.82
C1 NAG LB . 16.62 24.31 -33.15
C2 NAG LB . 17.24 23.49 -34.30
C3 NAG LB . 18.75 23.36 -34.12
C4 NAG LB . 19.39 24.71 -33.94
C5 NAG LB . 18.73 25.43 -32.77
C6 NAG LB . 19.23 26.85 -32.62
C7 NAG LB . 16.79 21.18 -33.55
C8 NAG LB . 16.09 19.90 -33.88
N2 NAG LB . 16.63 22.18 -34.43
O3 NAG LB . 19.29 22.69 -35.26
O4 NAG LB . 20.78 24.54 -33.66
O5 NAG LB . 17.33 25.54 -33.00
O6 NAG LB . 18.65 27.70 -33.60
O7 NAG LB . 17.45 21.31 -32.53
C1 NAG MB . -9.49 7.74 -56.76
C2 NAG MB . -10.03 6.44 -57.32
C3 NAG MB . -11.24 6.70 -58.21
C4 NAG MB . -12.28 7.50 -57.45
C5 NAG MB . -11.66 8.77 -56.88
C6 NAG MB . -12.60 9.56 -56.00
C7 NAG MB . -8.92 4.40 -58.11
C8 NAG MB . -7.79 3.83 -58.91
N2 NAG MB . -9.00 5.73 -58.06
O3 NAG MB . -11.79 5.46 -58.62
O4 NAG MB . -13.35 7.86 -58.33
O5 NAG MB . -10.53 8.42 -56.06
O6 NAG MB . -13.95 9.16 -56.21
O7 NAG MB . -9.73 3.67 -57.54
C1 NAG NB . -23.04 -9.43 -54.76
C2 NAG NB . -23.87 -10.70 -54.92
C3 NAG NB . -23.06 -11.91 -54.46
C4 NAG NB . -21.73 -11.96 -55.18
C5 NAG NB . -20.99 -10.64 -55.01
C6 NAG NB . -19.71 -10.57 -55.80
C7 NAG NB . -26.24 -10.07 -54.70
C8 NAG NB . -27.43 -10.06 -53.79
N2 NAG NB . -25.12 -10.61 -54.18
O3 NAG NB . -23.82 -13.09 -54.73
O4 NAG NB . -20.92 -13.00 -54.64
O5 NAG NB . -21.82 -9.56 -55.47
O6 NAG NB . -19.91 -10.99 -57.14
O7 NAG NB . -26.27 -9.61 -55.83
C1 NAG OB . -17.29 19.21 -41.41
C2 NAG OB . -16.41 20.32 -40.86
C3 NAG OB . -17.25 21.57 -40.60
C4 NAG OB . -18.02 21.97 -41.85
C5 NAG OB . -18.81 20.78 -42.38
C6 NAG OB . -19.47 21.06 -43.72
C7 NAG OB . -16.26 19.54 -38.52
C8 NAG OB . -15.31 19.16 -37.42
N2 NAG OB . -15.69 19.91 -39.67
O3 NAG OB . -16.39 22.63 -40.21
O4 NAG OB . -18.92 23.02 -41.56
O5 NAG OB . -17.94 19.65 -42.59
O6 NAG OB . -20.13 22.32 -43.70
O7 NAG OB . -17.47 19.52 -38.37
C1 NAG PB . -15.03 17.04 -50.20
C2 NAG PB . -13.96 17.97 -50.79
C3 NAG PB . -14.61 19.20 -51.41
C4 NAG PB . -15.67 18.80 -52.42
C5 NAG PB . -16.69 17.89 -51.75
C6 NAG PB . -17.74 17.37 -52.69
C7 NAG PB . -11.69 18.05 -49.88
C8 NAG PB . -10.82 18.54 -48.76
N2 NAG PB . -12.99 18.34 -49.78
O3 NAG PB . -13.61 20.00 -52.04
O4 NAG PB . -16.32 19.95 -52.93
O5 NAG PB . -16.02 16.74 -51.22
O6 NAG PB . -18.65 16.50 -52.04
O7 NAG PB . -11.23 17.42 -50.83
C1 NAG QB . 4.24 -0.52 -40.85
C2 NAG QB . 5.41 -0.54 -39.86
C3 NAG QB . 6.60 -1.29 -40.46
C4 NAG QB . 6.20 -2.64 -40.99
C5 NAG QB . 5.02 -2.50 -41.95
C6 NAG QB . 4.48 -3.82 -42.44
C7 NAG QB . 6.34 1.11 -38.32
C8 NAG QB . 6.70 2.56 -38.13
N2 NAG QB . 5.79 0.81 -39.50
O3 NAG QB . 7.60 -1.45 -39.46
O4 NAG QB . 7.28 -3.24 -41.69
O5 NAG QB . 3.94 -1.85 -41.26
O6 NAG QB . 3.63 -4.43 -41.47
O7 NAG QB . 6.53 0.28 -37.44
C1 NAG RB . -21.42 -38.86 25.84
C2 NAG RB . -21.15 -39.73 24.59
C3 NAG RB . -22.00 -40.99 24.65
C4 NAG RB . -21.72 -41.74 25.96
C5 NAG RB . -21.99 -40.81 27.14
C6 NAG RB . -21.66 -41.44 28.47
C7 NAG RB . -20.94 -39.39 22.17
C8 NAG RB . -21.28 -38.52 21.01
N2 NAG RB . -21.40 -39.00 23.36
O3 NAG RB . -21.69 -41.84 23.55
O4 NAG RB . -22.57 -42.88 26.04
O5 NAG RB . -21.17 -39.64 27.02
O6 NAG RB . -21.71 -40.48 29.51
O7 NAG RB . -20.29 -40.41 22.04
C1 NAG SB . -14.70 40.57 3.40
C2 NAG SB . -14.88 40.85 4.89
C3 NAG SB . -15.23 42.31 5.12
C4 NAG SB . -14.21 43.22 4.45
C5 NAG SB . -14.13 42.86 2.97
C6 NAG SB . -13.09 43.66 2.22
C7 NAG SB . -15.87 39.55 6.71
C8 NAG SB . -16.99 38.66 7.11
N2 NAG SB . -15.90 39.98 5.45
O3 NAG SB . -15.25 42.57 6.52
O4 NAG SB . -14.58 44.58 4.61
O5 NAG SB . -13.77 41.48 2.84
O6 NAG SB . -12.10 42.79 1.67
O7 NAG SB . -14.98 39.86 7.48
C1 NAG TB . -9.76 25.26 21.64
C2 NAG TB . -9.06 25.35 22.99
C3 NAG TB . -10.02 25.08 24.13
C4 NAG TB . -11.22 26.02 24.03
C5 NAG TB . -11.86 25.90 22.66
C6 NAG TB . -12.97 26.90 22.45
C7 NAG TB . -8.03 23.10 22.99
C8 NAG TB . -6.74 22.34 23.09
N2 NAG TB . -7.93 24.42 23.06
O3 NAG TB . -9.37 25.29 25.37
O4 NAG TB . -12.19 25.69 25.02
O5 NAG TB . -10.88 26.16 21.63
O6 NAG TB . -12.73 28.08 23.18
O7 NAG TB . -9.10 22.53 22.85
C1 NAG UB . -39.50 18.25 1.13
C2 NAG UB . -40.65 18.62 0.21
C3 NAG UB . -41.00 17.43 -0.67
C4 NAG UB . -39.75 16.94 -1.40
C5 NAG UB . -38.57 16.76 -0.45
C6 NAG UB . -37.27 16.48 -1.17
C7 NAG UB . -42.31 20.30 0.84
C8 NAG UB . -43.49 20.61 1.70
N2 NAG UB . -41.80 19.06 0.96
O3 NAG UB . -42.00 17.81 -1.60
O4 NAG UB . -40.03 15.71 -2.05
O5 NAG UB . -38.37 17.93 0.35
O6 NAG UB . -37.35 15.32 -1.99
O7 NAG UB . -41.83 21.12 0.07
C1 NAG VB . -45.41 0.91 36.12
C2 NAG VB . -46.44 1.89 36.71
C3 NAG VB . -46.86 1.46 38.12
C4 NAG VB . -47.29 0.00 38.13
C5 NAG VB . -46.17 -0.86 37.55
C6 NAG VB . -46.54 -2.32 37.47
C7 NAG VB . -44.86 3.66 37.41
C8 NAG VB . -44.50 5.10 37.29
N2 NAG VB . -45.93 3.25 36.72
O3 NAG VB . -47.93 2.28 38.56
O4 NAG VB . -47.55 -0.41 39.47
O5 NAG VB . -45.91 -0.42 36.20
O6 NAG VB . -45.48 -3.09 36.90
O7 NAG VB . -44.20 2.89 38.10
C1 NAG WB . -30.01 15.61 34.96
C2 NAG WB . -30.23 16.71 33.92
C3 NAG WB . -29.74 18.06 34.45
C4 NAG WB . -30.30 18.35 35.83
C5 NAG WB . -30.05 17.17 36.76
C6 NAG WB . -30.67 17.35 38.12
C7 NAG WB . -28.25 16.26 32.52
C8 NAG WB . -27.77 15.91 31.14
N2 NAG WB . -29.58 16.37 32.68
O3 NAG WB . -30.16 19.07 33.55
O4 NAG WB . -29.68 19.50 36.38
O5 NAG WB . -30.62 15.98 36.19
O6 NAG WB . -30.24 18.55 38.74
O7 NAG WB . -27.47 16.44 33.45
C1 NAG XB . -39.36 12.35 37.03
C2 NAG XB . -40.47 13.06 36.27
C3 NAG XB . -40.88 14.34 37.01
C4 NAG XB . -41.24 14.02 38.45
C5 NAG XB . -40.08 13.29 39.12
C6 NAG XB . -40.41 12.84 40.53
C7 NAG XB . -39.06 14.16 34.55
C8 NAG XB . -38.86 14.35 33.08
N2 NAG XB . -40.09 13.37 34.90
O3 NAG XB . -41.99 14.94 36.35
O4 NAG XB . -41.51 15.23 39.17
O5 NAG XB . -39.76 12.11 38.38
O6 NAG XB . -41.74 12.36 40.62
O7 NAG XB . -38.35 14.71 35.37
#